data_9CQH
#
_entry.id   9CQH
#
_cell.length_a   180.037
_cell.length_b   115.493
_cell.length_c   187.534
_cell.angle_alpha   90
_cell.angle_beta   106.8
_cell.angle_gamma   90
#
_symmetry.space_group_name_H-M   'C 1 2 1'
#
loop_
_entity.id
_entity.type
_entity.pdbx_description
1 polymer 'Serpin H1'
2 non-polymer 'SULFATE ION'
3 non-polymer GLYCEROL
4 water water
#
_entity_poly.entity_id   1
_entity_poly.type   'polypeptide(L)'
_entity_poly.pdbx_seq_one_letter_code
;GAGALSPKAATLAERSAGLAFSLYQAMAKDQAVENILLSPVVVASSLGLVSLGGKATTASQAKAVLSAEQLRDEEVHAGL
GELLRSLSNSTARNVTWKLGSRLYGPSSVSFAEDFVRSSKQHYNCEHSKINFRDKRSALQSINEWAAQTTDGKLPEVTKD
VERTDGALLVNAMFFKPHWDEKFHHKMVDNRGFMVTRSYTVGVTMMHRTGLYNYYDDEKEKLQIVEMPLAHKLSSLIILM
PHHVEPLERLEKLLTKEQLKIWMGKMQKKAVAISLPKGVVEVTHDLQKHLAGLGLTEAIDKNKADLSRMSGKKDLYLASV
FHATAFEWDTEGNPFDQDIYGREELRSPKLFYADHPFIFLVRDTQSGSLLFIGRLVRPKGDKMRDEL
;
_entity_poly.pdbx_strand_id   A,B,C,D,E,F,G
#
# COMPACT_ATOMS: atom_id res chain seq x y z
N ALA A 4 10.44 -4.46 -10.52
CA ALA A 4 10.48 -3.03 -10.21
C ALA A 4 11.23 -2.72 -8.90
N LEU A 5 11.74 -1.49 -8.78
CA LEU A 5 12.52 -1.02 -7.63
C LEU A 5 11.63 -0.38 -6.56
N SER A 6 12.06 -0.48 -5.30
CA SER A 6 11.32 0.09 -4.16
C SER A 6 11.45 1.65 -4.17
N PRO A 7 10.55 2.43 -3.51
CA PRO A 7 10.70 3.90 -3.55
C PRO A 7 12.00 4.43 -2.94
N LYS A 8 12.61 3.69 -1.99
CA LYS A 8 13.89 4.10 -1.40
C LYS A 8 15.00 3.88 -2.44
N ALA A 9 14.96 2.75 -3.16
CA ALA A 9 15.94 2.48 -4.21
C ALA A 9 15.78 3.48 -5.34
N ALA A 10 14.54 3.81 -5.72
CA ALA A 10 14.26 4.78 -6.78
C ALA A 10 14.82 6.17 -6.47
N THR A 11 14.65 6.65 -5.23
CA THR A 11 15.16 7.97 -4.84
C THR A 11 16.69 7.99 -4.82
N LEU A 12 17.31 6.88 -4.37
CA LEU A 12 18.77 6.77 -4.36
C LEU A 12 19.33 6.71 -5.78
N ALA A 13 18.62 6.03 -6.71
CA ALA A 13 19.03 5.92 -8.12
C ALA A 13 19.10 7.31 -8.78
N GLU A 14 18.12 8.19 -8.46
CA GLU A 14 18.08 9.55 -9.00
C GLU A 14 19.28 10.37 -8.55
N ARG A 15 19.64 10.28 -7.26
CA ARG A 15 20.79 11.01 -6.76
C ARG A 15 22.08 10.44 -7.32
N SER A 16 22.18 9.11 -7.51
CA SER A 16 23.36 8.48 -8.12
C SER A 16 23.64 9.04 -9.51
N ALA A 17 22.59 9.34 -10.29
CA ALA A 17 22.76 9.93 -11.61
C ALA A 17 23.35 11.37 -11.47
N GLY A 18 22.77 12.21 -10.61
CA GLY A 18 23.27 13.56 -10.37
C GLY A 18 24.71 13.56 -9.89
N LEU A 19 25.03 12.59 -9.05
CA LEU A 19 26.37 12.35 -8.53
C LEU A 19 27.36 11.94 -9.66
N ALA A 20 26.92 11.07 -10.59
CA ALA A 20 27.72 10.64 -11.74
C ALA A 20 27.98 11.77 -12.72
N PHE A 21 27.03 12.71 -12.85
CA PHE A 21 27.25 13.88 -13.70
C PHE A 21 28.29 14.82 -13.07
N SER A 22 28.22 15.01 -11.74
CA SER A 22 29.19 15.85 -11.05
C SER A 22 30.60 15.25 -11.17
N LEU A 23 30.76 13.93 -10.97
CA LEU A 23 32.09 13.31 -11.09
C LEU A 23 32.58 13.39 -12.52
N TYR A 24 31.69 13.14 -13.50
CA TYR A 24 32.05 13.22 -14.91
C TYR A 24 32.56 14.62 -15.24
N GLN A 25 31.84 15.66 -14.81
CA GLN A 25 32.25 17.05 -15.08
C GLN A 25 33.60 17.37 -14.44
N ALA A 26 33.80 16.94 -13.18
CA ALA A 26 35.05 17.16 -12.46
C ALA A 26 36.22 16.49 -13.18
N MET A 27 36.01 15.30 -13.73
CA MET A 27 37.06 14.56 -14.44
C MET A 27 37.32 15.14 -15.82
N ALA A 28 36.27 15.60 -16.51
CA ALA A 28 36.39 16.20 -17.83
C ALA A 28 37.23 17.49 -17.80
N LYS A 29 37.21 18.24 -16.68
CA LYS A 29 38.02 19.46 -16.50
C LYS A 29 39.51 19.12 -16.42
N ASP A 30 39.87 17.93 -15.88
CA ASP A 30 41.26 17.50 -15.76
C ASP A 30 41.83 17.24 -17.15
N GLN A 31 42.92 17.95 -17.49
CA GLN A 31 43.57 17.86 -18.81
C GLN A 31 44.22 16.49 -19.06
N ALA A 32 44.69 15.81 -18.00
CA ALA A 32 45.31 14.48 -18.13
C ALA A 32 44.31 13.36 -18.44
N VAL A 33 43.01 13.56 -18.12
CA VAL A 33 41.98 12.55 -18.34
C VAL A 33 41.60 12.50 -19.84
N GLU A 34 41.64 11.30 -20.46
CA GLU A 34 41.20 11.10 -21.85
C GLU A 34 39.84 10.38 -21.81
N ASN A 35 39.78 9.04 -21.76
CA ASN A 35 38.49 8.35 -21.70
C ASN A 35 37.93 8.41 -20.27
N ILE A 36 36.61 8.39 -20.16
CA ILE A 36 35.90 8.40 -18.88
C ILE A 36 34.91 7.21 -18.92
N LEU A 37 34.83 6.46 -17.82
CA LEU A 37 33.87 5.38 -17.64
C LEU A 37 33.49 5.35 -16.18
N LEU A 38 32.25 5.73 -15.87
CA LEU A 38 31.75 5.73 -14.52
C LEU A 38 30.46 4.98 -14.45
N SER A 39 30.27 4.20 -13.38
CA SER A 39 29.05 3.48 -13.13
C SER A 39 28.46 4.17 -11.91
N PRO A 40 27.39 4.97 -12.05
CA PRO A 40 26.82 5.69 -10.90
C PRO A 40 26.54 4.87 -9.66
N VAL A 41 26.02 3.65 -9.82
CA VAL A 41 25.61 2.79 -8.73
C VAL A 41 26.85 2.25 -8.00
N VAL A 42 27.92 1.99 -8.72
CA VAL A 42 29.16 1.52 -8.09
C VAL A 42 29.83 2.69 -7.33
N VAL A 43 29.73 3.91 -7.85
CA VAL A 43 30.22 5.11 -7.17
C VAL A 43 29.40 5.29 -5.89
N ALA A 44 28.06 5.21 -5.99
CA ALA A 44 27.19 5.35 -4.83
C ALA A 44 27.49 4.30 -3.76
N SER A 45 27.78 3.06 -4.15
CA SER A 45 28.11 1.99 -3.21
C SER A 45 29.45 2.26 -2.49
N SER A 46 30.39 2.98 -3.13
CA SER A 46 31.66 3.37 -2.49
C SER A 46 31.36 4.33 -1.33
N LEU A 47 30.40 5.26 -1.52
CA LEU A 47 29.99 6.20 -0.46
C LEU A 47 29.23 5.46 0.64
N GLY A 48 28.42 4.49 0.27
CA GLY A 48 27.72 3.65 1.24
C GLY A 48 28.69 2.86 2.10
N LEU A 49 29.82 2.40 1.53
CA LEU A 49 30.86 1.70 2.31
C LEU A 49 31.57 2.64 3.30
N VAL A 50 31.76 3.92 2.92
CA VAL A 50 32.36 4.92 3.81
C VAL A 50 31.38 5.21 4.97
N SER A 51 30.07 5.30 4.68
CA SER A 51 29.03 5.50 5.68
C SER A 51 28.99 4.31 6.66
N LEU A 52 29.14 3.09 6.13
CA LEU A 52 29.10 1.87 6.92
C LEU A 52 30.35 1.70 7.81
N GLY A 53 31.52 2.08 7.28
CA GLY A 53 32.78 1.97 8.02
C GLY A 53 33.21 3.21 8.78
N GLY A 54 32.44 4.30 8.67
CA GLY A 54 32.76 5.58 9.30
C GLY A 54 31.86 5.99 10.44
N LYS A 55 32.24 7.10 11.09
CA LYS A 55 31.52 7.72 12.20
C LYS A 55 31.58 9.24 12.06
N ALA A 56 30.75 9.95 12.85
CA ALA A 56 30.75 11.41 12.95
C ALA A 56 30.64 12.08 11.50
N THR A 57 31.30 13.23 11.15
CA THR A 57 31.19 13.83 9.82
C THR A 57 31.74 12.94 8.70
N THR A 58 32.63 11.96 8.99
CA THR A 58 33.14 11.06 7.95
C THR A 58 31.97 10.26 7.33
N ALA A 59 31.11 9.69 8.18
CA ALA A 59 29.96 8.94 7.72
C ALA A 59 28.82 9.84 7.26
N SER A 60 28.52 10.93 8.00
CA SER A 60 27.41 11.82 7.65
C SER A 60 27.66 12.58 6.33
N GLN A 61 28.92 12.91 5.99
CA GLN A 61 29.22 13.54 4.70
C GLN A 61 28.93 12.57 3.56
N ALA A 62 29.22 11.26 3.75
CA ALA A 62 28.94 10.26 2.72
C ALA A 62 27.43 10.17 2.43
N LYS A 63 26.59 10.25 3.49
CA LYS A 63 25.13 10.26 3.31
C LYS A 63 24.66 11.56 2.68
N ALA A 64 25.34 12.70 2.95
CA ALA A 64 25.00 13.98 2.36
C ALA A 64 25.34 14.03 0.86
N VAL A 65 26.42 13.35 0.43
CA VAL A 65 26.76 13.28 -1.00
C VAL A 65 25.66 12.46 -1.73
N LEU A 66 25.07 11.42 -1.07
CA LEU A 66 23.95 10.64 -1.62
C LEU A 66 22.57 11.27 -1.32
N SER A 67 22.49 12.54 -0.84
CA SER A 67 21.23 13.22 -0.47
C SER A 67 20.31 12.31 0.34
N ALA A 68 20.91 11.48 1.19
CA ALA A 68 20.22 10.50 2.00
C ALA A 68 20.31 10.80 3.49
N GLU A 69 20.51 12.09 3.88
CA GLU A 69 20.57 12.43 5.30
C GLU A 69 19.23 12.17 6.02
N GLN A 70 18.10 12.30 5.28
CA GLN A 70 16.76 12.04 5.82
C GLN A 70 16.36 10.54 5.79
N LEU A 71 17.30 9.64 5.41
CA LEU A 71 17.06 8.19 5.37
C LEU A 71 17.88 7.54 6.46
N ARG A 72 17.40 6.43 7.00
CA ARG A 72 18.14 5.67 8.01
C ARG A 72 19.35 5.00 7.35
N ASP A 73 20.39 4.66 8.14
CA ASP A 73 21.58 3.97 7.63
C ASP A 73 21.20 2.65 6.94
N GLU A 74 20.31 1.85 7.58
CA GLU A 74 19.84 0.58 7.01
C GLU A 74 19.08 0.77 5.69
N GLU A 75 18.35 1.88 5.54
CA GLU A 75 17.63 2.18 4.30
C GLU A 75 18.61 2.49 3.15
N VAL A 76 19.73 3.15 3.46
CA VAL A 76 20.75 3.49 2.46
C VAL A 76 21.47 2.21 1.98
N HIS A 77 21.94 1.40 2.93
CA HIS A 77 22.66 0.18 2.61
C HIS A 77 21.77 -0.84 1.87
N ALA A 78 20.48 -0.96 2.25
CA ALA A 78 19.58 -1.89 1.56
C ALA A 78 19.13 -1.33 0.21
N GLY A 79 18.97 -0.01 0.10
CA GLY A 79 18.58 0.64 -1.15
C GLY A 79 19.67 0.59 -2.21
N LEU A 80 20.92 0.85 -1.82
CA LEU A 80 22.05 0.76 -2.76
C LEU A 80 22.33 -0.71 -3.11
N GLY A 81 22.17 -1.61 -2.15
CA GLY A 81 22.32 -3.05 -2.37
C GLY A 81 21.29 -3.57 -3.35
N GLU A 82 20.06 -3.03 -3.31
CA GLU A 82 18.98 -3.39 -4.23
C GLU A 82 19.35 -2.92 -5.64
N LEU A 83 19.89 -1.68 -5.78
CA LEU A 83 20.30 -1.16 -7.08
C LEU A 83 21.46 -1.94 -7.68
N LEU A 84 22.43 -2.42 -6.85
CA LEU A 84 23.55 -3.22 -7.34
C LEU A 84 23.05 -4.57 -7.86
N ARG A 85 22.09 -5.20 -7.16
CA ARG A 85 21.53 -6.48 -7.59
C ARG A 85 20.60 -6.31 -8.80
N SER A 86 19.95 -5.14 -8.95
CA SER A 86 19.11 -4.89 -10.12
C SER A 86 19.95 -4.70 -11.41
N LEU A 87 21.28 -4.52 -11.30
CA LEU A 87 22.19 -4.40 -12.44
C LEU A 87 22.47 -5.79 -13.01
N SER A 88 22.61 -6.82 -12.13
CA SER A 88 22.77 -8.22 -12.55
C SER A 88 21.38 -8.85 -12.84
N ASN A 89 20.50 -8.11 -13.57
CA ASN A 89 19.15 -8.51 -13.98
C ASN A 89 18.84 -7.94 -15.40
N SER A 90 19.07 -6.61 -15.62
CA SER A 90 18.88 -5.94 -16.91
C SER A 90 19.90 -6.46 -17.96
N THR A 91 21.12 -6.83 -17.49
CA THR A 91 22.21 -7.41 -18.28
C THR A 91 22.28 -8.94 -18.07
N ALA A 92 23.03 -9.66 -18.92
CA ALA A 92 23.23 -11.11 -18.73
C ALA A 92 24.20 -11.25 -17.56
N ARG A 93 23.66 -11.44 -16.34
CA ARG A 93 24.43 -11.54 -15.10
C ARG A 93 25.64 -12.50 -15.19
N ASN A 94 26.85 -11.96 -15.01
CA ASN A 94 28.10 -12.73 -15.07
C ASN A 94 28.46 -13.24 -16.47
N VAL A 95 28.04 -12.52 -17.53
CA VAL A 95 28.40 -12.83 -18.91
C VAL A 95 28.75 -11.47 -19.61
N THR A 96 27.81 -10.49 -19.60
CA THR A 96 27.98 -9.13 -20.14
C THR A 96 28.22 -8.07 -19.03
N TRP A 97 28.10 -8.42 -17.74
CA TRP A 97 28.30 -7.51 -16.63
C TRP A 97 28.96 -8.23 -15.45
N LYS A 98 30.23 -7.93 -15.19
CA LYS A 98 30.97 -8.53 -14.08
C LYS A 98 31.43 -7.40 -13.19
N LEU A 99 31.21 -7.52 -11.88
CA LEU A 99 31.59 -6.50 -10.92
C LEU A 99 32.19 -7.17 -9.69
N GLY A 100 33.28 -6.61 -9.19
CA GLY A 100 33.91 -7.01 -7.95
C GLY A 100 34.31 -5.77 -7.18
N SER A 101 34.19 -5.82 -5.84
CA SER A 101 34.57 -4.71 -4.97
C SER A 101 35.45 -5.29 -3.88
N ARG A 102 36.62 -4.70 -3.66
CA ARG A 102 37.58 -5.21 -2.68
C ARG A 102 38.21 -4.06 -1.91
N LEU A 103 38.25 -4.18 -0.57
CA LEU A 103 38.89 -3.19 0.30
C LEU A 103 40.23 -3.78 0.73
N TYR A 104 41.31 -3.08 0.43
CA TYR A 104 42.67 -3.47 0.77
C TYR A 104 43.16 -2.58 1.90
N GLY A 105 43.42 -3.17 3.06
CA GLY A 105 43.96 -2.44 4.19
C GLY A 105 45.41 -2.84 4.41
N PRO A 106 46.28 -1.98 5.02
CA PRO A 106 47.67 -2.42 5.28
C PRO A 106 47.74 -3.70 6.13
N SER A 107 48.88 -4.40 6.06
CA SER A 107 49.10 -5.64 6.84
C SER A 107 48.92 -5.42 8.35
N SER A 108 49.27 -4.21 8.85
CA SER A 108 49.11 -3.83 10.25
C SER A 108 47.67 -3.38 10.59
N VAL A 109 46.64 -3.87 9.85
CA VAL A 109 45.23 -3.49 10.04
C VAL A 109 44.38 -4.75 9.98
N SER A 110 43.41 -4.87 10.89
CA SER A 110 42.48 -5.98 10.92
C SER A 110 41.06 -5.38 10.85
N PHE A 111 40.29 -5.76 9.82
CA PHE A 111 38.95 -5.23 9.63
C PHE A 111 38.01 -5.77 10.71
N ALA A 112 37.12 -4.91 11.23
CA ALA A 112 36.16 -5.30 12.24
C ALA A 112 35.19 -6.33 11.68
N GLU A 113 34.88 -7.39 12.46
CA GLU A 113 33.99 -8.46 12.04
C GLU A 113 32.61 -7.92 11.68
N ASP A 114 32.13 -6.91 12.41
CA ASP A 114 30.83 -6.31 12.15
C ASP A 114 30.81 -5.60 10.79
N PHE A 115 31.90 -4.90 10.43
CA PHE A 115 32.01 -4.23 9.14
C PHE A 115 32.11 -5.25 8.01
N VAL A 116 32.92 -6.31 8.20
CA VAL A 116 33.09 -7.36 7.18
C VAL A 116 31.75 -8.02 6.87
N ARG A 117 30.98 -8.34 7.92
CA ARG A 117 29.68 -8.95 7.79
C ARG A 117 28.72 -8.10 6.95
N SER A 118 28.51 -6.84 7.35
CA SER A 118 27.56 -5.94 6.70
C SER A 118 28.02 -5.44 5.31
N SER A 119 29.33 -5.23 5.10
CA SER A 119 29.82 -4.79 3.79
C SER A 119 29.69 -5.92 2.75
N LYS A 120 29.85 -7.18 3.18
CA LYS A 120 29.67 -8.36 2.33
C LYS A 120 28.16 -8.54 2.05
N GLN A 121 27.30 -8.32 3.05
CA GLN A 121 25.86 -8.46 2.91
C GLN A 121 25.23 -7.44 1.95
N HIS A 122 25.51 -6.14 2.13
CA HIS A 122 24.91 -5.10 1.31
C HIS A 122 25.62 -4.83 -0.01
N TYR A 123 26.96 -4.80 0.01
CA TYR A 123 27.74 -4.40 -1.16
C TYR A 123 28.57 -5.51 -1.77
N ASN A 124 28.45 -6.78 -1.27
CA ASN A 124 29.26 -7.91 -1.78
C ASN A 124 30.76 -7.57 -1.71
N CYS A 125 31.17 -6.74 -0.73
CA CYS A 125 32.54 -6.27 -0.62
C CYS A 125 33.43 -7.34 -0.06
N GLU A 126 34.60 -7.47 -0.67
CA GLU A 126 35.64 -8.43 -0.30
C GLU A 126 36.69 -7.64 0.49
N HIS A 127 37.48 -8.33 1.31
CA HIS A 127 38.47 -7.67 2.16
C HIS A 127 39.79 -8.40 2.06
N SER A 128 40.89 -7.65 2.01
CA SER A 128 42.20 -8.25 1.89
C SER A 128 43.26 -7.37 2.56
N LYS A 129 44.23 -7.99 3.21
CA LYS A 129 45.35 -7.30 3.82
C LYS A 129 46.44 -7.23 2.76
N ILE A 130 47.11 -6.09 2.66
CA ILE A 130 48.13 -5.87 1.63
C ILE A 130 49.39 -5.28 2.26
N ASN A 131 50.56 -5.63 1.73
CA ASN A 131 51.82 -5.10 2.21
C ASN A 131 52.35 -4.14 1.17
N PHE A 132 52.16 -2.83 1.39
CA PHE A 132 52.63 -1.82 0.44
C PHE A 132 54.17 -1.66 0.44
N ARG A 133 54.91 -2.44 1.27
CA ARG A 133 56.37 -2.37 1.30
C ARG A 133 56.86 -3.00 -0.01
N ASP A 134 56.48 -4.26 -0.27
CA ASP A 134 56.82 -4.92 -1.53
C ASP A 134 55.77 -4.38 -2.51
N LYS A 135 56.12 -3.25 -3.16
CA LYS A 135 55.22 -2.57 -4.10
C LYS A 135 54.88 -3.45 -5.30
N ARG A 136 55.84 -4.24 -5.82
CA ARG A 136 55.62 -5.13 -6.97
C ARG A 136 54.59 -6.22 -6.69
N SER A 137 54.60 -6.81 -5.49
CA SER A 137 53.65 -7.86 -5.11
C SER A 137 52.30 -7.29 -4.66
N ALA A 138 52.25 -6.04 -4.20
CA ALA A 138 50.99 -5.39 -3.82
C ALA A 138 50.22 -5.07 -5.12
N LEU A 139 50.88 -4.49 -6.14
CA LEU A 139 50.26 -4.21 -7.44
C LEU A 139 49.84 -5.51 -8.12
N GLN A 140 50.64 -6.57 -7.99
CA GLN A 140 50.33 -7.86 -8.59
C GLN A 140 49.05 -8.44 -7.98
N SER A 141 48.85 -8.29 -6.66
CA SER A 141 47.64 -8.76 -6.00
C SER A 141 46.39 -8.01 -6.47
N ILE A 142 46.48 -6.67 -6.61
CA ILE A 142 45.34 -5.85 -7.03
C ILE A 142 45.01 -6.21 -8.48
N ASN A 143 46.01 -6.24 -9.36
CA ASN A 143 45.82 -6.52 -10.77
C ASN A 143 45.31 -7.94 -11.05
N GLU A 144 45.84 -8.96 -10.34
CA GLU A 144 45.38 -10.33 -10.53
C GLU A 144 43.95 -10.50 -10.03
N TRP A 145 43.56 -9.80 -8.96
CA TRP A 145 42.19 -9.86 -8.47
C TRP A 145 41.23 -9.25 -9.50
N ALA A 146 41.60 -8.10 -10.08
CA ALA A 146 40.77 -7.45 -11.10
C ALA A 146 40.71 -8.30 -12.37
N ALA A 147 41.81 -8.93 -12.76
CA ALA A 147 41.86 -9.80 -13.93
C ALA A 147 40.96 -11.01 -13.73
N GLN A 148 40.98 -11.67 -12.53
CA GLN A 148 40.09 -12.82 -12.30
C GLN A 148 38.63 -12.38 -12.21
N THR A 149 38.35 -11.20 -11.65
CA THR A 149 36.99 -10.66 -11.54
C THR A 149 36.37 -10.49 -12.94
N THR A 150 37.18 -10.03 -13.90
CA THR A 150 36.75 -9.75 -15.28
C THR A 150 37.19 -10.82 -16.30
N ASP A 151 37.76 -11.97 -15.83
CA ASP A 151 38.27 -13.06 -16.65
C ASP A 151 39.23 -12.59 -17.77
N GLY A 152 40.17 -11.73 -17.39
CA GLY A 152 41.21 -11.21 -18.27
C GLY A 152 40.86 -9.99 -19.08
N LYS A 153 39.59 -9.55 -19.09
CA LYS A 153 39.20 -8.37 -19.86
C LYS A 153 39.81 -7.08 -19.34
N LEU A 154 40.07 -7.01 -18.03
CA LEU A 154 40.71 -5.87 -17.39
C LEU A 154 41.96 -6.46 -16.71
N PRO A 155 43.08 -6.65 -17.45
CA PRO A 155 44.25 -7.31 -16.84
C PRO A 155 45.07 -6.47 -15.87
N GLU A 156 44.79 -5.16 -15.79
CA GLU A 156 45.57 -4.27 -14.94
C GLU A 156 44.72 -3.09 -14.49
N VAL A 157 44.69 -2.81 -13.19
CA VAL A 157 43.97 -1.68 -12.62
C VAL A 157 44.94 -0.48 -12.66
N THR A 158 46.13 -0.61 -12.06
CA THR A 158 47.08 0.49 -11.99
C THR A 158 48.52 -0.01 -12.03
N LYS A 159 49.41 0.88 -12.49
CA LYS A 159 50.85 0.62 -12.55
C LYS A 159 51.57 1.17 -11.31
N ASP A 160 50.91 1.97 -10.43
CA ASP A 160 51.53 2.52 -9.23
C ASP A 160 50.48 2.94 -8.21
N VAL A 161 50.76 2.69 -6.91
CA VAL A 161 49.89 3.10 -5.79
C VAL A 161 50.56 4.32 -5.11
N GLU A 162 50.00 5.53 -5.33
CA GLU A 162 50.56 6.77 -4.79
C GLU A 162 50.51 6.85 -3.25
N ARG A 163 49.31 6.63 -2.66
CA ARG A 163 49.12 6.71 -1.21
C ARG A 163 49.04 5.29 -0.61
N THR A 164 50.10 4.91 0.12
CA THR A 164 50.28 3.58 0.69
C THR A 164 50.04 3.49 2.21
N ASP A 165 49.44 4.50 2.85
CA ASP A 165 49.20 4.49 4.30
C ASP A 165 47.69 4.51 4.69
N GLY A 166 46.80 4.13 3.77
CA GLY A 166 45.38 4.07 4.07
C GLY A 166 44.72 2.87 3.43
N ALA A 167 43.38 2.86 3.45
CA ALA A 167 42.57 1.84 2.83
C ALA A 167 42.41 2.14 1.34
N LEU A 168 42.42 1.07 0.52
CA LEU A 168 42.30 1.13 -0.93
C LEU A 168 41.01 0.43 -1.31
N LEU A 169 40.04 1.13 -1.88
CA LEU A 169 38.81 0.50 -2.36
C LEU A 169 38.98 0.31 -3.88
N VAL A 170 38.83 -0.93 -4.37
CA VAL A 170 38.99 -1.23 -5.78
C VAL A 170 37.71 -1.83 -6.30
N ASN A 171 37.19 -1.26 -7.40
CA ASN A 171 36.02 -1.77 -8.10
C ASN A 171 36.50 -2.15 -9.49
N ALA A 172 36.35 -3.41 -9.87
CA ALA A 172 36.79 -3.92 -11.17
C ALA A 172 35.53 -4.36 -11.90
N MET A 173 35.35 -3.87 -13.15
CA MET A 173 34.15 -4.14 -13.92
C MET A 173 34.45 -4.51 -15.37
N PHE A 174 33.55 -5.31 -15.95
CA PHE A 174 33.52 -5.62 -17.37
C PHE A 174 32.09 -5.43 -17.79
N PHE A 175 31.87 -4.60 -18.83
CA PHE A 175 30.52 -4.35 -19.32
C PHE A 175 30.55 -4.40 -20.85
N LYS A 176 29.68 -5.22 -21.42
CA LYS A 176 29.60 -5.42 -22.86
C LYS A 176 28.16 -5.21 -23.25
N PRO A 177 27.76 -4.02 -23.79
CA PRO A 177 26.34 -3.87 -24.18
C PRO A 177 25.92 -4.89 -25.25
N HIS A 178 24.84 -5.63 -24.97
CA HIS A 178 24.28 -6.64 -25.88
C HIS A 178 23.11 -5.95 -26.56
N TRP A 179 23.25 -5.63 -27.85
CA TRP A 179 22.23 -4.86 -28.57
C TRP A 179 20.91 -5.60 -28.71
N ASP A 180 19.80 -4.84 -28.68
CA ASP A 180 18.48 -5.45 -28.91
C ASP A 180 18.41 -5.97 -30.37
N GLU A 181 19.13 -5.33 -31.32
CA GLU A 181 19.24 -5.78 -32.69
C GLU A 181 20.72 -5.81 -33.00
N LYS A 182 21.26 -7.01 -33.14
CA LYS A 182 22.69 -7.23 -33.38
C LYS A 182 23.22 -6.58 -34.67
N PHE A 183 24.54 -6.32 -34.68
CA PHE A 183 25.25 -5.95 -35.88
C PHE A 183 25.66 -7.30 -36.49
N HIS A 184 25.77 -7.35 -37.81
CA HIS A 184 26.23 -8.55 -38.51
C HIS A 184 27.74 -8.66 -38.20
N HIS A 185 28.22 -9.85 -37.82
CA HIS A 185 29.63 -10.07 -37.43
C HIS A 185 30.64 -9.76 -38.53
N LYS A 186 30.22 -9.77 -39.81
CA LYS A 186 31.12 -9.44 -40.93
C LYS A 186 31.04 -7.97 -41.35
N MET A 187 30.12 -7.18 -40.78
CA MET A 187 29.93 -5.76 -41.09
C MET A 187 30.89 -4.90 -40.28
N VAL A 188 32.19 -5.20 -40.43
CA VAL A 188 33.31 -4.57 -39.75
C VAL A 188 34.42 -4.33 -40.75
N ASP A 189 35.19 -3.26 -40.56
CA ASP A 189 36.33 -2.94 -41.44
C ASP A 189 37.27 -1.92 -40.77
N ASN A 190 38.42 -1.65 -41.37
CA ASN A 190 39.38 -0.71 -40.83
C ASN A 190 39.01 0.70 -41.25
N ARG A 191 38.98 1.63 -40.29
CA ARG A 191 38.69 3.03 -40.52
C ARG A 191 39.59 3.88 -39.61
N GLY A 192 39.71 5.15 -39.92
CA GLY A 192 40.44 6.09 -39.09
C GLY A 192 39.51 6.72 -38.09
N PHE A 193 39.99 6.95 -36.86
CA PHE A 193 39.24 7.64 -35.82
C PHE A 193 40.06 8.89 -35.51
N MET A 194 39.46 10.06 -35.68
CA MET A 194 40.14 11.31 -35.42
C MET A 194 40.03 11.67 -33.96
N VAL A 195 41.10 11.43 -33.20
CA VAL A 195 41.15 11.80 -31.78
C VAL A 195 41.11 13.34 -31.71
N THR A 196 41.90 14.00 -32.56
CA THR A 196 41.90 15.46 -32.75
C THR A 196 41.85 15.72 -34.29
N ARG A 197 41.77 16.98 -34.70
CA ARG A 197 41.74 17.36 -36.11
C ARG A 197 43.08 17.01 -36.82
N SER A 198 44.19 16.78 -36.06
CA SER A 198 45.49 16.44 -36.63
C SER A 198 46.03 15.06 -36.16
N TYR A 199 45.25 14.27 -35.40
CA TYR A 199 45.71 12.96 -34.96
C TYR A 199 44.64 11.89 -35.18
N THR A 200 44.97 10.90 -36.03
CA THR A 200 44.06 9.81 -36.38
C THR A 200 44.67 8.48 -35.99
N VAL A 201 43.88 7.60 -35.37
CA VAL A 201 44.31 6.25 -35.02
C VAL A 201 43.50 5.26 -35.86
N GLY A 202 44.11 4.13 -36.17
CA GLY A 202 43.46 3.07 -36.92
C GLY A 202 42.62 2.22 -36.00
N VAL A 203 41.31 2.08 -36.33
CA VAL A 203 40.35 1.29 -35.56
C VAL A 203 39.58 0.34 -36.47
N THR A 204 38.92 -0.67 -35.87
CA THR A 204 37.97 -1.52 -36.56
C THR A 204 36.63 -0.84 -36.27
N MET A 205 35.79 -0.61 -37.28
CA MET A 205 34.45 -0.06 -37.08
C MET A 205 33.41 -1.08 -37.45
N MET A 206 32.29 -1.06 -36.75
CA MET A 206 31.16 -1.97 -36.99
C MET A 206 30.00 -1.11 -37.50
N HIS A 207 29.23 -1.63 -38.47
CA HIS A 207 28.20 -0.85 -39.15
C HIS A 207 26.88 -1.58 -39.23
N ARG A 208 25.78 -0.85 -39.03
CA ARG A 208 24.43 -1.39 -39.23
C ARG A 208 23.41 -0.29 -39.48
N THR A 209 22.32 -0.61 -40.17
CA THR A 209 21.23 0.31 -40.42
C THR A 209 19.98 -0.26 -39.77
N GLY A 210 19.28 0.56 -39.02
CA GLY A 210 18.05 0.16 -38.37
C GLY A 210 17.24 1.36 -37.95
N LEU A 211 16.11 1.12 -37.29
CA LEU A 211 15.26 2.20 -36.81
C LEU A 211 15.70 2.51 -35.39
N TYR A 212 16.16 3.76 -35.18
CA TYR A 212 16.64 4.23 -33.89
C TYR A 212 16.06 5.58 -33.53
N ASN A 213 15.89 5.85 -32.24
CA ASN A 213 15.48 7.17 -31.76
C ASN A 213 16.66 8.10 -32.02
N TYR A 214 16.40 9.24 -32.67
CA TYR A 214 17.43 10.12 -33.16
C TYR A 214 17.03 11.58 -33.13
N TYR A 215 18.00 12.47 -32.91
CA TYR A 215 17.79 13.91 -32.98
C TYR A 215 19.07 14.57 -33.45
N ASP A 216 18.95 15.48 -34.42
CA ASP A 216 20.08 16.25 -34.92
C ASP A 216 19.84 17.69 -34.47
N ASP A 217 20.62 18.16 -33.50
CA ASP A 217 20.48 19.51 -32.96
C ASP A 217 21.25 20.48 -33.85
N GLU A 218 20.53 21.22 -34.71
CA GLU A 218 21.16 22.18 -35.62
C GLU A 218 21.72 23.38 -34.88
N LYS A 219 21.07 23.83 -33.79
CA LYS A 219 21.54 24.96 -33.00
C LYS A 219 22.84 24.64 -32.26
N GLU A 220 22.86 23.56 -31.46
CA GLU A 220 24.05 23.18 -30.69
C GLU A 220 25.04 22.29 -31.45
N LYS A 221 24.75 21.94 -32.72
CA LYS A 221 25.64 21.19 -33.60
C LYS A 221 26.10 19.85 -33.05
N LEU A 222 25.16 18.93 -32.88
CA LEU A 222 25.46 17.56 -32.45
C LEU A 222 24.35 16.60 -32.89
N GLN A 223 24.66 15.29 -32.93
CA GLN A 223 23.68 14.23 -33.19
C GLN A 223 23.52 13.39 -31.93
N ILE A 224 22.32 12.85 -31.71
CA ILE A 224 22.03 11.97 -30.58
C ILE A 224 21.31 10.77 -31.14
N VAL A 225 21.74 9.57 -30.75
CA VAL A 225 21.07 8.34 -31.18
C VAL A 225 20.92 7.45 -29.93
N GLU A 226 19.84 6.67 -29.90
CA GLU A 226 19.57 5.79 -28.80
C GLU A 226 19.56 4.39 -29.34
N MET A 227 20.41 3.55 -28.77
CA MET A 227 20.53 2.18 -29.19
C MET A 227 20.01 1.28 -28.10
N PRO A 228 18.78 0.72 -28.21
CA PRO A 228 18.29 -0.18 -27.16
C PRO A 228 19.17 -1.41 -26.96
N LEU A 229 19.32 -1.83 -25.71
CA LEU A 229 20.05 -3.05 -25.34
C LEU A 229 19.02 -4.18 -25.16
N ALA A 230 19.50 -5.43 -25.00
CA ALA A 230 18.71 -6.65 -24.91
C ALA A 230 17.34 -6.49 -24.21
N HIS A 231 16.27 -6.85 -24.94
CA HIS A 231 14.88 -6.82 -24.47
C HIS A 231 14.39 -5.41 -24.10
N LYS A 232 15.04 -4.36 -24.62
CA LYS A 232 14.69 -2.96 -24.37
C LYS A 232 14.63 -2.61 -22.88
N LEU A 233 15.37 -3.34 -22.02
CA LEU A 233 15.39 -3.04 -20.57
C LEU A 233 16.31 -1.85 -20.26
N SER A 234 17.26 -1.54 -21.16
CA SER A 234 18.14 -0.38 -21.06
C SER A 234 18.49 0.08 -22.49
N SER A 235 19.15 1.22 -22.62
CA SER A 235 19.56 1.71 -23.91
C SER A 235 20.82 2.57 -23.78
N LEU A 236 21.63 2.56 -24.82
CA LEU A 236 22.86 3.31 -24.86
C LEU A 236 22.62 4.56 -25.73
N ILE A 237 22.83 5.75 -25.18
CA ILE A 237 22.64 7.03 -25.86
C ILE A 237 24.00 7.62 -26.18
N ILE A 238 24.24 8.05 -27.44
CA ILE A 238 25.51 8.64 -27.86
C ILE A 238 25.22 10.09 -28.29
N LEU A 239 26.05 11.04 -27.83
CA LEU A 239 25.97 12.45 -28.14
C LEU A 239 27.30 12.79 -28.79
N MET A 240 27.29 13.13 -30.07
CA MET A 240 28.53 13.39 -30.80
C MET A 240 28.46 14.75 -31.51
N PRO A 241 29.45 15.66 -31.33
CA PRO A 241 29.37 16.94 -32.06
C PRO A 241 29.49 16.77 -33.56
N HIS A 242 28.96 17.74 -34.33
CA HIS A 242 29.03 17.72 -35.78
C HIS A 242 30.47 17.77 -36.25
N HIS A 243 31.30 18.60 -35.61
CA HIS A 243 32.70 18.76 -35.97
C HIS A 243 33.63 17.96 -35.08
N VAL A 244 34.85 17.69 -35.59
CA VAL A 244 35.90 17.01 -34.81
C VAL A 244 36.42 18.14 -33.91
N GLU A 245 36.11 18.08 -32.62
CA GLU A 245 36.46 19.15 -31.70
C GLU A 245 36.59 18.63 -30.27
N PRO A 246 37.26 19.37 -29.34
CA PRO A 246 37.28 18.89 -27.94
C PRO A 246 35.85 18.85 -27.38
N LEU A 247 35.58 17.87 -26.50
CA LEU A 247 34.23 17.70 -25.95
C LEU A 247 33.83 18.75 -24.93
N GLU A 248 34.75 19.64 -24.51
CA GLU A 248 34.48 20.72 -23.54
C GLU A 248 33.18 21.51 -23.83
N ARG A 249 32.99 21.96 -25.08
CA ARG A 249 31.81 22.71 -25.47
C ARG A 249 30.52 21.93 -25.21
N LEU A 250 30.45 20.68 -25.70
CA LEU A 250 29.26 19.85 -25.50
C LEU A 250 29.07 19.43 -24.03
N GLU A 251 30.17 19.28 -23.27
CA GLU A 251 30.09 18.92 -21.85
C GLU A 251 29.47 20.03 -21.01
N LYS A 252 29.57 21.32 -21.44
CA LYS A 252 28.91 22.42 -20.75
C LYS A 252 27.38 22.28 -20.87
N LEU A 253 26.89 21.76 -22.02
CA LEU A 253 25.46 21.53 -22.25
C LEU A 253 24.95 20.26 -21.55
N LEU A 254 25.84 19.32 -21.18
CA LEU A 254 25.47 18.05 -20.56
C LEU A 254 24.95 18.22 -19.12
N THR A 255 23.66 18.51 -19.00
CA THR A 255 22.96 18.65 -17.71
C THR A 255 21.75 17.69 -17.70
N LYS A 256 21.18 17.41 -16.53
CA LYS A 256 19.99 16.55 -16.43
C LYS A 256 18.81 17.19 -17.17
N GLU A 257 18.70 18.53 -17.14
CA GLU A 257 17.62 19.27 -17.79
C GLU A 257 17.76 19.23 -19.32
N GLN A 258 18.97 19.51 -19.85
CA GLN A 258 19.20 19.50 -21.30
C GLN A 258 19.07 18.11 -21.88
N LEU A 259 19.52 17.08 -21.14
CA LEU A 259 19.39 15.70 -21.60
C LEU A 259 17.89 15.33 -21.72
N LYS A 260 17.04 15.78 -20.78
CA LYS A 260 15.61 15.54 -20.84
C LYS A 260 14.98 16.25 -22.08
N ILE A 261 15.44 17.47 -22.39
CA ILE A 261 14.97 18.21 -23.57
C ILE A 261 15.37 17.44 -24.83
N TRP A 262 16.65 17.06 -24.95
CA TRP A 262 17.17 16.31 -26.10
C TRP A 262 16.44 14.98 -26.29
N MET A 263 16.20 14.24 -25.20
CA MET A 263 15.52 12.96 -25.29
C MET A 263 14.05 13.11 -25.67
N GLY A 264 13.41 14.20 -25.27
CA GLY A 264 12.04 14.50 -25.67
C GLY A 264 11.92 14.84 -27.14
N LYS A 265 13.01 15.24 -27.80
CA LYS A 265 12.99 15.57 -29.24
C LYS A 265 13.41 14.40 -30.14
N MET A 266 13.78 13.23 -29.58
CA MET A 266 14.21 12.10 -30.40
C MET A 266 13.05 11.39 -31.02
N GLN A 267 13.15 11.09 -32.33
CA GLN A 267 12.13 10.41 -33.12
C GLN A 267 12.74 9.15 -33.71
N LYS A 268 11.94 8.10 -33.84
CA LYS A 268 12.41 6.84 -34.41
C LYS A 268 12.56 7.00 -35.92
N LYS A 269 13.82 6.97 -36.42
CA LYS A 269 14.15 7.16 -37.85
C LYS A 269 15.12 6.06 -38.28
N ALA A 270 15.28 5.88 -39.61
CA ALA A 270 16.28 4.94 -40.13
C ALA A 270 17.64 5.62 -39.96
N VAL A 271 18.59 4.97 -39.26
CA VAL A 271 19.93 5.51 -39.03
C VAL A 271 20.96 4.44 -39.36
N ALA A 272 22.01 4.83 -40.10
CA ALA A 272 23.16 4.00 -40.43
C ALA A 272 24.22 4.36 -39.38
N ILE A 273 24.39 3.49 -38.37
CA ILE A 273 25.31 3.71 -37.27
C ILE A 273 26.64 2.99 -37.52
N SER A 274 27.77 3.68 -37.32
CA SER A 274 29.10 3.10 -37.40
C SER A 274 29.77 3.43 -36.07
N LEU A 275 30.27 2.40 -35.34
CA LEU A 275 30.92 2.60 -34.05
C LEU A 275 32.30 1.93 -34.01
N PRO A 276 33.31 2.49 -33.31
CA PRO A 276 34.58 1.73 -33.14
C PRO A 276 34.31 0.44 -32.35
N LYS A 277 34.87 -0.67 -32.80
CA LYS A 277 34.71 -1.98 -32.19
C LYS A 277 35.97 -2.26 -31.36
N GLY A 278 35.80 -2.74 -30.13
CA GLY A 278 36.92 -3.07 -29.26
C GLY A 278 36.65 -2.82 -27.79
N VAL A 279 37.62 -3.20 -26.96
CA VAL A 279 37.57 -3.02 -25.51
C VAL A 279 38.25 -1.71 -25.16
N VAL A 280 37.60 -0.91 -24.32
CA VAL A 280 38.15 0.34 -23.81
C VAL A 280 38.40 0.06 -22.33
N GLU A 281 39.64 0.20 -21.87
CA GLU A 281 40.02 -0.05 -20.47
C GLU A 281 40.31 1.30 -19.83
N VAL A 282 39.54 1.67 -18.79
CA VAL A 282 39.75 2.94 -18.11
C VAL A 282 39.83 2.71 -16.61
N THR A 283 40.86 3.27 -15.96
CA THR A 283 40.98 3.28 -14.52
C THR A 283 40.96 4.71 -14.04
N HIS A 284 40.09 5.01 -13.07
CA HIS A 284 39.99 6.31 -12.46
C HIS A 284 40.24 6.14 -10.97
N ASP A 285 41.03 7.02 -10.35
CA ASP A 285 41.15 7.03 -8.91
C ASP A 285 40.21 8.19 -8.53
N LEU A 286 39.03 7.88 -8.01
CA LEU A 286 38.02 8.88 -7.70
C LEU A 286 38.24 9.62 -6.39
N GLN A 287 39.21 9.20 -5.56
CA GLN A 287 39.45 9.81 -4.26
C GLN A 287 39.55 11.35 -4.30
N LYS A 288 40.37 11.92 -5.20
CA LYS A 288 40.50 13.37 -5.31
C LYS A 288 39.22 14.11 -5.78
N HIS A 289 38.36 13.46 -6.58
CA HIS A 289 37.11 14.08 -7.02
C HIS A 289 35.97 13.92 -6.00
N LEU A 290 36.08 12.97 -5.07
CA LEU A 290 35.07 12.78 -4.03
C LEU A 290 35.11 13.92 -3.02
N ALA A 291 36.31 14.44 -2.71
CA ALA A 291 36.47 15.58 -1.80
C ALA A 291 35.75 16.79 -2.38
N GLY A 292 35.89 16.99 -3.69
CA GLY A 292 35.23 18.08 -4.37
C GLY A 292 33.71 18.05 -4.31
N LEU A 293 33.11 16.89 -4.01
CA LEU A 293 31.65 16.73 -3.92
C LEU A 293 31.09 16.73 -2.49
N GLY A 294 31.96 16.86 -1.48
CA GLY A 294 31.49 16.87 -0.11
C GLY A 294 32.08 15.81 0.78
N LEU A 295 32.80 14.81 0.23
CA LEU A 295 33.43 13.78 1.06
C LEU A 295 34.85 14.24 1.36
N THR A 296 34.96 15.19 2.27
CA THR A 296 36.23 15.83 2.62
C THR A 296 36.97 15.19 3.78
N GLU A 297 36.24 14.60 4.75
CA GLU A 297 36.89 14.03 5.94
C GLU A 297 37.50 12.68 5.68
N ALA A 298 36.74 11.79 5.02
CA ALA A 298 37.20 10.41 4.76
C ALA A 298 38.55 10.28 4.05
N ILE A 299 38.81 11.20 3.13
CA ILE A 299 40.02 11.20 2.28
C ILE A 299 41.26 11.84 2.92
N ASP A 300 41.16 12.35 4.16
CA ASP A 300 42.28 13.00 4.82
C ASP A 300 42.76 12.18 6.03
N LYS A 301 44.06 11.84 6.06
CA LYS A 301 44.74 11.09 7.14
C LYS A 301 44.47 11.68 8.54
N ASN A 302 44.46 13.03 8.66
CA ASN A 302 44.26 13.74 9.94
C ASN A 302 42.79 14.13 10.24
N LYS A 303 41.83 13.78 9.36
CA LYS A 303 40.41 14.08 9.63
C LYS A 303 39.50 12.86 9.63
N ALA A 304 39.87 11.79 8.91
CA ALA A 304 39.03 10.60 8.75
C ALA A 304 38.77 9.85 10.03
N ASP A 305 37.52 9.38 10.17
CA ASP A 305 37.11 8.54 11.28
C ASP A 305 36.50 7.27 10.68
N LEU A 306 37.36 6.29 10.33
CA LEU A 306 36.93 4.99 9.81
C LEU A 306 37.15 3.95 10.92
N SER A 307 36.72 4.29 12.16
CA SER A 307 36.90 3.41 13.33
C SER A 307 35.90 2.25 13.38
N ARG A 308 34.71 2.41 12.80
CA ARG A 308 33.77 1.28 12.67
C ARG A 308 34.34 0.22 11.64
N MET A 309 35.28 0.63 10.75
CA MET A 309 35.96 -0.25 9.79
C MET A 309 37.17 -0.92 10.46
N SER A 310 37.93 -0.15 11.25
CA SER A 310 39.10 -0.64 11.98
C SER A 310 39.56 0.41 13.02
N GLY A 311 40.21 -0.05 14.09
CA GLY A 311 40.74 0.85 15.11
C GLY A 311 42.14 1.35 14.81
N LYS A 312 42.69 1.10 13.60
CA LYS A 312 44.04 1.52 13.22
C LYS A 312 44.19 3.03 13.27
N LYS A 313 45.29 3.50 13.88
CA LYS A 313 45.61 4.91 13.99
C LYS A 313 45.64 5.59 12.61
N ASP A 314 44.87 6.68 12.46
CA ASP A 314 44.81 7.50 11.25
C ASP A 314 44.45 6.73 9.96
N LEU A 315 43.52 5.76 10.03
CA LEU A 315 43.10 5.06 8.83
C LEU A 315 42.18 6.00 8.04
N TYR A 316 42.43 6.11 6.74
CA TYR A 316 41.66 6.98 5.86
C TYR A 316 41.52 6.33 4.48
N LEU A 317 40.62 6.86 3.68
CA LEU A 317 40.40 6.37 2.34
C LEU A 317 41.48 6.95 1.41
N ALA A 318 42.52 6.18 1.13
CA ALA A 318 43.64 6.58 0.29
C ALA A 318 43.27 6.57 -1.19
N SER A 319 42.50 5.56 -1.66
CA SER A 319 42.14 5.48 -3.06
C SER A 319 40.79 4.82 -3.26
N VAL A 320 40.09 5.21 -4.35
CA VAL A 320 38.84 4.62 -4.79
C VAL A 320 39.05 4.34 -6.27
N PHE A 321 39.60 3.18 -6.61
CA PHE A 321 39.83 2.83 -8.01
C PHE A 321 38.53 2.34 -8.63
N HIS A 322 38.16 2.94 -9.76
CA HIS A 322 36.96 2.62 -10.50
C HIS A 322 37.52 2.20 -11.86
N ALA A 323 37.71 0.88 -12.04
CA ALA A 323 38.33 0.33 -13.24
C ALA A 323 37.33 -0.48 -14.04
N THR A 324 37.22 -0.18 -15.36
CA THR A 324 36.24 -0.82 -16.23
C THR A 324 36.85 -1.20 -17.57
N ALA A 325 36.44 -2.37 -18.10
CA ALA A 325 36.72 -2.81 -19.44
C ALA A 325 35.33 -2.75 -20.09
N PHE A 326 35.11 -1.78 -21.01
CA PHE A 326 33.83 -1.60 -21.70
C PHE A 326 34.04 -2.11 -23.13
N GLU A 327 33.32 -3.17 -23.53
CA GLU A 327 33.50 -3.76 -24.84
C GLU A 327 32.41 -3.38 -25.82
N TRP A 328 32.81 -2.77 -26.94
CA TRP A 328 31.93 -2.45 -28.06
C TRP A 328 32.11 -3.61 -29.01
N ASP A 329 31.07 -4.40 -29.21
CA ASP A 329 31.12 -5.57 -30.09
C ASP A 329 29.83 -5.66 -30.90
N THR A 330 29.81 -6.53 -31.92
CA THR A 330 28.66 -6.65 -32.80
C THR A 330 27.49 -7.42 -32.20
N GLU A 331 27.76 -8.29 -31.23
CA GLU A 331 26.77 -9.22 -30.73
C GLU A 331 25.56 -8.59 -30.03
N GLY A 332 24.43 -9.22 -30.26
CA GLY A 332 23.14 -8.81 -29.74
C GLY A 332 22.07 -9.82 -30.10
N ASN A 333 20.80 -9.48 -29.90
CA ASN A 333 19.70 -10.38 -30.23
C ASN A 333 19.48 -10.45 -31.73
N PRO A 334 19.05 -11.59 -32.29
CA PRO A 334 18.69 -11.60 -33.72
C PRO A 334 17.35 -10.87 -33.95
N PHE A 335 17.04 -10.56 -35.21
CA PHE A 335 15.80 -9.87 -35.54
C PHE A 335 15.27 -10.31 -36.91
N ASP A 336 13.96 -10.15 -37.14
CA ASP A 336 13.35 -10.49 -38.41
C ASP A 336 13.71 -9.40 -39.42
N GLN A 337 14.49 -9.77 -40.45
CA GLN A 337 14.90 -8.82 -41.49
C GLN A 337 13.70 -8.41 -42.38
N ASP A 338 12.76 -9.36 -42.62
CA ASP A 338 11.58 -9.12 -43.44
C ASP A 338 10.66 -8.02 -42.90
N ILE A 339 10.59 -7.83 -41.56
CA ILE A 339 9.74 -6.81 -40.94
C ILE A 339 10.09 -5.37 -41.41
N TYR A 340 11.35 -4.92 -41.23
CA TYR A 340 11.77 -3.55 -41.62
C TYR A 340 11.88 -3.46 -43.16
N GLY A 341 12.62 -4.39 -43.76
CA GLY A 341 12.81 -4.51 -45.21
C GLY A 341 13.12 -3.24 -45.99
N ARG A 342 12.64 -3.18 -47.24
CA ARG A 342 12.84 -2.07 -48.18
C ARG A 342 11.93 -0.87 -47.87
N GLU A 343 12.30 0.31 -48.44
CA GLU A 343 11.58 1.59 -48.31
C GLU A 343 11.79 2.24 -46.94
N GLU A 344 11.57 1.46 -45.85
CA GLU A 344 11.74 1.93 -44.49
C GLU A 344 13.19 2.32 -44.13
N LEU A 345 14.22 1.85 -44.90
CA LEU A 345 15.65 2.05 -44.60
C LEU A 345 16.53 2.50 -45.83
N ARG A 346 15.94 3.02 -46.94
CA ARG A 346 16.69 3.32 -48.17
C ARG A 346 17.55 4.58 -48.11
N SER A 347 17.11 5.63 -47.37
CA SER A 347 17.88 6.87 -47.24
C SER A 347 18.05 7.20 -45.73
N PRO A 348 18.86 6.43 -44.98
CA PRO A 348 18.97 6.68 -43.54
C PRO A 348 19.80 7.90 -43.16
N LYS A 349 19.61 8.36 -41.92
CA LYS A 349 20.46 9.39 -41.34
C LYS A 349 21.82 8.71 -41.07
N LEU A 350 22.93 9.43 -41.20
CA LEU A 350 24.26 8.84 -41.03
C LEU A 350 24.84 9.27 -39.70
N PHE A 351 25.08 8.31 -38.79
CA PHE A 351 25.69 8.56 -37.48
C PHE A 351 27.05 7.83 -37.52
N TYR A 352 28.10 8.55 -37.90
CA TYR A 352 29.42 7.96 -38.10
C TYR A 352 30.36 8.37 -36.96
N ALA A 353 30.51 7.48 -35.95
CA ALA A 353 31.30 7.81 -34.75
C ALA A 353 32.80 7.66 -34.95
N ASP A 354 33.39 8.53 -35.77
CA ASP A 354 34.83 8.54 -36.07
C ASP A 354 35.59 9.65 -35.33
N HIS A 355 35.00 10.23 -34.29
CA HIS A 355 35.66 11.28 -33.51
C HIS A 355 35.07 11.29 -32.09
N PRO A 356 35.70 11.95 -31.09
CA PRO A 356 35.20 11.82 -29.70
C PRO A 356 33.71 12.08 -29.50
N PHE A 357 33.09 11.24 -28.65
CA PHE A 357 31.66 11.33 -28.33
C PHE A 357 31.44 11.01 -26.85
N ILE A 358 30.28 11.43 -26.32
CA ILE A 358 29.84 11.15 -24.96
C ILE A 358 28.78 10.06 -25.06
N PHE A 359 28.72 9.15 -24.07
CA PHE A 359 27.72 8.10 -24.06
C PHE A 359 27.18 7.84 -22.64
N LEU A 360 25.96 7.33 -22.58
CA LEU A 360 25.25 7.00 -21.35
C LEU A 360 24.56 5.67 -21.56
N VAL A 361 24.40 4.87 -20.51
CA VAL A 361 23.58 3.65 -20.54
C VAL A 361 22.49 3.95 -19.51
N ARG A 362 21.23 3.96 -19.94
CA ARG A 362 20.11 4.35 -19.09
C ARG A 362 19.07 3.21 -18.97
N ASP A 363 18.60 2.94 -17.74
CA ASP A 363 17.60 1.91 -17.49
C ASP A 363 16.29 2.42 -18.09
N THR A 364 15.62 1.61 -18.90
CA THR A 364 14.38 2.04 -19.57
C THR A 364 13.22 2.25 -18.60
N GLN A 365 12.99 1.28 -17.69
CA GLN A 365 11.87 1.36 -16.76
C GLN A 365 11.98 2.53 -15.77
N SER A 366 13.13 2.66 -15.07
CA SER A 366 13.33 3.69 -14.06
C SER A 366 13.97 4.99 -14.56
N GLY A 367 14.64 4.95 -15.71
CA GLY A 367 15.36 6.11 -16.22
C GLY A 367 16.68 6.38 -15.50
N SER A 368 17.12 5.48 -14.60
CA SER A 368 18.36 5.68 -13.87
C SER A 368 19.59 5.35 -14.70
N LEU A 369 20.71 6.08 -14.48
CA LEU A 369 21.94 5.82 -15.22
C LEU A 369 22.67 4.59 -14.71
N LEU A 370 23.07 3.71 -15.63
CA LEU A 370 23.93 2.55 -15.39
C LEU A 370 25.39 2.95 -15.61
N PHE A 371 25.65 3.75 -16.68
CA PHE A 371 26.99 4.21 -17.04
C PHE A 371 26.92 5.59 -17.67
N ILE A 372 28.03 6.33 -17.53
CA ILE A 372 28.27 7.62 -18.19
C ILE A 372 29.75 7.63 -18.55
N GLY A 373 30.09 8.12 -19.73
CA GLY A 373 31.48 8.19 -20.15
C GLY A 373 31.67 8.89 -21.47
N ARG A 374 32.88 8.84 -21.96
CA ARG A 374 33.23 9.44 -23.24
C ARG A 374 34.36 8.64 -23.87
N LEU A 375 34.32 8.52 -25.21
CA LEU A 375 35.38 7.85 -25.93
C LEU A 375 36.16 8.93 -26.65
N VAL A 376 37.40 9.15 -26.23
CA VAL A 376 38.31 10.14 -26.80
C VAL A 376 39.41 9.43 -27.58
N ARG A 377 40.08 8.44 -26.96
CA ARG A 377 41.15 7.69 -27.58
C ARG A 377 40.82 6.21 -27.59
N PRO A 378 40.40 5.61 -28.72
CA PRO A 378 40.17 4.15 -28.73
C PRO A 378 41.50 3.38 -28.62
N LYS A 379 41.41 2.07 -28.29
CA LYS A 379 42.59 1.22 -28.22
C LYS A 379 42.97 0.96 -29.69
N GLY A 380 44.12 1.49 -30.14
CA GLY A 380 44.52 1.34 -31.53
C GLY A 380 45.83 2.00 -31.90
N ASP A 381 46.22 1.83 -33.18
CA ASP A 381 47.48 2.30 -33.75
C ASP A 381 47.51 3.78 -34.27
N LYS A 382 48.40 4.62 -33.69
CA LYS A 382 48.62 6.02 -34.09
C LYS A 382 49.13 6.14 -35.54
N MET A 383 48.33 6.73 -36.44
CA MET A 383 48.72 6.83 -37.85
C MET A 383 49.74 7.94 -38.13
N ARG A 384 50.89 7.56 -38.74
CA ARG A 384 52.00 8.43 -39.13
C ARG A 384 52.61 7.94 -40.45
N ASP A 385 53.17 8.86 -41.26
CA ASP A 385 53.77 8.50 -42.56
C ASP A 385 55.07 7.70 -42.36
N GLU A 386 55.23 6.58 -43.12
CA GLU A 386 56.43 5.74 -43.05
C GLU A 386 57.49 6.24 -44.04
N LEU B 5 -10.78 23.74 -7.60
CA LEU B 5 -9.64 23.19 -8.34
C LEU B 5 -8.35 23.97 -8.08
N SER B 6 -7.20 23.26 -8.11
CA SER B 6 -5.89 23.89 -7.97
C SER B 6 -5.53 24.67 -9.27
N PRO B 7 -4.59 25.65 -9.28
CA PRO B 7 -4.28 26.36 -10.54
C PRO B 7 -3.72 25.46 -11.65
N LYS B 8 -3.03 24.36 -11.31
CA LYS B 8 -2.53 23.42 -12.31
C LYS B 8 -3.73 22.68 -12.94
N ALA B 9 -4.70 22.23 -12.11
CA ALA B 9 -5.89 21.56 -12.60
C ALA B 9 -6.72 22.52 -13.46
N ALA B 10 -6.86 23.79 -13.03
CA ALA B 10 -7.61 24.79 -13.77
C ALA B 10 -7.04 25.05 -15.17
N THR B 11 -5.70 25.15 -15.29
CA THR B 11 -5.06 25.39 -16.59
C THR B 11 -5.23 24.17 -17.52
N LEU B 12 -5.16 22.95 -16.97
CA LEU B 12 -5.35 21.72 -17.74
C LEU B 12 -6.81 21.57 -18.17
N ALA B 13 -7.77 21.99 -17.33
CA ALA B 13 -9.19 21.94 -17.67
C ALA B 13 -9.49 22.81 -18.89
N GLU B 14 -8.85 23.99 -18.97
CA GLU B 14 -9.01 24.91 -20.09
C GLU B 14 -8.45 24.30 -21.38
N ARG B 15 -7.31 23.61 -21.29
CA ARG B 15 -6.68 22.98 -22.44
C ARG B 15 -7.45 21.74 -22.89
N SER B 16 -8.06 21.01 -21.97
CA SER B 16 -8.90 19.85 -22.32
C SER B 16 -10.08 20.30 -23.17
N ALA B 17 -10.69 21.48 -22.85
CA ALA B 17 -11.80 22.00 -23.63
C ALA B 17 -11.37 22.34 -25.06
N GLY B 18 -10.25 23.07 -25.23
CA GLY B 18 -9.73 23.39 -26.57
C GLY B 18 -9.42 22.15 -27.38
N LEU B 19 -8.86 21.15 -26.70
CA LEU B 19 -8.55 19.84 -27.27
C LEU B 19 -9.86 19.12 -27.72
N ALA B 20 -10.93 19.18 -26.92
CA ALA B 20 -12.22 18.58 -27.25
C ALA B 20 -12.90 19.29 -28.44
N PHE B 21 -12.77 20.64 -28.58
CA PHE B 21 -13.33 21.31 -29.76
C PHE B 21 -12.57 20.87 -31.01
N SER B 22 -11.24 20.70 -30.91
CA SER B 22 -10.44 20.24 -32.06
C SER B 22 -10.83 18.82 -32.47
N LEU B 23 -10.99 17.90 -31.49
CA LEU B 23 -11.41 16.53 -31.82
C LEU B 23 -12.80 16.52 -32.40
N TYR B 24 -13.71 17.32 -31.83
CA TYR B 24 -15.08 17.42 -32.32
C TYR B 24 -15.06 17.88 -33.79
N GLN B 25 -14.30 18.93 -34.12
CA GLN B 25 -14.22 19.44 -35.48
C GLN B 25 -13.64 18.40 -36.45
N ALA B 26 -12.57 17.69 -36.02
CA ALA B 26 -11.96 16.65 -36.83
C ALA B 26 -12.93 15.51 -37.12
N MET B 27 -13.75 15.14 -36.14
CA MET B 27 -14.73 14.06 -36.29
C MET B 27 -15.92 14.50 -37.13
N ALA B 28 -16.35 15.76 -36.98
CA ALA B 28 -17.46 16.30 -37.74
C ALA B 28 -17.17 16.34 -39.25
N LYS B 29 -15.90 16.52 -39.65
CA LYS B 29 -15.48 16.50 -41.07
C LYS B 29 -15.63 15.10 -41.68
N ASP B 30 -15.46 14.04 -40.87
CA ASP B 30 -15.61 12.65 -41.32
C ASP B 30 -17.08 12.37 -41.68
N GLN B 31 -17.33 11.98 -42.94
CA GLN B 31 -18.68 11.72 -43.45
C GLN B 31 -19.34 10.50 -42.80
N ALA B 32 -18.56 9.50 -42.38
CA ALA B 32 -19.09 8.29 -41.73
C ALA B 32 -19.57 8.55 -40.29
N VAL B 33 -19.09 9.62 -39.63
CA VAL B 33 -19.46 9.94 -38.25
C VAL B 33 -20.86 10.56 -38.20
N GLU B 34 -21.77 9.99 -37.37
CA GLU B 34 -23.11 10.54 -37.19
C GLU B 34 -23.14 11.25 -35.80
N ASN B 35 -23.46 10.54 -34.69
CA ASN B 35 -23.47 11.17 -33.38
C ASN B 35 -22.05 11.35 -32.87
N ILE B 36 -21.82 12.37 -32.04
CA ILE B 36 -20.54 12.65 -31.42
C ILE B 36 -20.79 12.81 -29.91
N LEU B 37 -19.95 12.18 -29.08
CA LEU B 37 -19.98 12.32 -27.62
C LEU B 37 -18.56 12.26 -27.13
N LEU B 38 -18.03 13.39 -26.65
CA LEU B 38 -16.67 13.47 -26.14
C LEU B 38 -16.70 14.10 -24.76
N SER B 39 -15.85 13.57 -23.87
CA SER B 39 -15.69 14.02 -22.50
C SER B 39 -14.25 14.58 -22.44
N PRO B 40 -14.05 15.92 -22.43
CA PRO B 40 -12.67 16.45 -22.50
C PRO B 40 -11.65 15.91 -21.51
N VAL B 41 -12.05 15.68 -20.25
CA VAL B 41 -11.13 15.20 -19.20
C VAL B 41 -10.76 13.74 -19.42
N VAL B 42 -11.65 12.94 -20.02
CA VAL B 42 -11.33 11.53 -20.30
C VAL B 42 -10.37 11.46 -21.52
N VAL B 43 -10.54 12.36 -22.51
CA VAL B 43 -9.66 12.48 -23.66
C VAL B 43 -8.27 12.90 -23.15
N ALA B 44 -8.22 13.91 -22.28
CA ALA B 44 -6.97 14.38 -21.72
C ALA B 44 -6.26 13.29 -20.91
N SER B 45 -7.00 12.48 -20.14
CA SER B 45 -6.42 11.38 -19.35
C SER B 45 -5.81 10.29 -20.25
N SER B 46 -6.33 10.11 -21.48
CA SER B 46 -5.77 9.15 -22.43
C SER B 46 -4.38 9.61 -22.86
N LEU B 47 -4.20 10.93 -23.07
CA LEU B 47 -2.89 11.50 -23.40
C LEU B 47 -1.96 11.42 -22.22
N GLY B 48 -2.46 11.63 -21.01
CA GLY B 48 -1.67 11.49 -19.80
C GLY B 48 -1.17 10.07 -19.61
N LEU B 49 -1.96 9.06 -20.01
CA LEU B 49 -1.53 7.65 -19.94
C LEU B 49 -0.43 7.34 -20.97
N VAL B 50 -0.47 7.98 -22.15
CA VAL B 50 0.58 7.83 -23.17
C VAL B 50 1.87 8.48 -22.65
N SER B 51 1.77 9.64 -21.98
CA SER B 51 2.91 10.32 -21.38
C SER B 51 3.55 9.45 -20.28
N LEU B 52 2.70 8.77 -19.50
CA LEU B 52 3.12 7.91 -18.39
C LEU B 52 3.79 6.62 -18.90
N GLY B 53 3.23 6.02 -19.94
CA GLY B 53 3.76 4.79 -20.49
C GLY B 53 4.78 4.95 -21.61
N GLY B 54 5.06 6.20 -22.02
CA GLY B 54 5.97 6.49 -23.11
C GLY B 54 7.27 7.15 -22.73
N LYS B 55 8.16 7.25 -23.72
CA LYS B 55 9.49 7.86 -23.66
C LYS B 55 9.68 8.78 -24.90
N ALA B 56 10.73 9.61 -24.88
CA ALA B 56 11.21 10.39 -26.02
C ALA B 56 10.02 11.19 -26.71
N THR B 57 9.92 11.37 -28.06
CA THR B 57 8.82 12.13 -28.68
C THR B 57 7.45 11.48 -28.47
N THR B 58 7.37 10.17 -28.15
CA THR B 58 6.08 9.52 -27.89
C THR B 58 5.41 10.16 -26.67
N ALA B 59 6.17 10.33 -25.57
CA ALA B 59 5.65 10.97 -24.37
C ALA B 59 5.59 12.49 -24.49
N SER B 60 6.61 13.13 -25.08
CA SER B 60 6.63 14.59 -25.19
C SER B 60 5.55 15.14 -26.14
N GLN B 61 5.16 14.37 -27.19
CA GLN B 61 4.07 14.79 -28.07
C GLN B 61 2.75 14.77 -27.29
N ALA B 62 2.55 13.80 -26.39
CA ALA B 62 1.33 13.73 -25.59
C ALA B 62 1.21 14.96 -24.68
N LYS B 63 2.34 15.41 -24.08
CA LYS B 63 2.37 16.63 -23.26
C LYS B 63 2.10 17.87 -24.13
N ALA B 64 2.61 17.89 -25.36
CA ALA B 64 2.43 19.01 -26.27
C ALA B 64 0.97 19.13 -26.74
N VAL B 65 0.26 18.00 -26.90
CA VAL B 65 -1.16 18.04 -27.29
C VAL B 65 -1.96 18.66 -26.11
N LEU B 66 -1.57 18.41 -24.85
CA LEU B 66 -2.20 19.00 -23.68
C LEU B 66 -1.68 20.41 -23.34
N SER B 67 -0.77 21.01 -24.16
CA SER B 67 -0.12 22.29 -23.90
C SER B 67 0.50 22.33 -22.49
N ALA B 68 1.05 21.19 -22.06
CA ALA B 68 1.63 21.03 -20.73
C ALA B 68 3.15 20.78 -20.80
N GLU B 69 3.83 21.23 -21.89
CA GLU B 69 5.29 21.04 -21.99
C GLU B 69 6.03 21.81 -20.87
N GLN B 70 5.47 22.95 -20.42
CA GLN B 70 6.07 23.76 -19.36
C GLN B 70 5.69 23.24 -17.93
N LEU B 71 5.00 22.09 -17.82
CA LEU B 71 4.63 21.47 -16.55
C LEU B 71 5.43 20.20 -16.36
N ARG B 72 5.66 19.82 -15.11
CA ARG B 72 6.40 18.60 -14.80
C ARG B 72 5.47 17.38 -15.00
N ASP B 73 6.03 16.19 -15.29
CA ASP B 73 5.24 14.97 -15.52
C ASP B 73 4.25 14.69 -14.37
N GLU B 74 4.71 14.76 -13.10
CA GLU B 74 3.80 14.53 -11.97
C GLU B 74 2.76 15.64 -11.84
N GLU B 75 3.05 16.90 -12.27
CA GLU B 75 2.03 17.96 -12.24
C GLU B 75 0.89 17.63 -13.22
N VAL B 76 1.22 17.01 -14.38
CA VAL B 76 0.23 16.64 -15.38
C VAL B 76 -0.63 15.48 -14.85
N HIS B 77 0.03 14.44 -14.31
CA HIS B 77 -0.65 13.26 -13.81
C HIS B 77 -1.52 13.55 -12.59
N ALA B 78 -1.06 14.45 -11.70
CA ALA B 78 -1.85 14.84 -10.52
C ALA B 78 -2.96 15.83 -10.89
N GLY B 79 -2.71 16.70 -11.87
CA GLY B 79 -3.69 17.69 -12.32
C GLY B 79 -4.85 17.05 -13.06
N LEU B 80 -4.56 16.10 -13.97
CA LEU B 80 -5.61 15.38 -14.69
C LEU B 80 -6.36 14.43 -13.74
N GLY B 81 -5.65 13.82 -12.79
CA GLY B 81 -6.24 12.97 -11.77
C GLY B 81 -7.20 13.74 -10.87
N GLU B 82 -6.88 15.00 -10.57
CA GLU B 82 -7.73 15.88 -9.77
C GLU B 82 -9.01 16.18 -10.56
N LEU B 83 -8.88 16.47 -11.87
CA LEU B 83 -10.04 16.76 -12.71
C LEU B 83 -10.96 15.54 -12.87
N LEU B 84 -10.39 14.33 -12.96
CA LEU B 84 -11.21 13.11 -13.06
C LEU B 84 -12.00 12.88 -11.77
N ARG B 85 -11.37 13.12 -10.61
CA ARG B 85 -12.04 12.94 -9.32
C ARG B 85 -13.05 14.07 -9.06
N SER B 86 -12.83 15.29 -9.61
CA SER B 86 -13.78 16.39 -9.46
C SER B 86 -15.08 16.15 -10.28
N LEU B 87 -15.07 15.18 -11.24
CA LEU B 87 -16.26 14.81 -12.01
C LEU B 87 -17.18 14.00 -11.11
N SER B 88 -16.63 13.05 -10.31
CA SER B 88 -17.41 12.26 -9.36
C SER B 88 -17.65 13.05 -8.04
N ASN B 89 -18.04 14.35 -8.16
CA ASN B 89 -18.34 15.25 -7.03
C ASN B 89 -19.54 16.17 -7.37
N SER B 90 -19.54 16.80 -8.55
CA SER B 90 -20.64 17.68 -8.97
C SER B 90 -21.89 16.87 -9.41
N THR B 91 -21.71 15.83 -10.25
CA THR B 91 -22.81 15.00 -10.76
C THR B 91 -22.83 13.63 -10.09
N ALA B 92 -23.86 13.37 -9.23
CA ALA B 92 -24.12 12.11 -8.46
C ALA B 92 -23.19 10.94 -8.79
N ARG B 93 -22.05 10.86 -8.07
CA ARG B 93 -21.00 9.86 -8.26
C ARG B 93 -21.52 8.41 -8.31
N ASN B 94 -21.37 7.77 -9.49
CA ASN B 94 -21.73 6.37 -9.76
C ASN B 94 -23.24 6.10 -9.74
N VAL B 95 -24.06 7.11 -10.04
CA VAL B 95 -25.52 6.99 -10.18
C VAL B 95 -25.87 7.61 -11.57
N THR B 96 -25.55 8.92 -11.79
CA THR B 96 -25.77 9.58 -13.09
C THR B 96 -24.45 9.73 -13.90
N TRP B 97 -23.28 9.31 -13.35
CA TRP B 97 -21.99 9.40 -14.03
C TRP B 97 -21.11 8.21 -13.61
N LYS B 98 -20.81 7.32 -14.56
CA LYS B 98 -19.99 6.12 -14.35
C LYS B 98 -18.87 6.13 -15.38
N LEU B 99 -17.62 5.90 -14.95
CA LEU B 99 -16.47 5.89 -15.83
C LEU B 99 -15.53 4.74 -15.46
N GLY B 100 -15.03 4.06 -16.48
CA GLY B 100 -14.02 3.02 -16.34
C GLY B 100 -12.99 3.20 -17.45
N SER B 101 -11.72 2.91 -17.15
CA SER B 101 -10.63 3.00 -18.13
C SER B 101 -9.84 1.71 -18.03
N ARG B 102 -9.62 1.04 -19.17
CA ARG B 102 -8.93 -0.24 -19.20
C ARG B 102 -7.97 -0.31 -20.36
N LEU B 103 -6.71 -0.74 -20.10
CA LEU B 103 -5.70 -0.93 -21.13
C LEU B 103 -5.61 -2.42 -21.40
N TYR B 104 -5.84 -2.83 -22.65
CA TYR B 104 -5.78 -4.20 -23.11
C TYR B 104 -4.53 -4.39 -23.93
N GLY B 105 -3.60 -5.21 -23.45
CA GLY B 105 -2.39 -5.53 -24.20
C GLY B 105 -2.46 -6.96 -24.72
N PRO B 106 -1.76 -7.32 -25.83
CA PRO B 106 -1.80 -8.74 -26.26
C PRO B 106 -1.33 -9.72 -25.18
N SER B 107 -1.71 -10.99 -25.32
CA SER B 107 -1.33 -12.05 -24.36
C SER B 107 0.20 -12.16 -24.20
N SER B 108 0.96 -11.90 -25.29
CA SER B 108 2.43 -11.92 -25.30
C SER B 108 3.04 -10.60 -24.75
N VAL B 109 2.32 -9.87 -23.86
CA VAL B 109 2.77 -8.59 -23.28
C VAL B 109 2.48 -8.59 -21.79
N SER B 110 3.44 -8.12 -20.97
CA SER B 110 3.28 -8.00 -19.54
C SER B 110 3.52 -6.53 -19.18
N PHE B 111 2.53 -5.87 -18.56
CA PHE B 111 2.65 -4.46 -18.20
C PHE B 111 3.65 -4.28 -17.06
N ALA B 112 4.48 -3.23 -17.14
CA ALA B 112 5.47 -2.94 -16.11
C ALA B 112 4.79 -2.60 -14.80
N GLU B 113 5.28 -3.13 -13.67
CA GLU B 113 4.70 -2.88 -12.35
C GLU B 113 4.67 -1.40 -12.02
N ASP B 114 5.71 -0.65 -12.43
CA ASP B 114 5.78 0.78 -12.18
C ASP B 114 4.65 1.52 -12.92
N PHE B 115 4.37 1.13 -14.17
CA PHE B 115 3.30 1.74 -14.96
C PHE B 115 1.93 1.38 -14.37
N VAL B 116 1.73 0.11 -13.97
CA VAL B 116 0.47 -0.35 -13.39
C VAL B 116 0.15 0.45 -12.12
N ARG B 117 1.14 0.63 -11.24
CA ARG B 117 0.95 1.36 -9.99
C ARG B 117 0.57 2.83 -10.24
N SER B 118 1.32 3.54 -11.08
CA SER B 118 1.05 4.96 -11.32
C SER B 118 -0.20 5.22 -12.17
N SER B 119 -0.51 4.35 -13.14
CA SER B 119 -1.71 4.52 -13.97
C SER B 119 -2.98 4.26 -13.14
N LYS B 120 -2.92 3.33 -12.17
CA LYS B 120 -4.01 3.05 -11.25
C LYS B 120 -4.15 4.21 -10.25
N GLN B 121 -3.03 4.76 -9.78
CA GLN B 121 -3.01 5.87 -8.82
C GLN B 121 -3.59 7.18 -9.40
N HIS B 122 -3.11 7.62 -10.57
CA HIS B 122 -3.56 8.88 -11.15
C HIS B 122 -4.83 8.79 -11.97
N TYR B 123 -4.99 7.74 -12.78
CA TYR B 123 -6.11 7.62 -13.71
C TYR B 123 -7.09 6.51 -13.39
N ASN B 124 -6.93 5.78 -12.26
CA ASN B 124 -7.78 4.63 -11.92
C ASN B 124 -7.81 3.60 -13.08
N CYS B 125 -6.70 3.49 -13.80
CA CYS B 125 -6.59 2.66 -14.97
C CYS B 125 -6.51 1.20 -14.58
N GLU B 126 -7.24 0.36 -15.32
CA GLU B 126 -7.28 -1.08 -15.15
C GLU B 126 -6.45 -1.68 -16.28
N HIS B 127 -5.94 -2.90 -16.08
CA HIS B 127 -5.07 -3.54 -17.07
C HIS B 127 -5.52 -4.96 -17.30
N SER B 128 -5.49 -5.41 -18.55
CA SER B 128 -5.92 -6.76 -18.88
C SER B 128 -5.18 -7.28 -20.10
N LYS B 129 -4.84 -8.57 -20.09
CA LYS B 129 -4.20 -9.23 -21.23
C LYS B 129 -5.34 -9.78 -22.09
N ILE B 130 -5.21 -9.68 -23.42
CA ILE B 130 -6.28 -10.12 -24.33
C ILE B 130 -5.69 -10.88 -25.52
N ASN B 131 -6.38 -11.94 -25.97
CA ASN B 131 -5.94 -12.75 -27.09
C ASN B 131 -6.78 -12.41 -28.32
N PHE B 132 -6.23 -11.62 -29.24
CA PHE B 132 -6.96 -11.25 -30.47
C PHE B 132 -7.07 -12.38 -31.48
N ARG B 133 -6.31 -13.49 -31.31
CA ARG B 133 -6.42 -14.66 -32.20
C ARG B 133 -7.85 -15.23 -32.11
N ASP B 134 -8.43 -15.23 -30.89
CA ASP B 134 -9.81 -15.58 -30.62
C ASP B 134 -10.59 -14.25 -30.64
N LYS B 135 -11.09 -13.84 -31.82
CA LYS B 135 -11.74 -12.53 -31.97
C LYS B 135 -13.10 -12.43 -31.24
N ARG B 136 -13.90 -13.51 -31.23
CA ARG B 136 -15.19 -13.52 -30.53
C ARG B 136 -15.01 -13.33 -29.01
N SER B 137 -14.05 -14.05 -28.40
CA SER B 137 -13.75 -13.94 -26.97
C SER B 137 -13.11 -12.61 -26.61
N ALA B 138 -12.32 -12.01 -27.51
CA ALA B 138 -11.67 -10.73 -27.24
C ALA B 138 -12.72 -9.60 -27.18
N LEU B 139 -13.65 -9.55 -28.17
CA LEU B 139 -14.73 -8.58 -28.21
C LEU B 139 -15.67 -8.79 -27.03
N GLN B 140 -15.93 -10.04 -26.64
CA GLN B 140 -16.81 -10.35 -25.52
C GLN B 140 -16.23 -9.80 -24.22
N SER B 141 -14.91 -9.89 -24.03
CA SER B 141 -14.26 -9.35 -22.83
C SER B 141 -14.34 -7.83 -22.77
N ILE B 142 -14.14 -7.14 -23.90
CA ILE B 142 -14.19 -5.67 -23.92
C ILE B 142 -15.63 -5.23 -23.65
N ASN B 143 -16.59 -5.83 -24.36
CA ASN B 143 -18.00 -5.47 -24.22
C ASN B 143 -18.57 -5.79 -22.84
N GLU B 144 -18.24 -6.95 -22.25
CA GLU B 144 -18.72 -7.29 -20.91
C GLU B 144 -18.13 -6.37 -19.85
N TRP B 145 -16.87 -5.94 -20.02
CA TRP B 145 -16.25 -5.02 -19.07
C TRP B 145 -16.96 -3.65 -19.15
N ALA B 146 -17.25 -3.17 -20.37
CA ALA B 146 -17.94 -1.89 -20.54
C ALA B 146 -19.37 -1.99 -20.00
N ALA B 147 -20.05 -3.12 -20.22
CA ALA B 147 -21.40 -3.34 -19.75
C ALA B 147 -21.43 -3.34 -18.21
N GLN B 148 -20.48 -4.01 -17.52
CA GLN B 148 -20.46 -3.99 -16.06
C GLN B 148 -20.09 -2.61 -15.52
N THR B 149 -19.20 -1.87 -16.22
CA THR B 149 -18.79 -0.52 -15.82
C THR B 149 -20.02 0.43 -15.79
N THR B 150 -20.90 0.27 -16.79
CA THR B 150 -22.10 1.10 -16.96
C THR B 150 -23.41 0.42 -16.54
N ASP B 151 -23.34 -0.78 -15.89
CA ASP B 151 -24.48 -1.57 -15.45
C ASP B 151 -25.52 -1.82 -16.55
N GLY B 152 -25.03 -2.19 -17.74
CA GLY B 152 -25.86 -2.52 -18.88
C GLY B 152 -26.26 -1.38 -19.77
N LYS B 153 -25.99 -0.12 -19.38
CA LYS B 153 -26.39 1.03 -20.21
C LYS B 153 -25.60 1.12 -21.52
N LEU B 154 -24.36 0.63 -21.52
CA LEU B 154 -23.52 0.59 -22.70
C LEU B 154 -23.18 -0.90 -22.87
N PRO B 155 -24.07 -1.72 -23.48
CA PRO B 155 -23.80 -3.17 -23.56
C PRO B 155 -22.74 -3.59 -24.58
N GLU B 156 -22.28 -2.67 -25.44
CA GLU B 156 -21.33 -2.99 -26.49
C GLU B 156 -20.48 -1.77 -26.84
N VAL B 157 -19.15 -1.92 -26.86
CA VAL B 157 -18.23 -0.87 -27.25
C VAL B 157 -18.06 -0.97 -28.76
N THR B 158 -17.65 -2.14 -29.29
CA THR B 158 -17.41 -2.31 -30.71
C THR B 158 -17.76 -3.71 -31.20
N LYS B 159 -18.05 -3.81 -32.49
CA LYS B 159 -18.36 -5.07 -33.15
C LYS B 159 -17.12 -5.68 -33.83
N ASP B 160 -15.99 -4.93 -33.93
CA ASP B 160 -14.76 -5.44 -34.55
C ASP B 160 -13.54 -4.62 -34.10
N VAL B 161 -12.41 -5.30 -33.77
CA VAL B 161 -11.16 -4.62 -33.41
C VAL B 161 -10.34 -4.63 -34.71
N GLU B 162 -10.04 -3.44 -35.26
CA GLU B 162 -9.34 -3.33 -36.54
C GLU B 162 -7.83 -3.66 -36.45
N ARG B 163 -7.13 -3.06 -35.46
CA ARG B 163 -5.69 -3.24 -35.26
C ARG B 163 -5.48 -4.08 -34.02
N THR B 164 -5.05 -5.33 -34.22
CA THR B 164 -4.87 -6.32 -33.18
C THR B 164 -3.40 -6.55 -32.75
N ASP B 165 -2.46 -5.67 -33.10
CA ASP B 165 -1.05 -5.86 -32.76
C ASP B 165 -0.47 -4.77 -31.82
N GLY B 166 -1.35 -4.08 -31.11
CA GLY B 166 -0.92 -3.03 -30.18
C GLY B 166 -1.81 -2.98 -28.96
N ALA B 167 -1.59 -1.96 -28.14
CA ALA B 167 -2.37 -1.71 -26.92
C ALA B 167 -3.71 -1.05 -27.29
N LEU B 168 -4.77 -1.44 -26.57
CA LEU B 168 -6.12 -0.94 -26.77
C LEU B 168 -6.52 -0.21 -25.49
N LEU B 169 -6.77 1.10 -25.56
CA LEU B 169 -7.24 1.85 -24.40
C LEU B 169 -8.76 2.00 -24.56
N VAL B 170 -9.55 1.56 -23.57
CA VAL B 170 -11.01 1.61 -23.63
C VAL B 170 -11.51 2.44 -22.47
N ASN B 171 -12.34 3.45 -22.77
CA ASN B 171 -13.01 4.28 -21.77
C ASN B 171 -14.50 4.04 -21.97
N ALA B 172 -15.18 3.55 -20.93
CA ALA B 172 -16.61 3.25 -20.98
C ALA B 172 -17.29 4.20 -20.01
N MET B 173 -18.32 4.92 -20.47
CA MET B 173 -19.01 5.92 -19.67
C MET B 173 -20.52 5.85 -19.78
N PHE B 174 -21.20 6.28 -18.70
CA PHE B 174 -22.63 6.47 -18.67
C PHE B 174 -22.84 7.84 -18.05
N PHE B 175 -23.58 8.72 -18.73
CA PHE B 175 -23.91 10.04 -18.20
C PHE B 175 -25.39 10.32 -18.42
N LYS B 176 -26.06 10.79 -17.39
CA LYS B 176 -27.48 11.09 -17.49
C LYS B 176 -27.72 12.47 -16.87
N PRO B 177 -27.88 13.56 -17.67
CA PRO B 177 -28.11 14.87 -17.03
C PRO B 177 -29.38 14.91 -16.16
N HIS B 178 -29.23 15.31 -14.89
CA HIS B 178 -30.32 15.41 -13.93
C HIS B 178 -30.70 16.90 -13.92
N TRP B 179 -31.86 17.25 -14.47
CA TRP B 179 -32.25 18.65 -14.62
C TRP B 179 -32.47 19.35 -13.30
N ASP B 180 -32.17 20.65 -13.24
CA ASP B 180 -32.45 21.43 -12.05
C ASP B 180 -33.97 21.54 -11.85
N GLU B 181 -34.76 21.51 -12.94
CA GLU B 181 -36.21 21.48 -12.87
C GLU B 181 -36.64 20.33 -13.76
N LYS B 182 -37.14 19.27 -13.15
CA LYS B 182 -37.55 18.05 -13.85
C LYS B 182 -38.64 18.25 -14.91
N PHE B 183 -38.70 17.33 -15.87
CA PHE B 183 -39.82 17.22 -16.79
C PHE B 183 -40.79 16.28 -16.08
N HIS B 184 -42.09 16.44 -16.33
CA HIS B 184 -43.10 15.54 -15.75
C HIS B 184 -42.95 14.19 -16.48
N HIS B 185 -42.92 13.07 -15.75
CA HIS B 185 -42.71 11.74 -16.31
C HIS B 185 -43.77 11.31 -17.34
N LYS B 186 -44.97 11.91 -17.32
CA LYS B 186 -46.01 11.57 -18.28
C LYS B 186 -46.03 12.53 -19.50
N MET B 187 -45.16 13.58 -19.52
CA MET B 187 -45.14 14.54 -20.61
C MET B 187 -44.22 14.06 -21.73
N VAL B 188 -44.57 12.89 -22.27
CA VAL B 188 -43.82 12.19 -23.29
C VAL B 188 -44.80 11.64 -24.31
N ASP B 189 -44.41 11.65 -25.59
CA ASP B 189 -45.24 11.14 -26.66
C ASP B 189 -44.40 10.79 -27.90
N ASN B 190 -45.00 10.12 -28.89
CA ASN B 190 -44.30 9.75 -30.10
C ASN B 190 -44.30 10.92 -31.09
N ARG B 191 -43.11 11.25 -31.61
CA ARG B 191 -42.92 12.31 -32.59
C ARG B 191 -41.89 11.85 -33.63
N GLY B 192 -41.86 12.52 -34.76
CA GLY B 192 -40.86 12.26 -35.77
C GLY B 192 -39.65 13.13 -35.54
N PHE B 193 -38.46 12.60 -35.78
CA PHE B 193 -37.22 13.36 -35.70
C PHE B 193 -36.64 13.32 -37.12
N MET B 194 -36.44 14.48 -37.72
CA MET B 194 -35.90 14.57 -39.06
C MET B 194 -34.39 14.53 -39.02
N VAL B 195 -33.81 13.36 -39.33
CA VAL B 195 -32.36 13.20 -39.40
C VAL B 195 -31.87 14.06 -40.58
N THR B 196 -32.56 13.96 -41.73
CA THR B 196 -32.34 14.80 -42.92
C THR B 196 -33.74 15.33 -43.36
N ARG B 197 -33.78 16.18 -44.38
CA ARG B 197 -35.03 16.71 -44.91
C ARG B 197 -35.90 15.59 -45.56
N SER B 198 -35.32 14.41 -45.90
CA SER B 198 -36.05 13.29 -46.49
C SER B 198 -36.03 12.00 -45.64
N TYR B 199 -35.47 12.04 -44.40
CA TYR B 199 -35.44 10.86 -43.55
C TYR B 199 -35.88 11.19 -42.12
N THR B 200 -36.97 10.57 -41.67
CA THR B 200 -37.53 10.79 -40.35
C THR B 200 -37.56 9.49 -39.59
N VAL B 201 -37.14 9.50 -38.31
CA VAL B 201 -37.23 8.33 -37.44
C VAL B 201 -38.24 8.62 -36.33
N GLY B 202 -38.90 7.58 -35.86
CA GLY B 202 -39.87 7.69 -34.78
C GLY B 202 -39.15 7.69 -33.43
N VAL B 203 -39.39 8.73 -32.63
CA VAL B 203 -38.78 8.90 -31.30
C VAL B 203 -39.85 9.20 -30.25
N THR B 204 -39.51 9.06 -28.97
CA THR B 204 -40.32 9.51 -27.86
C THR B 204 -39.74 10.90 -27.55
N MET B 205 -40.57 11.94 -27.47
CA MET B 205 -40.10 13.26 -27.07
C MET B 205 -40.68 13.63 -25.72
N MET B 206 -39.90 14.37 -24.91
CA MET B 206 -40.31 14.85 -23.59
C MET B 206 -40.46 16.38 -23.68
N HIS B 207 -41.47 16.92 -22.99
CA HIS B 207 -41.83 18.33 -23.11
C HIS B 207 -41.99 19.03 -21.79
N ARG B 208 -41.51 20.27 -21.68
CA ARG B 208 -41.73 21.10 -20.49
C ARG B 208 -41.60 22.59 -20.83
N THR B 209 -42.25 23.45 -20.04
CA THR B 209 -42.15 24.90 -20.17
C THR B 209 -41.57 25.43 -18.88
N GLY B 210 -40.57 26.30 -18.99
CA GLY B 210 -39.95 26.93 -17.84
C GLY B 210 -39.16 28.16 -18.24
N LEU B 211 -38.50 28.79 -17.28
CA LEU B 211 -37.67 29.96 -17.55
C LEU B 211 -36.25 29.48 -17.81
N TYR B 212 -35.73 29.79 -19.01
CA TYR B 212 -34.39 29.37 -19.39
C TYR B 212 -33.67 30.50 -20.09
N ASN B 213 -32.33 30.53 -19.96
CA ASN B 213 -31.50 31.47 -20.69
C ASN B 213 -31.59 31.08 -22.16
N TYR B 214 -31.92 32.03 -23.03
CA TYR B 214 -32.24 31.77 -24.41
C TYR B 214 -31.79 32.90 -25.34
N TYR B 215 -31.41 32.54 -26.56
CA TYR B 215 -31.08 33.51 -27.60
C TYR B 215 -31.45 32.94 -28.95
N ASP B 216 -32.12 33.74 -29.79
CA ASP B 216 -32.48 33.35 -31.14
C ASP B 216 -31.63 34.23 -32.06
N ASP B 217 -30.62 33.63 -32.70
CA ASP B 217 -29.73 34.36 -33.59
C ASP B 217 -30.38 34.46 -34.96
N GLU B 218 -30.94 35.64 -35.29
CA GLU B 218 -31.60 35.86 -36.58
C GLU B 218 -30.59 35.90 -37.74
N LYS B 219 -29.38 36.43 -37.50
CA LYS B 219 -28.34 36.50 -38.52
C LYS B 219 -27.81 35.10 -38.89
N GLU B 220 -27.35 34.32 -37.90
CA GLU B 220 -26.80 32.99 -38.15
C GLU B 220 -27.85 31.88 -38.17
N LYS B 221 -29.15 32.19 -37.96
CA LYS B 221 -30.27 31.26 -38.06
C LYS B 221 -30.15 30.02 -37.15
N LEU B 222 -30.16 30.24 -35.84
CA LEU B 222 -30.15 29.16 -34.87
C LEU B 222 -30.74 29.62 -33.55
N GLN B 223 -31.15 28.68 -32.72
CA GLN B 223 -31.60 28.96 -31.37
C GLN B 223 -30.54 28.38 -30.44
N ILE B 224 -30.40 28.98 -29.28
CA ILE B 224 -29.49 28.49 -28.26
C ILE B 224 -30.21 28.65 -26.93
N VAL B 225 -30.23 27.58 -26.13
CA VAL B 225 -30.91 27.54 -24.85
C VAL B 225 -29.95 26.87 -23.86
N GLU B 226 -30.06 27.24 -22.59
CA GLU B 226 -29.23 26.69 -21.54
C GLU B 226 -30.15 26.08 -20.50
N MET B 227 -29.99 24.77 -20.24
CA MET B 227 -30.78 24.01 -19.30
C MET B 227 -29.92 23.69 -18.08
N PRO B 228 -30.08 24.40 -16.95
CA PRO B 228 -29.27 24.06 -15.76
C PRO B 228 -29.50 22.63 -15.28
N LEU B 229 -28.43 22.00 -14.80
CA LEU B 229 -28.49 20.68 -14.20
C LEU B 229 -28.55 20.84 -12.67
N ALA B 230 -28.77 19.74 -11.94
CA ALA B 230 -28.97 19.70 -10.49
C ALA B 230 -28.16 20.72 -9.69
N HIS B 231 -28.87 21.56 -8.91
CA HIS B 231 -28.29 22.59 -8.04
C HIS B 231 -27.49 23.66 -8.78
N LYS B 232 -27.74 23.83 -10.10
CA LYS B 232 -27.07 24.80 -10.96
C LYS B 232 -25.53 24.69 -10.91
N LEU B 233 -25.00 23.49 -10.61
CA LEU B 233 -23.54 23.27 -10.60
C LEU B 233 -22.97 23.10 -12.02
N SER B 234 -23.83 22.75 -12.99
CA SER B 234 -23.47 22.64 -14.40
C SER B 234 -24.73 22.95 -15.25
N SER B 235 -24.57 23.06 -16.56
CA SER B 235 -25.70 23.32 -17.44
C SER B 235 -25.46 22.71 -18.81
N LEU B 236 -26.56 22.32 -19.46
CA LEU B 236 -26.51 21.73 -20.78
C LEU B 236 -26.99 22.79 -21.78
N ILE B 237 -26.14 23.14 -22.74
CA ILE B 237 -26.43 24.17 -23.75
C ILE B 237 -26.69 23.47 -25.08
N ILE B 238 -27.81 23.80 -25.77
CA ILE B 238 -28.17 23.20 -27.06
C ILE B 238 -28.16 24.31 -28.10
N LEU B 239 -27.52 24.05 -29.25
CA LEU B 239 -27.44 24.97 -30.38
C LEU B 239 -28.07 24.23 -31.54
N MET B 240 -29.21 24.71 -32.03
CA MET B 240 -29.94 24.03 -33.09
C MET B 240 -30.25 24.98 -34.24
N PRO B 241 -29.91 24.65 -35.50
CA PRO B 241 -30.25 25.57 -36.60
C PRO B 241 -31.74 25.73 -36.81
N HIS B 242 -32.17 26.86 -37.40
CA HIS B 242 -33.57 27.12 -37.69
C HIS B 242 -34.12 26.07 -38.66
N HIS B 243 -33.34 25.72 -39.68
CA HIS B 243 -33.76 24.77 -40.69
C HIS B 243 -33.19 23.37 -40.45
N VAL B 244 -33.86 22.35 -41.03
CA VAL B 244 -33.39 20.97 -41.00
C VAL B 244 -32.27 20.97 -42.03
N GLU B 245 -31.02 20.91 -41.57
CA GLU B 245 -29.87 21.00 -42.47
C GLU B 245 -28.65 20.29 -41.88
N PRO B 246 -27.61 19.95 -42.68
CA PRO B 246 -26.40 19.38 -42.08
C PRO B 246 -25.77 20.37 -41.10
N LEU B 247 -25.17 19.87 -40.02
CA LEU B 247 -24.60 20.73 -38.99
C LEU B 247 -23.28 21.39 -39.41
N GLU B 248 -22.70 21.05 -40.58
CA GLU B 248 -21.46 21.65 -41.10
C GLU B 248 -21.43 23.18 -40.99
N ARG B 249 -22.48 23.87 -41.45
CA ARG B 249 -22.54 25.32 -41.42
C ARG B 249 -22.41 25.87 -39.99
N LEU B 250 -23.22 25.35 -39.06
CA LEU B 250 -23.16 25.79 -37.67
C LEU B 250 -21.85 25.39 -36.97
N GLU B 251 -21.25 24.26 -37.37
CA GLU B 251 -19.99 23.79 -36.79
C GLU B 251 -18.82 24.73 -37.15
N LYS B 252 -18.89 25.44 -38.29
CA LYS B 252 -17.88 26.45 -38.65
C LYS B 252 -17.92 27.62 -37.66
N LEU B 253 -19.11 27.98 -37.15
CA LEU B 253 -19.29 29.05 -36.16
C LEU B 253 -18.93 28.59 -34.74
N LEU B 254 -18.88 27.28 -34.47
CA LEU B 254 -18.61 26.73 -33.14
C LEU B 254 -17.14 26.92 -32.71
N THR B 255 -16.85 28.10 -32.14
CA THR B 255 -15.53 28.45 -31.61
C THR B 255 -15.72 28.90 -30.13
N LYS B 256 -14.62 28.95 -29.34
CA LYS B 256 -14.72 29.41 -27.94
C LYS B 256 -15.12 30.91 -27.89
N GLU B 257 -14.71 31.71 -28.89
CA GLU B 257 -15.04 33.14 -28.97
C GLU B 257 -16.52 33.34 -29.30
N GLN B 258 -17.05 32.63 -30.32
CA GLN B 258 -18.46 32.76 -30.70
C GLN B 258 -19.39 32.23 -29.62
N LEU B 259 -18.99 31.15 -28.92
CA LEU B 259 -19.78 30.61 -27.83
C LEU B 259 -19.90 31.63 -26.69
N LYS B 260 -18.82 32.37 -26.41
CA LYS B 260 -18.83 33.42 -25.39
C LYS B 260 -19.78 34.58 -25.81
N ILE B 261 -19.79 34.94 -27.11
CA ILE B 261 -20.68 35.99 -27.65
C ILE B 261 -22.14 35.53 -27.49
N TRP B 262 -22.45 34.30 -27.96
CA TRP B 262 -23.79 33.73 -27.86
C TRP B 262 -24.29 33.64 -26.42
N MET B 263 -23.42 33.20 -25.50
CA MET B 263 -23.82 33.09 -24.10
C MET B 263 -24.05 34.46 -23.44
N GLY B 264 -23.32 35.48 -23.88
CA GLY B 264 -23.52 36.84 -23.40
C GLY B 264 -24.82 37.46 -23.86
N LYS B 265 -25.36 37.04 -25.02
CA LYS B 265 -26.64 37.55 -25.55
C LYS B 265 -27.87 36.82 -25.00
N MET B 266 -27.69 35.76 -24.20
CA MET B 266 -28.83 35.01 -23.66
C MET B 266 -29.57 35.79 -22.59
N GLN B 267 -30.89 35.64 -22.59
CA GLN B 267 -31.76 36.27 -21.61
C GLN B 267 -32.70 35.21 -21.06
N LYS B 268 -33.05 35.31 -19.78
CA LYS B 268 -33.95 34.36 -19.15
C LYS B 268 -35.38 34.63 -19.64
N LYS B 269 -35.94 33.69 -20.42
CA LYS B 269 -37.28 33.81 -21.02
C LYS B 269 -38.07 32.52 -20.79
N ALA B 270 -39.39 32.57 -20.97
CA ALA B 270 -40.22 31.37 -20.90
C ALA B 270 -39.99 30.61 -22.19
N VAL B 271 -39.57 29.32 -22.12
CA VAL B 271 -39.29 28.49 -23.28
C VAL B 271 -40.00 27.14 -23.10
N ALA B 272 -40.69 26.67 -24.15
CA ALA B 272 -41.31 25.36 -24.22
C ALA B 272 -40.29 24.48 -24.95
N ILE B 273 -39.57 23.64 -24.18
CA ILE B 273 -38.52 22.76 -24.70
C ILE B 273 -39.07 21.35 -24.94
N SER B 274 -38.78 20.78 -26.12
CA SER B 274 -39.13 19.39 -26.45
C SER B 274 -37.82 18.74 -26.86
N LEU B 275 -37.44 17.62 -26.22
CA LEU B 275 -36.21 16.91 -26.53
C LEU B 275 -36.46 15.43 -26.80
N PRO B 276 -35.72 14.75 -27.71
CA PRO B 276 -35.88 13.28 -27.83
C PRO B 276 -35.45 12.61 -26.51
N LYS B 277 -36.24 11.65 -26.04
CA LYS B 277 -35.99 10.92 -24.81
C LYS B 277 -35.38 9.57 -25.17
N GLY B 278 -34.33 9.18 -24.46
CA GLY B 278 -33.68 7.90 -24.70
C GLY B 278 -32.18 7.92 -24.48
N VAL B 279 -31.57 6.75 -24.58
CA VAL B 279 -30.14 6.55 -24.45
C VAL B 279 -29.52 6.65 -25.84
N VAL B 280 -28.44 7.42 -25.95
CA VAL B 280 -27.68 7.55 -27.17
C VAL B 280 -26.35 6.84 -26.85
N GLU B 281 -26.00 5.81 -27.62
CA GLU B 281 -24.77 5.06 -27.41
C GLU B 281 -23.81 5.42 -28.54
N VAL B 282 -22.66 6.00 -28.21
CA VAL B 282 -21.69 6.39 -29.23
C VAL B 282 -20.33 5.84 -28.86
N THR B 283 -19.68 5.16 -29.82
CA THR B 283 -18.32 4.71 -29.67
C THR B 283 -17.48 5.40 -30.72
N HIS B 284 -16.40 6.04 -30.28
CA HIS B 284 -15.44 6.68 -31.18
C HIS B 284 -14.10 6.01 -30.95
N ASP B 285 -13.37 5.70 -32.03
CA ASP B 285 -12.01 5.26 -31.90
C ASP B 285 -11.24 6.56 -32.20
N LEU B 286 -10.68 7.20 -31.18
CA LEU B 286 -10.00 8.47 -31.31
C LEU B 286 -8.59 8.39 -31.85
N GLN B 287 -8.04 7.17 -31.98
CA GLN B 287 -6.65 6.98 -32.43
C GLN B 287 -6.30 7.77 -33.71
N LYS B 288 -7.10 7.65 -34.77
CA LYS B 288 -6.83 8.36 -36.03
C LYS B 288 -6.94 9.89 -35.90
N HIS B 289 -7.78 10.38 -34.98
CA HIS B 289 -7.94 11.82 -34.79
C HIS B 289 -6.88 12.42 -33.88
N LEU B 290 -6.34 11.65 -32.96
CA LEU B 290 -5.26 12.12 -32.07
C LEU B 290 -3.98 12.36 -32.85
N ALA B 291 -3.74 11.57 -33.93
CA ALA B 291 -2.59 11.76 -34.79
C ALA B 291 -2.68 13.17 -35.46
N GLY B 292 -3.88 13.53 -35.92
CA GLY B 292 -4.15 14.84 -36.52
C GLY B 292 -3.90 16.02 -35.61
N LEU B 293 -3.85 15.80 -34.28
CA LEU B 293 -3.59 16.85 -33.29
C LEU B 293 -2.17 16.89 -32.76
N GLY B 294 -1.29 15.99 -33.22
CA GLY B 294 0.09 15.98 -32.77
C GLY B 294 0.58 14.70 -32.14
N LEU B 295 -0.29 13.69 -31.89
CA LEU B 295 0.16 12.41 -31.32
C LEU B 295 0.42 11.44 -32.48
N THR B 296 1.52 11.69 -33.19
CA THR B 296 1.88 10.93 -34.39
C THR B 296 2.76 9.72 -34.11
N GLU B 297 3.63 9.81 -33.11
CA GLU B 297 4.56 8.72 -32.81
C GLU B 297 3.87 7.54 -32.13
N ALA B 298 3.09 7.80 -31.04
CA ALA B 298 2.42 6.75 -30.25
C ALA B 298 1.55 5.80 -31.07
N ILE B 299 0.91 6.31 -32.12
CA ILE B 299 -0.02 5.53 -32.94
C ILE B 299 0.64 4.77 -34.10
N ASP B 300 1.96 4.85 -34.26
CA ASP B 300 2.65 4.18 -35.36
C ASP B 300 3.48 3.02 -34.81
N LYS B 301 3.23 1.80 -35.34
CA LYS B 301 3.94 0.56 -34.99
C LYS B 301 5.50 0.73 -35.06
N ASN B 302 6.00 1.41 -36.10
CA ASN B 302 7.43 1.62 -36.34
C ASN B 302 8.00 2.89 -35.70
N LYS B 303 7.21 3.70 -34.99
CA LYS B 303 7.74 4.90 -34.33
C LYS B 303 7.50 4.96 -32.82
N ALA B 304 6.46 4.31 -32.31
CA ALA B 304 6.08 4.38 -30.90
C ALA B 304 7.12 3.86 -29.95
N ASP B 305 7.26 4.55 -28.82
CA ASP B 305 8.13 4.14 -27.75
C ASP B 305 7.29 4.09 -26.47
N LEU B 306 6.59 2.95 -26.26
CA LEU B 306 5.80 2.70 -25.06
C LEU B 306 6.56 1.68 -24.21
N SER B 307 7.88 1.89 -24.03
CA SER B 307 8.73 0.95 -23.30
C SER B 307 8.60 1.10 -21.78
N ARG B 308 8.14 2.25 -21.29
CA ARG B 308 7.84 2.44 -19.87
C ARG B 308 6.58 1.59 -19.52
N MET B 309 5.66 1.41 -20.48
CA MET B 309 4.43 0.62 -20.34
C MET B 309 4.77 -0.87 -20.41
N SER B 310 5.64 -1.25 -21.36
CA SER B 310 6.04 -2.65 -21.57
C SER B 310 7.25 -2.70 -22.53
N GLY B 311 8.15 -3.66 -22.31
CA GLY B 311 9.34 -3.88 -23.14
C GLY B 311 9.08 -4.58 -24.46
N LYS B 312 7.81 -5.03 -24.73
CA LYS B 312 7.41 -5.71 -25.97
C LYS B 312 7.90 -5.01 -27.27
N LYS B 313 8.33 -5.81 -28.26
CA LYS B 313 8.81 -5.27 -29.54
C LYS B 313 7.67 -4.59 -30.32
N ASP B 314 7.89 -3.34 -30.72
CA ASP B 314 6.95 -2.54 -31.53
C ASP B 314 5.55 -2.35 -30.90
N LEU B 315 5.47 -2.16 -29.56
CA LEU B 315 4.18 -1.92 -28.93
C LEU B 315 3.77 -0.47 -29.25
N TYR B 316 2.55 -0.29 -29.75
CA TYR B 316 2.03 1.03 -30.10
C TYR B 316 0.55 1.15 -29.66
N LEU B 317 0.04 2.37 -29.64
CA LEU B 317 -1.36 2.61 -29.31
C LEU B 317 -2.22 2.31 -30.54
N ALA B 318 -2.82 1.11 -30.57
CA ALA B 318 -3.66 0.66 -31.68
C ALA B 318 -5.04 1.33 -31.67
N SER B 319 -5.65 1.53 -30.49
CA SER B 319 -6.97 2.15 -30.41
C SER B 319 -7.18 2.91 -29.12
N VAL B 320 -8.02 3.95 -29.16
CA VAL B 320 -8.46 4.73 -28.01
C VAL B 320 -9.97 4.79 -28.13
N PHE B 321 -10.67 3.77 -27.60
CA PHE B 321 -12.13 3.76 -27.66
C PHE B 321 -12.71 4.68 -26.58
N HIS B 322 -13.56 5.60 -27.01
CA HIS B 322 -14.23 6.56 -26.16
C HIS B 322 -15.71 6.23 -26.35
N ALA B 323 -16.25 5.39 -25.46
CA ALA B 323 -17.61 4.88 -25.57
C ALA B 323 -18.48 5.43 -24.46
N THR B 324 -19.64 6.02 -24.83
CA THR B 324 -20.54 6.65 -23.89
C THR B 324 -21.99 6.29 -24.16
N ALA B 325 -22.77 6.10 -23.08
CA ALA B 325 -24.21 5.96 -23.11
C ALA B 325 -24.68 7.27 -22.45
N PHE B 326 -25.27 8.18 -23.24
CA PHE B 326 -25.78 9.47 -22.75
C PHE B 326 -27.29 9.35 -22.71
N GLU B 327 -27.89 9.46 -21.52
CA GLU B 327 -29.32 9.29 -21.38
C GLU B 327 -30.07 10.60 -21.22
N TRP B 328 -31.01 10.87 -22.15
CA TRP B 328 -31.92 12.00 -22.09
C TRP B 328 -33.17 11.43 -21.44
N ASP B 329 -33.48 11.89 -20.24
CA ASP B 329 -34.63 11.39 -19.50
C ASP B 329 -35.34 12.58 -18.83
N THR B 330 -36.53 12.34 -18.30
CA THR B 330 -37.32 13.41 -17.68
C THR B 330 -36.86 13.79 -16.29
N GLU B 331 -36.18 12.89 -15.58
CA GLU B 331 -35.87 13.07 -14.17
C GLU B 331 -34.94 14.24 -13.87
N GLY B 332 -35.23 14.87 -12.73
CA GLY B 332 -34.53 16.02 -12.23
C GLY B 332 -35.05 16.41 -10.86
N ASN B 333 -34.68 17.61 -10.41
CA ASN B 333 -35.12 18.09 -9.10
C ASN B 333 -36.55 18.59 -9.15
N PRO B 334 -37.39 18.40 -8.10
CA PRO B 334 -38.72 19.01 -8.12
C PRO B 334 -38.64 20.54 -7.96
N PHE B 335 -39.73 21.24 -8.23
CA PHE B 335 -39.76 22.70 -8.13
C PHE B 335 -41.14 23.22 -7.72
N ASP B 336 -41.18 24.44 -7.15
CA ASP B 336 -42.44 25.08 -6.75
C ASP B 336 -43.16 25.55 -8.01
N GLN B 337 -44.32 24.94 -8.32
CA GLN B 337 -45.10 25.30 -9.50
C GLN B 337 -45.74 26.69 -9.35
N ASP B 338 -46.11 27.07 -8.10
CA ASP B 338 -46.73 28.38 -7.81
C ASP B 338 -45.82 29.57 -8.16
N ILE B 339 -44.48 29.42 -8.04
CA ILE B 339 -43.54 30.50 -8.36
C ILE B 339 -43.65 30.96 -9.82
N TYR B 340 -43.62 30.03 -10.80
CA TYR B 340 -43.71 30.38 -12.22
C TYR B 340 -45.15 30.77 -12.58
N GLY B 341 -46.10 29.94 -12.15
CA GLY B 341 -47.52 30.20 -12.32
C GLY B 341 -48.03 30.41 -13.74
N ARG B 342 -48.11 31.71 -14.17
CA ARG B 342 -48.66 32.10 -15.47
C ARG B 342 -48.09 33.48 -15.96
N GLU B 343 -48.70 34.10 -17.02
CA GLU B 343 -48.36 35.40 -17.62
C GLU B 343 -47.23 35.26 -18.68
N GLU B 344 -45.92 35.27 -18.31
CA GLU B 344 -44.85 35.11 -19.30
C GLU B 344 -44.89 33.68 -19.86
N LEU B 345 -45.13 32.67 -18.98
CA LEU B 345 -45.24 31.26 -19.39
C LEU B 345 -46.46 30.97 -20.29
N ARG B 346 -47.37 31.95 -20.48
CA ARG B 346 -48.54 31.78 -21.35
C ARG B 346 -48.15 31.84 -22.84
N SER B 347 -47.10 32.61 -23.22
CA SER B 347 -46.64 32.69 -24.62
C SER B 347 -45.13 32.40 -24.69
N PRO B 348 -44.68 31.16 -24.42
CA PRO B 348 -43.24 30.88 -24.43
C PRO B 348 -42.61 30.80 -25.82
N LYS B 349 -41.28 30.93 -25.86
CA LYS B 349 -40.51 30.69 -27.07
C LYS B 349 -40.54 29.16 -27.27
N LEU B 350 -40.56 28.69 -28.53
CA LEU B 350 -40.66 27.26 -28.81
C LEU B 350 -39.30 26.75 -29.25
N PHE B 351 -38.71 25.81 -28.47
CA PHE B 351 -37.44 25.16 -28.80
C PHE B 351 -37.79 23.67 -29.01
N TYR B 352 -38.06 23.30 -30.27
CA TYR B 352 -38.52 21.96 -30.61
C TYR B 352 -37.39 21.17 -31.27
N ALA B 353 -36.66 20.34 -30.49
CA ALA B 353 -35.49 19.62 -30.99
C ALA B 353 -35.85 18.36 -31.79
N ASP B 354 -36.44 18.56 -32.98
CA ASP B 354 -36.84 17.47 -33.88
C ASP B 354 -35.89 17.31 -35.07
N HIS B 355 -34.68 17.86 -35.00
CA HIS B 355 -33.71 17.73 -36.07
C HIS B 355 -32.30 17.91 -35.49
N PRO B 356 -31.21 17.53 -36.21
CA PRO B 356 -29.88 17.55 -35.57
C PRO B 356 -29.48 18.85 -34.87
N PHE B 357 -28.86 18.69 -33.69
CA PHE B 357 -28.39 19.81 -32.86
C PHE B 357 -27.05 19.49 -32.23
N ILE B 358 -26.33 20.54 -31.79
CA ILE B 358 -25.06 20.43 -31.07
C ILE B 358 -25.37 20.69 -29.59
N PHE B 359 -24.66 20.03 -28.68
CA PHE B 359 -24.85 20.26 -27.25
C PHE B 359 -23.52 20.21 -26.50
N LEU B 360 -23.48 20.91 -25.36
CA LEU B 360 -22.33 21.02 -24.47
C LEU B 360 -22.83 20.91 -23.04
N VAL B 361 -22.02 20.35 -22.14
CA VAL B 361 -22.32 20.34 -20.71
C VAL B 361 -21.15 21.13 -20.11
N ARG B 362 -21.43 22.26 -19.44
CA ARG B 362 -20.42 23.17 -18.90
C ARG B 362 -20.52 23.27 -17.39
N ASP B 363 -19.38 23.26 -16.67
CA ASP B 363 -19.34 23.44 -15.22
C ASP B 363 -19.64 24.91 -14.95
N THR B 364 -20.58 25.21 -14.06
CA THR B 364 -20.98 26.59 -13.79
C THR B 364 -19.87 27.39 -13.08
N GLN B 365 -19.26 26.80 -12.03
CA GLN B 365 -18.24 27.49 -11.25
C GLN B 365 -16.96 27.80 -12.06
N SER B 366 -16.37 26.78 -12.70
CA SER B 366 -15.11 26.93 -13.46
C SER B 366 -15.28 27.28 -14.95
N GLY B 367 -16.45 27.01 -15.51
CA GLY B 367 -16.68 27.22 -16.95
C GLY B 367 -16.05 26.12 -17.80
N SER B 368 -15.48 25.06 -17.15
CA SER B 368 -14.84 23.96 -17.85
C SER B 368 -15.87 23.03 -18.48
N LEU B 369 -15.55 22.52 -19.66
CA LEU B 369 -16.41 21.68 -20.46
C LEU B 369 -16.39 20.23 -19.95
N LEU B 370 -17.56 19.66 -19.59
CA LEU B 370 -17.73 18.27 -19.14
C LEU B 370 -17.96 17.36 -20.36
N PHE B 371 -18.78 17.83 -21.34
CA PHE B 371 -19.10 17.09 -22.55
C PHE B 371 -19.33 18.04 -23.72
N ILE B 372 -19.10 17.51 -24.93
CA ILE B 372 -19.39 18.19 -26.19
C ILE B 372 -19.86 17.07 -27.14
N GLY B 373 -20.89 17.36 -27.92
CA GLY B 373 -21.41 16.38 -28.86
C GLY B 373 -22.48 16.92 -29.75
N ARG B 374 -23.08 16.03 -30.53
CA ARG B 374 -24.18 16.37 -31.41
C ARG B 374 -25.10 15.17 -31.55
N LEU B 375 -26.40 15.43 -31.66
CA LEU B 375 -27.37 14.38 -31.88
C LEU B 375 -27.84 14.51 -33.31
N VAL B 376 -27.48 13.53 -34.15
CA VAL B 376 -27.83 13.47 -35.56
C VAL B 376 -28.85 12.36 -35.78
N ARG B 377 -28.57 11.13 -35.27
CA ARG B 377 -29.42 9.96 -35.42
CA ARG B 377 -29.46 9.99 -35.42
C ARG B 377 -29.85 9.41 -34.05
N PRO B 378 -31.07 9.73 -33.53
CA PRO B 378 -31.47 9.12 -32.24
C PRO B 378 -31.68 7.59 -32.38
N LYS B 379 -31.74 6.88 -31.24
CA LYS B 379 -32.00 5.45 -31.24
C LYS B 379 -33.51 5.31 -31.53
N GLY B 380 -33.86 4.79 -32.71
CA GLY B 380 -35.25 4.69 -33.09
C GLY B 380 -35.53 4.08 -34.45
N ASP B 381 -36.83 3.96 -34.77
CA ASP B 381 -37.35 3.32 -35.99
C ASP B 381 -37.44 4.22 -37.25
N LYS B 382 -36.73 3.83 -38.34
CA LYS B 382 -36.75 4.52 -39.64
C LYS B 382 -38.13 4.50 -40.29
N MET B 383 -38.77 5.67 -40.46
CA MET B 383 -40.14 5.73 -41.02
C MET B 383 -40.16 5.59 -42.57
N ARG B 384 -40.94 4.62 -43.10
CA ARG B 384 -41.12 4.32 -44.53
C ARG B 384 -42.59 3.92 -44.75
N ASP B 385 -43.24 4.36 -45.86
CA ASP B 385 -44.65 4.00 -46.09
C ASP B 385 -44.80 2.54 -46.58
N GLU B 386 -45.66 1.74 -45.89
CA GLU B 386 -45.88 0.34 -46.23
C GLU B 386 -46.94 0.20 -47.32
N ALA C 4 8.36 -48.78 -7.99
CA ALA C 4 8.05 -47.63 -8.84
C ALA C 4 8.91 -46.40 -8.51
N LEU C 5 9.44 -46.29 -7.28
CA LEU C 5 10.24 -45.14 -6.88
C LEU C 5 11.59 -45.13 -7.62
N SER C 6 12.10 -43.93 -7.92
CA SER C 6 13.41 -43.76 -8.54
C SER C 6 14.53 -44.06 -7.50
N PRO C 7 15.79 -44.36 -7.90
CA PRO C 7 16.83 -44.64 -6.87
C PRO C 7 17.11 -43.46 -5.94
N LYS C 8 16.85 -42.20 -6.40
CA LYS C 8 17.03 -41.02 -5.53
C LYS C 8 15.93 -41.02 -4.46
N ALA C 9 14.67 -41.24 -4.86
CA ALA C 9 13.56 -41.30 -3.92
C ALA C 9 13.74 -42.49 -2.96
N ALA C 10 14.23 -43.65 -3.44
CA ALA C 10 14.45 -44.83 -2.60
C ALA C 10 15.49 -44.58 -1.50
N THR C 11 16.60 -43.90 -1.84
CA THR C 11 17.65 -43.61 -0.85
C THR C 11 17.15 -42.58 0.18
N LEU C 12 16.34 -41.61 -0.26
CA LEU C 12 15.76 -40.60 0.66
C LEU C 12 14.69 -41.21 1.55
N ALA C 13 13.95 -42.22 1.07
CA ALA C 13 12.95 -42.92 1.87
C ALA C 13 13.62 -43.63 3.03
N GLU C 14 14.81 -44.22 2.80
CA GLU C 14 15.58 -44.89 3.84
C GLU C 14 16.10 -43.88 4.87
N ARG C 15 16.55 -42.69 4.43
CA ARG C 15 17.08 -41.65 5.32
C ARG C 15 15.96 -40.94 6.10
N SER C 16 14.76 -40.76 5.49
CA SER C 16 13.58 -40.23 6.18
C SER C 16 13.20 -41.21 7.30
N ALA C 17 13.19 -42.54 6.99
CA ALA C 17 12.89 -43.57 7.98
C ALA C 17 13.90 -43.52 9.13
N GLY C 18 15.20 -43.39 8.81
CA GLY C 18 16.24 -43.27 9.83
C GLY C 18 16.06 -42.04 10.70
N LEU C 19 15.78 -40.89 10.07
CA LEU C 19 15.52 -39.64 10.78
C LEU C 19 14.28 -39.74 11.70
N ALA C 20 13.20 -40.35 11.21
CA ALA C 20 11.98 -40.51 12.02
C ALA C 20 12.22 -41.36 13.26
N PHE C 21 12.98 -42.47 13.12
CA PHE C 21 13.34 -43.29 14.30
C PHE C 21 14.14 -42.48 15.33
N SER C 22 15.13 -41.66 14.89
CA SER C 22 15.92 -40.82 15.80
C SER C 22 15.06 -39.78 16.49
N LEU C 23 14.17 -39.14 15.73
CA LEU C 23 13.28 -38.11 16.28
C LEU C 23 12.26 -38.69 17.26
N TYR C 24 11.70 -39.92 17.00
CA TYR C 24 10.79 -40.63 17.90
C TYR C 24 11.51 -40.86 19.25
N GLN C 25 12.77 -41.34 19.21
CA GLN C 25 13.54 -41.59 20.45
C GLN C 25 13.76 -40.30 21.23
N ALA C 26 14.10 -39.21 20.54
CA ALA C 26 14.31 -37.90 21.18
C ALA C 26 13.04 -37.39 21.88
N MET C 27 11.87 -37.61 21.27
CA MET C 27 10.61 -37.14 21.86
C MET C 27 10.13 -38.08 22.97
N ALA C 28 10.40 -39.39 22.84
CA ALA C 28 10.04 -40.36 23.87
C ALA C 28 10.77 -40.07 25.20
N LYS C 29 12.01 -39.51 25.14
CA LYS C 29 12.79 -39.13 26.33
C LYS C 29 12.13 -37.95 27.06
N ASP C 30 11.45 -37.06 26.34
CA ASP C 30 10.75 -35.90 26.93
C ASP C 30 9.57 -36.41 27.78
N GLN C 31 9.58 -36.09 29.09
CA GLN C 31 8.55 -36.53 30.04
C GLN C 31 7.18 -35.93 29.75
N ALA C 32 7.12 -34.71 29.20
CA ALA C 32 5.85 -34.04 28.89
C ALA C 32 5.13 -34.65 27.66
N VAL C 33 5.87 -35.36 26.78
CA VAL C 33 5.27 -35.96 25.58
C VAL C 33 4.48 -37.23 25.94
N GLU C 34 3.19 -37.32 25.52
CA GLU C 34 2.37 -38.51 25.74
C GLU C 34 2.27 -39.27 24.39
N ASN C 35 1.28 -38.96 23.51
CA ASN C 35 1.18 -39.64 22.23
C ASN C 35 2.22 -39.07 21.26
N ILE C 36 2.68 -39.91 20.32
CA ILE C 36 3.64 -39.51 19.29
C ILE C 36 3.04 -39.93 17.96
N LEU C 37 3.24 -39.09 16.94
CA LEU C 37 2.80 -39.37 15.59
C LEU C 37 3.70 -38.64 14.63
N LEU C 38 4.51 -39.38 13.88
CA LEU C 38 5.44 -38.78 12.94
C LEU C 38 5.30 -39.45 11.59
N SER C 39 5.30 -38.65 10.53
CA SER C 39 5.27 -39.13 9.16
C SER C 39 6.68 -38.83 8.67
N PRO C 40 7.54 -39.86 8.48
CA PRO C 40 8.93 -39.57 8.04
C PRO C 40 9.10 -38.60 6.87
N VAL C 41 8.33 -38.77 5.77
CA VAL C 41 8.48 -37.92 4.60
C VAL C 41 8.08 -36.47 4.89
N VAL C 42 7.06 -36.25 5.76
CA VAL C 42 6.64 -34.88 6.09
C VAL C 42 7.67 -34.20 6.97
N VAL C 43 8.36 -34.95 7.85
CA VAL C 43 9.42 -34.41 8.69
C VAL C 43 10.62 -34.05 7.76
N ALA C 44 10.98 -34.96 6.84
CA ALA C 44 12.05 -34.73 5.88
C ALA C 44 11.77 -33.49 5.02
N SER C 45 10.53 -33.33 4.54
CA SER C 45 10.14 -32.20 3.69
C SER C 45 10.23 -30.87 4.44
N SER C 46 10.14 -30.85 5.77
CA SER C 46 10.35 -29.63 6.53
C SER C 46 11.82 -29.21 6.45
N LEU C 47 12.75 -30.18 6.53
CA LEU C 47 14.17 -29.92 6.39
C LEU C 47 14.50 -29.54 4.94
N GLY C 48 13.82 -30.15 3.96
CA GLY C 48 13.97 -29.78 2.56
C GLY C 48 13.56 -28.34 2.31
N LEU C 49 12.52 -27.85 3.01
CA LEU C 49 12.08 -26.46 2.89
C LEU C 49 13.10 -25.48 3.52
N VAL C 50 13.78 -25.90 4.60
CA VAL C 50 14.82 -25.08 5.24
C VAL C 50 16.03 -25.02 4.29
N SER C 51 16.37 -26.13 3.62
CA SER C 51 17.44 -26.20 2.63
C SER C 51 17.12 -25.29 1.43
N LEU C 52 15.86 -25.28 0.98
CA LEU C 52 15.41 -24.49 -0.15
C LEU C 52 15.35 -22.98 0.16
N GLY C 53 14.95 -22.64 1.38
CA GLY C 53 14.86 -21.25 1.81
C GLY C 53 16.09 -20.70 2.50
N GLY C 54 17.09 -21.54 2.75
CA GLY C 54 18.31 -21.17 3.46
C GLY C 54 19.56 -21.10 2.63
N LYS C 55 20.65 -20.60 3.25
CA LYS C 55 21.98 -20.50 2.66
C LYS C 55 23.04 -20.85 3.73
N ALA C 56 24.29 -21.10 3.29
CA ALA C 56 25.43 -21.33 4.18
C ALA C 56 25.13 -22.52 5.20
N THR C 57 25.58 -22.53 6.51
CA THR C 57 25.30 -23.65 7.42
C THR C 57 23.82 -23.84 7.72
N THR C 58 22.95 -22.81 7.52
CA THR C 58 21.52 -22.98 7.75
C THR C 58 20.96 -24.04 6.79
N ALA C 59 21.29 -23.95 5.50
CA ALA C 59 20.86 -24.92 4.51
C ALA C 59 21.65 -26.22 4.56
N SER C 60 22.97 -26.17 4.76
CA SER C 60 23.79 -27.38 4.79
C SER C 60 23.51 -28.25 6.02
N GLN C 61 23.15 -27.65 7.18
CA GLN C 61 22.79 -28.45 8.36
C GLN C 61 21.49 -29.20 8.09
N ALA C 62 20.52 -28.59 7.40
CA ALA C 62 19.27 -29.24 7.03
C ALA C 62 19.51 -30.49 6.19
N LYS C 63 20.45 -30.42 5.23
CA LYS C 63 20.80 -31.57 4.43
C LYS C 63 21.54 -32.63 5.27
N ALA C 64 22.36 -32.22 6.25
CA ALA C 64 23.09 -33.13 7.14
C ALA C 64 22.16 -33.89 8.09
N VAL C 65 21.13 -33.22 8.68
CA VAL C 65 20.15 -33.88 9.57
C VAL C 65 19.43 -35.02 8.81
N LEU C 66 19.17 -34.80 7.53
CA LEU C 66 18.56 -35.77 6.63
C LEU C 66 19.60 -36.77 6.02
N SER C 67 20.90 -36.69 6.38
CA SER C 67 21.99 -37.50 5.83
C SER C 67 22.07 -37.42 4.29
N ALA C 68 21.80 -36.23 3.74
CA ALA C 68 21.75 -35.99 2.31
C ALA C 68 22.84 -35.03 1.86
N GLU C 69 23.96 -34.89 2.63
CA GLU C 69 25.03 -33.98 2.21
C GLU C 69 25.70 -34.44 0.90
N GLN C 70 25.71 -35.77 0.64
CA GLN C 70 26.28 -36.34 -0.58
C GLN C 70 25.26 -36.35 -1.75
N LEU C 71 24.09 -35.72 -1.62
CA LEU C 71 23.08 -35.62 -2.67
C LEU C 71 23.00 -34.17 -3.13
N ARG C 72 22.62 -33.95 -4.39
CA ARG C 72 22.46 -32.58 -4.89
C ARG C 72 21.18 -31.96 -4.33
N ASP C 73 21.11 -30.63 -4.27
CA ASP C 73 19.91 -29.94 -3.76
C ASP C 73 18.64 -30.36 -4.51
N GLU C 74 18.69 -30.42 -5.84
CA GLU C 74 17.54 -30.80 -6.63
C GLU C 74 17.21 -32.28 -6.51
N GLU C 75 18.18 -33.15 -6.20
CA GLU C 75 17.88 -34.56 -5.95
C GLU C 75 17.13 -34.71 -4.61
N VAL C 76 17.39 -33.86 -3.62
CA VAL C 76 16.67 -33.91 -2.33
C VAL C 76 15.23 -33.36 -2.52
N HIS C 77 15.07 -32.19 -3.17
CA HIS C 77 13.76 -31.58 -3.40
C HIS C 77 12.90 -32.42 -4.38
N ALA C 78 13.49 -32.92 -5.50
CA ALA C 78 12.74 -33.77 -6.43
C ALA C 78 12.49 -35.16 -5.83
N GLY C 79 13.42 -35.68 -5.03
CA GLY C 79 13.28 -36.98 -4.39
C GLY C 79 12.22 -36.99 -3.30
N LEU C 80 12.26 -36.00 -2.39
CA LEU C 80 11.23 -35.88 -1.35
C LEU C 80 9.89 -35.53 -2.00
N GLY C 81 9.89 -34.69 -3.05
CA GLY C 81 8.66 -34.38 -3.77
C GLY C 81 8.03 -35.61 -4.39
N GLU C 82 8.85 -36.54 -4.89
CA GLU C 82 8.39 -37.81 -5.45
C GLU C 82 7.78 -38.66 -4.34
N LEU C 83 8.44 -38.73 -3.16
CA LEU C 83 7.93 -39.50 -2.03
C LEU C 83 6.62 -38.92 -1.49
N LEU C 84 6.46 -37.59 -1.47
CA LEU C 84 5.22 -36.96 -1.01
C LEU C 84 4.06 -37.29 -1.96
N ARG C 85 4.32 -37.29 -3.28
CA ARG C 85 3.30 -37.62 -4.27
C ARG C 85 3.01 -39.14 -4.31
N SER C 86 3.99 -39.99 -3.95
CA SER C 86 3.77 -41.43 -3.89
C SER C 86 2.88 -41.83 -2.68
N LEU C 87 2.68 -40.91 -1.68
CA LEU C 87 1.80 -41.14 -0.54
C LEU C 87 0.35 -41.03 -1.05
N SER C 88 0.06 -40.01 -1.91
CA SER C 88 -1.25 -39.83 -2.52
C SER C 88 -1.42 -40.72 -3.82
N ASN C 89 -0.66 -41.84 -3.89
CA ASN C 89 -0.69 -42.83 -4.96
C ASN C 89 -0.28 -44.22 -4.38
N SER C 90 -0.73 -44.52 -3.13
CA SER C 90 -0.46 -45.77 -2.41
C SER C 90 -1.45 -46.09 -1.23
N THR C 91 -2.45 -45.21 -0.91
CA THR C 91 -3.41 -45.41 0.21
C THR C 91 -4.57 -44.37 0.19
N ALA C 92 -5.40 -44.38 -0.88
CA ALA C 92 -6.58 -43.50 -1.09
C ALA C 92 -6.33 -41.97 -0.94
N ARG C 93 -5.93 -41.32 -2.04
CA ARG C 93 -5.63 -39.89 -2.12
C ARG C 93 -6.77 -38.94 -1.76
N ASN C 94 -6.60 -38.20 -0.64
CA ASN C 94 -7.52 -37.18 -0.15
C ASN C 94 -8.86 -37.75 0.35
N VAL C 95 -8.87 -39.02 0.81
CA VAL C 95 -10.03 -39.67 1.42
C VAL C 95 -9.54 -40.23 2.78
N THR C 96 -8.50 -41.11 2.78
CA THR C 96 -7.88 -41.66 4.01
C THR C 96 -6.49 -41.04 4.31
N TRP C 97 -5.99 -40.11 3.45
CA TRP C 97 -4.72 -39.39 3.66
C TRP C 97 -4.84 -37.97 3.12
N LYS C 98 -4.76 -36.96 4.01
CA LYS C 98 -4.82 -35.54 3.65
C LYS C 98 -3.62 -34.85 4.26
N LEU C 99 -2.91 -34.03 3.48
CA LEU C 99 -1.73 -33.31 3.96
C LEU C 99 -1.74 -31.90 3.42
N GLY C 100 -1.41 -30.95 4.27
CA GLY C 100 -1.22 -29.55 3.90
C GLY C 100 0.00 -29.03 4.60
N SER C 101 0.76 -28.15 3.93
CA SER C 101 1.95 -27.54 4.48
C SER C 101 1.84 -26.04 4.24
N ARG C 102 2.01 -25.23 5.28
CA ARG C 102 1.85 -23.80 5.17
C ARG C 102 2.92 -23.08 5.96
N LEU C 103 3.59 -22.10 5.34
CA LEU C 103 4.60 -21.28 5.99
C LEU C 103 3.96 -19.94 6.32
N TYR C 104 3.94 -19.57 7.61
CA TYR C 104 3.39 -18.33 8.10
C TYR C 104 4.53 -17.41 8.48
N GLY C 105 4.65 -16.29 7.79
CA GLY C 105 5.65 -15.28 8.10
C GLY C 105 5.00 -14.06 8.71
N PRO C 106 5.69 -13.24 9.54
CA PRO C 106 5.04 -12.03 10.08
C PRO C 106 4.53 -11.08 8.97
N SER C 107 3.58 -10.20 9.32
CA SER C 107 3.00 -9.25 8.37
C SER C 107 4.08 -8.35 7.71
N SER C 108 5.15 -8.04 8.47
CA SER C 108 6.28 -7.24 7.97
C SER C 108 7.29 -8.08 7.16
N VAL C 109 6.85 -9.19 6.51
CA VAL C 109 7.71 -10.09 5.73
C VAL C 109 7.02 -10.44 4.42
N SER C 110 7.76 -10.43 3.31
CA SER C 110 7.26 -10.80 1.99
C SER C 110 8.13 -11.94 1.48
N PHE C 111 7.52 -13.10 1.17
CA PHE C 111 8.27 -14.27 0.69
C PHE C 111 8.78 -14.02 -0.71
N ALA C 112 10.01 -14.45 -1.00
CA ALA C 112 10.62 -14.29 -2.32
C ALA C 112 9.85 -15.11 -3.34
N GLU C 113 9.58 -14.54 -4.53
CA GLU C 113 8.86 -15.21 -5.60
C GLU C 113 9.53 -16.51 -6.02
N ASP C 114 10.86 -16.54 -6.02
CA ASP C 114 11.62 -17.73 -6.38
C ASP C 114 11.38 -18.86 -5.37
N PHE C 115 11.35 -18.54 -4.07
CA PHE C 115 11.11 -19.52 -3.02
C PHE C 115 9.66 -20.02 -3.09
N VAL C 116 8.69 -19.11 -3.31
CA VAL C 116 7.27 -19.47 -3.40
C VAL C 116 7.05 -20.46 -4.55
N ARG C 117 7.64 -20.19 -5.71
CA ARG C 117 7.48 -21.05 -6.88
C ARG C 117 8.07 -22.45 -6.64
N SER C 118 9.33 -22.56 -6.15
CA SER C 118 9.96 -23.86 -5.92
C SER C 118 9.40 -24.63 -4.72
N SER C 119 8.98 -23.95 -3.64
CA SER C 119 8.39 -24.64 -2.48
C SER C 119 7.01 -25.19 -2.83
N LYS C 120 6.25 -24.49 -3.70
CA LYS C 120 4.95 -24.95 -4.18
C LYS C 120 5.16 -26.12 -5.16
N GLN C 121 6.20 -26.04 -6.02
CA GLN C 121 6.50 -27.07 -7.00
C GLN C 121 6.94 -28.39 -6.36
N HIS C 122 7.91 -28.38 -5.44
CA HIS C 122 8.42 -29.60 -4.85
C HIS C 122 7.62 -30.11 -3.66
N TYR C 123 7.19 -29.21 -2.76
CA TYR C 123 6.54 -29.60 -1.50
C TYR C 123 5.07 -29.21 -1.40
N ASN C 124 4.45 -28.66 -2.47
CA ASN C 124 3.07 -28.18 -2.43
C ASN C 124 2.85 -27.19 -1.24
N CYS C 125 3.89 -26.42 -0.92
CA CYS C 125 3.89 -25.51 0.20
C CYS C 125 3.04 -24.29 -0.08
N GLU C 126 2.25 -23.88 0.92
CA GLU C 126 1.40 -22.70 0.88
C GLU C 126 2.09 -21.63 1.71
N HIS C 127 1.76 -20.37 1.47
CA HIS C 127 2.41 -19.24 2.16
C HIS C 127 1.37 -18.26 2.61
N SER C 128 1.53 -17.73 3.82
CA SER C 128 0.58 -16.78 4.37
C SER C 128 1.26 -15.80 5.32
N LYS C 129 0.82 -14.54 5.30
CA LYS C 129 1.32 -13.51 6.21
C LYS C 129 0.40 -13.56 7.42
N ILE C 130 0.97 -13.42 8.63
CA ILE C 130 0.19 -13.52 9.87
C ILE C 130 0.62 -12.42 10.85
N ASN C 131 -0.34 -11.85 11.58
CA ASN C 131 -0.08 -10.79 12.55
C ASN C 131 -0.15 -11.40 13.94
N PHE C 132 1.00 -11.69 14.57
CA PHE C 132 1.00 -12.27 15.92
C PHE C 132 0.67 -11.25 17.01
N ARG C 133 0.60 -9.93 16.69
CA ARG C 133 0.18 -8.90 17.66
C ARG C 133 -1.26 -9.22 18.11
N ASP C 134 -2.11 -9.65 17.15
CA ASP C 134 -3.47 -10.13 17.40
C ASP C 134 -3.33 -11.66 17.57
N LYS C 135 -3.12 -12.13 18.81
CA LYS C 135 -2.90 -13.56 19.07
C LYS C 135 -4.14 -14.44 18.84
N ARG C 136 -5.33 -13.93 19.20
CA ARG C 136 -6.60 -14.65 19.03
C ARG C 136 -6.87 -14.94 17.55
N SER C 137 -6.54 -13.98 16.67
CA SER C 137 -6.73 -14.10 15.21
C SER C 137 -5.62 -14.90 14.54
N ALA C 138 -4.39 -14.86 15.08
CA ALA C 138 -3.30 -15.62 14.51
C ALA C 138 -3.57 -17.12 14.73
N LEU C 139 -4.02 -17.50 15.94
CA LEU C 139 -4.35 -18.88 16.25
C LEU C 139 -5.57 -19.35 15.46
N GLN C 140 -6.58 -18.49 15.29
CA GLN C 140 -7.77 -18.82 14.54
C GLN C 140 -7.43 -19.11 13.08
N SER C 141 -6.51 -18.35 12.48
CA SER C 141 -6.09 -18.58 11.10
C SER C 141 -5.35 -19.91 10.93
N ILE C 142 -4.46 -20.25 11.87
CA ILE C 142 -3.69 -21.50 11.80
C ILE C 142 -4.66 -22.67 11.98
N ASN C 143 -5.51 -22.61 13.00
CA ASN C 143 -6.46 -23.68 13.30
C ASN C 143 -7.51 -23.88 12.21
N GLU C 144 -8.06 -22.80 11.64
CA GLU C 144 -9.05 -22.92 10.55
C GLU C 144 -8.42 -23.49 9.29
N TRP C 145 -7.15 -23.15 9.00
CA TRP C 145 -6.45 -23.70 7.85
C TRP C 145 -6.24 -25.22 8.04
N ALA C 146 -5.83 -25.64 9.24
CA ALA C 146 -5.63 -27.07 9.52
C ALA C 146 -6.96 -27.81 9.47
N ALA C 147 -8.04 -27.20 9.99
CA ALA C 147 -9.37 -27.80 9.98
C ALA C 147 -9.85 -27.98 8.55
N GLN C 148 -9.69 -26.98 7.65
CA GLN C 148 -10.12 -27.15 6.26
C GLN C 148 -9.24 -28.17 5.52
N THR C 149 -7.94 -28.22 5.83
CA THR C 149 -7.02 -29.19 5.21
C THR C 149 -7.46 -30.62 5.51
N THR C 150 -7.93 -30.88 6.74
CA THR C 150 -8.36 -32.19 7.21
C THR C 150 -9.89 -32.36 7.28
N ASP C 151 -10.67 -31.39 6.74
CA ASP C 151 -12.15 -31.36 6.76
C ASP C 151 -12.74 -31.59 8.15
N GLY C 152 -12.20 -30.90 9.14
CA GLY C 152 -12.67 -30.95 10.52
C GLY C 152 -12.07 -32.03 11.40
N LYS C 153 -11.31 -32.97 10.84
CA LYS C 153 -10.73 -34.06 11.64
C LYS C 153 -9.67 -33.58 12.62
N LEU C 154 -8.96 -32.51 12.27
CA LEU C 154 -7.96 -31.88 13.13
C LEU C 154 -8.45 -30.43 13.30
N PRO C 155 -9.40 -30.16 14.23
CA PRO C 155 -9.95 -28.80 14.34
C PRO C 155 -9.04 -27.76 15.00
N GLU C 156 -7.91 -28.19 15.59
CA GLU C 156 -7.02 -27.29 16.30
C GLU C 156 -5.57 -27.82 16.27
N VAL C 157 -4.63 -26.98 15.87
CA VAL C 157 -3.21 -27.32 15.85
C VAL C 157 -2.66 -26.98 17.24
N THR C 158 -2.81 -25.72 17.68
CA THR C 158 -2.26 -25.29 18.97
C THR C 158 -3.15 -24.25 19.64
N LYS C 159 -3.03 -24.18 20.97
CA LYS C 159 -3.75 -23.21 21.79
C LYS C 159 -2.88 -21.95 22.07
N ASP C 160 -1.57 -21.96 21.75
CA ASP C 160 -0.69 -20.82 21.99
C ASP C 160 0.56 -20.89 21.10
N VAL C 161 1.01 -19.74 20.57
CA VAL C 161 2.23 -19.61 19.77
C VAL C 161 3.31 -18.95 20.66
N GLU C 162 4.30 -19.74 21.12
CA GLU C 162 5.35 -19.24 22.02
C GLU C 162 6.28 -18.21 21.36
N ARG C 163 6.86 -18.54 20.18
CA ARG C 163 7.79 -17.67 19.46
C ARG C 163 7.08 -17.00 18.28
N THR C 164 6.82 -15.68 18.43
CA THR C 164 6.07 -14.86 17.47
C THR C 164 6.92 -13.92 16.59
N ASP C 165 8.26 -14.10 16.55
CA ASP C 165 9.13 -13.21 15.74
C ASP C 165 9.87 -13.93 14.60
N GLY C 166 9.36 -15.08 14.18
CA GLY C 166 9.97 -15.87 13.12
C GLY C 166 8.94 -16.61 12.29
N ALA C 167 9.42 -17.37 11.31
CA ALA C 167 8.58 -18.13 10.40
C ALA C 167 8.01 -19.36 11.14
N LEU C 168 6.76 -19.68 10.84
CA LEU C 168 6.03 -20.81 11.44
C LEU C 168 5.72 -21.78 10.32
N LEU C 169 6.25 -23.00 10.37
CA LEU C 169 5.93 -24.02 9.38
C LEU C 169 4.88 -24.93 10.02
N VAL C 170 3.71 -25.11 9.38
CA VAL C 170 2.63 -25.93 9.91
C VAL C 170 2.33 -27.02 8.91
N ASN C 171 2.31 -28.27 9.38
CA ASN C 171 1.93 -29.45 8.59
C ASN C 171 0.71 -30.02 9.28
N ALA C 172 -0.41 -30.09 8.56
CA ALA C 172 -1.67 -30.60 9.08
C ALA C 172 -1.98 -31.87 8.30
N MET C 173 -2.25 -32.97 9.01
CA MET C 173 -2.50 -34.26 8.38
C MET C 173 -3.69 -35.00 8.97
N PHE C 174 -4.32 -35.83 8.14
CA PHE C 174 -5.33 -36.77 8.53
C PHE C 174 -4.94 -38.11 7.90
N PHE C 175 -4.82 -39.16 8.71
CA PHE C 175 -4.53 -40.49 8.21
C PHE C 175 -5.46 -41.49 8.88
N LYS C 176 -6.09 -42.36 8.07
CA LYS C 176 -7.03 -43.36 8.52
C LYS C 176 -6.64 -44.70 7.90
N PRO C 177 -5.95 -45.63 8.60
CA PRO C 177 -5.63 -46.91 7.97
C PRO C 177 -6.88 -47.70 7.53
N HIS C 178 -6.93 -48.11 6.26
CA HIS C 178 -8.04 -48.87 5.68
C HIS C 178 -7.56 -50.31 5.67
N TRP C 179 -8.13 -51.16 6.52
CA TRP C 179 -7.67 -52.54 6.68
C TRP C 179 -7.88 -53.39 5.44
N ASP C 180 -6.96 -54.34 5.18
CA ASP C 180 -7.13 -55.27 4.07
C ASP C 180 -8.35 -56.19 4.35
N GLU C 181 -8.66 -56.47 5.63
CA GLU C 181 -9.84 -57.21 6.03
C GLU C 181 -10.51 -56.37 7.09
N LYS C 182 -11.66 -55.80 6.75
CA LYS C 182 -12.41 -54.90 7.63
C LYS C 182 -12.85 -55.53 8.94
N PHE C 183 -13.09 -54.69 9.95
CA PHE C 183 -13.75 -55.08 11.18
C PHE C 183 -15.24 -54.87 10.87
N HIS C 184 -16.11 -55.65 11.51
CA HIS C 184 -17.56 -55.50 11.34
C HIS C 184 -17.93 -54.19 12.09
N HIS C 185 -18.72 -53.30 11.45
CA HIS C 185 -19.08 -51.99 12.00
C HIS C 185 -19.83 -52.07 13.33
N LYS C 186 -20.49 -53.19 13.65
CA LYS C 186 -21.21 -53.34 14.92
C LYS C 186 -20.34 -54.02 16.00
N MET C 187 -19.10 -54.44 15.69
CA MET C 187 -18.22 -55.10 16.66
C MET C 187 -17.40 -54.09 17.43
N VAL C 188 -18.12 -53.16 18.09
CA VAL C 188 -17.58 -52.08 18.90
C VAL C 188 -18.31 -52.03 20.23
N ASP C 189 -17.59 -51.71 21.30
CA ASP C 189 -18.19 -51.56 22.62
C ASP C 189 -17.29 -50.68 23.52
N ASN C 190 -17.78 -50.30 24.71
CA ASN C 190 -17.02 -49.48 25.63
C ASN C 190 -16.13 -50.37 26.48
N ARG C 191 -14.86 -49.99 26.58
CA ARG C 191 -13.85 -50.70 27.38
C ARG C 191 -12.96 -49.68 28.09
N GLY C 192 -12.21 -50.14 29.09
CA GLY C 192 -11.27 -49.30 29.80
C GLY C 192 -9.91 -49.42 29.16
N PHE C 193 -9.18 -48.31 29.07
CA PHE C 193 -7.82 -48.29 28.56
C PHE C 193 -6.94 -47.88 29.72
N MET C 194 -5.95 -48.70 30.06
CA MET C 194 -5.04 -48.42 31.16
C MET C 194 -3.85 -47.57 30.71
N VAL C 195 -3.92 -46.26 30.97
CA VAL C 195 -2.84 -45.33 30.62
C VAL C 195 -1.63 -45.70 31.50
N THR C 196 -1.86 -45.82 32.81
CA THR C 196 -0.88 -46.29 33.77
C THR C 196 -1.60 -47.42 34.57
N ARG C 197 -0.86 -48.10 35.46
CA ARG C 197 -1.41 -49.18 36.30
C ARG C 197 -2.48 -48.63 37.28
N SER C 198 -2.54 -47.30 37.53
CA SER C 198 -3.52 -46.68 38.43
C SER C 198 -4.44 -45.65 37.74
N TYR C 199 -4.37 -45.50 36.39
CA TYR C 199 -5.22 -44.54 35.69
C TYR C 199 -5.86 -45.17 34.45
N THR C 200 -7.20 -45.21 34.42
CA THR C 200 -7.96 -45.83 33.35
C THR C 200 -8.89 -44.82 32.72
N VAL C 201 -9.00 -44.85 31.39
CA VAL C 201 -9.90 -43.97 30.66
C VAL C 201 -10.91 -44.82 29.91
N GLY C 202 -12.15 -44.35 29.83
CA GLY C 202 -13.18 -45.06 29.10
C GLY C 202 -13.00 -44.83 27.62
N VAL C 203 -12.76 -45.88 26.81
CA VAL C 203 -12.62 -45.79 25.33
C VAL C 203 -13.67 -46.73 24.65
N THR C 204 -13.77 -46.68 23.31
CA THR C 204 -14.54 -47.59 22.49
C THR C 204 -13.48 -48.50 21.89
N MET C 205 -13.72 -49.82 21.87
CA MET C 205 -12.80 -50.76 21.21
C MET C 205 -13.52 -51.47 20.08
N MET C 206 -12.77 -51.87 19.06
CA MET C 206 -13.27 -52.61 17.90
C MET C 206 -12.58 -53.97 17.91
N HIS C 207 -13.31 -55.02 17.57
CA HIS C 207 -12.82 -56.39 17.71
C HIS C 207 -13.00 -57.20 16.47
N ARG C 208 -11.99 -58.03 16.13
CA ARG C 208 -12.10 -58.97 15.02
C ARG C 208 -11.11 -60.12 15.18
N THR C 209 -11.43 -61.28 14.58
CA THR C 209 -10.54 -62.43 14.56
C THR C 209 -10.20 -62.72 13.11
N GLY C 210 -8.92 -62.91 12.83
CA GLY C 210 -8.44 -63.27 11.49
C GLY C 210 -7.05 -63.85 11.54
N LEU C 211 -6.48 -64.13 10.37
CA LEU C 211 -5.12 -64.65 10.28
C LEU C 211 -4.19 -63.47 10.11
N TYR C 212 -3.27 -63.28 11.07
CA TYR C 212 -2.29 -62.20 11.05
C TYR C 212 -0.90 -62.76 11.34
N ASN C 213 0.15 -62.09 10.82
CA ASN C 213 1.52 -62.39 11.18
C ASN C 213 1.68 -61.94 12.63
N TYR C 214 2.20 -62.83 13.49
CA TYR C 214 2.24 -62.62 14.91
C TYR C 214 3.48 -63.24 15.54
N TYR C 215 3.97 -62.60 16.61
CA TYR C 215 5.07 -63.13 17.39
C TYR C 215 4.89 -62.71 18.84
N ASP C 216 5.05 -63.65 19.76
CA ASP C 216 4.99 -63.35 21.19
C ASP C 216 6.43 -63.55 21.71
N ASP C 217 7.11 -62.45 22.04
CA ASP C 217 8.48 -62.50 22.52
C ASP C 217 8.46 -62.78 24.02
N GLU C 218 8.74 -64.03 24.41
CA GLU C 218 8.75 -64.42 25.83
C GLU C 218 9.93 -63.81 26.57
N LYS C 219 11.10 -63.65 25.91
CA LYS C 219 12.29 -63.06 26.53
C LYS C 219 12.08 -61.57 26.82
N GLU C 220 11.72 -60.77 25.80
CA GLU C 220 11.53 -59.33 25.97
C GLU C 220 10.11 -58.93 26.43
N LYS C 221 9.20 -59.89 26.69
CA LYS C 221 7.86 -59.63 27.21
C LYS C 221 7.01 -58.65 26.37
N LEU C 222 6.70 -59.00 25.12
CA LEU C 222 5.82 -58.19 24.28
C LEU C 222 5.18 -59.04 23.18
N GLN C 223 4.08 -58.54 22.62
CA GLN C 223 3.42 -59.16 21.47
C GLN C 223 3.58 -58.22 20.27
N ILE C 224 3.72 -58.79 19.06
CA ILE C 224 3.87 -58.04 17.81
C ILE C 224 2.88 -58.63 16.86
N VAL C 225 2.15 -57.80 16.15
CA VAL C 225 1.16 -58.24 15.18
C VAL C 225 1.29 -57.34 13.97
N GLU C 226 1.08 -57.90 12.78
CA GLU C 226 1.11 -57.13 11.55
C GLU C 226 -0.28 -57.16 10.94
N MET C 227 -0.92 -55.97 10.79
CA MET C 227 -2.25 -55.84 10.21
C MET C 227 -2.10 -55.24 8.82
N PRO C 228 -2.19 -56.05 7.74
CA PRO C 228 -2.10 -55.46 6.40
C PRO C 228 -3.19 -54.42 6.12
N LEU C 229 -2.82 -53.38 5.39
CA LEU C 229 -3.75 -52.34 4.94
C LEU C 229 -4.17 -52.66 3.50
N ALA C 230 -5.15 -51.92 2.97
CA ALA C 230 -5.78 -52.13 1.65
C ALA C 230 -4.84 -52.66 0.56
N HIS C 231 -5.20 -53.82 -0.02
CA HIS C 231 -4.48 -54.48 -1.11
C HIS C 231 -3.05 -54.89 -0.74
N LYS C 232 -2.76 -55.03 0.57
CA LYS C 232 -1.45 -55.42 1.09
C LYS C 232 -0.30 -54.53 0.58
N LEU C 233 -0.60 -53.26 0.23
CA LEU C 233 0.43 -52.32 -0.23
C LEU C 233 1.23 -51.73 0.96
N SER C 234 0.66 -51.78 2.17
CA SER C 234 1.32 -51.36 3.40
C SER C 234 0.75 -52.20 4.56
N SER C 235 1.34 -52.10 5.75
CA SER C 235 0.84 -52.81 6.91
C SER C 235 1.11 -52.01 8.17
N LEU C 236 0.24 -52.18 9.16
CA LEU C 236 0.38 -51.52 10.44
C LEU C 236 0.88 -52.56 11.45
N ILE C 237 2.03 -52.32 12.05
CA ILE C 237 2.64 -53.23 13.01
C ILE C 237 2.49 -52.63 14.41
N ILE C 238 1.99 -53.41 15.39
CA ILE C 238 1.79 -52.95 16.77
C ILE C 238 2.73 -53.77 17.67
N LEU C 239 3.45 -53.11 18.56
CA LEU C 239 4.36 -53.71 19.52
C LEU C 239 3.83 -53.29 20.87
N MET C 240 3.33 -54.25 21.66
CA MET C 240 2.73 -53.93 22.94
C MET C 240 3.35 -54.78 24.06
N PRO C 241 3.86 -54.18 25.16
CA PRO C 241 4.42 -55.02 26.23
C PRO C 241 3.38 -55.90 26.90
N HIS C 242 3.83 -57.02 27.50
CA HIS C 242 2.94 -57.94 28.21
C HIS C 242 2.26 -57.25 29.37
N HIS C 243 3.02 -56.44 30.12
CA HIS C 243 2.51 -55.73 31.29
C HIS C 243 2.14 -54.29 30.98
N VAL C 244 1.26 -53.71 31.82
CA VAL C 244 0.89 -52.30 31.73
C VAL C 244 2.11 -51.59 32.35
N GLU C 245 2.92 -50.94 31.51
CA GLU C 245 4.16 -50.33 31.99
C GLU C 245 4.57 -49.16 31.10
N PRO C 246 5.47 -48.24 31.56
CA PRO C 246 5.94 -47.18 30.64
C PRO C 246 6.66 -47.79 29.45
N LEU C 247 6.52 -47.16 28.28
CA LEU C 247 7.11 -47.70 27.05
C LEU C 247 8.63 -47.54 26.95
N GLU C 248 9.27 -46.83 27.90
CA GLU C 248 10.73 -46.63 27.93
C GLU C 248 11.53 -47.91 27.70
N ARG C 249 11.21 -49.00 28.42
CA ARG C 249 11.91 -50.27 28.30
C ARG C 249 11.85 -50.81 26.86
N LEU C 250 10.64 -50.88 26.28
CA LEU C 250 10.48 -51.39 24.92
C LEU C 250 11.07 -50.44 23.86
N GLU C 251 11.08 -49.13 24.14
CA GLU C 251 11.65 -48.14 23.21
C GLU C 251 13.18 -48.28 23.10
N LYS C 252 13.86 -48.80 24.15
CA LYS C 252 15.29 -49.08 24.07
C LYS C 252 15.58 -50.20 23.05
N LEU C 253 14.66 -51.18 22.93
CA LEU C 253 14.77 -52.28 21.98
C LEU C 253 14.36 -51.87 20.56
N LEU C 254 13.63 -50.76 20.39
CA LEU C 254 13.13 -50.30 19.10
C LEU C 254 14.24 -49.74 18.20
N THR C 255 14.92 -50.66 17.48
CA THR C 255 15.98 -50.32 16.51
C THR C 255 15.61 -50.95 15.13
N LYS C 256 16.26 -50.51 14.05
CA LYS C 256 16.04 -51.06 12.71
C LYS C 256 16.42 -52.57 12.69
N GLU C 257 17.48 -52.94 13.42
CA GLU C 257 17.97 -54.31 13.47
C GLU C 257 17.03 -55.22 14.26
N GLN C 258 16.57 -54.78 15.44
CA GLN C 258 15.65 -55.58 16.27
C GLN C 258 14.29 -55.74 15.59
N LEU C 259 13.83 -54.69 14.88
CA LEU C 259 12.57 -54.76 14.16
C LEU C 259 12.64 -55.81 13.05
N LYS C 260 13.79 -55.92 12.37
CA LYS C 260 14.00 -56.92 11.33
C LYS C 260 14.01 -58.34 11.93
N ILE C 261 14.60 -58.51 13.14
CA ILE C 261 14.62 -59.80 13.84
C ILE C 261 13.18 -60.20 14.22
N TRP C 262 12.43 -59.27 14.86
CA TRP C 262 11.05 -59.50 15.25
C TRP C 262 10.16 -59.84 14.06
N MET C 263 10.31 -59.12 12.94
CA MET C 263 9.50 -59.39 11.75
C MET C 263 9.84 -60.74 11.11
N GLY C 264 11.09 -61.17 11.22
CA GLY C 264 11.48 -62.48 10.72
C GLY C 264 10.91 -63.64 11.53
N LYS C 265 10.65 -63.43 12.84
CA LYS C 265 10.07 -64.46 13.71
C LYS C 265 8.52 -64.54 13.65
N MET C 266 7.86 -63.61 12.93
CA MET C 266 6.41 -63.63 12.85
C MET C 266 5.90 -64.77 12.01
N GLN C 267 4.79 -65.38 12.46
CA GLN C 267 4.13 -66.48 11.76
C GLN C 267 2.65 -66.14 11.62
N LYS C 268 2.04 -66.53 10.52
CA LYS C 268 0.63 -66.27 10.27
C LYS C 268 -0.21 -67.18 11.16
N LYS C 269 -0.90 -66.61 12.16
CA LYS C 269 -1.72 -67.34 13.13
C LYS C 269 -3.10 -66.68 13.27
N ALA C 270 -4.07 -67.40 13.85
CA ALA C 270 -5.38 -66.83 14.13
C ALA C 270 -5.20 -65.92 15.35
N VAL C 271 -5.57 -64.63 15.23
CA VAL C 271 -5.43 -63.66 16.32
C VAL C 271 -6.74 -62.89 16.47
N ALA C 272 -7.22 -62.75 17.72
CA ALA C 272 -8.38 -61.95 18.08
C ALA C 272 -7.80 -60.61 18.51
N ILE C 273 -7.92 -59.59 17.63
CA ILE C 273 -7.39 -58.25 17.86
C ILE C 273 -8.48 -57.32 18.37
N SER C 274 -8.19 -56.55 19.43
CA SER C 274 -9.09 -55.53 19.95
C SER C 274 -8.25 -54.25 19.98
N LEU C 275 -8.74 -53.17 19.34
CA LEU C 275 -8.05 -51.90 19.30
C LEU C 275 -8.94 -50.75 19.74
N PRO C 276 -8.42 -49.66 20.33
CA PRO C 276 -9.29 -48.49 20.58
C PRO C 276 -9.73 -47.89 19.24
N LYS C 277 -11.00 -47.53 19.14
CA LYS C 277 -11.62 -46.97 17.97
C LYS C 277 -11.79 -45.49 18.28
N GLY C 278 -11.31 -44.66 17.39
CA GLY C 278 -11.38 -43.23 17.55
C GLY C 278 -10.26 -42.46 16.87
N VAL C 279 -10.37 -41.15 16.90
CA VAL C 279 -9.39 -40.23 16.34
C VAL C 279 -8.42 -39.83 17.45
N VAL C 280 -7.12 -39.89 17.15
CA VAL C 280 -6.06 -39.46 18.05
C VAL C 280 -5.51 -38.20 17.40
N GLU C 281 -5.54 -37.07 18.09
CA GLU C 281 -5.05 -35.81 17.59
C GLU C 281 -3.75 -35.48 18.32
N VAL C 282 -2.64 -35.37 17.59
CA VAL C 282 -1.34 -35.07 18.21
C VAL C 282 -0.70 -33.92 17.48
N THR C 283 -0.26 -32.90 18.23
CA THR C 283 0.50 -31.80 17.70
C THR C 283 1.88 -31.82 18.36
N HIS C 284 2.92 -31.78 17.55
CA HIS C 284 4.28 -31.70 18.03
C HIS C 284 4.90 -30.43 17.47
N ASP C 285 5.63 -29.66 18.28
CA ASP C 285 6.42 -28.55 17.75
C ASP C 285 7.82 -29.19 17.68
N LEU C 286 8.25 -29.59 16.48
CA LEU C 286 9.53 -30.28 16.26
C LEU C 286 10.75 -29.38 16.30
N GLN C 287 10.58 -28.05 16.41
CA GLN C 287 11.68 -27.08 16.40
C GLN C 287 12.81 -27.47 17.40
N LYS C 288 12.46 -27.58 18.68
CA LYS C 288 13.46 -27.91 19.70
C LYS C 288 14.14 -29.29 19.50
N HIS C 289 13.39 -30.27 18.98
CA HIS C 289 13.91 -31.62 18.76
C HIS C 289 14.81 -31.73 17.53
N LEU C 290 14.50 -30.98 16.46
CA LEU C 290 15.31 -30.94 15.24
C LEU C 290 16.66 -30.24 15.51
N ALA C 291 16.71 -29.29 16.46
CA ALA C 291 17.95 -28.63 16.88
C ALA C 291 18.89 -29.68 17.53
N GLY C 292 18.35 -30.52 18.41
CA GLY C 292 19.09 -31.60 19.06
C GLY C 292 19.67 -32.61 18.10
N LEU C 293 19.13 -32.71 16.87
CA LEU C 293 19.65 -33.59 15.83
C LEU C 293 20.62 -32.90 14.85
N GLY C 294 20.87 -31.58 14.96
CA GLY C 294 21.77 -30.90 14.05
C GLY C 294 21.29 -29.62 13.38
N LEU C 295 19.99 -29.27 13.48
CA LEU C 295 19.47 -28.05 12.86
C LEU C 295 19.53 -26.94 13.90
N THR C 296 20.75 -26.49 14.21
CA THR C 296 21.00 -25.48 15.24
C THR C 296 20.96 -24.05 14.74
N GLU C 297 21.39 -23.79 13.49
CA GLU C 297 21.44 -22.44 12.93
C GLU C 297 20.04 -21.90 12.58
N ALA C 298 19.23 -22.66 11.82
CA ALA C 298 17.90 -22.26 11.37
C ALA C 298 16.96 -21.80 12.49
N ILE C 299 17.06 -22.42 13.66
CA ILE C 299 16.17 -22.14 14.79
C ILE C 299 16.66 -21.00 15.71
N ASP C 300 17.79 -20.36 15.40
CA ASP C 300 18.34 -19.27 16.22
C ASP C 300 18.23 -17.94 15.51
N LYS C 301 17.76 -16.91 16.23
CA LYS C 301 17.67 -15.56 15.68
C LYS C 301 19.09 -14.99 15.37
N ASN C 302 20.14 -15.45 16.09
CA ASN C 302 21.52 -15.01 15.91
C ASN C 302 22.31 -15.72 14.85
N LYS C 303 21.81 -16.84 14.30
CA LYS C 303 22.56 -17.59 13.29
C LYS C 303 21.78 -17.90 12.03
N ALA C 304 20.43 -17.84 12.04
CA ALA C 304 19.69 -18.26 10.85
C ALA C 304 19.91 -17.40 9.62
N ASP C 305 20.04 -18.06 8.46
CA ASP C 305 20.17 -17.41 7.17
C ASP C 305 19.08 -17.98 6.28
N LEU C 306 17.86 -17.43 6.38
CA LEU C 306 16.72 -17.80 5.55
C LEU C 306 16.48 -16.68 4.54
N SER C 307 17.57 -16.21 3.89
CA SER C 307 17.50 -15.11 2.92
C SER C 307 16.91 -15.52 1.57
N ARG C 308 16.91 -16.83 1.21
CA ARG C 308 16.22 -17.28 0.00
C ARG C 308 14.70 -17.32 0.25
N MET C 309 14.27 -17.57 1.50
CA MET C 309 12.86 -17.61 1.88
C MET C 309 12.33 -16.16 1.88
N SER C 310 13.07 -15.24 2.49
CA SER C 310 12.74 -13.81 2.56
C SER C 310 13.96 -13.00 3.02
N GLY C 311 14.09 -11.78 2.51
CA GLY C 311 15.20 -10.90 2.88
C GLY C 311 15.03 -10.20 4.22
N LYS C 312 14.04 -10.60 5.06
CA LYS C 312 13.82 -9.92 6.33
C LYS C 312 14.95 -10.15 7.35
N LYS C 313 15.39 -9.04 7.98
CA LYS C 313 16.46 -8.98 8.98
C LYS C 313 16.23 -9.98 10.11
N ASP C 314 17.14 -10.96 10.25
CA ASP C 314 17.15 -11.98 11.30
C ASP C 314 15.95 -12.95 11.28
N LEU C 315 15.37 -13.25 10.09
CA LEU C 315 14.25 -14.21 10.02
C LEU C 315 14.79 -15.60 10.37
N TYR C 316 14.08 -16.31 11.25
CA TYR C 316 14.48 -17.64 11.68
C TYR C 316 13.25 -18.59 11.77
N LEU C 317 13.49 -19.90 11.88
CA LEU C 317 12.43 -20.89 12.02
C LEU C 317 11.99 -20.93 13.48
N ALA C 318 10.86 -20.28 13.80
CA ALA C 318 10.31 -20.22 15.15
C ALA C 318 9.60 -21.52 15.55
N SER C 319 8.88 -22.17 14.63
CA SER C 319 8.17 -23.40 14.95
C SER C 319 8.01 -24.29 13.73
N VAL C 320 7.93 -25.62 13.99
CA VAL C 320 7.66 -26.64 12.98
C VAL C 320 6.56 -27.50 13.58
N PHE C 321 5.30 -27.10 13.38
CA PHE C 321 4.17 -27.87 13.90
C PHE C 321 3.89 -29.07 12.99
N HIS C 322 3.88 -30.27 13.58
CA HIS C 322 3.60 -31.53 12.90
C HIS C 322 2.32 -32.02 13.60
N ALA C 323 1.17 -31.68 13.01
CA ALA C 323 -0.14 -31.99 13.60
C ALA C 323 -0.87 -33.04 12.78
N THR C 324 -1.34 -34.11 13.45
CA THR C 324 -2.00 -35.23 12.79
C THR C 324 -3.24 -35.69 13.54
N ALA C 325 -4.27 -36.06 12.77
CA ALA C 325 -5.47 -36.72 13.27
C ALA C 325 -5.33 -38.13 12.68
N PHE C 326 -5.08 -39.13 13.52
CA PHE C 326 -4.92 -40.53 13.11
C PHE C 326 -6.19 -41.25 13.56
N GLU C 327 -6.97 -41.77 12.61
CA GLU C 327 -8.23 -42.41 12.94
C GLU C 327 -8.17 -43.92 12.90
N TRP C 328 -8.47 -44.55 14.05
CA TRP C 328 -8.62 -45.99 14.16
C TRP C 328 -10.11 -46.24 13.98
N ASP C 329 -10.48 -46.91 12.89
CA ASP C 329 -11.88 -47.18 12.57
C ASP C 329 -12.02 -48.60 12.06
N THR C 330 -13.25 -49.09 11.95
CA THR C 330 -13.51 -50.46 11.53
C THR C 330 -13.37 -50.69 10.03
N GLU C 331 -13.53 -49.64 9.23
CA GLU C 331 -13.62 -49.78 7.78
C GLU C 331 -12.36 -50.31 7.12
N GLY C 332 -12.59 -51.10 6.09
CA GLY C 332 -11.57 -51.77 5.30
C GLY C 332 -12.18 -52.53 4.16
N ASN C 333 -11.41 -53.42 3.56
CA ASN C 333 -11.89 -54.20 2.43
C ASN C 333 -12.75 -55.38 2.88
N PRO C 334 -13.81 -55.76 2.10
CA PRO C 334 -14.55 -56.96 2.48
C PRO C 334 -13.73 -58.23 2.19
N PHE C 335 -14.15 -59.35 2.74
CA PHE C 335 -13.43 -60.62 2.54
C PHE C 335 -14.39 -61.82 2.56
N ASP C 336 -13.96 -62.94 1.96
CA ASP C 336 -14.76 -64.16 1.92
C ASP C 336 -14.71 -64.80 3.31
N GLN C 337 -15.85 -64.85 4.00
CA GLN C 337 -15.93 -65.43 5.33
C GLN C 337 -15.76 -66.96 5.29
N ASP C 338 -16.23 -67.62 4.20
CA ASP C 338 -16.13 -69.06 4.02
C ASP C 338 -14.66 -69.57 4.00
N ILE C 339 -13.72 -68.77 3.47
CA ILE C 339 -12.31 -69.16 3.39
C ILE C 339 -11.71 -69.45 4.78
N TYR C 340 -11.87 -68.52 5.74
CA TYR C 340 -11.33 -68.72 7.10
C TYR C 340 -12.22 -69.72 7.85
N GLY C 341 -13.52 -69.47 7.86
CA GLY C 341 -14.53 -70.33 8.46
C GLY C 341 -14.32 -70.71 9.91
N ARG C 342 -13.88 -71.96 10.15
CA ARG C 342 -13.66 -72.53 11.49
C ARG C 342 -12.37 -73.39 11.54
N GLU C 343 -11.99 -73.87 12.76
CA GLU C 343 -10.78 -74.65 13.01
C GLU C 343 -9.58 -73.74 12.72
N GLU C 344 -8.77 -73.45 13.75
CA GLU C 344 -7.65 -72.50 13.76
C GLU C 344 -8.24 -71.21 14.35
N LEU C 345 -9.29 -70.65 13.68
CA LEU C 345 -9.99 -69.48 14.19
C LEU C 345 -10.83 -69.79 15.45
N ARG C 346 -10.91 -71.07 15.90
CA ARG C 346 -11.64 -71.44 17.12
C ARG C 346 -10.85 -71.13 18.40
N SER C 347 -9.50 -71.22 18.38
CA SER C 347 -8.66 -70.90 19.54
C SER C 347 -7.57 -69.87 19.16
N PRO C 348 -7.95 -68.60 18.88
CA PRO C 348 -6.94 -67.63 18.46
C PRO C 348 -6.07 -67.08 19.58
N LYS C 349 -4.92 -66.50 19.19
CA LYS C 349 -4.06 -65.76 20.12
C LYS C 349 -4.83 -64.46 20.43
N LEU C 350 -4.71 -63.93 21.65
CA LEU C 350 -5.45 -62.74 22.07
C LEU C 350 -4.50 -61.55 22.09
N PHE C 351 -4.76 -60.52 21.23
CA PHE C 351 -3.99 -59.28 21.20
C PHE C 351 -4.98 -58.18 21.62
N TYR C 352 -4.99 -57.86 22.92
CA TYR C 352 -5.95 -56.92 23.49
C TYR C 352 -5.26 -55.59 23.81
N ALA C 353 -5.35 -54.60 22.91
CA ALA C 353 -4.64 -53.33 23.07
C ALA C 353 -5.32 -52.36 24.03
N ASP C 354 -5.31 -52.70 25.33
CA ASP C 354 -5.92 -51.88 26.38
C ASP C 354 -4.88 -51.10 27.21
N HIS C 355 -3.66 -50.96 26.72
CA HIS C 355 -2.62 -50.24 27.45
C HIS C 355 -1.58 -49.72 26.43
N PRO C 356 -0.70 -48.76 26.80
CA PRO C 356 0.17 -48.15 25.78
C PRO C 356 0.95 -49.12 24.88
N PHE C 357 0.99 -48.78 23.58
CA PHE C 357 1.68 -49.58 22.58
C PHE C 357 2.36 -48.66 21.56
N ILE C 358 3.34 -49.22 20.84
CA ILE C 358 4.06 -48.54 19.77
C ILE C 358 3.49 -49.08 18.46
N PHE C 359 3.41 -48.24 17.42
CA PHE C 359 2.94 -48.70 16.12
C PHE C 359 3.72 -48.05 14.98
N LEU C 360 3.76 -48.76 13.84
CA LEU C 360 4.45 -48.34 12.63
C LEU C 360 3.56 -48.66 11.46
N VAL C 361 3.62 -47.84 10.42
CA VAL C 361 2.96 -48.09 9.15
C VAL C 361 4.14 -48.21 8.19
N ARG C 362 4.18 -49.27 7.42
CA ARG C 362 5.31 -49.64 6.60
C ARG C 362 4.86 -49.94 5.19
N ASP C 363 5.57 -49.42 4.16
CA ASP C 363 5.24 -49.74 2.78
C ASP C 363 5.72 -51.16 2.52
N THR C 364 4.85 -52.02 1.96
CA THR C 364 5.22 -53.42 1.73
C THR C 364 6.29 -53.59 0.64
N GLN C 365 6.11 -52.90 -0.50
CA GLN C 365 7.04 -53.05 -1.62
C GLN C 365 8.46 -52.53 -1.30
N SER C 366 8.58 -51.27 -0.80
CA SER C 366 9.87 -50.64 -0.53
C SER C 366 10.39 -50.83 0.90
N GLY C 367 9.51 -51.15 1.84
CA GLY C 367 9.90 -51.26 3.25
C GLY C 367 10.07 -49.92 3.93
N SER C 368 9.74 -48.79 3.25
CA SER C 368 9.91 -47.46 3.82
C SER C 368 8.83 -47.17 4.86
N LEU C 369 9.25 -46.56 5.97
CA LEU C 369 8.41 -46.22 7.11
C LEU C 369 7.49 -45.04 6.72
N LEU C 370 6.17 -45.28 6.70
CA LEU C 370 5.14 -44.29 6.35
C LEU C 370 4.76 -43.45 7.56
N PHE C 371 4.66 -44.09 8.74
CA PHE C 371 4.34 -43.45 10.02
C PHE C 371 4.99 -44.23 11.16
N ILE C 372 5.23 -43.54 12.26
CA ILE C 372 5.73 -44.14 13.49
C ILE C 372 5.10 -43.38 14.65
N GLY C 373 4.73 -44.08 15.70
CA GLY C 373 4.12 -43.42 16.84
C GLY C 373 3.83 -44.36 18.00
N ARG C 374 3.14 -43.83 18.98
CA ARG C 374 2.74 -44.59 20.14
C ARG C 374 1.42 -44.06 20.68
N LEU C 375 0.57 -44.96 21.18
CA LEU C 375 -0.69 -44.54 21.78
C LEU C 375 -0.54 -44.75 23.27
N VAL C 376 -0.50 -43.65 24.03
CA VAL C 376 -0.36 -43.63 25.47
C VAL C 376 -1.69 -43.20 26.12
N ARG C 377 -2.25 -42.04 25.71
CA ARG C 377 -3.46 -41.48 26.28
C ARG C 377 -4.51 -41.31 25.15
N PRO C 378 -5.46 -42.25 24.98
CA PRO C 378 -6.49 -42.06 23.92
C PRO C 378 -7.45 -40.90 24.21
N LYS C 379 -8.31 -40.56 23.23
CA LYS C 379 -9.31 -39.53 23.41
C LYS C 379 -10.44 -40.18 24.19
N GLY C 380 -10.65 -39.76 25.44
CA GLY C 380 -11.69 -40.36 26.26
C GLY C 380 -11.83 -39.79 27.66
N ASP C 381 -12.81 -40.32 28.39
CA ASP C 381 -13.19 -39.91 29.75
C ASP C 381 -12.36 -40.55 30.89
N LYS C 382 -11.60 -39.72 31.62
CA LYS C 382 -10.84 -40.11 32.82
C LYS C 382 -11.75 -40.74 33.92
N MET C 383 -11.56 -42.05 34.24
CA MET C 383 -12.42 -42.74 35.22
C MET C 383 -12.01 -42.47 36.67
N ARG C 384 -12.97 -42.00 37.52
CA ARG C 384 -12.73 -41.69 38.94
C ARG C 384 -13.94 -42.15 39.78
N ASP C 385 -13.70 -42.53 41.07
CA ASP C 385 -14.77 -42.98 41.96
C ASP C 385 -15.68 -41.83 42.41
N GLU C 386 -17.01 -42.02 42.31
CA GLU C 386 -17.99 -41.00 42.68
C GLU C 386 -18.32 -41.11 44.16
N ALA D 4 -40.33 34.67 4.32
CA ALA D 4 -39.51 34.20 3.22
C ALA D 4 -38.11 34.85 3.24
N LEU D 5 -37.12 34.15 2.67
CA LEU D 5 -35.74 34.64 2.58
C LEU D 5 -34.99 33.91 1.46
N SER D 6 -34.29 34.66 0.58
CA SER D 6 -33.55 34.05 -0.51
C SER D 6 -32.32 33.26 -0.01
N PRO D 7 -31.79 32.23 -0.74
CA PRO D 7 -30.61 31.51 -0.23
C PRO D 7 -29.34 32.36 -0.09
N LYS D 8 -29.18 33.39 -0.94
CA LYS D 8 -28.01 34.27 -0.89
C LYS D 8 -28.06 35.14 0.38
N ALA D 9 -29.26 35.65 0.73
CA ALA D 9 -29.45 36.45 1.94
C ALA D 9 -29.15 35.63 3.20
N ALA D 10 -29.49 34.32 3.19
CA ALA D 10 -29.22 33.42 4.32
C ALA D 10 -27.71 33.25 4.57
N THR D 11 -26.92 33.10 3.50
CA THR D 11 -25.46 32.91 3.61
C THR D 11 -24.76 34.20 4.06
N LEU D 12 -25.26 35.37 3.60
CA LEU D 12 -24.70 36.67 3.99
C LEU D 12 -25.01 36.93 5.47
N ALA D 13 -26.25 36.64 5.89
CA ALA D 13 -26.67 36.81 7.29
C ALA D 13 -25.88 35.91 8.23
N GLU D 14 -25.50 34.71 7.77
CA GLU D 14 -24.70 33.80 8.56
C GLU D 14 -23.32 34.41 8.83
N ARG D 15 -22.64 34.93 7.78
CA ARG D 15 -21.33 35.55 7.97
C ARG D 15 -21.45 36.87 8.75
N SER D 16 -22.59 37.60 8.66
CA SER D 16 -22.79 38.82 9.45
C SER D 16 -22.74 38.49 10.95
N ALA D 17 -23.36 37.37 11.36
CA ALA D 17 -23.36 36.92 12.75
C ALA D 17 -21.91 36.60 13.21
N GLY D 18 -21.15 35.83 12.41
CA GLY D 18 -19.76 35.50 12.71
C GLY D 18 -18.90 36.75 12.81
N LEU D 19 -19.17 37.71 11.91
CA LEU D 19 -18.52 39.01 11.86
C LEU D 19 -18.81 39.80 13.16
N ALA D 20 -20.06 39.78 13.62
CA ALA D 20 -20.45 40.47 14.86
C ALA D 20 -19.90 39.80 16.11
N PHE D 21 -19.78 38.44 16.14
CA PHE D 21 -19.14 37.76 17.28
C PHE D 21 -17.68 38.24 17.38
N SER D 22 -17.00 38.38 16.22
CA SER D 22 -15.61 38.86 16.16
C SER D 22 -15.52 40.31 16.59
N LEU D 23 -16.44 41.18 16.10
CA LEU D 23 -16.42 42.60 16.51
C LEU D 23 -16.72 42.71 18.00
N TYR D 24 -17.71 41.95 18.51
CA TYR D 24 -18.07 41.97 19.94
C TYR D 24 -16.86 41.58 20.79
N GLN D 25 -16.15 40.50 20.41
CA GLN D 25 -14.98 40.04 21.15
C GLN D 25 -13.88 41.10 21.14
N ALA D 26 -13.64 41.72 19.97
CA ALA D 26 -12.63 42.77 19.84
C ALA D 26 -12.95 43.97 20.74
N MET D 27 -14.24 44.32 20.85
CA MET D 27 -14.73 45.42 21.68
C MET D 27 -14.65 45.08 23.17
N ALA D 28 -15.02 43.85 23.55
CA ALA D 28 -15.00 43.38 24.94
C ALA D 28 -13.59 43.40 25.54
N LYS D 29 -12.54 43.20 24.68
CA LYS D 29 -11.13 43.26 25.14
C LYS D 29 -10.73 44.69 25.51
N ASP D 30 -11.33 45.70 24.86
CA ASP D 30 -11.04 47.11 25.15
C ASP D 30 -11.55 47.45 26.56
N GLN D 31 -10.63 47.90 27.44
CA GLN D 31 -10.94 48.23 28.84
C GLN D 31 -11.87 49.44 28.99
N ALA D 32 -11.79 50.40 28.05
CA ALA D 32 -12.64 51.59 28.10
C ALA D 32 -14.12 51.30 27.78
N VAL D 33 -14.41 50.20 27.07
CA VAL D 33 -15.78 49.85 26.69
C VAL D 33 -16.53 49.25 27.87
N GLU D 34 -17.71 49.80 28.20
CA GLU D 34 -18.59 49.26 29.24
C GLU D 34 -19.74 48.54 28.49
N ASN D 35 -20.81 49.23 28.07
CA ASN D 35 -21.90 48.58 27.34
C ASN D 35 -21.50 48.36 25.87
N ILE D 36 -22.08 47.34 25.23
CA ILE D 36 -21.87 47.01 23.83
C ILE D 36 -23.24 46.83 23.19
N LEU D 37 -23.40 47.34 21.96
CA LEU D 37 -24.61 47.18 21.18
C LEU D 37 -24.22 47.15 19.72
N LEU D 38 -24.33 46.00 19.07
CA LEU D 38 -24.03 45.85 17.67
C LEU D 38 -25.19 45.21 16.97
N SER D 39 -25.45 45.64 15.74
CA SER D 39 -26.47 45.08 14.90
C SER D 39 -25.67 44.48 13.75
N PRO D 40 -25.45 43.14 13.77
CA PRO D 40 -24.66 42.51 12.68
C PRO D 40 -25.08 42.87 11.26
N VAL D 41 -26.39 43.05 11.03
CA VAL D 41 -26.92 43.38 9.71
C VAL D 41 -26.50 44.79 9.28
N VAL D 42 -26.55 45.77 10.19
CA VAL D 42 -26.12 47.16 9.94
C VAL D 42 -24.58 47.20 9.75
N VAL D 43 -23.83 46.34 10.46
CA VAL D 43 -22.38 46.26 10.28
C VAL D 43 -22.10 45.71 8.87
N ALA D 44 -22.83 44.65 8.46
CA ALA D 44 -22.68 44.08 7.14
C ALA D 44 -22.98 45.10 6.04
N SER D 45 -24.03 45.93 6.22
CA SER D 45 -24.38 46.96 5.25
C SER D 45 -23.29 48.05 5.14
N SER D 46 -22.51 48.30 6.21
CA SER D 46 -21.40 49.25 6.16
C SER D 46 -20.32 48.71 5.22
N LEU D 47 -20.05 47.39 5.25
CA LEU D 47 -19.09 46.76 4.36
C LEU D 47 -19.61 46.75 2.93
N GLY D 48 -20.91 46.53 2.75
CA GLY D 48 -21.54 46.60 1.44
C GLY D 48 -21.43 47.98 0.82
N LEU D 49 -21.50 49.05 1.64
CA LEU D 49 -21.33 50.43 1.15
C LEU D 49 -19.88 50.69 0.71
N VAL D 50 -18.89 50.08 1.40
CA VAL D 50 -17.47 50.21 1.04
C VAL D 50 -17.24 49.47 -0.30
N SER D 51 -17.88 48.30 -0.48
CA SER D 51 -17.82 47.53 -1.72
C SER D 51 -18.44 48.33 -2.89
N LEU D 52 -19.56 49.00 -2.62
CA LEU D 52 -20.29 49.78 -3.63
C LEU D 52 -19.55 51.06 -4.03
N GLY D 53 -18.90 51.73 -3.09
CA GLY D 53 -18.14 52.94 -3.38
C GLY D 53 -16.66 52.76 -3.62
N GLY D 54 -16.17 51.53 -3.52
CA GLY D 54 -14.75 51.23 -3.70
C GLY D 54 -14.42 50.48 -4.96
N LYS D 55 -13.11 50.30 -5.20
CA LYS D 55 -12.59 49.52 -6.33
C LYS D 55 -11.22 48.93 -5.96
N ALA D 56 -10.79 47.89 -6.70
CA ALA D 56 -9.55 47.14 -6.47
C ALA D 56 -9.57 46.43 -5.03
N THR D 57 -8.47 46.29 -4.23
CA THR D 57 -8.51 45.63 -2.92
C THR D 57 -9.39 46.35 -1.90
N THR D 58 -9.71 47.66 -2.08
CA THR D 58 -10.59 48.36 -1.15
C THR D 58 -11.99 47.71 -1.17
N ALA D 59 -12.53 47.47 -2.36
CA ALA D 59 -13.83 46.83 -2.50
C ALA D 59 -13.78 45.32 -2.28
N SER D 60 -12.74 44.63 -2.81
CA SER D 60 -12.64 43.18 -2.68
C SER D 60 -12.39 42.74 -1.23
N GLN D 61 -11.69 43.55 -0.40
CA GLN D 61 -11.50 43.22 1.02
C GLN D 61 -12.84 43.29 1.75
N ALA D 62 -13.71 44.25 1.39
CA ALA D 62 -15.03 44.36 2.00
C ALA D 62 -15.88 43.11 1.72
N LYS D 63 -15.81 42.58 0.49
CA LYS D 63 -16.52 41.34 0.12
C LYS D 63 -15.90 40.13 0.82
N ALA D 64 -14.57 40.14 1.06
CA ALA D 64 -13.88 39.05 1.76
C ALA D 64 -14.25 39.02 3.26
N VAL D 65 -14.48 40.21 3.88
CA VAL D 65 -14.90 40.24 5.30
C VAL D 65 -16.32 39.63 5.40
N LEU D 66 -17.19 39.83 4.39
CA LEU D 66 -18.52 39.24 4.33
C LEU D 66 -18.55 37.80 3.77
N SER D 67 -17.37 37.18 3.47
CA SER D 67 -17.25 35.85 2.84
C SER D 67 -18.13 35.75 1.58
N ALA D 68 -18.21 36.85 0.83
CA ALA D 68 -19.03 36.96 -0.37
C ALA D 68 -18.19 37.14 -1.64
N GLU D 69 -16.92 36.69 -1.65
CA GLU D 69 -16.07 36.79 -2.83
C GLU D 69 -16.66 35.99 -4.01
N GLN D 70 -17.31 34.85 -3.71
CA GLN D 70 -17.91 33.99 -4.72
C GLN D 70 -19.32 34.49 -5.17
N LEU D 71 -19.77 35.67 -4.69
CA LEU D 71 -21.06 36.24 -5.07
C LEU D 71 -20.82 37.48 -5.91
N ARG D 72 -21.74 37.78 -6.83
CA ARG D 72 -21.65 38.98 -7.64
C ARG D 72 -21.91 40.21 -6.78
N ASP D 73 -21.42 41.39 -7.20
CA ASP D 73 -21.65 42.65 -6.48
C ASP D 73 -23.15 42.91 -6.28
N GLU D 74 -23.96 42.74 -7.35
CA GLU D 74 -25.41 42.91 -7.29
C GLU D 74 -26.09 41.95 -6.32
N GLU D 75 -25.57 40.71 -6.19
CA GLU D 75 -26.11 39.73 -5.25
C GLU D 75 -25.86 40.16 -3.80
N VAL D 76 -24.70 40.77 -3.53
CA VAL D 76 -24.35 41.24 -2.18
C VAL D 76 -25.25 42.43 -1.79
N HIS D 77 -25.35 43.43 -2.67
CA HIS D 77 -26.14 44.62 -2.38
C HIS D 77 -27.64 44.31 -2.26
N ALA D 78 -28.17 43.40 -3.09
CA ALA D 78 -29.58 43.02 -3.00
C ALA D 78 -29.84 42.10 -1.81
N GLY D 79 -28.88 41.25 -1.48
CA GLY D 79 -29.00 40.33 -0.35
C GLY D 79 -28.95 41.04 0.99
N LEU D 80 -28.03 42.00 1.16
CA LEU D 80 -27.95 42.81 2.39
C LEU D 80 -29.15 43.75 2.48
N GLY D 81 -29.60 44.30 1.35
CA GLY D 81 -30.77 45.15 1.29
C GLY D 81 -32.03 44.40 1.71
N GLU D 82 -32.12 43.11 1.34
CA GLU D 82 -33.24 42.25 1.72
C GLU D 82 -33.20 42.03 3.23
N LEU D 83 -32.00 41.80 3.80
CA LEU D 83 -31.85 41.59 5.24
C LEU D 83 -32.20 42.86 6.04
N LEU D 84 -31.86 44.05 5.54
CA LEU D 84 -32.20 45.30 6.22
C LEU D 84 -33.71 45.51 6.23
N ARG D 85 -34.40 45.19 5.12
CA ARG D 85 -35.84 45.34 5.03
C ARG D 85 -36.56 44.24 5.83
N SER D 86 -35.95 43.05 5.99
CA SER D 86 -36.55 41.97 6.81
C SER D 86 -36.46 42.27 8.33
N LEU D 87 -35.55 43.17 8.77
CA LEU D 87 -35.50 43.53 10.20
C LEU D 87 -36.76 44.34 10.52
N SER D 88 -37.15 45.26 9.61
CA SER D 88 -38.38 46.05 9.69
C SER D 88 -39.63 45.13 9.76
N ASN D 89 -39.57 43.93 9.13
CA ASN D 89 -40.68 42.95 9.10
C ASN D 89 -40.95 42.34 10.50
N SER D 90 -39.89 42.02 11.25
CA SER D 90 -40.04 41.49 12.61
C SER D 90 -40.46 42.58 13.62
N THR D 91 -40.20 43.88 13.30
CA THR D 91 -40.50 45.01 14.19
C THR D 91 -41.63 45.93 13.65
N ALA D 92 -42.20 46.77 14.52
CA ALA D 92 -43.18 47.77 14.10
C ALA D 92 -42.37 48.88 13.39
N ARG D 93 -42.26 48.81 12.05
CA ARG D 93 -41.49 49.74 11.23
C ARG D 93 -41.67 51.22 11.62
N ASN D 94 -40.58 51.84 12.13
CA ASN D 94 -40.49 53.25 12.52
C ASN D 94 -41.32 53.61 13.77
N VAL D 95 -41.57 52.63 14.66
CA VAL D 95 -42.24 52.82 15.95
C VAL D 95 -41.30 52.16 17.01
N THR D 96 -40.99 50.85 16.86
CA THR D 96 -40.09 50.08 17.74
C THR D 96 -38.70 49.82 17.08
N TRP D 97 -38.46 50.28 15.83
CA TRP D 97 -37.18 50.10 15.13
C TRP D 97 -36.96 51.25 14.16
N LYS D 98 -36.01 52.12 14.49
CA LYS D 98 -35.69 53.25 13.63
C LYS D 98 -34.22 53.13 13.27
N LEU D 99 -33.90 53.22 11.99
CA LEU D 99 -32.53 53.13 11.50
C LEU D 99 -32.31 54.20 10.45
N GLY D 100 -31.18 54.87 10.55
CA GLY D 100 -30.74 55.83 9.58
C GLY D 100 -29.27 55.59 9.31
N SER D 101 -28.86 55.77 8.06
CA SER D 101 -27.46 55.62 7.64
C SER D 101 -27.11 56.84 6.83
N ARG D 102 -26.02 57.53 7.21
CA ARG D 102 -25.62 58.75 6.54
C ARG D 102 -24.12 58.78 6.32
N LEU D 103 -23.70 59.11 5.09
CA LEU D 103 -22.29 59.24 4.75
C LEU D 103 -21.98 60.74 4.72
N TYR D 104 -21.03 61.18 5.53
CA TYR D 104 -20.58 62.55 5.61
C TYR D 104 -19.21 62.67 4.96
N GLY D 105 -19.15 63.41 3.86
CA GLY D 105 -17.90 63.67 3.18
C GLY D 105 -17.46 65.10 3.40
N PRO D 106 -16.14 65.45 3.33
CA PRO D 106 -15.76 66.86 3.48
C PRO D 106 -16.44 67.80 2.46
N SER D 107 -16.51 69.10 2.80
CA SER D 107 -17.13 70.14 1.95
C SER D 107 -16.52 70.20 0.55
N SER D 108 -15.20 69.92 0.43
CA SER D 108 -14.49 69.88 -0.85
C SER D 108 -14.67 68.53 -1.60
N VAL D 109 -15.81 67.83 -1.40
CA VAL D 109 -16.07 66.51 -2.00
C VAL D 109 -17.53 66.44 -2.48
N SER D 110 -17.75 65.91 -3.70
CA SER D 110 -19.08 65.74 -4.27
C SER D 110 -19.26 64.24 -4.57
N PHE D 111 -20.29 63.61 -3.98
CA PHE D 111 -20.55 62.19 -4.17
C PHE D 111 -21.05 61.94 -5.59
N ALA D 112 -20.58 60.85 -6.21
CA ALA D 112 -20.97 60.48 -7.57
C ALA D 112 -22.45 60.14 -7.60
N GLU D 113 -23.17 60.62 -8.64
CA GLU D 113 -24.61 60.39 -8.80
C GLU D 113 -24.93 58.90 -8.85
N ASP D 114 -24.05 58.10 -9.48
CA ASP D 114 -24.25 56.66 -9.59
C ASP D 114 -24.18 55.99 -8.20
N PHE D 115 -23.24 56.43 -7.34
CA PHE D 115 -23.10 55.90 -5.98
C PHE D 115 -24.30 56.33 -5.12
N VAL D 116 -24.74 57.60 -5.24
CA VAL D 116 -25.87 58.12 -4.47
C VAL D 116 -27.14 57.31 -4.79
N ARG D 117 -27.40 57.06 -6.07
CA ARG D 117 -28.59 56.31 -6.49
C ARG D 117 -28.58 54.86 -5.96
N SER D 118 -27.48 54.12 -6.14
CA SER D 118 -27.41 52.73 -5.69
C SER D 118 -27.30 52.56 -4.16
N SER D 119 -26.61 53.48 -3.45
CA SER D 119 -26.52 53.40 -2.00
C SER D 119 -27.88 53.72 -1.34
N LYS D 120 -28.67 54.62 -1.95
CA LYS D 120 -30.01 54.94 -1.50
C LYS D 120 -30.96 53.76 -1.81
N GLN D 121 -30.79 53.12 -2.98
CA GLN D 121 -31.63 52.00 -3.40
C GLN D 121 -31.43 50.74 -2.54
N HIS D 122 -30.18 50.30 -2.31
CA HIS D 122 -29.91 49.08 -1.56
C HIS D 122 -29.87 49.27 -0.06
N TYR D 123 -29.23 50.35 0.43
CA TYR D 123 -29.02 50.57 1.85
C TYR D 123 -29.77 51.75 2.46
N ASN D 124 -30.66 52.43 1.70
CA ASN D 124 -31.37 53.62 2.17
C ASN D 124 -30.38 54.69 2.73
N CYS D 125 -29.18 54.75 2.12
CA CYS D 125 -28.11 55.61 2.56
C CYS D 125 -28.39 57.06 2.21
N GLU D 126 -28.10 57.96 3.16
CA GLU D 126 -28.23 59.40 3.00
C GLU D 126 -26.83 59.96 2.82
N HIS D 127 -26.71 61.14 2.22
CA HIS D 127 -25.40 61.74 1.94
C HIS D 127 -25.41 63.19 2.34
N SER D 128 -24.31 63.66 2.94
CA SER D 128 -24.23 65.03 3.38
C SER D 128 -22.79 65.52 3.35
N LYS D 129 -22.60 66.78 2.94
CA LYS D 129 -21.29 67.42 2.93
C LYS D 129 -21.16 68.08 4.30
N ILE D 130 -20.01 67.95 4.96
CA ILE D 130 -19.85 68.59 6.27
C ILE D 130 -18.50 69.31 6.32
N ASN D 131 -18.53 70.52 6.88
CA ASN D 131 -17.38 71.39 6.99
C ASN D 131 -16.60 70.88 8.19
N PHE D 132 -15.74 69.87 7.95
CA PHE D 132 -14.97 69.23 9.01
C PHE D 132 -14.06 70.18 9.79
N ARG D 133 -13.64 71.28 9.16
CA ARG D 133 -12.85 72.31 9.83
C ARG D 133 -13.61 72.92 11.04
N ASP D 134 -14.90 73.21 10.86
CA ASP D 134 -15.76 73.74 11.91
C ASP D 134 -16.20 72.52 12.71
N LYS D 135 -15.45 72.17 13.76
CA LYS D 135 -15.68 70.96 14.54
C LYS D 135 -17.02 70.94 15.28
N ARG D 136 -17.37 72.03 16.02
CA ARG D 136 -18.62 72.06 16.77
C ARG D 136 -19.85 72.02 15.83
N SER D 137 -19.79 72.64 14.63
CA SER D 137 -20.93 72.56 13.69
C SER D 137 -20.99 71.19 13.04
N ALA D 138 -19.84 70.51 12.84
CA ALA D 138 -19.84 69.15 12.29
C ALA D 138 -20.45 68.20 13.33
N LEU D 139 -20.13 68.39 14.64
CA LEU D 139 -20.71 67.55 15.68
C LEU D 139 -22.19 67.81 15.82
N GLN D 140 -22.61 69.09 15.76
CA GLN D 140 -24.00 69.46 15.89
C GLN D 140 -24.83 68.85 14.75
N SER D 141 -24.29 68.83 13.53
CA SER D 141 -25.00 68.24 12.40
C SER D 141 -25.16 66.73 12.55
N ILE D 142 -24.12 66.03 13.00
CA ILE D 142 -24.16 64.59 13.16
C ILE D 142 -25.14 64.24 14.28
N ASN D 143 -25.04 64.92 15.42
CA ASN D 143 -25.90 64.67 16.58
C ASN D 143 -27.36 65.01 16.32
N GLU D 144 -27.65 66.13 15.65
CA GLU D 144 -29.03 66.50 15.33
C GLU D 144 -29.65 65.54 14.34
N TRP D 145 -28.86 65.02 13.38
CA TRP D 145 -29.36 64.04 12.42
C TRP D 145 -29.71 62.72 13.15
N ALA D 146 -28.85 62.28 14.07
CA ALA D 146 -29.11 61.06 14.83
C ALA D 146 -30.30 61.24 15.76
N ALA D 147 -30.43 62.43 16.38
CA ALA D 147 -31.55 62.74 17.26
C ALA D 147 -32.87 62.74 16.46
N GLN D 148 -32.92 63.34 15.25
CA GLN D 148 -34.16 63.32 14.46
C GLN D 148 -34.46 61.91 13.95
N THR D 149 -33.43 61.12 13.59
CA THR D 149 -33.60 59.74 13.12
C THR D 149 -34.28 58.90 14.18
N THR D 150 -33.93 59.10 15.46
CA THR D 150 -34.44 58.36 16.60
C THR D 150 -35.47 59.14 17.44
N ASP D 151 -35.94 60.33 16.98
CA ASP D 151 -36.89 61.21 17.66
C ASP D 151 -36.50 61.51 19.12
N GLY D 152 -35.23 61.83 19.33
CA GLY D 152 -34.69 62.22 20.62
C GLY D 152 -34.20 61.08 21.50
N LYS D 153 -34.45 59.82 21.12
CA LYS D 153 -34.01 58.69 21.94
C LYS D 153 -32.49 58.55 21.98
N LEU D 154 -31.80 58.96 20.92
CA LEU D 154 -30.35 58.96 20.85
C LEU D 154 -29.95 60.43 20.56
N PRO D 155 -29.88 61.30 21.59
CA PRO D 155 -29.61 62.73 21.32
C PRO D 155 -28.18 63.10 20.93
N GLU D 156 -27.23 62.16 21.05
CA GLU D 156 -25.83 62.44 20.77
C GLU D 156 -25.12 61.17 20.32
N VAL D 157 -24.40 61.24 19.19
CA VAL D 157 -23.61 60.12 18.67
C VAL D 157 -22.23 60.24 19.32
N THR D 158 -21.54 61.38 19.17
CA THR D 158 -20.20 61.54 19.70
C THR D 158 -19.93 62.97 20.15
N LYS D 159 -18.98 63.10 21.07
CA LYS D 159 -18.54 64.39 21.60
C LYS D 159 -17.28 64.90 20.85
N ASP D 160 -16.63 64.08 19.99
CA ASP D 160 -15.44 64.49 19.26
C ASP D 160 -15.20 63.60 18.03
N VAL D 161 -14.78 64.20 16.90
CA VAL D 161 -14.44 63.49 15.66
C VAL D 161 -12.89 63.48 15.56
N GLU D 162 -12.26 62.31 15.80
CA GLU D 162 -10.80 62.18 15.78
C GLU D 162 -10.18 62.40 14.38
N ARG D 163 -10.69 61.68 13.36
CA ARG D 163 -10.18 61.74 11.99
C ARG D 163 -11.12 62.60 11.12
N THR D 164 -10.67 63.81 10.77
CA THR D 164 -11.43 64.82 10.05
C THR D 164 -11.05 64.99 8.56
N ASP D 165 -10.30 64.06 7.96
CA ASP D 165 -9.87 64.21 6.56
C ASP D 165 -10.42 63.11 5.62
N GLY D 166 -11.51 62.46 6.01
CA GLY D 166 -12.11 61.42 5.18
C GLY D 166 -13.61 61.32 5.32
N ALA D 167 -14.18 60.22 4.80
CA ALA D 167 -15.60 59.94 4.85
C ALA D 167 -15.98 59.40 6.24
N LEU D 168 -17.15 59.80 6.75
CA LEU D 168 -17.69 59.39 8.05
C LEU D 168 -19.00 58.67 7.77
N LEU D 169 -19.10 57.38 8.12
CA LEU D 169 -20.34 56.65 7.96
C LEU D 169 -20.99 56.61 9.35
N VAL D 170 -22.23 57.08 9.48
CA VAL D 170 -22.95 57.11 10.76
C VAL D 170 -24.21 56.31 10.63
N ASN D 171 -24.42 55.37 11.56
CA ASN D 171 -25.63 54.57 11.67
C ASN D 171 -26.24 54.93 13.01
N ALA D 172 -27.47 55.45 13.02
CA ALA D 172 -28.18 55.85 14.23
C ALA D 172 -29.39 54.94 14.34
N MET D 173 -29.58 54.30 15.49
CA MET D 173 -30.65 53.34 15.69
C MET D 173 -31.38 53.52 17.01
N PHE D 174 -32.66 53.14 17.01
CA PHE D 174 -33.49 53.04 18.18
C PHE D 174 -34.16 51.69 18.06
N PHE D 175 -33.96 50.83 19.04
CA PHE D 175 -34.59 49.52 19.04
C PHE D 175 -35.20 49.34 20.42
N LYS D 176 -36.48 48.96 20.42
CA LYS D 176 -37.25 48.73 21.63
C LYS D 176 -37.87 47.36 21.47
N PRO D 177 -37.33 46.27 22.09
CA PRO D 177 -37.99 44.96 21.91
C PRO D 177 -39.43 44.97 22.43
N HIS D 178 -40.38 44.58 21.57
CA HIS D 178 -41.79 44.53 21.89
C HIS D 178 -42.05 43.06 22.22
N TRP D 179 -42.29 42.73 23.49
CA TRP D 179 -42.43 41.35 23.92
C TRP D 179 -43.65 40.68 23.33
N ASP D 180 -43.55 39.36 23.07
CA ASP D 180 -44.71 38.61 22.59
C ASP D 180 -45.79 38.56 23.71
N GLU D 181 -45.37 38.58 24.99
CA GLU D 181 -46.26 38.64 26.13
C GLU D 181 -45.76 39.80 26.98
N LYS D 182 -46.51 40.87 27.02
CA LYS D 182 -46.16 42.09 27.74
C LYS D 182 -45.95 41.90 29.25
N PHE D 183 -45.17 42.80 29.84
CA PHE D 183 -45.07 42.91 31.28
C PHE D 183 -46.21 43.87 31.65
N HIS D 184 -46.76 43.73 32.85
CA HIS D 184 -47.81 44.64 33.31
C HIS D 184 -47.11 45.97 33.61
N HIS D 185 -47.67 47.11 33.15
CA HIS D 185 -47.05 48.42 33.32
C HIS D 185 -46.84 48.83 34.79
N LYS D 186 -47.60 48.24 35.73
CA LYS D 186 -47.44 48.55 37.16
C LYS D 186 -46.49 47.57 37.88
N MET D 187 -45.99 46.50 37.21
CA MET D 187 -45.10 45.53 37.83
C MET D 187 -43.67 45.97 37.72
N VAL D 188 -43.41 47.17 38.27
CA VAL D 188 -42.12 47.87 38.25
C VAL D 188 -41.86 48.39 39.66
N ASP D 189 -40.60 48.38 40.07
CA ASP D 189 -40.22 48.94 41.36
C ASP D 189 -38.71 49.29 41.39
N ASN D 190 -38.23 50.01 42.44
CA ASN D 190 -36.81 50.38 42.56
C ASN D 190 -36.01 49.23 43.12
N ARG D 191 -34.89 48.90 42.46
CA ARG D 191 -33.98 47.85 42.87
C ARG D 191 -32.55 48.30 42.61
N GLY D 192 -31.61 47.64 43.24
CA GLY D 192 -30.20 47.90 43.01
C GLY D 192 -29.69 47.01 41.92
N PHE D 193 -28.79 47.53 41.07
CA PHE D 193 -28.13 46.75 40.02
C PHE D 193 -26.66 46.81 40.38
N MET D 194 -26.04 45.65 40.60
CA MET D 194 -24.64 45.58 40.95
C MET D 194 -23.80 45.59 39.70
N VAL D 195 -23.20 46.75 39.39
CA VAL D 195 -22.29 46.89 38.24
C VAL D 195 -21.05 46.02 38.55
N THR D 196 -20.53 46.14 39.78
CA THR D 196 -19.45 45.33 40.33
C THR D 196 -19.91 44.84 41.73
N ARG D 197 -19.10 44.00 42.39
CA ARG D 197 -19.40 43.50 43.72
C ARG D 197 -19.42 44.62 44.77
N SER D 198 -18.81 45.81 44.48
CA SER D 198 -18.77 46.95 45.41
C SER D 198 -19.45 48.22 44.86
N TYR D 199 -20.08 48.16 43.68
CA TYR D 199 -20.75 49.34 43.11
C TYR D 199 -22.16 49.00 42.63
N THR D 200 -23.15 49.62 43.25
CA THR D 200 -24.56 49.39 42.95
C THR D 200 -25.21 50.68 42.50
N VAL D 201 -25.98 50.64 41.41
CA VAL D 201 -26.73 51.80 40.95
C VAL D 201 -28.22 51.52 41.11
N GLY D 202 -28.99 52.57 41.36
CA GLY D 202 -30.42 52.46 41.52
C GLY D 202 -31.09 52.43 40.15
N VAL D 203 -31.90 51.37 39.93
CA VAL D 203 -32.62 51.18 38.68
C VAL D 203 -34.10 50.87 38.98
N THR D 204 -34.94 51.01 37.98
CA THR D 204 -36.33 50.55 38.02
C THR D 204 -36.24 49.16 37.39
N MET D 205 -36.84 48.13 38.03
CA MET D 205 -36.88 46.80 37.46
C MET D 205 -38.29 46.43 37.13
N MET D 206 -38.47 45.70 36.04
CA MET D 206 -39.79 45.23 35.60
C MET D 206 -39.83 43.71 35.81
N HIS D 207 -40.98 43.18 36.22
CA HIS D 207 -41.10 41.77 36.61
C HIS D 207 -42.29 41.09 35.98
N ARG D 208 -42.12 39.84 35.54
CA ARG D 208 -43.22 39.02 35.04
C ARG D 208 -42.88 37.53 35.13
N THR D 209 -43.91 36.69 35.20
CA THR D 209 -43.75 35.23 35.21
C THR D 209 -44.45 34.69 33.99
N GLY D 210 -43.78 33.82 33.25
CA GLY D 210 -44.36 33.17 32.07
C GLY D 210 -43.57 31.93 31.69
N LEU D 211 -43.95 31.29 30.58
CA LEU D 211 -43.24 30.11 30.11
C LEU D 211 -42.19 30.56 29.11
N TYR D 212 -40.92 30.20 29.37
CA TYR D 212 -39.79 30.61 28.56
C TYR D 212 -38.80 29.50 28.42
N ASN D 213 -38.08 29.46 27.30
CA ASN D 213 -36.99 28.50 27.10
C ASN D 213 -35.90 28.92 28.06
N TYR D 214 -35.38 27.96 28.84
CA TYR D 214 -34.46 28.24 29.92
C TYR D 214 -33.45 27.11 30.12
N TYR D 215 -32.23 27.46 30.52
CA TYR D 215 -31.21 26.50 30.89
C TYR D 215 -30.33 27.09 31.97
N ASP D 216 -30.04 26.30 33.01
CA ASP D 216 -29.15 26.70 34.09
C ASP D 216 -27.91 25.80 33.95
N ASP D 217 -26.79 26.38 33.49
CA ASP D 217 -25.55 25.64 33.29
C ASP D 217 -24.79 25.56 34.62
N GLU D 218 -24.86 24.41 35.30
CA GLU D 218 -24.19 24.21 36.57
C GLU D 218 -22.66 24.16 36.42
N LYS D 219 -22.16 23.61 35.30
CA LYS D 219 -20.73 23.50 35.04
C LYS D 219 -20.11 24.89 34.80
N GLU D 220 -20.65 25.66 33.83
CA GLU D 220 -20.11 26.98 33.50
C GLU D 220 -20.69 28.13 34.34
N LYS D 221 -21.62 27.83 35.28
CA LYS D 221 -22.19 28.78 36.23
C LYS D 221 -22.85 30.02 35.58
N LEU D 222 -23.93 29.78 34.83
CA LEU D 222 -24.72 30.85 34.23
C LEU D 222 -26.14 30.39 33.96
N GLN D 223 -27.03 31.35 33.76
CA GLN D 223 -28.39 31.08 33.35
C GLN D 223 -28.57 31.65 31.95
N ILE D 224 -29.42 31.02 31.17
CA ILE D 224 -29.73 31.46 29.84
C ILE D 224 -31.24 31.32 29.64
N VAL D 225 -31.88 32.40 29.19
CA VAL D 225 -33.33 32.44 29.01
C VAL D 225 -33.63 33.07 27.66
N GLU D 226 -34.71 32.65 27.00
CA GLU D 226 -35.11 33.17 25.71
C GLU D 226 -36.51 33.79 25.81
N MET D 227 -36.63 35.10 25.48
CA MET D 227 -37.86 35.88 25.55
C MET D 227 -38.36 36.18 24.15
N PRO D 228 -39.42 35.50 23.65
CA PRO D 228 -39.91 35.83 22.29
C PRO D 228 -40.40 37.27 22.17
N LEU D 229 -40.14 37.87 20.99
CA LEU D 229 -40.64 39.21 20.66
C LEU D 229 -41.91 39.07 19.80
N ALA D 230 -42.60 40.19 19.54
CA ALA D 230 -43.89 40.26 18.84
C ALA D 230 -44.08 39.22 17.73
N HIS D 231 -45.16 38.42 17.86
CA HIS D 231 -45.55 37.38 16.89
C HIS D 231 -44.51 36.28 16.72
N LYS D 232 -43.60 36.10 17.71
CA LYS D 232 -42.55 35.09 17.69
C LYS D 232 -41.66 35.15 16.43
N LEU D 233 -41.56 36.32 15.77
CA LEU D 233 -40.70 36.49 14.59
C LEU D 233 -39.22 36.62 14.99
N SER D 234 -38.93 36.98 16.24
CA SER D 234 -37.58 37.04 16.78
C SER D 234 -37.64 36.76 18.30
N SER D 235 -36.50 36.62 18.96
CA SER D 235 -36.46 36.42 20.39
C SER D 235 -35.17 36.98 20.97
N LEU D 236 -35.25 37.44 22.22
CA LEU D 236 -34.13 38.03 22.93
C LEU D 236 -33.60 36.98 23.93
N ILE D 237 -32.32 36.60 23.80
CA ILE D 237 -31.68 35.61 24.66
C ILE D 237 -30.73 36.33 25.61
N ILE D 238 -30.81 36.04 26.93
CA ILE D 238 -29.94 36.66 27.94
C ILE D 238 -29.09 35.56 28.57
N LEU D 239 -27.78 35.81 28.70
CA LEU D 239 -26.81 34.90 29.31
C LEU D 239 -26.22 35.67 30.47
N MET D 240 -26.48 35.23 31.70
CA MET D 240 -26.05 35.94 32.87
C MET D 240 -25.29 35.01 33.83
N PRO D 241 -24.04 35.35 34.27
CA PRO D 241 -23.34 34.45 35.20
C PRO D 241 -24.04 34.34 36.55
N HIS D 242 -23.81 33.23 37.27
CA HIS D 242 -24.40 33.00 38.59
C HIS D 242 -23.93 34.06 39.56
N HIS D 243 -22.63 34.41 39.51
CA HIS D 243 -22.05 35.39 40.40
C HIS D 243 -21.92 36.77 39.77
N VAL D 244 -21.83 37.81 40.62
CA VAL D 244 -21.60 39.18 40.18
C VAL D 244 -20.10 39.18 39.86
N GLU D 245 -19.74 39.22 38.58
CA GLU D 245 -18.35 39.11 38.17
C GLU D 245 -18.12 39.78 36.80
N PRO D 246 -16.86 40.12 36.41
CA PRO D 246 -16.64 40.64 35.05
C PRO D 246 -17.06 39.61 34.00
N LEU D 247 -17.60 40.08 32.87
CA LEU D 247 -18.10 39.19 31.82
C LEU D 247 -17.01 38.50 31.01
N GLU D 248 -15.71 38.84 31.21
CA GLU D 248 -14.58 38.23 30.51
C GLU D 248 -14.64 36.69 30.45
N ARG D 249 -14.87 36.04 31.61
CA ARG D 249 -14.94 34.59 31.68
C ARG D 249 -16.05 34.02 30.77
N LEU D 250 -17.27 34.55 30.87
CA LEU D 250 -18.38 34.07 30.05
C LEU D 250 -18.19 34.43 28.56
N GLU D 251 -17.51 35.55 28.26
CA GLU D 251 -17.25 35.97 26.88
C GLU D 251 -16.29 35.00 26.17
N LYS D 252 -15.39 34.32 26.91
CA LYS D 252 -14.51 33.29 26.31
C LYS D 252 -15.35 32.10 25.80
N LEU D 253 -16.46 31.77 26.50
CA LEU D 253 -17.37 30.70 26.11
C LEU D 253 -18.33 31.11 24.98
N LEU D 254 -18.52 32.42 24.75
CA LEU D 254 -19.45 32.93 23.75
C LEU D 254 -18.96 32.71 22.32
N THR D 255 -19.26 31.52 21.77
CA THR D 255 -18.94 31.13 20.39
C THR D 255 -20.24 30.68 19.69
N LYS D 256 -20.23 30.58 18.34
CA LYS D 256 -21.40 30.10 17.60
C LYS D 256 -21.74 28.66 17.98
N GLU D 257 -20.70 27.84 18.24
CA GLU D 257 -20.87 26.42 18.59
C GLU D 257 -21.45 26.27 20.00
N GLN D 258 -20.91 27.00 21.00
CA GLN D 258 -21.40 26.91 22.38
C GLN D 258 -22.81 27.47 22.50
N LEU D 259 -23.15 28.51 21.74
CA LEU D 259 -24.49 29.07 21.74
C LEU D 259 -25.51 28.04 21.21
N LYS D 260 -25.16 27.26 20.17
CA LYS D 260 -26.08 26.22 19.68
C LYS D 260 -26.21 25.10 20.73
N ILE D 261 -25.12 24.75 21.45
CA ILE D 261 -25.21 23.73 22.51
C ILE D 261 -26.17 24.22 23.62
N TRP D 262 -25.96 25.46 24.09
CA TRP D 262 -26.80 26.06 25.12
C TRP D 262 -28.25 26.17 24.69
N MET D 263 -28.52 26.57 23.44
CA MET D 263 -29.89 26.68 22.97
C MET D 263 -30.57 25.32 22.80
N GLY D 264 -29.80 24.27 22.50
CA GLY D 264 -30.34 22.92 22.43
C GLY D 264 -30.71 22.35 23.79
N LYS D 265 -30.05 22.80 24.87
CA LYS D 265 -30.35 22.33 26.23
C LYS D 265 -31.49 23.12 26.90
N MET D 266 -31.95 24.25 26.30
CA MET D 266 -33.05 25.04 26.86
C MET D 266 -34.34 24.24 26.79
N GLN D 267 -35.16 24.34 27.83
CA GLN D 267 -36.47 23.73 27.97
C GLN D 267 -37.48 24.80 28.35
N LYS D 268 -38.70 24.71 27.83
CA LYS D 268 -39.75 25.68 28.14
C LYS D 268 -40.24 25.42 29.55
N LYS D 269 -39.93 26.32 30.48
CA LYS D 269 -40.27 26.22 31.91
C LYS D 269 -40.90 27.55 32.39
N ALA D 270 -41.54 27.52 33.55
CA ALA D 270 -42.07 28.73 34.17
C ALA D 270 -40.88 29.49 34.73
N VAL D 271 -40.69 30.76 34.34
CA VAL D 271 -39.58 31.60 34.80
C VAL D 271 -40.13 32.95 35.23
N ALA D 272 -39.69 33.43 36.40
CA ALA D 272 -39.99 34.75 36.93
C ALA D 272 -38.78 35.61 36.51
N ILE D 273 -38.98 36.45 35.48
CA ILE D 273 -37.94 37.30 34.93
C ILE D 273 -38.04 38.72 35.50
N SER D 274 -36.90 39.29 35.93
CA SER D 274 -36.82 40.68 36.37
C SER D 274 -35.70 41.31 35.56
N LEU D 275 -36.00 42.43 34.85
CA LEU D 275 -35.01 43.12 34.02
C LEU D 275 -34.92 44.60 34.36
N PRO D 276 -33.74 45.25 34.26
CA PRO D 276 -33.73 46.73 34.42
C PRO D 276 -34.54 47.40 33.31
N LYS D 277 -35.37 48.37 33.67
CA LYS D 277 -36.21 49.10 32.73
C LYS D 277 -35.54 50.42 32.42
N GLY D 278 -35.33 50.74 31.13
CA GLY D 278 -34.72 52.01 30.72
C GLY D 278 -34.05 52.01 29.36
N VAL D 279 -33.57 53.18 28.89
CA VAL D 279 -32.86 53.33 27.60
C VAL D 279 -31.36 53.22 27.83
N VAL D 280 -30.69 52.42 27.04
CA VAL D 280 -29.24 52.26 27.10
C VAL D 280 -28.72 52.89 25.79
N GLU D 281 -27.86 53.90 25.88
CA GLU D 281 -27.31 54.59 24.71
C GLU D 281 -25.85 54.21 24.55
N VAL D 282 -25.48 53.60 23.41
CA VAL D 282 -24.10 53.18 23.17
C VAL D 282 -23.64 53.64 21.78
N THR D 283 -22.45 54.27 21.70
CA THR D 283 -21.82 54.62 20.43
C THR D 283 -20.49 53.89 20.33
N HIS D 284 -20.27 53.20 19.20
CA HIS D 284 -19.01 52.52 18.90
C HIS D 284 -18.46 53.08 17.59
N ASP D 285 -17.16 53.35 17.51
CA ASP D 285 -16.54 53.70 16.23
C ASP D 285 -15.89 52.36 15.82
N LEU D 286 -16.48 51.69 14.83
CA LEU D 286 -16.02 50.37 14.41
C LEU D 286 -14.81 50.38 13.47
N GLN D 287 -14.39 51.56 12.99
CA GLN D 287 -13.27 51.68 12.03
C GLN D 287 -12.01 50.90 12.43
N LYS D 288 -11.52 51.09 13.68
CA LYS D 288 -10.31 50.39 14.13
C LYS D 288 -10.47 48.87 14.23
N HIS D 289 -11.66 48.36 14.54
CA HIS D 289 -11.88 46.92 14.63
C HIS D 289 -12.13 46.28 13.26
N LEU D 290 -12.69 47.04 12.29
CA LEU D 290 -12.91 46.50 10.94
C LEU D 290 -11.56 46.22 10.25
N ALA D 291 -10.51 47.00 10.56
CA ALA D 291 -9.18 46.77 10.02
C ALA D 291 -8.66 45.41 10.52
N GLY D 292 -8.87 45.12 11.81
CA GLY D 292 -8.50 43.85 12.42
C GLY D 292 -9.19 42.62 11.83
N LEU D 293 -10.32 42.82 11.11
CA LEU D 293 -11.06 41.75 10.48
C LEU D 293 -10.78 41.61 8.97
N GLY D 294 -9.92 42.46 8.39
CA GLY D 294 -9.56 42.37 6.97
C GLY D 294 -9.82 43.60 6.12
N LEU D 295 -10.48 44.66 6.67
CA LEU D 295 -10.73 45.89 5.92
C LEU D 295 -9.59 46.87 6.22
N THR D 296 -8.41 46.57 5.68
CA THR D 296 -7.19 47.34 5.93
C THR D 296 -6.96 48.49 4.93
N GLU D 297 -7.38 48.32 3.67
CA GLU D 297 -7.16 49.34 2.64
C GLU D 297 -8.11 50.55 2.81
N ALA D 298 -9.43 50.31 2.94
CA ALA D 298 -10.45 51.36 3.05
C ALA D 298 -10.17 52.37 4.17
N ILE D 299 -9.61 51.93 5.28
CA ILE D 299 -9.37 52.78 6.46
C ILE D 299 -8.02 53.52 6.43
N ASP D 300 -7.21 53.36 5.37
CA ASP D 300 -5.90 54.03 5.29
C ASP D 300 -5.95 55.14 4.22
N LYS D 301 -5.63 56.38 4.61
CA LYS D 301 -5.62 57.53 3.70
C LYS D 301 -4.75 57.31 2.44
N ASN D 302 -3.59 56.65 2.59
CA ASN D 302 -2.67 56.39 1.49
C ASN D 302 -2.95 55.10 0.70
N LYS D 303 -3.94 54.28 1.09
CA LYS D 303 -4.25 53.04 0.37
C LYS D 303 -5.67 52.95 -0.15
N ALA D 304 -6.63 53.68 0.44
CA ALA D 304 -8.04 53.58 0.07
C ALA D 304 -8.38 54.06 -1.32
N ASP D 305 -9.22 53.29 -2.02
CA ASP D 305 -9.69 53.60 -3.35
C ASP D 305 -11.21 53.68 -3.28
N LEU D 306 -11.75 54.85 -2.91
CA LEU D 306 -13.19 55.11 -2.87
C LEU D 306 -13.52 56.07 -4.01
N SER D 307 -13.02 55.74 -5.22
CA SER D 307 -13.25 56.55 -6.40
C SER D 307 -14.66 56.39 -6.97
N ARG D 308 -15.31 55.22 -6.79
CA ARG D 308 -16.72 55.06 -7.22
C ARG D 308 -17.66 55.91 -6.34
N MET D 309 -17.26 56.20 -5.09
CA MET D 309 -18.02 56.96 -4.12
C MET D 309 -18.10 58.45 -4.49
N SER D 310 -16.95 59.07 -4.81
CA SER D 310 -16.92 60.50 -5.18
C SER D 310 -15.91 60.89 -6.28
N GLY D 311 -14.81 60.15 -6.42
CA GLY D 311 -13.75 60.46 -7.37
C GLY D 311 -12.67 61.34 -6.77
N LYS D 312 -12.57 61.41 -5.42
CA LYS D 312 -11.59 62.23 -4.70
C LYS D 312 -10.33 61.39 -4.43
N LYS D 313 -9.15 61.99 -4.68
CA LYS D 313 -7.86 61.35 -4.46
C LYS D 313 -7.63 61.29 -2.95
N ASP D 314 -7.38 60.08 -2.40
CA ASP D 314 -7.15 59.82 -0.96
C ASP D 314 -8.43 59.98 -0.08
N LEU D 315 -9.65 59.73 -0.65
CA LEU D 315 -10.89 59.74 0.15
C LEU D 315 -10.95 58.37 0.79
N TYR D 316 -10.83 58.31 2.12
CA TYR D 316 -10.82 57.06 2.86
C TYR D 316 -11.89 57.02 3.96
N LEU D 317 -12.16 55.82 4.50
CA LEU D 317 -13.14 55.64 5.55
C LEU D 317 -12.52 56.02 6.91
N ALA D 318 -12.79 57.24 7.37
CA ALA D 318 -12.26 57.76 8.63
C ALA D 318 -13.00 57.19 9.86
N SER D 319 -14.32 56.98 9.78
CA SER D 319 -15.08 56.44 10.91
C SER D 319 -16.30 55.68 10.47
N VAL D 320 -16.73 54.70 11.28
CA VAL D 320 -17.96 53.93 11.09
C VAL D 320 -18.64 53.98 12.47
N PHE D 321 -19.45 55.00 12.72
CA PHE D 321 -20.16 55.12 13.99
C PHE D 321 -21.40 54.23 13.98
N HIS D 322 -21.52 53.40 15.00
CA HIS D 322 -22.61 52.48 15.19
C HIS D 322 -23.22 52.90 16.53
N ALA D 323 -24.25 53.76 16.45
CA ALA D 323 -24.88 54.35 17.63
C ALA D 323 -26.31 53.85 17.81
N THR D 324 -26.63 53.36 19.02
CA THR D 324 -27.94 52.76 19.30
C THR D 324 -28.50 53.21 20.65
N ALA D 325 -29.82 53.43 20.69
CA ALA D 325 -30.59 53.65 21.90
C ALA D 325 -31.44 52.37 21.97
N PHE D 326 -31.16 51.49 22.94
CA PHE D 326 -31.87 50.23 23.14
C PHE D 326 -32.77 50.43 24.36
N GLU D 327 -34.08 50.35 24.18
CA GLU D 327 -35.01 50.57 25.29
C GLU D 327 -35.62 49.29 25.83
N TRP D 328 -35.42 49.05 27.14
CA TRP D 328 -36.03 47.94 27.86
C TRP D 328 -37.27 48.54 28.50
N ASP D 329 -38.45 48.09 28.06
CA ASP D 329 -39.71 48.61 28.57
C ASP D 329 -40.70 47.45 28.77
N THR D 330 -41.83 47.71 29.43
CA THR D 330 -42.80 46.68 29.73
C THR D 330 -43.67 46.29 28.55
N GLU D 331 -43.84 47.20 27.59
CA GLU D 331 -44.80 47.02 26.51
C GLU D 331 -44.53 45.83 25.58
N GLY D 332 -45.62 45.23 25.16
CA GLY D 332 -45.65 44.06 24.30
C GLY D 332 -47.07 43.70 23.93
N ASN D 333 -47.27 42.54 23.32
CA ASN D 333 -48.61 42.13 22.93
C ASN D 333 -49.40 41.61 24.15
N PRO D 334 -50.73 41.81 24.19
CA PRO D 334 -51.51 41.23 25.30
C PRO D 334 -51.63 39.70 25.16
N PHE D 335 -52.07 39.03 26.23
CA PHE D 335 -52.20 37.57 26.21
C PHE D 335 -53.37 37.14 27.09
N ASP D 336 -53.90 35.92 26.85
CA ASP D 336 -55.00 35.38 27.63
C ASP D 336 -54.44 34.97 29.00
N GLN D 337 -54.87 35.66 30.06
CA GLN D 337 -54.43 35.36 31.42
C GLN D 337 -55.03 34.03 31.92
N ASP D 338 -56.27 33.68 31.46
CA ASP D 338 -56.93 32.43 31.85
C ASP D 338 -56.16 31.16 31.42
N ILE D 339 -55.42 31.21 30.29
CA ILE D 339 -54.61 30.08 29.83
C ILE D 339 -53.50 29.75 30.87
N TYR D 340 -52.86 30.85 31.37
CA TYR D 340 -51.79 30.84 32.39
C TYR D 340 -52.34 30.62 33.83
N GLY D 341 -52.81 29.41 34.09
CA GLY D 341 -53.30 29.00 35.41
C GLY D 341 -52.67 27.72 35.93
N ARG D 342 -51.76 27.10 35.15
CA ARG D 342 -51.09 25.83 35.50
C ARG D 342 -50.33 25.87 36.83
N GLU D 343 -50.17 24.70 37.45
CA GLU D 343 -49.43 24.54 38.71
C GLU D 343 -47.90 24.74 38.51
N GLU D 344 -47.39 24.65 37.27
CA GLU D 344 -45.98 24.86 36.98
C GLU D 344 -45.60 26.33 37.32
N LEU D 345 -46.50 27.28 36.95
CA LEU D 345 -46.34 28.71 37.23
C LEU D 345 -46.31 29.09 38.71
N ARG D 346 -46.65 28.14 39.60
CA ARG D 346 -46.65 28.36 41.05
C ARG D 346 -45.23 28.34 41.65
N SER D 347 -44.29 27.55 41.07
CA SER D 347 -42.91 27.49 41.56
C SER D 347 -41.94 27.76 40.38
N PRO D 348 -41.87 28.99 39.85
CA PRO D 348 -41.00 29.25 38.69
C PRO D 348 -39.51 29.32 39.00
N LYS D 349 -38.70 29.19 37.97
CA LYS D 349 -37.26 29.42 38.05
C LYS D 349 -37.10 30.94 38.19
N LEU D 350 -36.09 31.42 38.91
CA LEU D 350 -35.91 32.86 39.13
C LEU D 350 -34.75 33.36 38.28
N PHE D 351 -35.01 34.28 37.33
CA PHE D 351 -33.98 34.91 36.48
C PHE D 351 -33.98 36.39 36.86
N TYR D 352 -33.11 36.77 37.78
CA TYR D 352 -33.08 38.12 38.32
C TYR D 352 -31.87 38.89 37.77
N ALA D 353 -32.08 39.71 36.71
CA ALA D 353 -30.98 40.41 36.05
C ALA D 353 -30.53 41.69 36.78
N ASP D 354 -29.91 41.51 37.96
CA ASP D 354 -29.41 42.61 38.76
C ASP D 354 -27.88 42.79 38.68
N HIS D 355 -27.23 42.22 37.66
CA HIS D 355 -25.79 42.34 37.50
C HIS D 355 -25.43 42.13 36.02
N PRO D 356 -24.21 42.50 35.54
CA PRO D 356 -23.96 42.44 34.08
C PRO D 356 -24.30 41.12 33.39
N PHE D 357 -24.88 41.25 32.18
CA PHE D 357 -25.30 40.11 31.37
C PHE D 357 -25.03 40.40 29.90
N ILE D 358 -24.99 39.33 29.09
CA ILE D 358 -24.83 39.38 27.65
C ILE D 358 -26.22 39.11 27.05
N PHE D 359 -26.55 39.74 25.93
CA PHE D 359 -27.83 39.50 25.27
C PHE D 359 -27.70 39.49 23.74
N LEU D 360 -28.62 38.78 23.09
CA LEU D 360 -28.69 38.63 21.64
C LEU D 360 -30.14 38.75 21.24
N VAL D 361 -30.41 39.26 20.04
CA VAL D 361 -31.75 39.29 19.46
C VAL D 361 -31.57 38.45 18.19
N ARG D 362 -32.33 37.38 18.06
CA ARG D 362 -32.17 36.39 16.99
C ARG D 362 -33.45 36.28 16.19
N ASP D 363 -33.35 36.26 14.85
CA ASP D 363 -34.50 36.11 13.96
C ASP D 363 -34.94 34.65 14.05
N THR D 364 -36.22 34.39 14.29
CA THR D 364 -36.71 33.03 14.45
C THR D 364 -36.66 32.22 13.14
N GLN D 365 -37.14 32.81 12.03
CA GLN D 365 -37.18 32.11 10.75
C GLN D 365 -35.78 31.77 10.20
N SER D 366 -34.89 32.76 10.11
CA SER D 366 -33.55 32.56 9.55
C SER D 366 -32.45 32.20 10.55
N GLY D 367 -32.66 32.48 11.83
CA GLY D 367 -31.65 32.25 12.85
C GLY D 367 -30.55 33.31 12.85
N SER D 368 -30.68 34.38 12.05
CA SER D 368 -29.66 35.43 11.99
C SER D 368 -29.73 36.39 13.17
N LEU D 369 -28.59 37.00 13.57
CA LEU D 369 -28.58 37.90 14.72
C LEU D 369 -28.89 39.37 14.38
N LEU D 370 -30.04 39.87 14.88
CA LEU D 370 -30.41 41.27 14.71
C LEU D 370 -29.50 42.15 15.56
N PHE D 371 -29.20 41.70 16.82
CA PHE D 371 -28.37 42.42 17.78
C PHE D 371 -27.56 41.46 18.66
N ILE D 372 -26.43 41.95 19.15
CA ILE D 372 -25.56 41.32 20.13
C ILE D 372 -25.03 42.45 21.02
N GLY D 373 -24.99 42.24 22.32
CA GLY D 373 -24.49 43.25 23.24
C GLY D 373 -24.38 42.77 24.67
N ARG D 374 -24.08 43.70 25.55
CA ARG D 374 -23.99 43.41 26.98
C ARG D 374 -24.40 44.64 27.78
N LEU D 375 -25.07 44.41 28.92
CA LEU D 375 -25.44 45.50 29.81
C LEU D 375 -24.55 45.40 31.02
N VAL D 376 -23.66 46.37 31.18
CA VAL D 376 -22.71 46.46 32.27
C VAL D 376 -23.14 47.59 33.23
N ARG D 377 -23.36 48.80 32.70
CA ARG D 377 -23.77 49.93 33.52
C ARG D 377 -25.11 50.50 33.00
N PRO D 378 -26.25 50.22 33.67
CA PRO D 378 -27.51 50.84 33.23
C PRO D 378 -27.48 52.35 33.46
N LYS D 379 -28.40 53.06 32.81
CA LYS D 379 -28.52 54.51 33.00
C LYS D 379 -29.22 54.68 34.37
N GLY D 380 -28.51 55.21 35.36
CA GLY D 380 -29.03 55.36 36.71
C GLY D 380 -28.04 56.00 37.69
N ASP D 381 -28.43 56.29 38.95
CA ASP D 381 -27.50 56.95 39.93
C ASP D 381 -26.69 56.00 40.83
N LYS D 382 -25.41 56.35 41.05
CA LYS D 382 -24.50 55.60 41.91
C LYS D 382 -24.96 55.66 43.35
N MET D 383 -25.19 54.49 43.96
CA MET D 383 -25.60 54.47 45.37
C MET D 383 -24.40 54.62 46.32
N ARG D 384 -24.57 55.54 47.29
CA ARG D 384 -23.61 55.94 48.32
C ARG D 384 -24.39 56.24 49.62
N ASP D 385 -23.71 56.15 50.76
CA ASP D 385 -24.33 56.51 52.05
C ASP D 385 -24.57 58.03 52.11
N GLU D 386 -25.74 58.46 52.59
CA GLU D 386 -26.10 59.88 52.70
C GLU D 386 -25.62 60.44 54.05
N ALA E 4 -23.91 17.90 10.54
CA ALA E 4 -23.67 18.46 11.87
C ALA E 4 -24.83 18.15 12.85
N LEU E 5 -26.10 18.40 12.43
CA LEU E 5 -27.33 18.15 13.20
C LEU E 5 -27.40 18.90 14.55
N SER E 6 -28.41 19.77 14.73
CA SER E 6 -28.54 20.56 15.97
C SER E 6 -29.03 19.68 17.15
N PRO E 7 -28.80 20.03 18.44
CA PRO E 7 -29.27 19.16 19.54
C PRO E 7 -30.79 18.98 19.62
N LYS E 8 -31.60 19.95 19.16
CA LYS E 8 -33.07 19.77 19.16
C LYS E 8 -33.43 18.79 18.04
N ALA E 9 -32.77 18.90 16.86
CA ALA E 9 -32.99 17.95 15.75
C ALA E 9 -32.57 16.54 16.19
N ALA E 10 -31.44 16.40 16.90
CA ALA E 10 -30.97 15.11 17.40
C ALA E 10 -31.97 14.48 18.39
N THR E 11 -32.59 15.28 19.29
CA THR E 11 -33.58 14.76 20.23
C THR E 11 -34.85 14.38 19.47
N LEU E 12 -35.29 15.23 18.53
CA LEU E 12 -36.45 14.93 17.68
C LEU E 12 -36.21 13.66 16.83
N ALA E 13 -34.97 13.41 16.36
CA ALA E 13 -34.64 12.19 15.63
C ALA E 13 -34.87 10.95 16.50
N GLU E 14 -34.46 11.00 17.78
CA GLU E 14 -34.61 9.88 18.72
C GLU E 14 -36.09 9.64 19.05
N ARG E 15 -36.86 10.73 19.19
CA ARG E 15 -38.29 10.63 19.47
C ARG E 15 -39.06 10.16 18.24
N SER E 16 -38.61 10.54 17.03
CA SER E 16 -39.18 10.05 15.77
C SER E 16 -38.92 8.55 15.69
N ALA E 17 -37.68 8.09 16.00
CA ALA E 17 -37.32 6.67 16.03
C ALA E 17 -38.22 5.88 16.99
N GLY E 18 -38.38 6.36 18.24
CA GLY E 18 -39.24 5.72 19.24
C GLY E 18 -40.67 5.62 18.76
N LEU E 19 -41.18 6.73 18.23
CA LEU E 19 -42.51 6.79 17.61
C LEU E 19 -42.68 5.73 16.49
N ALA E 20 -41.70 5.62 15.60
CA ALA E 20 -41.73 4.63 14.51
C ALA E 20 -41.65 3.19 15.03
N PHE E 21 -40.81 2.88 16.06
CA PHE E 21 -40.79 1.52 16.63
C PHE E 21 -42.21 1.18 17.18
N SER E 22 -42.91 2.16 17.82
CA SER E 22 -44.29 1.96 18.33
C SER E 22 -45.28 1.70 17.20
N LEU E 23 -45.29 2.52 16.14
CA LEU E 23 -46.20 2.28 15.01
C LEU E 23 -45.92 0.94 14.36
N TYR E 24 -44.63 0.59 14.23
CA TYR E 24 -44.22 -0.70 13.68
C TYR E 24 -44.83 -1.84 14.52
N GLN E 25 -44.71 -1.78 15.87
CA GLN E 25 -45.26 -2.82 16.75
C GLN E 25 -46.79 -2.89 16.64
N ALA E 26 -47.46 -1.73 16.65
CA ALA E 26 -48.92 -1.67 16.52
C ALA E 26 -49.38 -2.27 15.21
N MET E 27 -48.68 -1.99 14.11
CA MET E 27 -49.06 -2.53 12.80
C MET E 27 -48.72 -4.03 12.68
N ALA E 28 -47.60 -4.46 13.30
CA ALA E 28 -47.17 -5.86 13.29
C ALA E 28 -48.18 -6.78 13.98
N LYS E 29 -48.89 -6.28 15.02
CA LYS E 29 -49.94 -7.04 15.71
C LYS E 29 -51.13 -7.30 14.77
N ASP E 30 -51.44 -6.36 13.87
CA ASP E 30 -52.55 -6.47 12.92
C ASP E 30 -52.29 -7.62 11.95
N GLN E 31 -53.21 -8.60 11.94
CA GLN E 31 -53.09 -9.78 11.07
C GLN E 31 -53.17 -9.43 9.59
N ALA E 32 -53.89 -8.37 9.22
CA ALA E 32 -54.04 -7.95 7.83
C ALA E 32 -52.75 -7.29 7.25
N VAL E 33 -51.88 -6.72 8.11
CA VAL E 33 -50.66 -6.05 7.66
C VAL E 33 -49.56 -7.07 7.27
N GLU E 34 -48.99 -6.94 6.05
CA GLU E 34 -47.90 -7.80 5.57
C GLU E 34 -46.58 -6.99 5.58
N ASN E 35 -46.22 -6.25 4.49
CA ASN E 35 -44.98 -5.47 4.50
C ASN E 35 -45.19 -4.20 5.30
N ILE E 36 -44.15 -3.74 6.00
CA ILE E 36 -44.20 -2.51 6.78
C ILE E 36 -43.08 -1.63 6.27
N LEU E 37 -43.33 -0.33 6.12
CA LEU E 37 -42.29 0.59 5.68
C LEU E 37 -42.56 1.97 6.26
N LEU E 38 -41.70 2.44 7.17
CA LEU E 38 -41.90 3.73 7.81
C LEU E 38 -40.63 4.55 7.83
N SER E 39 -40.77 5.85 7.57
CA SER E 39 -39.68 6.81 7.63
C SER E 39 -39.97 7.60 8.90
N PRO E 40 -39.20 7.42 10.01
CA PRO E 40 -39.54 8.14 11.25
C PRO E 40 -39.76 9.65 11.11
N VAL E 41 -38.93 10.33 10.32
CA VAL E 41 -39.04 11.78 10.15
C VAL E 41 -40.32 12.17 9.38
N VAL E 42 -40.76 11.36 8.43
CA VAL E 42 -41.98 11.65 7.67
C VAL E 42 -43.21 11.42 8.56
N VAL E 43 -43.17 10.40 9.40
CA VAL E 43 -44.23 10.12 10.36
C VAL E 43 -44.30 11.30 11.34
N ALA E 44 -43.15 11.72 11.88
CA ALA E 44 -43.08 12.85 12.79
C ALA E 44 -43.57 14.15 12.14
N SER E 45 -43.20 14.40 10.85
CA SER E 45 -43.61 15.62 10.14
C SER E 45 -45.14 15.69 9.99
N SER E 46 -45.83 14.54 9.97
CA SER E 46 -47.28 14.51 9.91
C SER E 46 -47.87 15.06 11.21
N LEU E 47 -47.28 14.71 12.36
CA LEU E 47 -47.70 15.22 13.65
C LEU E 47 -47.37 16.71 13.76
N GLY E 48 -46.22 17.12 13.24
CA GLY E 48 -45.84 18.53 13.20
C GLY E 48 -46.82 19.35 12.39
N LEU E 49 -47.39 18.80 11.30
CA LEU E 49 -48.39 19.49 10.49
C LEU E 49 -49.72 19.64 11.25
N VAL E 50 -50.08 18.64 12.09
CA VAL E 50 -51.29 18.69 12.90
C VAL E 50 -51.10 19.76 14.00
N SER E 51 -49.90 19.86 14.57
CA SER E 51 -49.54 20.88 15.56
C SER E 51 -49.62 22.29 14.93
N LEU E 52 -49.15 22.42 13.69
CA LEU E 52 -49.11 23.69 12.98
C LEU E 52 -50.51 24.15 12.54
N GLY E 53 -51.36 23.22 12.12
CA GLY E 53 -52.72 23.51 11.69
C GLY E 53 -53.79 23.39 12.75
N GLY E 54 -53.42 22.98 13.96
CA GLY E 54 -54.35 22.79 15.05
C GLY E 54 -54.25 23.78 16.18
N LYS E 55 -55.24 23.71 17.09
CA LYS E 55 -55.38 24.54 18.29
C LYS E 55 -55.78 23.64 19.47
N ALA E 56 -55.61 24.15 20.71
CA ALA E 56 -56.09 23.51 21.94
C ALA E 56 -55.55 22.01 22.05
N THR E 57 -56.29 20.97 22.58
CA THR E 57 -55.78 19.61 22.70
C THR E 57 -55.47 18.96 21.35
N THR E 58 -56.03 19.44 20.22
CA THR E 58 -55.72 18.88 18.91
C THR E 58 -54.22 19.08 18.61
N ALA E 59 -53.70 20.29 18.82
CA ALA E 59 -52.30 20.60 18.60
C ALA E 59 -51.40 20.08 19.72
N SER E 60 -51.83 20.22 21.00
CA SER E 60 -51.00 19.79 22.12
C SER E 60 -50.84 18.26 22.19
N GLN E 61 -51.85 17.48 21.75
CA GLN E 61 -51.72 16.02 21.71
C GLN E 61 -50.67 15.62 20.65
N ALA E 62 -50.58 16.35 19.52
CA ALA E 62 -49.57 16.08 18.50
C ALA E 62 -48.17 16.28 19.05
N LYS E 63 -47.96 17.34 19.85
CA LYS E 63 -46.66 17.59 20.47
C LYS E 63 -46.37 16.52 21.55
N ALA E 64 -47.40 16.02 22.24
CA ALA E 64 -47.23 14.99 23.27
C ALA E 64 -46.86 13.64 22.66
N VAL E 65 -47.36 13.33 21.45
CA VAL E 65 -46.98 12.08 20.77
C VAL E 65 -45.48 12.15 20.36
N LEU E 66 -44.98 13.35 19.99
CA LEU E 66 -43.56 13.55 19.67
C LEU E 66 -42.69 13.77 20.92
N SER E 67 -43.26 13.69 22.16
CA SER E 67 -42.55 14.00 23.42
C SER E 67 -41.86 15.37 23.35
N ALA E 68 -42.52 16.33 22.69
CA ALA E 68 -42.00 17.67 22.49
C ALA E 68 -42.84 18.73 23.18
N GLU E 69 -43.55 18.39 24.28
CA GLU E 69 -44.35 19.42 24.98
C GLU E 69 -43.44 20.45 25.66
N GLN E 70 -42.21 20.06 26.06
CA GLN E 70 -41.26 20.99 26.66
C GLN E 70 -40.47 21.81 25.61
N LEU E 71 -40.81 21.67 24.31
CA LEU E 71 -40.17 22.42 23.23
C LEU E 71 -41.16 23.44 22.70
N ARG E 72 -40.65 24.57 22.23
CA ARG E 72 -41.51 25.59 21.62
C ARG E 72 -42.04 25.08 20.27
N ASP E 73 -43.17 25.62 19.80
CA ASP E 73 -43.74 25.25 18.49
C ASP E 73 -42.73 25.46 17.37
N GLU E 74 -42.04 26.62 17.36
CA GLU E 74 -41.01 26.93 16.36
C GLU E 74 -39.84 25.96 16.42
N GLU E 75 -39.46 25.46 17.60
CA GLU E 75 -38.38 24.49 17.74
C GLU E 75 -38.77 23.14 17.10
N VAL E 76 -40.05 22.75 17.23
CA VAL E 76 -40.53 21.48 16.67
C VAL E 76 -40.55 21.57 15.13
N HIS E 77 -41.15 22.64 14.59
CA HIS E 77 -41.25 22.81 13.15
C HIS E 77 -39.88 22.99 12.47
N ALA E 78 -38.95 23.72 13.11
CA ALA E 78 -37.62 23.89 12.55
C ALA E 78 -36.76 22.63 12.73
N GLY E 79 -36.95 21.90 13.83
CA GLY E 79 -36.21 20.68 14.10
C GLY E 79 -36.60 19.54 13.18
N LEU E 80 -37.91 19.35 12.94
CA LEU E 80 -38.40 18.33 12.01
C LEU E 80 -38.05 18.73 10.57
N GLY E 81 -38.11 20.03 10.25
CA GLY E 81 -37.72 20.55 8.94
C GLY E 81 -36.26 20.32 8.65
N GLU E 82 -35.39 20.43 9.67
CA GLU E 82 -33.97 20.17 9.55
C GLU E 82 -33.74 18.68 9.26
N LEU E 83 -34.46 17.79 9.96
CA LEU E 83 -34.34 16.35 9.74
C LEU E 83 -34.81 15.94 8.35
N LEU E 84 -35.88 16.58 7.82
CA LEU E 84 -36.37 16.28 6.47
C LEU E 84 -35.35 16.69 5.42
N ARG E 85 -34.69 17.85 5.59
CA ARG E 85 -33.68 18.32 4.65
C ARG E 85 -32.37 17.53 4.79
N SER E 86 -32.06 16.99 5.99
CA SER E 86 -30.87 16.16 6.17
C SER E 86 -31.01 14.77 5.47
N LEU E 87 -32.25 14.37 5.07
CA LEU E 87 -32.50 13.13 4.33
C LEU E 87 -32.02 13.35 2.89
N SER E 88 -32.32 14.51 2.28
CA SER E 88 -31.86 14.85 0.92
C SER E 88 -30.39 15.35 0.94
N ASN E 89 -29.49 14.64 1.69
CA ASN E 89 -28.06 14.94 1.82
C ASN E 89 -27.21 13.63 1.91
N SER E 90 -27.60 12.68 2.78
CA SER E 90 -26.93 11.37 2.89
C SER E 90 -27.22 10.50 1.63
N THR E 91 -28.40 10.68 1.02
CA THR E 91 -28.81 9.99 -0.23
C THR E 91 -28.61 10.93 -1.44
N ALA E 92 -28.64 10.38 -2.67
CA ALA E 92 -28.55 11.21 -3.87
C ALA E 92 -29.90 11.94 -4.00
N ARG E 93 -29.98 13.18 -3.48
CA ARG E 93 -31.20 13.99 -3.46
C ARG E 93 -31.95 14.01 -4.80
N ASN E 94 -33.18 13.44 -4.80
CA ASN E 94 -34.10 13.38 -5.94
C ASN E 94 -33.63 12.47 -7.09
N VAL E 95 -32.80 11.45 -6.76
CA VAL E 95 -32.36 10.42 -7.71
C VAL E 95 -32.67 9.05 -7.03
N THR E 96 -32.09 8.79 -5.83
CA THR E 96 -32.33 7.60 -5.03
C THR E 96 -33.29 7.88 -3.84
N TRP E 97 -33.75 9.15 -3.65
CA TRP E 97 -34.66 9.53 -2.58
C TRP E 97 -35.60 10.66 -3.07
N LYS E 98 -36.90 10.40 -3.11
CA LYS E 98 -37.90 11.38 -3.53
C LYS E 98 -39.02 11.39 -2.49
N LEU E 99 -39.44 12.57 -2.04
CA LEU E 99 -40.49 12.72 -1.05
C LEU E 99 -41.41 13.87 -1.45
N GLY E 100 -42.70 13.65 -1.31
CA GLY E 100 -43.72 14.67 -1.49
C GLY E 100 -44.74 14.54 -0.39
N SER E 101 -45.27 15.68 0.06
CA SER E 101 -46.31 15.71 1.11
C SER E 101 -47.41 16.63 0.60
N ARG E 102 -48.65 16.14 0.61
CA ARG E 102 -49.78 16.90 0.10
C ARG E 102 -50.97 16.77 1.01
N LEU E 103 -51.60 17.91 1.35
CA LEU E 103 -52.82 17.93 2.16
C LEU E 103 -53.99 18.17 1.21
N TYR E 104 -54.96 17.25 1.20
CA TYR E 104 -56.14 17.31 0.37
C TYR E 104 -57.33 17.65 1.26
N GLY E 105 -57.91 18.81 1.04
CA GLY E 105 -59.11 19.21 1.77
C GLY E 105 -60.34 19.14 0.87
N PRO E 106 -61.57 18.95 1.39
CA PRO E 106 -62.74 18.96 0.50
C PRO E 106 -62.88 20.27 -0.31
N SER E 107 -63.62 20.21 -1.42
CA SER E 107 -63.85 21.38 -2.28
C SER E 107 -64.47 22.56 -1.51
N SER E 108 -65.32 22.26 -0.49
CA SER E 108 -65.94 23.27 0.37
C SER E 108 -65.00 23.77 1.51
N VAL E 109 -63.65 23.73 1.31
CA VAL E 109 -62.66 24.12 2.30
C VAL E 109 -61.57 24.95 1.61
N SER E 110 -61.14 26.05 2.26
CA SER E 110 -60.06 26.91 1.75
C SER E 110 -58.99 26.97 2.85
N PHE E 111 -57.74 26.56 2.52
CA PHE E 111 -56.65 26.57 3.49
C PHE E 111 -56.22 28.00 3.81
N ALA E 112 -55.94 28.28 5.09
CA ALA E 112 -55.51 29.60 5.53
C ALA E 112 -54.14 29.92 4.94
N GLU E 113 -53.96 31.16 4.47
CA GLU E 113 -52.69 31.60 3.86
C GLU E 113 -51.53 31.45 4.82
N ASP E 114 -51.75 31.71 6.11
CA ASP E 114 -50.72 31.59 7.13
C ASP E 114 -50.26 30.12 7.27
N PHE E 115 -51.20 29.16 7.25
CA PHE E 115 -50.88 27.74 7.34
C PHE E 115 -50.16 27.28 6.07
N VAL E 116 -50.61 27.72 4.88
CA VAL E 116 -50.00 27.35 3.60
C VAL E 116 -48.53 27.82 3.59
N ARG E 117 -48.26 29.06 4.02
CA ARG E 117 -46.89 29.59 4.01
C ARG E 117 -45.95 28.82 4.97
N SER E 118 -46.38 28.58 6.23
CA SER E 118 -45.53 27.88 7.21
C SER E 118 -45.41 26.37 6.95
N SER E 119 -46.46 25.71 6.44
CA SER E 119 -46.38 24.27 6.13
C SER E 119 -45.47 24.03 4.92
N LYS E 120 -45.45 24.97 3.95
CA LYS E 120 -44.57 24.91 2.79
C LYS E 120 -43.13 25.22 3.25
N GLN E 121 -42.93 26.18 4.17
CA GLN E 121 -41.62 26.56 4.69
C GLN E 121 -40.93 25.43 5.50
N HIS E 122 -41.63 24.85 6.48
CA HIS E 122 -41.02 23.82 7.34
C HIS E 122 -41.08 22.41 6.76
N TYR E 123 -42.21 22.02 6.18
CA TYR E 123 -42.42 20.65 5.72
C TYR E 123 -42.50 20.48 4.21
N ASN E 124 -42.28 21.55 3.41
CA ASN E 124 -42.42 21.50 1.94
C ASN E 124 -43.81 20.94 1.53
N CYS E 125 -44.84 21.23 2.35
CA CYS E 125 -46.18 20.71 2.19
C CYS E 125 -46.88 21.38 1.03
N GLU E 126 -47.60 20.58 0.24
CA GLU E 126 -48.40 21.02 -0.89
C GLU E 126 -49.86 20.96 -0.45
N HIS E 127 -50.73 21.73 -1.12
CA HIS E 127 -52.13 21.79 -0.74
C HIS E 127 -53.01 21.67 -1.97
N SER E 128 -54.11 20.94 -1.86
CA SER E 128 -55.01 20.74 -2.99
C SER E 128 -56.43 20.53 -2.52
N LYS E 129 -57.40 21.08 -3.27
CA LYS E 129 -58.82 20.89 -2.99
C LYS E 129 -59.24 19.63 -3.77
N ILE E 130 -60.08 18.78 -3.18
CA ILE E 130 -60.48 17.53 -3.82
C ILE E 130 -61.98 17.30 -3.63
N ASN E 131 -62.65 16.78 -4.65
CA ASN E 131 -64.08 16.51 -4.61
C ASN E 131 -64.29 15.01 -4.40
N PHE E 132 -64.58 14.61 -3.16
CA PHE E 132 -64.80 13.19 -2.88
C PHE E 132 -66.17 12.68 -3.38
N ARG E 133 -67.08 13.59 -3.85
CA ARG E 133 -68.38 13.19 -4.46
C ARG E 133 -68.05 12.29 -5.69
N ASP E 134 -67.02 12.72 -6.49
CA ASP E 134 -66.50 12.01 -7.64
C ASP E 134 -65.32 11.15 -7.11
N LYS E 135 -65.60 9.89 -6.73
CA LYS E 135 -64.58 9.02 -6.13
C LYS E 135 -63.48 8.57 -7.10
N ARG E 136 -63.82 8.21 -8.34
CA ARG E 136 -62.79 7.78 -9.29
C ARG E 136 -61.83 8.93 -9.61
N SER E 137 -62.32 10.19 -9.69
CA SER E 137 -61.46 11.35 -9.95
C SER E 137 -60.65 11.75 -8.72
N ALA E 138 -61.19 11.55 -7.51
CA ALA E 138 -60.45 11.87 -6.31
C ALA E 138 -59.25 10.90 -6.18
N LEU E 139 -59.47 9.61 -6.43
CA LEU E 139 -58.40 8.61 -6.38
C LEU E 139 -57.38 8.84 -7.49
N GLN E 140 -57.84 9.23 -8.69
CA GLN E 140 -56.96 9.48 -9.82
C GLN E 140 -56.04 10.66 -9.50
N SER E 141 -56.54 11.70 -8.84
CA SER E 141 -55.73 12.85 -8.48
C SER E 141 -54.65 12.49 -7.45
N ILE E 142 -55.00 11.69 -6.44
CA ILE E 142 -54.06 11.30 -5.40
C ILE E 142 -52.98 10.40 -6.02
N ASN E 143 -53.40 9.39 -6.78
CA ASN E 143 -52.49 8.45 -7.41
C ASN E 143 -51.57 9.10 -8.45
N GLU E 144 -52.08 10.01 -9.29
CA GLU E 144 -51.26 10.70 -10.27
C GLU E 144 -50.25 11.63 -9.61
N TRP E 145 -50.62 12.26 -8.49
CA TRP E 145 -49.70 13.12 -7.76
C TRP E 145 -48.55 12.27 -7.16
N ALA E 146 -48.89 11.12 -6.58
CA ALA E 146 -47.87 10.23 -6.01
C ALA E 146 -46.98 9.66 -7.12
N ALA E 147 -47.57 9.30 -8.27
CA ALA E 147 -46.82 8.80 -9.40
C ALA E 147 -45.85 9.86 -9.93
N GLN E 148 -46.26 11.13 -10.08
CA GLN E 148 -45.34 12.17 -10.55
C GLN E 148 -44.26 12.48 -9.50
N THR E 149 -44.60 12.42 -8.20
CA THR E 149 -43.65 12.66 -7.12
C THR E 149 -42.51 11.64 -7.17
N THR E 150 -42.84 10.38 -7.48
CA THR E 150 -41.89 9.26 -7.55
C THR E 150 -41.52 8.85 -8.98
N ASP E 151 -41.92 9.62 -10.02
CA ASP E 151 -41.67 9.34 -11.44
C ASP E 151 -42.08 7.93 -11.88
N GLY E 152 -43.27 7.51 -11.46
CA GLY E 152 -43.85 6.22 -11.80
C GLY E 152 -43.50 5.06 -10.90
N LYS E 153 -42.55 5.24 -9.96
CA LYS E 153 -42.15 4.13 -9.07
C LYS E 153 -43.24 3.72 -8.10
N LEU E 154 -44.09 4.66 -7.70
CA LEU E 154 -45.23 4.40 -6.84
C LEU E 154 -46.45 4.85 -7.64
N PRO E 155 -46.98 4.01 -8.56
CA PRO E 155 -48.08 4.46 -9.42
C PRO E 155 -49.45 4.56 -8.76
N GLU E 156 -49.59 4.06 -7.53
CA GLU E 156 -50.87 4.04 -6.84
C GLU E 156 -50.67 4.08 -5.32
N VAL E 157 -51.35 5.00 -4.64
CA VAL E 157 -51.31 5.11 -3.19
C VAL E 157 -52.41 4.19 -2.65
N THR E 158 -53.67 4.37 -3.08
CA THR E 158 -54.77 3.58 -2.58
C THR E 158 -55.83 3.33 -3.65
N LYS E 159 -56.59 2.25 -3.47
CA LYS E 159 -57.69 1.87 -4.35
C LYS E 159 -59.05 2.38 -3.82
N ASP E 160 -59.12 2.92 -2.57
CA ASP E 160 -60.37 3.42 -2.01
C ASP E 160 -60.10 4.38 -0.83
N VAL E 161 -60.89 5.47 -0.74
CA VAL E 161 -60.82 6.45 0.35
C VAL E 161 -62.03 6.20 1.27
N GLU E 162 -61.80 5.60 2.45
CA GLU E 162 -62.87 5.26 3.40
C GLU E 162 -63.58 6.50 3.98
N ARG E 163 -62.82 7.46 4.54
CA ARG E 163 -63.36 8.66 5.17
C ARG E 163 -63.19 9.86 4.24
N THR E 164 -64.33 10.32 3.67
CA THR E 164 -64.38 11.39 2.67
C THR E 164 -64.88 12.76 3.20
N ASP E 165 -64.98 12.96 4.52
CA ASP E 165 -65.47 14.24 5.07
C ASP E 165 -64.43 15.01 5.89
N GLY E 166 -63.15 14.78 5.62
CA GLY E 166 -62.07 15.47 6.32
C GLY E 166 -60.86 15.70 5.44
N ALA E 167 -59.76 16.13 6.08
CA ALA E 167 -58.48 16.38 5.43
C ALA E 167 -57.73 15.05 5.25
N LEU E 168 -57.05 14.92 4.12
CA LEU E 168 -56.28 13.73 3.75
C LEU E 168 -54.83 14.18 3.63
N LEU E 169 -53.94 13.63 4.46
CA LEU E 169 -52.51 13.94 4.34
C LEU E 169 -51.87 12.76 3.61
N VAL E 170 -51.17 13.01 2.50
CA VAL E 170 -50.54 11.96 1.71
C VAL E 170 -49.06 12.23 1.62
N ASN E 171 -48.25 11.22 1.95
CA ASN E 171 -46.79 11.27 1.84
C ASN E 171 -46.42 10.19 0.84
N ALA E 172 -45.79 10.56 -0.27
CA ALA E 172 -45.39 9.63 -1.33
C ALA E 172 -43.87 9.64 -1.37
N MET E 173 -43.26 8.45 -1.31
CA MET E 173 -41.80 8.33 -1.28
C MET E 173 -41.26 7.26 -2.20
N PHE E 174 -40.03 7.48 -2.66
CA PHE E 174 -39.24 6.50 -3.41
C PHE E 174 -37.88 6.49 -2.76
N PHE E 175 -37.39 5.31 -2.35
CA PHE E 175 -36.06 5.19 -1.80
C PHE E 175 -35.39 3.97 -2.43
N LYS E 176 -34.15 4.14 -2.87
CA LYS E 176 -33.40 3.10 -3.50
C LYS E 176 -32.02 3.08 -2.84
N PRO E 177 -31.72 2.16 -1.90
CA PRO E 177 -30.38 2.16 -1.30
C PRO E 177 -29.27 1.94 -2.34
N HIS E 178 -28.30 2.85 -2.41
CA HIS E 178 -27.17 2.79 -3.32
C HIS E 178 -26.02 2.22 -2.50
N TRP E 179 -25.63 0.97 -2.75
CA TRP E 179 -24.63 0.28 -1.94
C TRP E 179 -23.25 0.92 -2.01
N ASP E 180 -22.50 0.87 -0.92
CA ASP E 180 -21.12 1.38 -0.93
C ASP E 180 -20.26 0.48 -1.86
N GLU E 181 -20.61 -0.82 -1.99
CA GLU E 181 -19.96 -1.73 -2.91
C GLU E 181 -21.09 -2.39 -3.68
N LYS E 182 -21.18 -2.06 -4.97
CA LYS E 182 -22.24 -2.55 -5.84
C LYS E 182 -22.28 -4.08 -6.01
N PHE E 183 -23.45 -4.60 -6.37
CA PHE E 183 -23.62 -5.97 -6.81
C PHE E 183 -23.37 -5.91 -8.32
N HIS E 184 -22.87 -6.99 -8.91
CA HIS E 184 -22.66 -7.05 -10.34
C HIS E 184 -24.06 -7.18 -10.98
N HIS E 185 -24.36 -6.37 -12.02
CA HIS E 185 -25.69 -6.34 -12.64
C HIS E 185 -26.14 -7.68 -13.25
N LYS E 186 -25.21 -8.59 -13.56
CA LYS E 186 -25.57 -9.90 -14.10
C LYS E 186 -25.67 -10.98 -12.99
N MET E 187 -25.39 -10.67 -11.74
CA MET E 187 -25.43 -11.65 -10.63
C MET E 187 -26.82 -11.72 -10.04
N VAL E 188 -27.78 -12.05 -10.92
CA VAL E 188 -29.19 -12.12 -10.60
C VAL E 188 -29.78 -13.39 -11.23
N ASP E 189 -30.74 -14.00 -10.56
CA ASP E 189 -31.39 -15.23 -11.05
C ASP E 189 -32.75 -15.46 -10.39
N ASN E 190 -33.54 -16.42 -10.86
CA ASN E 190 -34.82 -16.73 -10.27
C ASN E 190 -34.65 -17.67 -9.10
N ARG E 191 -35.28 -17.33 -7.97
CA ARG E 191 -35.27 -18.13 -6.75
C ARG E 191 -36.65 -18.06 -6.10
N GLY E 192 -36.92 -18.99 -5.19
CA GLY E 192 -38.15 -18.99 -4.43
C GLY E 192 -37.96 -18.21 -3.15
N PHE E 193 -38.98 -17.47 -2.73
CA PHE E 193 -38.96 -16.75 -1.46
C PHE E 193 -40.12 -17.35 -0.66
N MET E 194 -39.82 -17.90 0.50
CA MET E 194 -40.82 -18.51 1.36
C MET E 194 -41.46 -17.46 2.22
N VAL E 195 -42.68 -17.04 1.83
CA VAL E 195 -43.46 -16.07 2.62
C VAL E 195 -43.83 -16.79 3.96
N THR E 196 -44.30 -18.03 3.87
CA THR E 196 -44.58 -18.91 5.01
C THR E 196 -43.91 -20.28 4.68
N ARG E 197 -43.96 -21.23 5.63
CA ARG E 197 -43.45 -22.57 5.41
C ARG E 197 -44.16 -23.28 4.23
N SER E 198 -45.43 -22.92 3.95
CA SER E 198 -46.22 -23.56 2.89
C SER E 198 -46.53 -22.65 1.69
N TYR E 199 -45.98 -21.43 1.64
CA TYR E 199 -46.23 -20.54 0.52
C TYR E 199 -44.95 -19.89 0.00
N THR E 200 -44.60 -20.17 -1.25
CA THR E 200 -43.39 -19.66 -1.89
C THR E 200 -43.78 -18.85 -3.12
N VAL E 201 -43.15 -17.68 -3.29
CA VAL E 201 -43.34 -16.86 -4.49
C VAL E 201 -42.03 -16.81 -5.27
N GLY E 202 -42.13 -16.71 -6.58
CA GLY E 202 -40.98 -16.60 -7.46
C GLY E 202 -40.45 -15.18 -7.49
N VAL E 203 -39.16 -14.99 -7.16
CA VAL E 203 -38.49 -13.69 -7.12
C VAL E 203 -37.18 -13.73 -7.92
N THR E 204 -36.65 -12.56 -8.26
CA THR E 204 -35.31 -12.43 -8.82
C THR E 204 -34.45 -12.13 -7.59
N MET E 205 -33.32 -12.83 -7.42
CA MET E 205 -32.43 -12.56 -6.31
C MET E 205 -31.10 -12.06 -6.83
N MET E 206 -30.47 -11.15 -6.09
CA MET E 206 -29.16 -10.58 -6.44
C MET E 206 -28.14 -11.09 -5.42
N HIS E 207 -26.93 -11.40 -5.87
CA HIS E 207 -25.92 -12.05 -5.02
C HIS E 207 -24.57 -11.36 -5.09
N ARG E 208 -23.90 -11.25 -3.94
CA ARG E 208 -22.52 -10.75 -3.89
C ARG E 208 -21.80 -11.21 -2.62
N THR E 209 -20.48 -11.28 -2.67
CA THR E 209 -19.65 -11.62 -1.51
C THR E 209 -18.76 -10.43 -1.22
N GLY E 210 -18.68 -10.03 0.05
CA GLY E 210 -17.83 -8.95 0.49
C GLY E 210 -17.61 -8.97 1.99
N LEU E 211 -16.90 -7.97 2.51
CA LEU E 211 -16.65 -7.87 3.94
C LEU E 211 -17.77 -7.00 4.53
N TYR E 212 -18.54 -7.57 5.47
CA TYR E 212 -19.66 -6.89 6.11
C TYR E 212 -19.64 -7.16 7.60
N ASN E 213 -20.13 -6.17 8.38
CA ASN E 213 -20.30 -6.34 9.83
C ASN E 213 -21.43 -7.34 10.00
N TYR E 214 -21.18 -8.40 10.79
CA TYR E 214 -22.07 -9.53 10.88
C TYR E 214 -22.09 -10.14 12.29
N TYR E 215 -23.25 -10.67 12.68
CA TYR E 215 -23.39 -11.38 13.93
C TYR E 215 -24.44 -12.46 13.75
N ASP E 216 -24.14 -13.68 14.21
CA ASP E 216 -25.06 -14.79 14.18
C ASP E 216 -25.43 -15.08 15.64
N ASP E 217 -26.65 -14.73 16.04
CA ASP E 217 -27.11 -14.93 17.41
C ASP E 217 -27.59 -16.36 17.59
N GLU E 218 -26.78 -17.21 18.20
CA GLU E 218 -27.14 -18.61 18.41
C GLU E 218 -28.25 -18.78 19.45
N LYS E 219 -28.29 -17.91 20.47
CA LYS E 219 -29.32 -17.96 21.51
C LYS E 219 -30.70 -17.56 20.95
N GLU E 220 -30.81 -16.38 20.32
CA GLU E 220 -32.08 -15.91 19.78
C GLU E 220 -32.37 -16.38 18.35
N LYS E 221 -31.47 -17.16 17.74
CA LYS E 221 -31.65 -17.77 16.42
C LYS E 221 -31.97 -16.79 15.29
N LEU E 222 -31.01 -15.91 14.99
CA LEU E 222 -31.13 -14.97 13.88
C LEU E 222 -29.75 -14.52 13.39
N GLN E 223 -29.70 -14.01 12.15
CA GLN E 223 -28.49 -13.42 11.57
C GLN E 223 -28.71 -11.91 11.43
N ILE E 224 -27.64 -11.13 11.61
CA ILE E 224 -27.67 -9.67 11.49
C ILE E 224 -26.51 -9.27 10.60
N VAL E 225 -26.78 -8.47 9.56
CA VAL E 225 -25.74 -8.01 8.65
C VAL E 225 -25.95 -6.50 8.39
N GLU E 226 -24.86 -5.73 8.37
CA GLU E 226 -24.90 -4.31 8.14
C GLU E 226 -24.24 -4.08 6.78
N MET E 227 -25.01 -3.52 5.84
CA MET E 227 -24.57 -3.23 4.50
C MET E 227 -24.41 -1.73 4.39
N PRO E 228 -23.19 -1.16 4.33
CA PRO E 228 -23.08 0.30 4.16
C PRO E 228 -23.64 0.77 2.82
N LEU E 229 -24.19 1.97 2.84
CA LEU E 229 -24.67 2.65 1.65
C LEU E 229 -23.59 3.67 1.21
N ALA E 230 -23.77 4.28 0.02
CA ALA E 230 -22.82 5.18 -0.63
C ALA E 230 -22.02 6.06 0.32
N HIS E 231 -20.66 5.96 0.24
CA HIS E 231 -19.71 6.73 1.02
C HIS E 231 -19.82 6.51 2.53
N LYS E 232 -20.40 5.37 2.95
CA LYS E 232 -20.60 5.00 4.36
C LYS E 232 -21.31 6.09 5.18
N LEU E 233 -22.14 6.93 4.53
CA LEU E 233 -22.91 7.96 5.24
C LEU E 233 -24.15 7.38 5.94
N SER E 234 -24.61 6.20 5.52
CA SER E 234 -25.70 5.46 6.14
C SER E 234 -25.46 3.95 5.89
N SER E 235 -26.24 3.09 6.53
CA SER E 235 -26.13 1.66 6.29
C SER E 235 -27.49 1.01 6.47
N LEU E 236 -27.67 -0.13 5.82
CA LEU E 236 -28.90 -0.91 5.89
C LEU E 236 -28.60 -2.17 6.73
N ILE E 237 -29.33 -2.38 7.83
CA ILE E 237 -29.15 -3.50 8.72
C ILE E 237 -30.32 -4.46 8.52
N ILE E 238 -30.05 -5.78 8.33
CA ILE E 238 -31.08 -6.80 8.13
C ILE E 238 -31.00 -7.78 9.29
N LEU E 239 -32.15 -8.11 9.89
CA LEU E 239 -32.29 -9.06 10.98
C LEU E 239 -33.21 -10.13 10.46
N MET E 240 -32.71 -11.35 10.28
CA MET E 240 -33.50 -12.43 9.70
C MET E 240 -33.45 -13.67 10.61
N PRO E 241 -34.60 -14.26 11.02
CA PRO E 241 -34.53 -15.47 11.85
C PRO E 241 -33.90 -16.65 11.12
N HIS E 242 -33.33 -17.60 11.88
CA HIS E 242 -32.73 -18.81 11.32
C HIS E 242 -33.77 -19.64 10.57
N HIS E 243 -34.97 -19.75 11.15
CA HIS E 243 -36.05 -20.53 10.56
C HIS E 243 -37.06 -19.68 9.80
N VAL E 244 -37.80 -20.30 8.87
CA VAL E 244 -38.88 -19.65 8.14
C VAL E 244 -40.00 -19.62 9.18
N GLU E 245 -40.31 -18.45 9.73
CA GLU E 245 -41.29 -18.35 10.80
C GLU E 245 -41.94 -16.96 10.81
N PRO E 246 -43.10 -16.76 11.49
CA PRO E 246 -43.64 -15.39 11.59
C PRO E 246 -42.67 -14.50 12.38
N LEU E 247 -42.60 -13.22 11.99
CA LEU E 247 -41.64 -12.30 12.61
C LEU E 247 -42.02 -11.85 14.03
N GLU E 248 -43.22 -12.23 14.53
CA GLU E 248 -43.69 -11.91 15.90
C GLU E 248 -42.63 -12.15 16.98
N ARG E 249 -42.00 -13.34 16.99
CA ARG E 249 -40.99 -13.68 17.99
C ARG E 249 -39.81 -12.70 17.96
N LEU E 250 -39.24 -12.45 16.78
CA LEU E 250 -38.11 -11.54 16.65
C LEU E 250 -38.52 -10.06 16.91
N GLU E 251 -39.76 -9.70 16.61
CA GLU E 251 -40.26 -8.34 16.83
C GLU E 251 -40.37 -8.03 18.34
N LYS E 252 -40.58 -9.05 19.20
CA LYS E 252 -40.57 -8.84 20.66
C LYS E 252 -39.18 -8.42 21.13
N LEU E 253 -38.12 -8.94 20.50
CA LEU E 253 -36.72 -8.60 20.82
C LEU E 253 -36.30 -7.25 20.22
N LEU E 254 -37.02 -6.73 19.21
CA LEU E 254 -36.67 -5.49 18.54
C LEU E 254 -36.91 -4.25 19.40
N THR E 255 -35.92 -3.91 20.24
CA THR E 255 -35.94 -2.73 21.12
C THR E 255 -34.66 -1.89 20.85
N LYS E 256 -34.64 -0.63 21.34
CA LYS E 256 -33.47 0.25 21.22
C LYS E 256 -32.27 -0.40 21.95
N GLU E 257 -32.52 -0.94 23.15
CA GLU E 257 -31.50 -1.63 23.97
C GLU E 257 -30.91 -2.86 23.25
N GLN E 258 -31.75 -3.79 22.80
CA GLN E 258 -31.28 -5.02 22.15
C GLN E 258 -30.55 -4.74 20.85
N LEU E 259 -30.97 -3.72 20.09
CA LEU E 259 -30.28 -3.35 18.87
C LEU E 259 -28.87 -2.86 19.17
N LYS E 260 -28.70 -2.11 20.28
CA LYS E 260 -27.37 -1.64 20.70
C LYS E 260 -26.48 -2.84 21.08
N ILE E 261 -27.04 -3.87 21.74
CA ILE E 261 -26.30 -5.07 22.11
C ILE E 261 -25.88 -5.83 20.84
N TRP E 262 -26.84 -6.07 19.92
CA TRP E 262 -26.57 -6.76 18.65
C TRP E 262 -25.52 -6.03 17.81
N MET E 263 -25.60 -4.69 17.74
CA MET E 263 -24.65 -3.87 16.98
C MET E 263 -23.25 -3.99 17.57
N GLY E 264 -23.17 -4.02 18.90
CA GLY E 264 -21.89 -4.14 19.59
C GLY E 264 -21.20 -5.47 19.34
N LYS E 265 -21.97 -6.55 19.11
CA LYS E 265 -21.41 -7.89 18.85
C LYS E 265 -21.03 -8.13 17.37
N MET E 266 -21.31 -7.19 16.45
CA MET E 266 -21.00 -7.38 15.04
C MET E 266 -19.50 -7.29 14.76
N GLN E 267 -19.01 -8.16 13.86
CA GLN E 267 -17.61 -8.19 13.45
C GLN E 267 -17.54 -8.20 11.93
N LYS E 268 -16.48 -7.60 11.38
CA LYS E 268 -16.28 -7.57 9.93
C LYS E 268 -15.89 -8.94 9.49
N LYS E 269 -16.73 -9.59 8.67
CA LYS E 269 -16.44 -10.92 8.14
C LYS E 269 -16.79 -11.01 6.65
N ALA E 270 -16.28 -12.02 5.95
CA ALA E 270 -16.66 -12.25 4.56
C ALA E 270 -18.07 -12.85 4.60
N VAL E 271 -19.04 -12.24 3.90
CA VAL E 271 -20.43 -12.71 3.87
C VAL E 271 -20.91 -12.74 2.41
N ALA E 272 -21.56 -13.85 2.02
CA ALA E 272 -22.20 -14.02 0.73
C ALA E 272 -23.66 -13.67 0.97
N ILE E 273 -24.06 -12.47 0.53
CA ILE E 273 -25.41 -11.95 0.71
C ILE E 273 -26.25 -12.17 -0.56
N SER E 274 -27.47 -12.69 -0.39
CA SER E 274 -28.44 -12.84 -1.47
C SER E 274 -29.71 -12.12 -1.01
N LEU E 275 -30.21 -11.16 -1.80
CA LEU E 275 -31.40 -10.39 -1.47
C LEU E 275 -32.42 -10.41 -2.58
N PRO E 276 -33.76 -10.41 -2.30
CA PRO E 276 -34.73 -10.28 -3.42
C PRO E 276 -34.54 -8.92 -4.11
N LYS E 277 -34.53 -8.90 -5.42
CA LYS E 277 -34.36 -7.70 -6.22
C LYS E 277 -35.74 -7.25 -6.70
N GLY E 278 -36.03 -5.96 -6.58
CA GLY E 278 -37.30 -5.42 -7.03
C GLY E 278 -37.79 -4.28 -6.18
N VAL E 279 -38.89 -3.69 -6.62
CA VAL E 279 -39.56 -2.60 -5.93
C VAL E 279 -40.64 -3.18 -5.01
N VAL E 280 -40.66 -2.71 -3.76
CA VAL E 280 -41.66 -3.09 -2.79
C VAL E 280 -42.50 -1.83 -2.60
N GLU E 281 -43.80 -1.90 -2.86
CA GLU E 281 -44.70 -0.77 -2.74
C GLU E 281 -45.57 -1.00 -1.52
N VAL E 282 -45.50 -0.12 -0.51
CA VAL E 282 -46.32 -0.27 0.70
C VAL E 282 -47.04 1.01 0.99
N THR E 283 -48.36 0.92 1.20
CA THR E 283 -49.17 2.06 1.62
C THR E 283 -49.75 1.72 2.99
N HIS E 284 -49.58 2.63 3.93
CA HIS E 284 -50.17 2.49 5.26
C HIS E 284 -51.05 3.71 5.49
N ASP E 285 -52.25 3.53 6.05
CA ASP E 285 -53.07 4.65 6.49
C ASP E 285 -52.79 4.65 7.99
N LEU E 286 -51.98 5.61 8.45
CA LEU E 286 -51.57 5.67 9.85
C LEU E 286 -52.62 6.28 10.79
N GLN E 287 -53.73 6.85 10.26
CA GLN E 287 -54.74 7.53 11.07
C GLN E 287 -55.24 6.72 12.28
N LYS E 288 -55.64 5.44 12.05
CA LYS E 288 -56.13 4.60 13.14
C LYS E 288 -55.06 4.27 14.18
N HIS E 289 -53.78 4.17 13.76
CA HIS E 289 -52.67 3.84 14.66
C HIS E 289 -52.19 5.07 15.45
N LEU E 290 -52.36 6.28 14.89
CA LEU E 290 -51.97 7.52 15.58
C LEU E 290 -52.91 7.82 16.74
N ALA E 291 -54.20 7.43 16.65
CA ALA E 291 -55.16 7.58 17.74
C ALA E 291 -54.70 6.73 18.93
N GLY E 292 -54.24 5.49 18.67
CA GLY E 292 -53.73 4.57 19.68
C GLY E 292 -52.51 5.08 20.42
N LEU E 293 -51.77 6.04 19.84
CA LEU E 293 -50.60 6.62 20.49
C LEU E 293 -50.86 7.98 21.18
N GLY E 294 -52.09 8.51 21.12
CA GLY E 294 -52.40 9.78 21.77
C GLY E 294 -53.01 10.86 20.92
N LEU E 295 -53.08 10.68 19.58
CA LEU E 295 -53.68 11.70 18.71
C LEU E 295 -55.17 11.35 18.52
N THR E 296 -55.96 11.54 19.58
CA THR E 296 -57.39 11.18 19.58
C THR E 296 -58.31 12.32 19.08
N GLU E 297 -57.96 13.57 19.40
CA GLU E 297 -58.82 14.71 19.03
C GLU E 297 -58.80 14.98 17.53
N ALA E 298 -57.59 15.09 16.91
CA ALA E 298 -57.43 15.40 15.49
C ALA E 298 -58.20 14.47 14.54
N ILE E 299 -58.29 13.19 14.90
CA ILE E 299 -58.92 12.18 14.05
C ILE E 299 -60.45 12.04 14.25
N ASP E 300 -61.06 12.84 15.14
CA ASP E 300 -62.50 12.76 15.42
C ASP E 300 -63.21 14.00 14.84
N LYS E 301 -64.24 13.79 13.97
CA LYS E 301 -64.98 14.89 13.35
C LYS E 301 -65.64 15.83 14.38
N ASN E 302 -66.11 15.30 15.51
CA ASN E 302 -66.76 16.10 16.55
C ASN E 302 -65.79 16.68 17.60
N LYS E 303 -64.47 16.37 17.54
CA LYS E 303 -63.53 16.91 18.53
C LYS E 303 -62.39 17.72 17.94
N ALA E 304 -62.01 17.46 16.67
CA ALA E 304 -60.87 18.13 16.04
C ALA E 304 -61.00 19.64 15.93
N ASP E 305 -59.88 20.33 16.17
CA ASP E 305 -59.79 21.76 16.03
C ASP E 305 -58.62 22.05 15.09
N LEU E 306 -58.88 21.99 13.77
CA LEU E 306 -57.90 22.30 12.74
C LEU E 306 -58.27 23.66 12.13
N SER E 307 -58.58 24.65 13.00
CA SER E 307 -59.00 25.99 12.57
C SER E 307 -57.85 26.84 12.05
N ARG E 308 -56.59 26.56 12.43
CA ARG E 308 -55.43 27.27 11.83
C ARG E 308 -55.21 26.79 10.37
N MET E 309 -55.69 25.59 10.04
CA MET E 309 -55.50 24.99 8.73
C MET E 309 -56.48 25.57 7.71
N SER E 310 -57.77 25.69 8.06
CA SER E 310 -58.82 26.18 7.16
C SER E 310 -59.47 27.51 7.53
N GLY E 311 -59.59 27.80 8.82
CA GLY E 311 -60.22 29.03 9.31
C GLY E 311 -61.25 28.78 10.40
N LYS E 312 -61.83 27.56 10.46
CA LYS E 312 -62.86 27.17 11.44
C LYS E 312 -62.82 25.63 11.67
N LYS E 313 -63.67 25.08 12.59
CA LYS E 313 -63.75 23.63 12.86
C LYS E 313 -64.52 22.85 11.75
N ASP E 314 -64.27 23.17 10.47
CA ASP E 314 -64.89 22.50 9.33
C ASP E 314 -63.94 21.42 8.77
N LEU E 315 -63.02 20.87 9.61
CA LEU E 315 -62.01 19.92 9.13
C LEU E 315 -61.44 19.06 10.25
N TYR E 316 -61.29 17.77 9.97
CA TYR E 316 -60.65 16.80 10.87
C TYR E 316 -59.70 15.90 10.04
N LEU E 317 -58.73 15.23 10.66
CA LEU E 317 -57.77 14.40 9.95
C LEU E 317 -58.39 13.03 9.64
N ALA E 318 -58.88 12.87 8.41
CA ALA E 318 -59.50 11.63 7.95
C ALA E 318 -58.48 10.53 7.63
N SER E 319 -57.32 10.87 7.04
CA SER E 319 -56.32 9.88 6.69
C SER E 319 -54.91 10.45 6.70
N VAL E 320 -53.92 9.59 6.99
CA VAL E 320 -52.49 9.90 6.93
C VAL E 320 -51.87 8.78 6.12
N PHE E 321 -51.84 8.91 4.78
CA PHE E 321 -51.25 7.89 3.93
C PHE E 321 -49.74 8.03 3.92
N HIS E 322 -49.05 6.93 4.21
CA HIS E 322 -47.60 6.85 4.23
C HIS E 322 -47.28 5.80 3.19
N ALA E 323 -47.01 6.25 1.95
CA ALA E 323 -46.80 5.37 0.80
C ALA E 323 -45.36 5.44 0.29
N THR E 324 -44.72 4.28 0.15
CA THR E 324 -43.31 4.18 -0.25
C THR E 324 -43.07 3.10 -1.30
N ALA E 325 -42.19 3.39 -2.25
CA ALA E 325 -41.68 2.44 -3.22
C ALA E 325 -40.21 2.30 -2.79
N PHE E 326 -39.84 1.14 -2.23
CA PHE E 326 -38.47 0.87 -1.77
C PHE E 326 -37.87 -0.08 -2.79
N GLU E 327 -36.81 0.34 -3.48
CA GLU E 327 -36.22 -0.49 -4.53
C GLU E 327 -34.92 -1.15 -4.11
N TRP E 328 -34.91 -2.50 -4.16
CA TRP E 328 -33.74 -3.31 -3.92
C TRP E 328 -33.17 -3.55 -5.30
N ASP E 329 -31.99 -3.01 -5.58
CA ASP E 329 -31.36 -3.15 -6.90
C ASP E 329 -29.86 -3.39 -6.70
N THR E 330 -29.18 -3.77 -7.79
CA THR E 330 -27.76 -4.09 -7.71
C THR E 330 -26.85 -2.88 -7.63
N GLU E 331 -27.30 -1.72 -8.12
CA GLU E 331 -26.44 -0.57 -8.28
C GLU E 331 -25.88 0.03 -6.98
N GLY E 332 -24.66 0.49 -7.10
CA GLY E 332 -23.89 1.07 -6.02
C GLY E 332 -22.55 1.59 -6.52
N ASN E 333 -21.64 1.90 -5.61
CA ASN E 333 -20.33 2.42 -6.01
C ASN E 333 -19.41 1.31 -6.49
N PRO E 334 -18.52 1.56 -7.48
CA PRO E 334 -17.56 0.52 -7.84
C PRO E 334 -16.50 0.35 -6.74
N PHE E 335 -15.73 -0.74 -6.80
CA PHE E 335 -14.70 -1.01 -5.80
C PHE E 335 -13.51 -1.75 -6.42
N ASP E 336 -12.33 -1.69 -5.79
CA ASP E 336 -11.16 -2.37 -6.30
C ASP E 336 -11.31 -3.87 -6.04
N GLN E 337 -11.44 -4.66 -7.11
CA GLN E 337 -11.58 -6.11 -7.01
C GLN E 337 -10.26 -6.76 -6.57
N ASP E 338 -9.10 -6.19 -6.95
CA ASP E 338 -7.78 -6.71 -6.56
C ASP E 338 -7.55 -6.73 -5.03
N ILE E 339 -8.14 -5.76 -4.29
CA ILE E 339 -8.02 -5.70 -2.82
C ILE E 339 -8.66 -6.96 -2.18
N TYR E 340 -9.86 -7.32 -2.69
CA TYR E 340 -10.66 -8.48 -2.25
C TYR E 340 -10.24 -9.79 -2.95
N GLY E 341 -9.31 -10.50 -2.32
CA GLY E 341 -8.81 -11.80 -2.77
C GLY E 341 -7.77 -12.39 -1.84
N ARG E 342 -7.87 -12.08 -0.53
CA ARG E 342 -6.91 -12.54 0.47
C ARG E 342 -7.25 -13.90 1.09
N GLU E 343 -8.21 -14.67 0.51
CA GLU E 343 -8.62 -16.02 0.96
C GLU E 343 -9.76 -16.05 2.00
N GLU E 344 -9.99 -14.99 2.83
CA GLU E 344 -11.13 -15.00 3.77
C GLU E 344 -12.46 -15.11 2.96
N LEU E 345 -12.50 -14.42 1.80
CA LEU E 345 -13.64 -14.47 0.88
C LEU E 345 -13.85 -15.85 0.23
N ARG E 346 -12.92 -16.81 0.41
CA ARG E 346 -13.09 -18.16 -0.12
C ARG E 346 -14.11 -18.98 0.69
N SER E 347 -14.27 -18.73 2.02
CA SER E 347 -15.24 -19.44 2.86
C SER E 347 -16.14 -18.44 3.62
N PRO E 348 -17.01 -17.68 2.91
CA PRO E 348 -17.83 -16.68 3.61
C PRO E 348 -19.01 -17.24 4.40
N LYS E 349 -19.53 -16.40 5.31
CA LYS E 349 -20.77 -16.69 6.02
C LYS E 349 -21.89 -16.53 4.98
N LEU E 350 -22.95 -17.32 5.06
CA LEU E 350 -24.04 -17.27 4.07
C LEU E 350 -25.24 -16.58 4.66
N PHE E 351 -25.64 -15.42 4.08
CA PHE E 351 -26.83 -14.65 4.50
C PHE E 351 -27.79 -14.71 3.30
N TYR E 352 -28.70 -15.69 3.31
CA TYR E 352 -29.58 -15.94 2.20
C TYR E 352 -31.01 -15.47 2.54
N ALA E 353 -31.39 -14.25 2.11
CA ALA E 353 -32.68 -13.67 2.47
C ALA E 353 -33.85 -14.19 1.63
N ASP E 354 -34.19 -15.47 1.82
CA ASP E 354 -35.29 -16.13 1.10
C ASP E 354 -36.55 -16.30 1.96
N HIS E 355 -36.67 -15.56 3.07
CA HIS E 355 -37.83 -15.64 3.93
C HIS E 355 -37.97 -14.33 4.71
N PRO E 356 -39.14 -14.03 5.32
CA PRO E 356 -39.31 -12.70 5.94
C PRO E 356 -38.19 -12.22 6.87
N PHE E 357 -37.85 -10.93 6.74
CA PHE E 357 -36.81 -10.30 7.55
C PHE E 357 -37.21 -8.88 7.90
N ILE E 358 -36.56 -8.32 8.94
CA ILE E 358 -36.74 -6.95 9.38
C ILE E 358 -35.52 -6.17 8.88
N PHE E 359 -35.70 -4.89 8.51
CA PHE E 359 -34.58 -4.07 8.09
C PHE E 359 -34.71 -2.63 8.58
N LEU E 360 -33.56 -1.96 8.71
CA LEU E 360 -33.46 -0.58 9.18
C LEU E 360 -32.43 0.12 8.31
N VAL E 361 -32.58 1.42 8.08
CA VAL E 361 -31.59 2.24 7.40
C VAL E 361 -31.22 3.27 8.47
N ARG E 362 -29.95 3.39 8.80
CA ARG E 362 -29.49 4.26 9.86
C ARG E 362 -28.45 5.22 9.36
N ASP E 363 -28.50 6.49 9.80
CA ASP E 363 -27.50 7.49 9.45
C ASP E 363 -26.23 7.15 10.24
N THR E 364 -25.07 7.08 9.59
CA THR E 364 -23.84 6.72 10.27
C THR E 364 -23.34 7.79 11.25
N GLN E 365 -23.35 9.06 10.83
CA GLN E 365 -22.86 10.15 11.67
C GLN E 365 -23.72 10.36 12.95
N SER E 366 -25.05 10.51 12.79
CA SER E 366 -25.95 10.78 13.91
C SER E 366 -26.57 9.54 14.57
N GLY E 367 -26.59 8.40 13.87
CA GLY E 367 -27.25 7.21 14.37
C GLY E 367 -28.76 7.25 14.24
N SER E 368 -29.32 8.29 13.59
CA SER E 368 -30.75 8.46 13.47
C SER E 368 -31.36 7.48 12.48
N LEU E 369 -32.53 6.97 12.83
CA LEU E 369 -33.23 5.98 12.03
C LEU E 369 -33.87 6.67 10.82
N LEU E 370 -33.50 6.23 9.61
CA LEU E 370 -33.99 6.77 8.36
C LEU E 370 -35.19 5.96 7.86
N PHE E 371 -35.16 4.61 8.05
CA PHE E 371 -36.28 3.72 7.71
C PHE E 371 -36.33 2.55 8.66
N ILE E 372 -37.53 2.02 8.88
CA ILE E 372 -37.74 0.77 9.62
C ILE E 372 -38.84 0.00 8.88
N GLY E 373 -38.63 -1.28 8.64
CA GLY E 373 -39.62 -2.08 7.95
C GLY E 373 -39.35 -3.55 8.00
N ARG E 374 -40.19 -4.29 7.28
CA ARG E 374 -40.05 -5.73 7.17
C ARG E 374 -40.53 -6.18 5.78
N LEU E 375 -39.82 -7.15 5.19
CA LEU E 375 -40.22 -7.70 3.93
C LEU E 375 -40.81 -9.05 4.23
N VAL E 376 -42.13 -9.19 4.03
CA VAL E 376 -42.88 -10.41 4.26
C VAL E 376 -43.31 -10.99 2.91
N ARG E 377 -43.92 -10.15 2.03
CA ARG E 377 -44.39 -10.55 0.70
CA ARG E 377 -44.42 -10.53 0.70
C ARG E 377 -43.70 -9.74 -0.40
N PRO E 378 -42.68 -10.29 -1.11
CA PRO E 378 -42.10 -9.52 -2.23
C PRO E 378 -43.10 -9.43 -3.41
N LYS E 379 -42.85 -8.51 -4.34
CA LYS E 379 -43.68 -8.37 -5.53
C LYS E 379 -43.30 -9.54 -6.44
N GLY E 380 -44.21 -10.48 -6.63
CA GLY E 380 -43.91 -11.67 -7.42
C GLY E 380 -45.03 -12.67 -7.56
N ASP E 381 -44.75 -13.74 -8.33
CA ASP E 381 -45.69 -14.81 -8.68
C ASP E 381 -45.84 -15.95 -7.64
N LYS E 382 -47.05 -16.11 -7.07
CA LYS E 382 -47.42 -17.20 -6.15
C LYS E 382 -47.25 -18.60 -6.79
N MET E 383 -46.30 -19.43 -6.29
CA MET E 383 -46.02 -20.75 -6.86
C MET E 383 -47.04 -21.84 -6.43
N ARG E 384 -47.64 -22.55 -7.41
CA ARG E 384 -48.63 -23.62 -7.20
C ARG E 384 -48.47 -24.69 -8.28
N ASP E 385 -48.94 -25.92 -7.97
CA ASP E 385 -48.85 -27.06 -8.88
C ASP E 385 -49.68 -26.86 -10.15
N GLU E 386 -49.10 -27.12 -11.34
CA GLU E 386 -49.79 -26.96 -12.63
C GLU E 386 -50.53 -28.24 -12.99
N ALA F 4 32.19 -8.17 18.55
CA ALA F 4 31.09 -8.34 17.58
C ALA F 4 29.82 -8.89 18.28
N LEU F 5 28.75 -8.07 18.36
CA LEU F 5 27.52 -8.45 19.05
C LEU F 5 26.51 -9.21 18.20
N SER F 6 25.80 -10.17 18.83
CA SER F 6 24.73 -10.93 18.18
C SER F 6 23.48 -10.02 17.98
N PRO F 7 22.52 -10.34 17.06
CA PRO F 7 21.34 -9.46 16.93
C PRO F 7 20.47 -9.34 18.18
N LYS F 8 20.49 -10.38 19.05
CA LYS F 8 19.77 -10.39 20.33
C LYS F 8 20.41 -9.35 21.26
N ALA F 9 21.75 -9.38 21.33
CA ALA F 9 22.51 -8.44 22.15
C ALA F 9 22.38 -7.02 21.63
N ALA F 10 22.42 -6.85 20.31
CA ALA F 10 22.28 -5.53 19.69
C ALA F 10 20.93 -4.87 20.01
N THR F 11 19.83 -5.65 19.95
CA THR F 11 18.49 -5.11 20.24
C THR F 11 18.37 -4.76 21.74
N LEU F 12 18.98 -5.55 22.64
CA LEU F 12 18.95 -5.23 24.08
C LEU F 12 19.83 -4.02 24.40
N ALA F 13 20.94 -3.85 23.68
CA ALA F 13 21.83 -2.72 23.90
C ALA F 13 21.16 -1.39 23.65
N GLU F 14 20.32 -1.30 22.60
CA GLU F 14 19.60 -0.04 22.33
C GLU F 14 18.61 0.26 23.49
N ARG F 15 17.96 -0.78 24.01
CA ARG F 15 17.01 -0.64 25.10
C ARG F 15 17.69 -0.31 26.42
N SER F 16 18.96 -0.73 26.63
CA SER F 16 19.73 -0.37 27.82
C SER F 16 20.04 1.13 27.83
N ALA F 17 20.39 1.69 26.65
CA ALA F 17 20.71 3.11 26.50
C ALA F 17 19.47 4.01 26.73
N GLY F 18 18.33 3.70 26.08
CA GLY F 18 17.09 4.47 26.26
C GLY F 18 16.64 4.49 27.71
N LEU F 19 16.83 3.35 28.39
CA LEU F 19 16.55 3.16 29.84
C LEU F 19 17.50 4.02 30.70
N ALA F 20 18.78 4.12 30.33
CA ALA F 20 19.73 4.96 31.06
C ALA F 20 19.49 6.46 30.80
N PHE F 21 18.96 6.83 29.62
CA PHE F 21 18.56 8.21 29.38
C PHE F 21 17.38 8.57 30.32
N SER F 22 16.46 7.63 30.58
CA SER F 22 15.32 7.84 31.47
C SER F 22 15.74 7.90 32.93
N LEU F 23 16.63 6.99 33.39
CA LEU F 23 17.10 7.03 34.78
C LEU F 23 17.90 8.29 35.03
N TYR F 24 18.78 8.66 34.07
CA TYR F 24 19.59 9.87 34.19
C TYR F 24 18.68 11.10 34.33
N GLN F 25 17.64 11.21 33.49
CA GLN F 25 16.71 12.33 33.55
C GLN F 25 15.95 12.36 34.87
N ALA F 26 15.50 11.20 35.36
CA ALA F 26 14.78 11.10 36.63
C ALA F 26 15.65 11.52 37.80
N MET F 27 16.96 11.18 37.76
CA MET F 27 17.89 11.54 38.82
C MET F 27 18.29 13.00 38.74
N ALA F 28 18.43 13.55 37.53
CA ALA F 28 18.77 14.95 37.32
C ALA F 28 17.69 15.89 37.88
N LYS F 29 16.41 15.47 37.87
CA LYS F 29 15.29 16.26 38.43
C LYS F 29 15.39 16.35 39.97
N ASP F 30 15.94 15.31 40.62
CA ASP F 30 16.11 15.29 42.07
C ASP F 30 17.14 16.35 42.48
N GLN F 31 16.71 17.30 43.35
CA GLN F 31 17.55 18.41 43.80
C GLN F 31 18.73 17.96 44.67
N ALA F 32 18.57 16.85 45.42
CA ALA F 32 19.64 16.34 46.28
C ALA F 32 20.78 15.66 45.49
N VAL F 33 20.52 15.22 44.25
CA VAL F 33 21.53 14.55 43.41
C VAL F 33 22.52 15.58 42.83
N GLU F 34 23.84 15.37 43.03
CA GLU F 34 24.88 16.22 42.45
C GLU F 34 25.52 15.42 41.28
N ASN F 35 26.54 14.57 41.52
CA ASN F 35 27.14 13.79 40.44
C ASN F 35 26.25 12.60 40.10
N ILE F 36 26.30 12.17 38.83
CA ILE F 36 25.54 11.01 38.34
C ILE F 36 26.55 10.11 37.63
N LEU F 37 26.47 8.81 37.88
CA LEU F 37 27.28 7.80 37.22
C LEU F 37 26.40 6.57 37.06
N LEU F 38 26.00 6.26 35.83
CA LEU F 38 25.19 5.09 35.54
C LEU F 38 25.86 4.29 34.46
N SER F 39 25.81 2.98 34.57
CA SER F 39 26.32 2.09 33.59
C SER F 39 25.06 1.43 33.04
N PRO F 40 24.53 1.91 31.90
CA PRO F 40 23.31 1.32 31.33
C PRO F 40 23.24 -0.21 31.31
N VAL F 41 24.34 -0.88 30.98
CA VAL F 41 24.38 -2.33 30.90
C VAL F 41 24.21 -2.97 32.28
N VAL F 42 24.83 -2.38 33.32
CA VAL F 42 24.73 -2.87 34.71
C VAL F 42 23.28 -2.61 35.22
N VAL F 43 22.66 -1.49 34.81
CA VAL F 43 21.29 -1.17 35.17
C VAL F 43 20.35 -2.20 34.52
N ALA F 44 20.58 -2.51 33.23
CA ALA F 44 19.80 -3.51 32.51
C ALA F 44 19.95 -4.90 33.13
N SER F 45 21.16 -5.26 33.58
CA SER F 45 21.40 -6.56 34.23
C SER F 45 20.66 -6.67 35.58
N SER F 46 20.41 -5.55 36.27
CA SER F 46 19.64 -5.55 37.51
C SER F 46 18.19 -5.95 37.22
N LEU F 47 17.63 -5.45 36.10
CA LEU F 47 16.27 -5.81 35.67
C LEU F 47 16.23 -7.27 35.20
N GLY F 48 17.27 -7.73 34.53
CA GLY F 48 17.39 -9.12 34.12
C GLY F 48 17.43 -10.05 35.31
N LEU F 49 18.06 -9.64 36.44
CA LEU F 49 18.09 -10.45 37.67
C LEU F 49 16.69 -10.51 38.31
N VAL F 50 15.88 -9.43 38.21
CA VAL F 50 14.51 -9.41 38.73
C VAL F 50 13.64 -10.34 37.86
N SER F 51 13.83 -10.34 36.54
CA SER F 51 13.10 -11.22 35.62
C SER F 51 13.50 -12.70 35.83
N LEU F 52 14.77 -12.97 36.20
CA LEU F 52 15.27 -14.32 36.46
C LEU F 52 14.78 -14.85 37.83
N GLY F 53 14.72 -13.99 38.83
CA GLY F 53 14.26 -14.36 40.17
C GLY F 53 12.79 -14.13 40.44
N GLY F 54 12.05 -13.58 39.49
CA GLY F 54 10.65 -13.25 39.65
C GLY F 54 9.69 -14.08 38.83
N LYS F 55 8.39 -13.86 39.08
CA LYS F 55 7.27 -14.53 38.40
C LYS F 55 6.12 -13.52 38.18
N ALA F 56 5.15 -13.88 37.32
CA ALA F 56 3.94 -13.10 37.09
C ALA F 56 4.27 -11.59 36.73
N THR F 57 3.53 -10.51 37.16
CA THR F 57 3.86 -9.13 36.80
C THR F 57 5.21 -8.66 37.36
N THR F 58 5.76 -9.30 38.41
CA THR F 58 7.07 -8.92 38.94
C THR F 58 8.15 -9.12 37.87
N ALA F 59 8.15 -10.28 37.21
CA ALA F 59 9.10 -10.58 36.15
C ALA F 59 8.74 -9.91 34.82
N SER F 60 7.44 -9.88 34.44
CA SER F 60 7.02 -9.28 33.18
C SER F 60 7.21 -7.75 33.16
N GLN F 61 7.07 -7.06 34.31
CA GLN F 61 7.33 -5.62 34.36
C GLN F 61 8.81 -5.34 34.13
N ALA F 62 9.72 -6.21 34.61
CA ALA F 62 11.16 -6.06 34.38
C ALA F 62 11.48 -6.15 32.89
N LYS F 63 10.83 -7.07 32.16
CA LYS F 63 11.02 -7.18 30.71
C LYS F 63 10.42 -5.96 29.99
N ALA F 64 9.31 -5.40 30.52
CA ALA F 64 8.67 -4.21 29.94
C ALA F 64 9.50 -2.92 30.15
N VAL F 65 10.19 -2.77 31.31
CA VAL F 65 11.00 -1.55 31.58
C VAL F 65 12.16 -1.42 30.57
N LEU F 66 12.80 -2.54 30.22
CA LEU F 66 13.85 -2.53 29.19
C LEU F 66 13.24 -2.82 27.79
N SER F 67 11.96 -2.37 27.56
CA SER F 67 11.14 -2.56 26.36
C SER F 67 11.47 -3.83 25.55
N ALA F 68 11.37 -5.03 26.17
CA ALA F 68 11.69 -6.30 25.52
C ALA F 68 10.73 -7.48 25.88
N GLU F 69 9.42 -7.21 25.91
CA GLU F 69 8.35 -8.18 26.14
C GLU F 69 8.21 -9.17 24.97
N GLN F 70 8.58 -8.76 23.74
CA GLN F 70 8.52 -9.62 22.56
C GLN F 70 9.77 -10.54 22.42
N LEU F 71 10.69 -10.55 23.42
CA LEU F 71 11.87 -11.41 23.42
C LEU F 71 11.67 -12.51 24.46
N ARG F 72 12.23 -13.69 24.20
CA ARG F 72 12.10 -14.80 25.14
C ARG F 72 12.94 -14.49 26.37
N ASP F 73 12.56 -15.02 27.53
CA ASP F 73 13.32 -14.81 28.76
C ASP F 73 14.72 -15.48 28.67
N GLU F 74 14.90 -16.51 27.81
CA GLU F 74 16.21 -17.13 27.59
C GLU F 74 17.14 -16.18 26.76
N GLU F 75 16.54 -15.39 25.85
CA GLU F 75 17.22 -14.42 24.98
C GLU F 75 17.63 -13.17 25.77
N VAL F 76 16.74 -12.70 26.66
CA VAL F 76 16.96 -11.49 27.45
C VAL F 76 18.13 -11.69 28.41
N HIS F 77 18.30 -12.89 28.98
CA HIS F 77 19.38 -13.16 29.93
C HIS F 77 20.74 -13.45 29.25
N ALA F 78 20.75 -14.20 28.14
CA ALA F 78 21.98 -14.46 27.38
C ALA F 78 22.47 -13.20 26.65
N GLY F 79 21.54 -12.37 26.21
CA GLY F 79 21.85 -11.13 25.53
C GLY F 79 22.48 -10.09 26.45
N LEU F 80 21.94 -9.93 27.68
CA LEU F 80 22.52 -9.01 28.66
C LEU F 80 23.87 -9.54 29.16
N GLY F 81 24.00 -10.86 29.31
CA GLY F 81 25.25 -11.49 29.69
C GLY F 81 26.34 -11.28 28.66
N GLU F 82 25.95 -11.28 27.37
CA GLU F 82 26.90 -11.03 26.28
C GLU F 82 27.36 -9.57 26.34
N LEU F 83 26.44 -8.63 26.60
CA LEU F 83 26.79 -7.21 26.70
C LEU F 83 27.70 -6.92 27.91
N LEU F 84 27.49 -7.61 29.05
CA LEU F 84 28.36 -7.46 30.23
C LEU F 84 29.78 -7.95 29.93
N ARG F 85 29.91 -9.08 29.21
CA ARG F 85 31.21 -9.63 28.87
C ARG F 85 31.87 -8.83 27.74
N SER F 86 31.11 -8.15 26.88
CA SER F 86 31.68 -7.30 25.83
C SER F 86 32.29 -6.00 26.39
N LEU F 87 31.83 -5.50 27.55
CA LEU F 87 32.43 -4.29 28.13
C LEU F 87 33.72 -4.61 28.91
N SER F 88 33.94 -5.89 29.29
CA SER F 88 35.16 -6.36 29.96
C SER F 88 36.13 -6.99 28.90
N ASN F 89 36.19 -6.35 27.71
CA ASN F 89 36.95 -6.73 26.50
C ASN F 89 37.54 -5.44 25.89
N SER F 90 36.72 -4.37 25.75
CA SER F 90 37.18 -3.06 25.28
C SER F 90 38.13 -2.43 26.32
N THR F 91 37.85 -2.64 27.62
CA THR F 91 38.67 -2.15 28.73
C THR F 91 39.70 -3.24 29.13
N ALA F 92 40.76 -2.84 29.87
CA ALA F 92 41.75 -3.81 30.36
C ALA F 92 41.07 -4.56 31.50
N ARG F 93 40.47 -5.74 31.20
CA ARG F 93 39.72 -6.55 32.17
C ARG F 93 40.41 -6.69 33.54
N ASN F 94 39.77 -6.12 34.58
CA ASN F 94 40.20 -6.15 35.98
C ASN F 94 41.48 -5.34 36.28
N VAL F 95 41.76 -4.31 35.46
CA VAL F 95 42.87 -3.37 35.68
C VAL F 95 42.25 -1.93 35.60
N THR F 96 41.62 -1.58 34.47
CA THR F 96 40.92 -0.30 34.27
C THR F 96 39.38 -0.44 34.39
N TRP F 97 38.85 -1.66 34.59
CA TRP F 97 37.42 -1.91 34.72
C TRP F 97 37.18 -3.08 35.69
N LYS F 98 36.55 -2.80 36.82
CA LYS F 98 36.24 -3.82 37.81
C LYS F 98 34.77 -3.72 38.12
N LEU F 99 34.05 -4.84 38.06
CA LEU F 99 32.62 -4.88 38.32
C LEU F 99 32.32 -6.10 39.19
N GLY F 100 31.49 -5.90 40.20
CA GLY F 100 31.00 -6.95 41.06
C GLY F 100 29.52 -6.72 41.27
N SER F 101 28.75 -7.81 41.33
CA SER F 101 27.31 -7.75 41.59
C SER F 101 27.02 -8.75 42.68
N ARG F 102 26.34 -8.31 43.74
CA ARG F 102 26.07 -9.16 44.89
C ARG F 102 24.65 -8.96 45.38
N LEU F 103 23.91 -10.06 45.59
CA LEU F 103 22.56 -10.03 46.13
C LEU F 103 22.65 -10.42 47.60
N TYR F 104 22.19 -9.53 48.49
CA TYR F 104 22.18 -9.73 49.92
C TYR F 104 20.76 -10.00 50.36
N GLY F 105 20.49 -11.20 50.86
CA GLY F 105 19.19 -11.55 51.40
C GLY F 105 19.25 -11.64 52.91
N PRO F 106 18.13 -11.43 53.65
CA PRO F 106 18.21 -11.60 55.13
C PRO F 106 18.69 -12.99 55.55
N SER F 107 19.19 -13.11 56.79
CA SER F 107 19.67 -14.38 57.34
C SER F 107 18.59 -15.48 57.31
N SER F 108 17.31 -15.09 57.48
CA SER F 108 16.16 -16.00 57.41
C SER F 108 15.72 -16.32 55.96
N VAL F 109 16.65 -16.25 54.97
CA VAL F 109 16.36 -16.48 53.55
C VAL F 109 17.45 -17.35 52.95
N SER F 110 17.08 -18.36 52.15
CA SER F 110 18.03 -19.22 51.46
C SER F 110 17.72 -19.12 49.96
N PHE F 111 18.72 -18.71 49.16
CA PHE F 111 18.53 -18.55 47.72
C PHE F 111 18.39 -19.91 47.05
N ALA F 112 17.46 -20.02 46.08
CA ALA F 112 17.23 -21.25 45.35
C ALA F 112 18.46 -21.60 44.52
N GLU F 113 18.86 -22.89 44.53
CA GLU F 113 20.02 -23.37 43.78
C GLU F 113 19.91 -23.07 42.29
N ASP F 114 18.69 -23.16 41.73
CA ASP F 114 18.45 -22.88 40.33
C ASP F 114 18.72 -21.41 40.00
N PHE F 115 18.30 -20.48 40.89
CA PHE F 115 18.54 -19.05 40.72
C PHE F 115 20.02 -18.74 40.87
N VAL F 116 20.71 -19.33 41.87
CA VAL F 116 22.13 -19.11 42.11
C VAL F 116 22.94 -19.52 40.86
N ARG F 117 22.64 -20.69 40.28
CA ARG F 117 23.37 -21.17 39.10
C ARG F 117 23.18 -20.27 37.88
N SER F 118 21.93 -19.90 37.55
CA SER F 118 21.67 -19.06 36.38
C SER F 118 22.08 -17.59 36.57
N SER F 119 21.97 -17.03 37.78
CA SER F 119 22.39 -15.64 38.03
C SER F 119 23.92 -15.53 37.98
N LYS F 120 24.65 -16.57 38.43
CA LYS F 120 26.11 -16.59 38.38
C LYS F 120 26.63 -16.73 36.93
N GLN F 121 25.86 -17.38 36.04
CA GLN F 121 26.30 -17.58 34.66
C GLN F 121 25.92 -16.38 33.78
N HIS F 122 24.64 -15.99 33.76
CA HIS F 122 24.20 -14.85 32.96
C HIS F 122 24.77 -13.50 33.45
N TYR F 123 24.89 -13.31 34.78
CA TYR F 123 25.29 -12.02 35.32
C TYR F 123 26.49 -12.01 36.26
N ASN F 124 27.19 -13.15 36.43
CA ASN F 124 28.31 -13.27 37.38
C ASN F 124 27.90 -12.81 38.80
N CYS F 125 26.63 -13.03 39.15
CA CYS F 125 26.05 -12.58 40.39
C CYS F 125 26.54 -13.41 41.56
N GLU F 126 26.88 -12.72 42.66
CA GLU F 126 27.32 -13.33 43.91
C GLU F 126 26.12 -13.26 44.87
N HIS F 127 26.11 -14.12 45.88
CA HIS F 127 24.99 -14.20 46.82
C HIS F 127 25.52 -14.27 48.23
N SER F 128 24.87 -13.54 49.15
CA SER F 128 25.31 -13.51 50.54
C SER F 128 24.12 -13.30 51.46
N LYS F 129 24.14 -13.98 52.61
CA LYS F 129 23.13 -13.79 53.65
C LYS F 129 23.64 -12.68 54.57
N ILE F 130 22.74 -11.78 55.00
CA ILE F 130 23.14 -10.64 55.82
C ILE F 130 22.15 -10.45 56.96
N ASN F 131 22.65 -10.08 58.14
CA ASN F 131 21.81 -9.85 59.30
C ASN F 131 21.65 -8.35 59.45
N PHE F 132 20.58 -7.82 58.86
CA PHE F 132 20.35 -6.38 58.87
C PHE F 132 20.09 -5.81 60.26
N ARG F 133 19.77 -6.66 61.26
CA ARG F 133 19.51 -6.19 62.62
C ARG F 133 20.83 -5.63 63.18
N ASP F 134 21.96 -6.35 63.02
CA ASP F 134 23.27 -5.83 63.39
C ASP F 134 23.60 -4.88 62.23
N LYS F 135 23.23 -3.59 62.37
CA LYS F 135 23.41 -2.62 61.30
C LYS F 135 24.87 -2.27 60.99
N ARG F 136 25.72 -2.12 62.03
CA ARG F 136 27.13 -1.81 61.80
C ARG F 136 27.85 -2.94 61.05
N SER F 137 27.48 -4.20 61.31
CA SER F 137 28.07 -5.35 60.62
C SER F 137 27.50 -5.55 59.23
N ALA F 138 26.21 -5.21 59.01
CA ALA F 138 25.61 -5.34 57.70
C ALA F 138 26.28 -4.34 56.75
N LEU F 139 26.49 -3.08 57.20
CA LEU F 139 27.15 -2.04 56.41
C LEU F 139 28.61 -2.38 56.17
N GLN F 140 29.30 -2.91 57.19
CA GLN F 140 30.70 -3.27 57.07
C GLN F 140 30.88 -4.36 56.02
N SER F 141 29.97 -5.34 55.96
CA SER F 141 30.05 -6.40 54.96
C SER F 141 29.84 -5.88 53.54
N ILE F 142 28.88 -4.97 53.34
CA ILE F 142 28.59 -4.41 52.03
C ILE F 142 29.78 -3.56 51.58
N ASN F 143 30.26 -2.67 52.46
CA ASN F 143 31.37 -1.77 52.15
C ASN F 143 32.68 -2.50 51.93
N GLU F 144 33.00 -3.52 52.73
CA GLU F 144 34.23 -4.29 52.55
C GLU F 144 34.19 -5.10 51.27
N TRP F 145 33.02 -5.61 50.87
CA TRP F 145 32.87 -6.36 49.62
C TRP F 145 33.11 -5.39 48.43
N ALA F 146 32.53 -4.17 48.48
CA ALA F 146 32.71 -3.19 47.42
C ALA F 146 34.16 -2.72 47.37
N ALA F 147 34.80 -2.52 48.54
CA ALA F 147 36.19 -2.11 48.61
C ALA F 147 37.10 -3.18 48.02
N GLN F 148 36.89 -4.49 48.33
CA GLN F 148 37.73 -5.54 47.75
C GLN F 148 37.46 -5.70 46.24
N THR F 149 36.21 -5.51 45.80
CA THR F 149 35.85 -5.60 44.38
C THR F 149 36.62 -4.57 43.58
N THR F 150 36.79 -3.36 44.14
CA THR F 150 37.46 -2.23 43.50
C THR F 150 38.88 -1.96 44.03
N ASP F 151 39.44 -2.85 44.87
CA ASP F 151 40.76 -2.72 45.51
C ASP F 151 40.98 -1.36 46.20
N GLY F 152 39.99 -0.92 46.96
CA GLY F 152 40.03 0.31 47.73
C GLY F 152 39.60 1.58 47.01
N LYS F 153 39.37 1.52 45.70
CA LYS F 153 38.97 2.72 44.95
C LYS F 153 37.58 3.20 45.33
N LEU F 154 36.69 2.29 45.73
CA LEU F 154 35.36 2.62 46.20
C LEU F 154 35.29 2.05 47.64
N PRO F 155 35.79 2.76 48.66
CA PRO F 155 35.84 2.17 50.01
C PRO F 155 34.51 2.09 50.76
N GLU F 156 33.46 2.72 50.24
CA GLU F 156 32.18 2.75 50.92
C GLU F 156 31.05 2.90 49.90
N VAL F 157 30.03 2.03 49.99
CA VAL F 157 28.86 2.09 49.13
C VAL F 157 27.87 3.04 49.83
N THR F 158 27.49 2.75 51.09
CA THR F 158 26.52 3.57 51.80
C THR F 158 26.81 3.63 53.29
N LYS F 159 26.31 4.70 53.93
CA LYS F 159 26.44 4.92 55.37
C LYS F 159 25.19 4.42 56.13
N ASP F 160 24.09 4.06 55.43
CA ASP F 160 22.87 3.58 56.08
C ASP F 160 21.99 2.79 55.11
N VAL F 161 21.38 1.69 55.59
CA VAL F 161 20.44 0.86 54.82
C VAL F 161 19.01 1.18 55.32
N GLU F 162 18.24 1.94 54.52
CA GLU F 162 16.88 2.35 54.89
C GLU F 162 15.89 1.17 55.01
N ARG F 163 15.80 0.32 53.97
CA ARG F 163 14.87 -0.81 53.94
C ARG F 163 15.63 -2.11 54.22
N THR F 164 15.41 -2.68 55.42
CA THR F 164 16.10 -3.87 55.94
C THR F 164 15.29 -5.18 55.91
N ASP F 165 14.14 -5.22 55.21
CA ASP F 165 13.29 -6.43 55.19
C ASP F 165 13.16 -7.08 53.81
N GLY F 166 14.14 -6.88 52.94
CA GLY F 166 14.11 -7.46 51.62
C GLY F 166 15.48 -7.79 51.07
N ALA F 167 15.54 -7.99 49.77
CA ALA F 167 16.78 -8.26 49.07
C ALA F 167 17.46 -6.95 48.68
N LEU F 168 18.79 -6.93 48.78
CA LEU F 168 19.63 -5.78 48.46
C LEU F 168 20.53 -6.19 47.30
N LEU F 169 20.40 -5.52 46.15
CA LEU F 169 21.28 -5.80 45.02
C LEU F 169 22.34 -4.68 45.02
N VAL F 170 23.63 -5.06 45.06
CA VAL F 170 24.73 -4.09 45.09
C VAL F 170 25.62 -4.32 43.90
N ASN F 171 25.89 -3.25 43.14
CA ASN F 171 26.82 -3.27 42.01
C ASN F 171 27.93 -2.30 42.39
N ALA F 172 29.17 -2.79 42.45
CA ALA F 172 30.33 -1.98 42.80
C ALA F 172 31.23 -1.96 41.58
N MET F 173 31.63 -0.76 41.15
CA MET F 173 32.43 -0.59 39.95
C MET F 173 33.59 0.37 40.13
N PHE F 174 34.66 0.13 39.36
CA PHE F 174 35.78 1.03 39.22
C PHE F 174 36.02 1.12 37.72
N PHE F 175 35.99 2.33 37.17
CA PHE F 175 36.22 2.53 35.74
C PHE F 175 37.22 3.63 35.59
N LYS F 176 38.32 3.35 34.91
CA LYS F 176 39.36 4.35 34.66
C LYS F 176 39.52 4.45 33.15
N PRO F 177 38.93 5.45 32.42
CA PRO F 177 39.14 5.49 30.97
C PRO F 177 40.64 5.59 30.60
N HIS F 178 41.13 4.66 29.78
CA HIS F 178 42.51 4.61 29.32
C HIS F 178 42.50 5.24 27.94
N TRP F 179 43.04 6.45 27.80
CA TRP F 179 42.96 7.21 26.55
C TRP F 179 43.72 6.54 25.41
N ASP F 180 43.20 6.69 24.18
CA ASP F 180 43.91 6.19 23.01
C ASP F 180 45.24 6.96 22.83
N GLU F 181 45.27 8.25 23.23
CA GLU F 181 46.48 9.06 23.23
C GLU F 181 46.59 9.65 24.61
N LYS F 182 47.57 9.19 25.38
CA LYS F 182 47.77 9.60 26.76
C LYS F 182 48.03 11.11 26.94
N PHE F 183 47.75 11.60 28.15
CA PHE F 183 48.15 12.92 28.58
C PHE F 183 49.55 12.69 29.17
N HIS F 184 50.42 13.70 29.09
CA HIS F 184 51.75 13.63 29.68
C HIS F 184 51.52 13.73 31.21
N HIS F 185 52.18 12.85 32.00
CA HIS F 185 51.99 12.79 33.45
C HIS F 185 52.37 14.09 34.17
N LYS F 186 53.20 14.95 33.57
CA LYS F 186 53.59 16.22 34.18
C LYS F 186 52.71 17.41 33.72
N MET F 187 51.76 17.20 32.79
CA MET F 187 50.92 18.31 32.30
C MET F 187 49.70 18.49 33.17
N VAL F 188 49.97 18.69 34.46
CA VAL F 188 48.98 18.80 35.53
C VAL F 188 49.31 20.02 36.37
N ASP F 189 48.27 20.67 36.90
CA ASP F 189 48.47 21.81 37.78
C ASP F 189 47.18 22.11 38.58
N ASN F 190 47.26 23.02 39.54
CA ASN F 190 46.11 23.39 40.36
C ASN F 190 45.30 24.45 39.64
N ARG F 191 43.98 24.23 39.55
CA ARG F 191 43.03 25.16 38.93
C ARG F 191 41.75 25.18 39.76
N GLY F 192 40.94 26.19 39.55
CA GLY F 192 39.64 26.29 40.18
C GLY F 192 38.60 25.64 39.29
N PHE F 193 37.62 24.96 39.90
CA PHE F 193 36.50 24.38 39.18
C PHE F 193 35.28 25.07 39.74
N MET F 194 34.52 25.75 38.89
CA MET F 194 33.33 26.47 39.32
C MET F 194 32.14 25.53 39.35
N VAL F 195 31.77 25.07 40.55
CA VAL F 195 30.60 24.21 40.74
C VAL F 195 29.35 25.07 40.37
N THR F 196 29.31 26.32 40.88
CA THR F 196 28.30 27.32 40.54
C THR F 196 29.07 28.64 40.21
N ARG F 197 28.35 29.69 39.80
CA ARG F 197 28.94 30.98 39.48
C ARG F 197 29.55 31.65 40.74
N SER F 198 29.17 31.20 41.98
CA SER F 198 29.69 31.75 43.23
C SER F 198 30.43 30.72 44.11
N TYR F 199 30.63 29.47 43.64
CA TYR F 199 31.33 28.47 44.42
C TYR F 199 32.40 27.74 43.59
N THR F 200 33.67 27.87 43.99
CA THR F 200 34.79 27.29 43.29
C THR F 200 35.54 26.34 44.21
N VAL F 201 35.89 25.15 43.72
CA VAL F 201 36.69 24.19 44.48
C VAL F 201 38.06 24.04 43.79
N GLY F 202 39.09 23.78 44.57
CA GLY F 202 40.43 23.57 44.06
C GLY F 202 40.59 22.15 43.56
N VAL F 203 40.99 22.01 42.28
CA VAL F 203 41.20 20.72 41.64
C VAL F 203 42.58 20.68 40.96
N THR F 204 43.06 19.49 40.64
CA THR F 204 44.21 19.28 39.79
C THR F 204 43.61 19.11 38.40
N MET F 205 44.11 19.83 37.39
CA MET F 205 43.64 19.66 36.02
C MET F 205 44.76 19.11 35.16
N MET F 206 44.40 18.25 34.19
CA MET F 206 45.33 17.64 33.25
C MET F 206 45.07 18.24 31.89
N HIS F 207 46.13 18.48 31.11
CA HIS F 207 46.03 19.20 29.84
C HIS F 207 46.74 18.50 28.71
N ARG F 208 46.13 18.48 27.52
CA ARG F 208 46.77 17.97 26.31
C ARG F 208 46.13 18.58 25.06
N THR F 209 46.91 18.64 23.97
CA THR F 209 46.43 19.11 22.68
C THR F 209 46.57 17.95 21.71
N GLY F 210 45.52 17.70 20.96
CA GLY F 210 45.51 16.66 19.96
C GLY F 210 44.38 16.85 18.97
N LEU F 211 44.23 15.90 18.04
CA LEU F 211 43.16 15.96 17.06
C LEU F 211 42.00 15.15 17.63
N TYR F 212 40.87 15.81 17.81
CA TYR F 212 39.67 15.20 18.36
C TYR F 212 38.46 15.62 17.58
N ASN F 213 37.46 14.72 17.49
CA ASN F 213 36.15 15.06 16.90
C ASN F 213 35.51 16.09 17.84
N TYR F 214 35.05 17.21 17.27
CA TYR F 214 34.59 18.35 18.02
C TYR F 214 33.45 19.09 17.29
N TYR F 215 32.55 19.68 18.08
CA TYR F 215 31.49 20.52 17.54
C TYR F 215 31.18 21.59 18.56
N ASP F 216 31.07 22.84 18.11
CA ASP F 216 30.70 23.97 18.95
C ASP F 216 29.31 24.40 18.48
N ASP F 217 28.28 24.13 19.27
CA ASP F 217 26.92 24.47 18.93
C ASP F 217 26.65 25.93 19.33
N GLU F 218 26.67 26.84 18.35
CA GLU F 218 26.44 28.26 18.61
C GLU F 218 24.99 28.55 19.01
N LYS F 219 24.02 27.80 18.45
CA LYS F 219 22.60 27.98 18.76
C LYS F 219 22.29 27.55 20.20
N GLU F 220 22.63 26.30 20.57
CA GLU F 220 22.36 25.79 21.91
C GLU F 220 23.44 26.11 22.95
N LYS F 221 24.53 26.80 22.56
CA LYS F 221 25.59 27.27 23.45
C LYS F 221 26.26 26.17 24.27
N LEU F 222 26.95 25.25 23.59
CA LEU F 222 27.71 24.20 24.24
C LEU F 222 28.82 23.68 23.32
N GLN F 223 29.84 23.04 23.90
CA GLN F 223 30.92 22.39 23.15
C GLN F 223 30.79 20.87 23.39
N ILE F 224 31.17 20.09 22.38
CA ILE F 224 31.11 18.65 22.40
C ILE F 224 32.44 18.17 21.88
N VAL F 225 33.11 17.26 22.61
CA VAL F 225 34.38 16.69 22.19
C VAL F 225 34.30 15.19 22.43
N GLU F 226 34.91 14.41 21.55
CA GLU F 226 34.97 12.97 21.67
C GLU F 226 36.43 12.63 21.89
N MET F 227 36.69 11.87 22.94
CA MET F 227 38.02 11.41 23.30
C MET F 227 38.06 9.90 23.15
N PRO F 228 38.67 9.35 22.07
CA PRO F 228 38.74 7.88 21.96
C PRO F 228 39.50 7.23 23.11
N LEU F 229 39.05 6.05 23.53
CA LEU F 229 39.72 5.25 24.55
C LEU F 229 40.55 4.18 23.83
N ALA F 230 41.40 3.44 24.59
CA ALA F 230 42.34 2.45 24.09
C ALA F 230 41.89 1.66 22.85
N HIS F 231 42.71 1.73 21.78
CA HIS F 231 42.49 1.03 20.50
C HIS F 231 41.20 1.44 19.79
N LYS F 232 40.66 2.64 20.12
CA LYS F 232 39.44 3.17 19.53
C LYS F 232 38.24 2.20 19.62
N LEU F 233 38.22 1.31 20.62
CA LEU F 233 37.08 0.40 20.81
C LEU F 233 35.89 1.09 21.49
N SER F 234 36.14 2.20 22.18
CA SER F 234 35.11 3.03 22.80
C SER F 234 35.61 4.48 22.83
N SER F 235 34.75 5.42 23.22
CA SER F 235 35.16 6.81 23.31
C SER F 235 34.32 7.52 24.35
N LEU F 236 34.90 8.56 24.94
CA LEU F 236 34.26 9.35 25.95
C LEU F 236 33.85 10.70 25.33
N ILE F 237 32.55 11.02 25.36
CA ILE F 237 32.01 12.25 24.79
C ILE F 237 31.63 13.19 25.93
N ILE F 238 32.08 14.46 25.88
CA ILE F 238 31.78 15.46 26.91
C ILE F 238 30.94 16.56 26.26
N LEU F 239 29.85 16.97 26.93
CA LEU F 239 28.95 18.02 26.50
C LEU F 239 28.99 19.04 27.61
N MET F 240 29.53 20.24 27.33
CA MET F 240 29.69 21.26 28.36
C MET F 240 29.08 22.58 27.89
N PRO F 241 28.18 23.23 28.67
CA PRO F 241 27.64 24.52 28.20
C PRO F 241 28.70 25.61 28.13
N HIS F 242 28.46 26.62 27.29
CA HIS F 242 29.38 27.75 27.15
C HIS F 242 29.52 28.50 28.47
N HIS F 243 28.41 28.70 29.19
CA HIS F 243 28.41 29.43 30.44
C HIS F 243 28.41 28.51 31.65
N VAL F 244 28.83 29.04 32.81
CA VAL F 244 28.80 28.32 34.09
C VAL F 244 27.33 28.43 34.47
N GLU F 245 26.59 27.32 34.38
CA GLU F 245 25.16 27.33 34.63
C GLU F 245 24.66 25.96 35.10
N PRO F 246 23.45 25.84 35.71
CA PRO F 246 22.94 24.51 36.03
C PRO F 246 22.73 23.70 34.75
N LEU F 247 22.97 22.38 34.83
CA LEU F 247 22.87 21.52 33.65
C LEU F 247 21.43 21.25 33.19
N GLU F 248 20.40 21.68 33.94
CA GLU F 248 18.99 21.51 33.60
C GLU F 248 18.67 21.86 32.12
N ARG F 249 19.11 23.04 31.65
CA ARG F 249 18.85 23.48 30.28
C ARG F 249 19.41 22.50 29.26
N LEU F 250 20.68 22.11 29.38
CA LEU F 250 21.30 21.17 28.46
C LEU F 250 20.74 19.75 28.58
N GLU F 251 20.28 19.36 29.78
CA GLU F 251 19.68 18.05 30.01
C GLU F 251 18.34 17.90 29.28
N LYS F 252 17.60 19.01 29.05
CA LYS F 252 16.36 18.97 28.25
C LYS F 252 16.67 18.59 26.79
N LEU F 253 17.84 19.02 26.27
CA LEU F 253 18.28 18.70 24.90
C LEU F 253 18.87 17.29 24.81
N LEU F 254 19.28 16.67 25.92
CA LEU F 254 19.91 15.36 25.94
C LEU F 254 18.93 14.22 25.62
N THR F 255 18.72 13.97 24.31
CA THR F 255 17.88 12.89 23.81
C THR F 255 18.71 12.01 22.86
N LYS F 256 18.23 10.80 22.54
CA LYS F 256 18.93 9.92 21.60
C LYS F 256 19.01 10.57 20.20
N GLU F 257 17.95 11.31 19.80
CA GLU F 257 17.87 11.97 18.50
C GLU F 257 18.85 13.14 18.41
N GLN F 258 18.87 14.02 19.45
CA GLN F 258 19.77 15.18 19.46
C GLN F 258 21.23 14.75 19.55
N LEU F 259 21.53 13.68 20.29
CA LEU F 259 22.89 13.18 20.40
C LEU F 259 23.38 12.68 19.03
N LYS F 260 22.50 12.05 18.24
CA LYS F 260 22.83 11.58 16.90
C LYS F 260 23.09 12.78 15.96
N ILE F 261 22.31 13.88 16.09
CA ILE F 261 22.51 15.10 15.30
C ILE F 261 23.87 15.72 15.67
N TRP F 262 24.14 15.90 16.98
CA TRP F 262 25.40 16.46 17.45
C TRP F 262 26.61 15.63 17.01
N MET F 263 26.52 14.30 17.08
CA MET F 263 27.62 13.45 16.66
C MET F 263 27.84 13.46 15.15
N GLY F 264 26.80 13.68 14.38
CA GLY F 264 26.91 13.83 12.93
C GLY F 264 27.59 15.12 12.52
N LYS F 265 27.52 16.19 13.34
CA LYS F 265 28.16 17.49 13.07
C LYS F 265 29.63 17.57 13.57
N MET F 266 30.16 16.52 14.26
CA MET F 266 31.52 16.56 14.81
C MET F 266 32.63 16.32 13.82
N GLN F 267 33.65 17.20 13.81
CA GLN F 267 34.76 17.14 12.87
C GLN F 267 36.06 17.02 13.64
N LYS F 268 37.06 16.27 13.12
CA LYS F 268 38.36 16.15 13.80
C LYS F 268 39.09 17.47 13.65
N LYS F 269 39.33 18.14 14.78
CA LYS F 269 40.01 19.44 14.87
C LYS F 269 41.09 19.36 15.92
N ALA F 270 42.06 20.29 15.89
CA ALA F 270 43.04 20.39 16.96
C ALA F 270 42.29 21.00 18.16
N VAL F 271 42.29 20.31 19.32
CA VAL F 271 41.62 20.79 20.53
C VAL F 271 42.58 20.67 21.70
N ALA F 272 42.66 21.73 22.51
CA ALA F 272 43.42 21.77 23.76
C ALA F 272 42.40 21.44 24.85
N ILE F 273 42.44 20.21 25.35
CA ILE F 273 41.51 19.72 26.36
C ILE F 273 42.12 19.81 27.77
N SER F 274 41.38 20.36 28.74
CA SER F 274 41.78 20.41 30.13
C SER F 274 40.65 19.76 30.92
N LEU F 275 40.96 18.71 31.73
CA LEU F 275 39.95 18.00 32.51
C LEU F 275 40.33 17.91 33.98
N PRO F 276 39.37 17.95 34.94
CA PRO F 276 39.77 17.69 36.34
C PRO F 276 40.31 16.27 36.49
N LYS F 277 41.42 16.11 37.20
CA LYS F 277 42.07 14.83 37.42
C LYS F 277 41.68 14.35 38.82
N GLY F 278 41.28 13.08 38.95
CA GLY F 278 40.88 12.50 40.23
C GLY F 278 39.79 11.45 40.14
N VAL F 279 39.48 10.83 41.28
CA VAL F 279 38.44 9.80 41.41
C VAL F 279 37.15 10.47 41.83
N VAL F 280 36.06 10.14 41.16
CA VAL F 280 34.72 10.61 41.50
C VAL F 280 34.00 9.36 42.02
N GLU F 281 33.50 9.39 43.26
CA GLU F 281 32.80 8.26 43.86
C GLU F 281 31.33 8.62 43.95
N VAL F 282 30.44 7.85 43.30
CA VAL F 282 29.00 8.12 43.33
C VAL F 282 28.25 6.85 43.66
N THR F 283 27.33 6.91 44.64
CA THR F 283 26.42 5.81 44.96
C THR F 283 25.00 6.28 44.70
N HIS F 284 24.25 5.50 43.94
CA HIS F 284 22.84 5.78 43.68
C HIS F 284 22.04 4.56 44.14
N ASP F 285 20.91 4.78 44.83
CA ASP F 285 19.99 3.69 45.14
C ASP F 285 18.93 3.87 44.06
N LEU F 286 18.94 3.01 43.05
CA LEU F 286 18.03 3.13 41.91
C LEU F 286 16.62 2.60 42.18
N GLN F 287 16.37 1.94 43.33
CA GLN F 287 15.06 1.34 43.63
C GLN F 287 13.87 2.30 43.45
N LYS F 288 13.93 3.52 44.01
CA LYS F 288 12.84 4.48 43.88
C LYS F 288 12.64 4.97 42.43
N HIS F 289 13.71 5.05 41.62
CA HIS F 289 13.62 5.50 40.23
C HIS F 289 13.14 4.38 39.29
N LEU F 290 13.44 3.12 39.62
CA LEU F 290 13.00 1.99 38.80
C LEU F 290 11.48 1.82 38.87
N ALA F 291 10.85 2.17 40.01
CA ALA F 291 9.40 2.13 40.16
C ALA F 291 8.77 3.15 39.18
N GLY F 292 9.37 4.35 39.06
CA GLY F 292 8.94 5.38 38.13
C GLY F 292 9.01 5.00 36.66
N LEU F 293 9.78 3.95 36.32
CA LEU F 293 9.92 3.45 34.95
C LEU F 293 9.05 2.21 34.66
N GLY F 294 8.31 1.70 35.64
CA GLY F 294 7.46 0.54 35.43
C GLY F 294 7.73 -0.66 36.32
N LEU F 295 8.79 -0.65 37.15
CA LEU F 295 9.09 -1.78 38.05
C LEU F 295 8.43 -1.48 39.39
N THR F 296 7.09 -1.56 39.43
CA THR F 296 6.29 -1.22 40.60
C THR F 296 6.03 -2.40 41.53
N GLU F 297 5.90 -3.62 40.99
CA GLU F 297 5.61 -4.81 41.80
C GLU F 297 6.83 -5.28 42.61
N ALA F 298 7.99 -5.46 41.96
CA ALA F 298 9.22 -5.96 42.60
C ALA F 298 9.65 -5.17 43.85
N ILE F 299 9.43 -3.86 43.84
CA ILE F 299 9.85 -2.98 44.93
C ILE F 299 8.83 -2.85 46.08
N ASP F 300 7.68 -3.54 46.01
CA ASP F 300 6.65 -3.45 47.05
C ASP F 300 6.59 -4.76 47.84
N LYS F 301 6.76 -4.67 49.16
CA LYS F 301 6.72 -5.81 50.07
C LYS F 301 5.43 -6.67 49.94
N ASN F 302 4.27 -6.02 49.72
CA ASN F 302 2.99 -6.71 49.60
C ASN F 302 2.60 -7.15 48.18
N LYS F 303 3.39 -6.84 47.13
CA LYS F 303 3.04 -7.26 45.76
C LYS F 303 4.14 -8.10 45.10
N ALA F 304 5.43 -7.94 45.49
CA ALA F 304 6.54 -8.64 44.86
C ALA F 304 6.40 -10.16 44.88
N ASP F 305 6.78 -10.80 43.76
CA ASP F 305 6.81 -12.23 43.64
C ASP F 305 8.22 -12.62 43.18
N LEU F 306 9.14 -12.73 44.15
CA LEU F 306 10.52 -13.16 43.91
C LEU F 306 10.67 -14.59 44.43
N SER F 307 9.70 -15.47 44.09
CA SER F 307 9.69 -16.85 44.56
C SER F 307 10.69 -17.76 43.82
N ARG F 308 11.02 -17.46 42.55
CA ARG F 308 12.04 -18.23 41.83
C ARG F 308 13.45 -17.99 42.46
N MET F 309 13.63 -16.85 43.17
CA MET F 309 14.86 -16.43 43.81
C MET F 309 15.10 -17.11 45.17
N SER F 310 14.08 -17.14 46.06
CA SER F 310 14.21 -17.71 47.42
C SER F 310 13.47 -19.04 47.64
N GLY F 311 12.20 -19.10 47.26
CA GLY F 311 11.36 -20.29 47.42
C GLY F 311 9.88 -19.93 47.52
N LYS F 312 9.55 -18.99 48.43
CA LYS F 312 8.19 -18.50 48.67
C LYS F 312 8.13 -16.94 48.52
N LYS F 313 6.94 -16.31 48.73
CA LYS F 313 6.80 -14.85 48.70
C LYS F 313 7.32 -14.26 50.02
N ASP F 314 8.61 -14.46 50.29
CA ASP F 314 9.26 -13.95 51.51
C ASP F 314 10.39 -12.98 51.13
N LEU F 315 10.24 -12.22 50.01
CA LEU F 315 11.30 -11.31 49.57
C LEU F 315 10.79 -10.28 48.57
N TYR F 316 11.30 -9.05 48.66
CA TYR F 316 11.00 -7.94 47.76
C TYR F 316 12.31 -7.14 47.53
N LEU F 317 12.44 -6.45 46.40
CA LEU F 317 13.66 -5.70 46.10
C LEU F 317 13.69 -4.40 46.91
N ALA F 318 14.42 -4.41 48.02
CA ALA F 318 14.54 -3.26 48.93
C ALA F 318 15.48 -2.18 48.37
N SER F 319 16.59 -2.56 47.74
CA SER F 319 17.54 -1.58 47.19
C SER F 319 18.28 -2.11 45.99
N VAL F 320 18.69 -1.18 45.09
CA VAL F 320 19.53 -1.48 43.93
C VAL F 320 20.63 -0.43 43.98
N PHE F 321 21.72 -0.72 44.71
CA PHE F 321 22.84 0.21 44.81
C PHE F 321 23.72 0.12 43.57
N HIS F 322 23.95 1.26 42.94
CA HIS F 322 24.77 1.39 41.76
C HIS F 322 25.90 2.32 42.19
N ALA F 323 27.02 1.73 42.62
CA ALA F 323 28.15 2.48 43.18
C ALA F 323 29.37 2.39 42.26
N THR F 324 29.95 3.55 41.91
CA THR F 324 31.07 3.62 40.99
C THR F 324 32.15 4.58 41.47
N ALA F 325 33.42 4.20 41.24
CA ALA F 325 34.58 5.05 41.42
C ALA F 325 35.05 5.25 39.95
N PHE F 326 34.88 6.47 39.41
CA PHE F 326 35.28 6.80 38.04
C PHE F 326 36.55 7.63 38.14
N GLU F 327 37.66 7.14 37.62
CA GLU F 327 38.93 7.85 37.73
C GLU F 327 39.35 8.55 36.45
N TRP F 328 39.53 9.87 36.53
CA TRP F 328 40.04 10.69 35.46
C TRP F 328 41.54 10.79 35.74
N ASP F 329 42.37 10.21 34.87
CA ASP F 329 43.80 10.20 35.04
C ASP F 329 44.49 10.45 33.68
N THR F 330 45.79 10.70 33.70
CA THR F 330 46.52 11.01 32.49
C THR F 330 46.84 9.79 31.62
N GLU F 331 46.89 8.61 32.22
CA GLU F 331 47.37 7.43 31.53
C GLU F 331 46.53 6.96 30.34
N GLY F 332 47.24 6.46 29.35
CA GLY F 332 46.70 5.99 28.08
C GLY F 332 47.78 5.39 27.22
N ASN F 333 47.48 5.15 25.94
CA ASN F 333 48.48 4.58 25.04
C ASN F 333 49.49 5.62 24.59
N PRO F 334 50.76 5.25 24.36
CA PRO F 334 51.70 6.24 23.80
C PRO F 334 51.41 6.52 22.32
N PHE F 335 52.06 7.53 21.77
CA PHE F 335 51.90 7.92 20.38
C PHE F 335 53.15 8.66 19.87
N ASP F 336 53.25 8.81 18.55
CA ASP F 336 54.32 9.56 17.91
C ASP F 336 53.94 11.05 17.92
N GLN F 337 54.73 11.86 18.65
CA GLN F 337 54.50 13.31 18.73
C GLN F 337 54.85 14.00 17.39
N ASP F 338 55.84 13.48 16.65
CA ASP F 338 56.25 14.04 15.36
C ASP F 338 55.13 14.01 14.29
N ILE F 339 54.22 13.02 14.34
CA ILE F 339 53.11 12.90 13.38
C ILE F 339 52.19 14.15 13.41
N TYR F 340 51.75 14.57 14.60
CA TYR F 340 50.89 15.75 14.72
C TYR F 340 51.70 17.06 14.49
N GLY F 341 52.75 17.29 15.29
CA GLY F 341 53.64 18.45 15.16
C GLY F 341 53.00 19.83 14.98
N ARG F 342 53.14 20.40 13.75
CA ARG F 342 52.61 21.75 13.40
C ARG F 342 51.37 21.73 12.50
N GLU F 343 50.74 20.56 12.28
CA GLU F 343 49.55 20.47 11.44
C GLU F 343 48.33 21.01 12.20
N GLU F 344 48.06 22.35 12.09
CA GLU F 344 46.92 23.05 12.73
C GLU F 344 46.96 23.12 14.30
N LEU F 345 47.77 22.25 14.98
CA LEU F 345 47.91 22.24 16.44
C LEU F 345 48.44 23.55 17.03
N ARG F 346 48.84 24.53 16.18
CA ARG F 346 49.32 25.83 16.64
C ARG F 346 48.19 26.74 17.16
N SER F 347 46.95 26.62 16.60
CA SER F 347 45.81 27.43 17.07
C SER F 347 44.61 26.49 17.37
N PRO F 348 44.69 25.65 18.42
CA PRO F 348 43.59 24.70 18.68
C PRO F 348 42.33 25.34 19.28
N LYS F 349 41.22 24.61 19.18
CA LYS F 349 39.99 24.98 19.86
C LYS F 349 40.26 24.71 21.36
N LEU F 350 39.69 25.53 22.26
CA LEU F 350 39.94 25.38 23.68
C LEU F 350 38.73 24.74 24.36
N PHE F 351 38.88 23.54 24.94
CA PHE F 351 37.83 22.84 25.67
C PHE F 351 38.32 22.77 27.12
N TYR F 352 37.92 23.76 27.93
CA TYR F 352 38.41 23.89 29.30
C TYR F 352 37.32 23.48 30.28
N ALA F 353 37.35 22.22 30.76
CA ALA F 353 36.29 21.69 31.63
C ALA F 353 36.41 22.13 33.08
N ASP F 354 36.20 23.42 33.34
CA ASP F 354 36.28 24.01 34.68
C ASP F 354 34.88 24.30 35.28
N HIS F 355 33.83 23.67 34.76
CA HIS F 355 32.48 23.87 35.28
C HIS F 355 31.62 22.65 34.92
N PRO F 356 30.44 22.43 35.55
CA PRO F 356 29.71 21.16 35.30
C PRO F 356 29.49 20.79 33.83
N PHE F 357 29.66 19.48 33.55
CA PHE F 357 29.50 18.94 32.21
C PHE F 357 28.83 17.56 32.28
N ILE F 358 28.28 17.12 31.15
CA ILE F 358 27.68 15.80 30.99
C ILE F 358 28.68 14.95 30.20
N PHE F 359 28.76 13.65 30.48
CA PHE F 359 29.66 12.78 29.73
C PHE F 359 29.02 11.41 29.49
N LEU F 360 29.47 10.75 28.43
CA LEU F 360 29.01 9.43 28.00
C LEU F 360 30.23 8.63 27.57
N VAL F 361 30.21 7.32 27.75
CA VAL F 361 31.24 6.42 27.23
C VAL F 361 30.46 5.52 26.27
N ARG F 362 30.84 5.49 25.00
CA ARG F 362 30.08 4.84 23.94
C ARG F 362 30.95 3.81 23.25
N ASP F 363 30.43 2.60 23.03
CA ASP F 363 31.13 1.54 22.32
C ASP F 363 31.22 1.98 20.86
N THR F 364 32.41 1.93 20.26
CA THR F 364 32.58 2.39 18.89
C THR F 364 31.90 1.48 17.86
N GLN F 365 32.08 0.16 17.99
CA GLN F 365 31.50 -0.79 17.03
C GLN F 365 29.96 -0.78 17.03
N SER F 366 29.34 -0.94 18.21
CA SER F 366 27.89 -1.02 18.32
C SER F 366 27.16 0.31 18.58
N GLY F 367 27.87 1.31 19.08
CA GLY F 367 27.25 2.58 19.45
C GLY F 367 26.50 2.53 20.78
N SER F 368 26.59 1.42 21.53
CA SER F 368 25.87 1.28 22.79
C SER F 368 26.56 2.00 23.94
N LEU F 369 25.78 2.47 24.92
CA LEU F 369 26.31 3.24 26.04
C LEU F 369 26.87 2.40 27.18
N LEU F 370 28.17 2.58 27.47
CA LEU F 370 28.84 1.93 28.58
C LEU F 370 28.56 2.72 29.84
N PHE F 371 28.59 4.07 29.76
CA PHE F 371 28.35 4.96 30.90
C PHE F 371 27.67 6.24 30.46
N ILE F 372 26.91 6.83 31.39
CA ILE F 372 26.30 8.14 31.24
C ILE F 372 26.39 8.80 32.61
N GLY F 373 26.73 10.08 32.66
CA GLY F 373 26.84 10.78 33.92
C GLY F 373 27.09 12.25 33.76
N ARG F 374 27.34 12.91 34.88
CA ARG F 374 27.65 14.32 34.90
C ARG F 374 28.60 14.62 36.06
N LEU F 375 29.53 15.56 35.84
CA LEU F 375 30.41 15.98 36.91
C LEU F 375 29.98 17.36 37.32
N VAL F 376 29.44 17.48 38.53
CA VAL F 376 28.95 18.72 39.10
C VAL F 376 29.92 19.17 40.20
N ARG F 377 30.28 18.26 41.12
CA ARG F 377 31.15 18.53 42.24
C ARG F 377 32.34 17.59 42.23
N PRO F 378 33.54 18.02 41.78
CA PRO F 378 34.71 17.12 41.88
C PRO F 378 35.13 16.92 43.35
N LYS F 379 35.93 15.88 43.59
CA LYS F 379 36.46 15.61 44.93
C LYS F 379 37.57 16.65 45.13
N GLY F 380 37.36 17.60 46.05
CA GLY F 380 38.31 18.68 46.25
C GLY F 380 37.94 19.68 47.33
N ASP F 381 38.84 20.65 47.54
CA ASP F 381 38.74 21.68 48.59
C ASP F 381 37.91 22.94 48.22
N LYS F 382 36.83 23.22 48.99
CA LYS F 382 35.98 24.41 48.83
C LYS F 382 36.75 25.71 49.09
N MET F 383 36.90 26.56 48.06
CA MET F 383 37.69 27.80 48.21
C MET F 383 36.92 28.93 48.90
N ARG F 384 37.58 29.53 49.91
CA ARG F 384 37.04 30.65 50.68
C ARG F 384 38.22 31.45 51.23
N ASP F 385 38.00 32.75 51.47
CA ASP F 385 39.05 33.63 51.96
C ASP F 385 39.55 33.17 53.34
N GLU F 386 40.88 33.10 53.54
CA GLU F 386 41.48 32.68 54.80
C GLU F 386 41.65 33.88 55.75
N ALA G 4 7.22 -26.82 -15.68
CA ALA G 4 7.09 -25.80 -16.71
C ALA G 4 6.52 -26.37 -18.01
N LEU G 5 6.97 -27.57 -18.43
CA LEU G 5 6.51 -28.15 -19.69
C LEU G 5 5.09 -28.63 -19.61
N SER G 6 4.29 -28.36 -20.65
CA SER G 6 2.94 -28.91 -20.73
C SER G 6 3.05 -30.46 -20.88
N PRO G 7 2.00 -31.28 -20.56
CA PRO G 7 2.15 -32.74 -20.72
C PRO G 7 2.43 -33.22 -22.15
N LYS G 8 1.96 -32.47 -23.16
CA LYS G 8 2.24 -32.82 -24.55
C LYS G 8 3.72 -32.55 -24.84
N ALA G 9 4.27 -31.40 -24.37
CA ALA G 9 5.70 -31.09 -24.55
C ALA G 9 6.56 -32.11 -23.80
N ALA G 10 6.15 -32.49 -22.58
CA ALA G 10 6.88 -33.46 -21.77
C ALA G 10 6.98 -34.83 -22.45
N THR G 11 5.89 -35.32 -23.06
CA THR G 11 5.90 -36.62 -23.74
C THR G 11 6.78 -36.57 -25.01
N LEU G 12 6.75 -35.44 -25.73
CA LEU G 12 7.57 -35.28 -26.92
C LEU G 12 9.05 -35.17 -26.55
N ALA G 13 9.37 -34.51 -25.42
CA ALA G 13 10.75 -34.37 -24.95
C ALA G 13 11.37 -35.73 -24.67
N GLU G 14 10.57 -36.66 -24.10
CA GLU G 14 11.02 -38.01 -23.79
C GLU G 14 11.32 -38.79 -25.08
N ARG G 15 10.43 -38.73 -26.10
CA ARG G 15 10.68 -39.43 -27.36
C ARG G 15 11.86 -38.81 -28.13
N SER G 16 12.06 -37.46 -28.04
CA SER G 16 13.20 -36.81 -28.69
C SER G 16 14.52 -37.39 -28.17
N ALA G 17 14.61 -37.65 -26.85
CA ALA G 17 15.80 -38.24 -26.25
C ALA G 17 16.04 -39.67 -26.83
N GLY G 18 15.02 -40.52 -26.84
CA GLY G 18 15.13 -41.88 -27.38
C GLY G 18 15.53 -41.87 -28.84
N LEU G 19 14.97 -40.92 -29.58
CA LEU G 19 15.28 -40.69 -30.99
C LEU G 19 16.76 -40.28 -31.16
N ALA G 20 17.26 -39.36 -30.32
CA ALA G 20 18.66 -38.94 -30.38
C ALA G 20 19.63 -40.05 -29.98
N PHE G 21 19.26 -40.95 -29.04
CA PHE G 21 20.10 -42.09 -28.70
C PHE G 21 20.19 -43.03 -29.92
N SER G 22 19.07 -43.25 -30.64
CA SER G 22 19.09 -44.10 -31.84
C SER G 22 19.97 -43.47 -32.91
N LEU G 23 19.86 -42.15 -33.15
CA LEU G 23 20.71 -41.49 -34.14
C LEU G 23 22.17 -41.54 -33.70
N TYR G 24 22.46 -41.29 -32.40
CA TYR G 24 23.83 -41.36 -31.87
C TYR G 24 24.42 -42.75 -32.12
N GLN G 25 23.67 -43.81 -31.81
CA GLN G 25 24.16 -45.19 -32.01
C GLN G 25 24.40 -45.48 -33.48
N ALA G 26 23.49 -45.05 -34.36
CA ALA G 26 23.63 -45.25 -35.80
C ALA G 26 24.89 -44.55 -36.35
N MET G 27 25.20 -43.35 -35.83
CA MET G 27 26.36 -42.59 -36.26
C MET G 27 27.65 -43.15 -35.68
N ALA G 28 27.61 -43.64 -34.43
CA ALA G 28 28.78 -44.23 -33.78
C ALA G 28 29.26 -45.50 -34.51
N LYS G 29 28.35 -46.25 -35.16
CA LYS G 29 28.69 -47.44 -35.94
C LYS G 29 29.49 -47.07 -37.21
N ASP G 30 29.23 -45.88 -37.78
CA ASP G 30 29.92 -45.39 -38.98
C ASP G 30 31.38 -45.12 -38.65
N GLN G 31 32.31 -45.80 -39.33
CA GLN G 31 33.75 -45.68 -39.11
C GLN G 31 34.31 -44.30 -39.46
N ALA G 32 33.71 -43.61 -40.45
CA ALA G 32 34.15 -42.28 -40.86
C ALA G 32 33.80 -41.18 -39.82
N VAL G 33 32.80 -41.42 -38.96
CA VAL G 33 32.37 -40.44 -37.96
C VAL G 33 33.36 -40.39 -36.79
N GLU G 34 33.88 -39.19 -36.44
CA GLU G 34 34.77 -39.00 -35.29
C GLU G 34 33.93 -38.33 -34.18
N ASN G 35 33.82 -36.99 -34.13
CA ASN G 35 33.03 -36.32 -33.10
C ASN G 35 31.54 -36.40 -33.48
N ILE G 36 30.68 -36.42 -32.44
CA ILE G 36 29.22 -36.44 -32.60
C ILE G 36 28.66 -35.30 -31.75
N LEU G 37 27.70 -34.55 -32.30
CA LEU G 37 27.00 -33.48 -31.60
C LEU G 37 25.57 -33.48 -32.12
N LEU G 38 24.61 -33.88 -31.30
CA LEU G 38 23.20 -33.90 -31.67
C LEU G 38 22.41 -33.18 -30.60
N SER G 39 21.40 -32.41 -31.03
CA SER G 39 20.50 -31.71 -30.15
C SER G 39 19.16 -32.42 -30.40
N PRO G 40 18.67 -33.27 -29.47
CA PRO G 40 17.40 -33.99 -29.73
C PRO G 40 16.18 -33.14 -30.07
N VAL G 41 16.07 -31.95 -29.50
CA VAL G 41 14.92 -31.07 -29.75
C VAL G 41 14.98 -30.54 -31.20
N VAL G 42 16.20 -30.26 -31.72
CA VAL G 42 16.39 -29.76 -33.09
C VAL G 42 16.15 -30.91 -34.09
N VAL G 43 16.54 -32.14 -33.74
CA VAL G 43 16.29 -33.32 -34.57
C VAL G 43 14.77 -33.53 -34.66
N ALA G 44 14.07 -33.48 -33.53
CA ALA G 44 12.62 -33.64 -33.50
C ALA G 44 11.92 -32.56 -34.32
N SER G 45 12.40 -31.30 -34.28
CA SER G 45 11.80 -30.20 -35.05
C SER G 45 11.98 -30.41 -36.57
N SER G 46 13.04 -31.11 -37.00
CA SER G 46 13.23 -31.44 -38.41
C SER G 46 12.13 -32.38 -38.88
N LEU G 47 11.75 -33.36 -38.04
CA LEU G 47 10.65 -34.28 -38.34
C LEU G 47 9.31 -33.55 -38.33
N GLY G 48 9.13 -32.62 -37.40
CA GLY G 48 7.95 -31.79 -37.34
C GLY G 48 7.78 -30.94 -38.60
N LEU G 49 8.89 -30.46 -39.19
CA LEU G 49 8.84 -29.69 -40.44
C LEU G 49 8.44 -30.57 -41.63
N VAL G 50 8.86 -31.85 -41.63
CA VAL G 50 8.47 -32.81 -42.68
C VAL G 50 6.96 -33.12 -42.54
N SER G 51 6.47 -33.25 -41.30
CA SER G 51 5.04 -33.46 -41.02
C SER G 51 4.22 -32.25 -41.50
N LEU G 52 4.73 -31.05 -41.27
CA LEU G 52 4.06 -29.80 -41.63
C LEU G 52 4.03 -29.55 -43.14
N GLY G 53 5.13 -29.90 -43.82
CA GLY G 53 5.24 -29.73 -45.27
C GLY G 53 4.86 -30.95 -46.10
N GLY G 54 4.50 -32.06 -45.45
CA GLY G 54 4.16 -33.30 -46.13
C GLY G 54 2.71 -33.71 -46.04
N LYS G 55 2.37 -34.77 -46.79
CA LYS G 55 1.04 -35.37 -46.86
C LYS G 55 1.17 -36.90 -46.99
N ALA G 56 0.09 -37.65 -46.67
CA ALA G 56 0.02 -39.10 -46.81
C ALA G 56 1.17 -39.82 -45.96
N THR G 57 1.84 -40.95 -46.37
CA THR G 57 2.87 -41.60 -45.55
C THR G 57 4.11 -40.72 -45.33
N THR G 58 4.36 -39.68 -46.18
CA THR G 58 5.50 -38.79 -45.97
C THR G 58 5.36 -38.06 -44.63
N ALA G 59 4.17 -37.50 -44.36
CA ALA G 59 3.90 -36.82 -43.11
C ALA G 59 3.64 -37.78 -41.94
N SER G 60 2.89 -38.87 -42.18
CA SER G 60 2.56 -39.82 -41.11
C SER G 60 3.79 -40.60 -40.62
N GLN G 61 4.79 -40.87 -41.49
CA GLN G 61 6.03 -41.52 -41.05
C GLN G 61 6.82 -40.59 -40.13
N ALA G 62 6.81 -39.28 -40.39
CA ALA G 62 7.50 -38.31 -39.53
C ALA G 62 6.89 -38.30 -38.14
N LYS G 63 5.55 -38.38 -38.06
CA LYS G 63 4.81 -38.42 -36.80
C LYS G 63 5.05 -39.76 -36.08
N ALA G 64 5.27 -40.88 -36.82
CA ALA G 64 5.57 -42.20 -36.27
C ALA G 64 7.00 -42.26 -35.70
N VAL G 65 7.97 -41.55 -36.31
CA VAL G 65 9.34 -41.52 -35.78
C VAL G 65 9.30 -40.74 -34.42
N LEU G 66 8.41 -39.72 -34.29
CA LEU G 66 8.22 -38.96 -33.06
C LEU G 66 7.22 -39.63 -32.08
N SER G 67 6.77 -40.91 -32.34
CA SER G 67 5.76 -41.63 -31.54
C SER G 67 4.55 -40.75 -31.19
N ALA G 68 4.18 -39.87 -32.13
CA ALA G 68 3.12 -38.90 -31.97
C ALA G 68 1.93 -39.17 -32.91
N GLU G 69 1.74 -40.44 -33.35
CA GLU G 69 0.60 -40.77 -34.22
C GLU G 69 -0.74 -40.54 -33.52
N GLN G 70 -0.79 -40.72 -32.17
CA GLN G 70 -2.00 -40.50 -31.38
C GLN G 70 -2.20 -39.01 -30.98
N LEU G 71 -1.36 -38.09 -31.48
CA LEU G 71 -1.47 -36.65 -31.20
C LEU G 71 -1.91 -35.94 -32.47
N ARG G 72 -2.64 -34.84 -32.32
CA ARG G 72 -3.04 -34.04 -33.48
C ARG G 72 -1.84 -33.31 -34.06
N ASP G 73 -1.90 -32.92 -35.35
CA ASP G 73 -0.82 -32.18 -36.00
C ASP G 73 -0.47 -30.90 -35.23
N GLU G 74 -1.50 -30.12 -34.83
CA GLU G 74 -1.32 -28.89 -34.06
C GLU G 74 -0.66 -29.14 -32.70
N GLU G 75 -0.95 -30.29 -32.06
CA GLU G 75 -0.33 -30.64 -30.77
C GLU G 75 1.18 -30.91 -30.94
N VAL G 76 1.56 -31.53 -32.07
CA VAL G 76 2.97 -31.83 -32.35
C VAL G 76 3.75 -30.54 -32.61
N HIS G 77 3.23 -29.69 -33.49
CA HIS G 77 3.91 -28.44 -33.84
C HIS G 77 3.99 -27.47 -32.66
N ALA G 78 2.95 -27.40 -31.83
CA ALA G 78 2.98 -26.52 -30.65
C ALA G 78 3.84 -27.12 -29.53
N GLY G 79 3.85 -28.44 -29.40
CA GLY G 79 4.66 -29.13 -28.40
C GLY G 79 6.14 -29.03 -28.67
N LEU G 80 6.56 -29.25 -29.93
CA LEU G 80 7.97 -29.13 -30.32
C LEU G 80 8.40 -27.65 -30.29
N GLY G 81 7.50 -26.75 -30.67
CA GLY G 81 7.75 -25.31 -30.61
C GLY G 81 7.96 -24.83 -29.19
N GLU G 82 7.23 -25.42 -28.22
CA GLU G 82 7.38 -25.11 -26.80
C GLU G 82 8.75 -25.57 -26.32
N LEU G 83 9.19 -26.77 -26.73
CA LEU G 83 10.50 -27.29 -26.34
C LEU G 83 11.64 -26.46 -26.94
N LEU G 84 11.50 -25.97 -28.18
CA LEU G 84 12.52 -25.12 -28.80
C LEU G 84 12.65 -23.79 -28.05
N ARG G 85 11.52 -23.19 -27.65
CA ARG G 85 11.53 -21.93 -26.90
C ARG G 85 12.00 -22.13 -25.46
N SER G 86 11.78 -23.32 -24.86
CA SER G 86 12.27 -23.61 -23.51
C SER G 86 13.83 -23.74 -23.47
N LEU G 87 14.48 -23.91 -24.65
CA LEU G 87 15.94 -23.97 -24.76
C LEU G 87 16.50 -22.55 -24.58
N SER G 88 15.88 -21.54 -25.24
CA SER G 88 16.28 -20.13 -25.11
C SER G 88 15.71 -19.51 -23.80
N ASN G 89 15.81 -20.25 -22.67
CA ASN G 89 15.35 -19.85 -21.32
C ASN G 89 16.33 -20.39 -20.26
N SER G 90 16.66 -21.70 -20.34
CA SER G 90 17.63 -22.38 -19.48
C SER G 90 19.04 -21.78 -19.69
N THR G 91 19.39 -21.48 -20.95
CA THR G 91 20.66 -20.87 -21.38
C THR G 91 20.51 -19.35 -21.54
N ALA G 92 21.64 -18.61 -21.67
CA ALA G 92 21.59 -17.16 -21.93
C ALA G 92 21.19 -17.02 -23.40
N ARG G 93 19.87 -16.86 -23.66
CA ARG G 93 19.30 -16.78 -25.01
C ARG G 93 20.09 -15.84 -25.95
N ASN G 94 20.70 -16.44 -27.00
CA ASN G 94 21.45 -15.75 -28.06
C ASN G 94 22.78 -15.14 -27.59
N VAL G 95 23.38 -15.71 -26.52
CA VAL G 95 24.71 -15.33 -26.01
C VAL G 95 25.52 -16.65 -25.90
N THR G 96 25.01 -17.64 -25.14
CA THR G 96 25.59 -18.96 -24.98
C THR G 96 24.81 -20.03 -25.81
N TRP G 97 23.67 -19.69 -26.44
CA TRP G 97 22.88 -20.62 -27.25
C TRP G 97 22.30 -19.91 -28.47
N LYS G 98 22.78 -20.26 -29.68
CA LYS G 98 22.27 -19.67 -30.92
C LYS G 98 21.82 -20.78 -31.82
N LEU G 99 20.61 -20.68 -32.37
CA LEU G 99 20.05 -21.69 -33.26
C LEU G 99 19.36 -21.00 -34.44
N GLY G 100 19.59 -21.52 -35.62
CA GLY G 100 18.93 -21.09 -36.85
C GLY G 100 18.53 -22.32 -37.63
N SER G 101 17.38 -22.24 -38.30
CA SER G 101 16.88 -23.35 -39.14
C SER G 101 16.48 -22.72 -40.47
N ARG G 102 16.99 -23.27 -41.57
CA ARG G 102 16.73 -22.73 -42.90
C ARG G 102 16.46 -23.84 -43.89
N LEU G 103 15.38 -23.70 -44.67
CA LEU G 103 15.04 -24.65 -45.72
C LEU G 103 15.45 -24.02 -47.05
N TYR G 104 16.32 -24.71 -47.80
CA TYR G 104 16.81 -24.28 -49.09
C TYR G 104 16.17 -25.12 -50.16
N GLY G 105 15.35 -24.50 -51.01
CA GLY G 105 14.73 -25.19 -52.14
C GLY G 105 15.38 -24.76 -53.45
N PRO G 106 15.36 -25.59 -54.53
CA PRO G 106 15.94 -25.12 -55.80
C PRO G 106 15.31 -23.83 -56.31
N SER G 107 16.02 -23.10 -57.19
CA SER G 107 15.54 -21.85 -57.78
C SER G 107 14.19 -22.02 -58.49
N SER G 108 13.95 -23.20 -59.10
CA SER G 108 12.70 -23.54 -59.78
C SER G 108 11.59 -24.01 -58.80
N VAL G 109 11.62 -23.55 -57.52
CA VAL G 109 10.66 -23.94 -56.48
C VAL G 109 10.23 -22.71 -55.69
N SER G 110 8.93 -22.57 -55.41
CA SER G 110 8.38 -21.48 -54.62
C SER G 110 7.65 -22.09 -53.43
N PHE G 111 8.04 -21.75 -52.19
CA PHE G 111 7.42 -22.31 -50.99
C PHE G 111 6.02 -21.75 -50.81
N ALA G 112 5.07 -22.60 -50.42
CA ALA G 112 3.69 -22.20 -50.19
C ALA G 112 3.61 -21.23 -49.03
N GLU G 113 2.81 -20.16 -49.18
CA GLU G 113 2.65 -19.13 -48.15
C GLU G 113 2.15 -19.73 -46.83
N ASP G 114 1.27 -20.73 -46.90
CA ASP G 114 0.73 -21.38 -45.72
C ASP G 114 1.84 -22.13 -44.95
N PHE G 115 2.74 -22.81 -45.68
CA PHE G 115 3.85 -23.52 -45.06
C PHE G 115 4.85 -22.53 -44.46
N VAL G 116 5.17 -21.44 -45.18
CA VAL G 116 6.11 -20.41 -44.70
C VAL G 116 5.60 -19.81 -43.38
N ARG G 117 4.31 -19.48 -43.31
CA ARG G 117 3.73 -18.88 -42.11
C ARG G 117 3.78 -19.83 -40.90
N SER G 118 3.34 -21.09 -41.06
CA SER G 118 3.32 -22.04 -39.95
C SER G 118 4.72 -22.55 -39.55
N SER G 119 5.65 -22.73 -40.51
CA SER G 119 7.01 -23.18 -40.18
C SER G 119 7.78 -22.08 -39.44
N LYS G 120 7.51 -20.79 -39.77
CA LYS G 120 8.10 -19.66 -39.08
C LYS G 120 7.48 -19.53 -37.67
N GLN G 121 6.17 -19.75 -37.56
CA GLN G 121 5.44 -19.67 -36.29
C GLN G 121 5.86 -20.74 -35.26
N HIS G 122 5.88 -22.01 -35.65
CA HIS G 122 6.21 -23.10 -34.74
C HIS G 122 7.70 -23.36 -34.57
N TYR G 123 8.47 -23.34 -35.68
CA TYR G 123 9.88 -23.72 -35.66
C TYR G 123 10.85 -22.58 -35.96
N ASN G 124 10.38 -21.32 -36.08
CA ASN G 124 11.23 -20.17 -36.43
C ASN G 124 12.04 -20.47 -37.73
N CYS G 125 11.44 -21.23 -38.65
CA CYS G 125 12.09 -21.67 -39.86
C CYS G 125 12.22 -20.54 -40.86
N GLU G 126 13.37 -20.47 -41.51
CA GLU G 126 13.68 -19.49 -42.55
C GLU G 126 13.63 -20.25 -43.89
N HIS G 127 13.42 -19.52 -44.99
CA HIS G 127 13.28 -20.13 -46.31
C HIS G 127 14.12 -19.38 -47.31
N SER G 128 14.78 -20.11 -48.21
CA SER G 128 15.63 -19.48 -49.21
C SER G 128 15.69 -20.32 -50.48
N LYS G 129 15.73 -19.66 -51.64
CA LYS G 129 15.87 -20.32 -52.94
C LYS G 129 17.37 -20.41 -53.22
N ILE G 130 17.84 -21.53 -53.76
CA ILE G 130 19.27 -21.73 -54.00
C ILE G 130 19.49 -22.40 -55.36
N ASN G 131 20.56 -22.00 -56.08
CA ASN G 131 20.88 -22.60 -57.37
C ASN G 131 22.00 -23.60 -57.16
N PHE G 132 21.64 -24.88 -57.06
CA PHE G 132 22.62 -25.93 -56.85
C PHE G 132 23.54 -26.19 -58.05
N ARG G 133 23.17 -25.69 -59.26
CA ARG G 133 24.00 -25.82 -60.47
C ARG G 133 25.36 -25.12 -60.23
N ASP G 134 25.32 -23.94 -59.59
CA ASP G 134 26.50 -23.17 -59.19
C ASP G 134 26.84 -23.65 -57.78
N LYS G 135 27.78 -24.61 -57.66
CA LYS G 135 28.17 -25.18 -56.37
C LYS G 135 28.90 -24.20 -55.45
N ARG G 136 29.92 -23.49 -55.97
CA ARG G 136 30.68 -22.52 -55.15
C ARG G 136 29.76 -21.45 -54.53
N SER G 137 28.70 -21.01 -55.25
CA SER G 137 27.76 -20.03 -54.73
C SER G 137 26.70 -20.63 -53.83
N ALA G 138 26.27 -21.88 -54.09
CA ALA G 138 25.28 -22.52 -53.22
C ALA G 138 25.93 -22.81 -51.85
N LEU G 139 27.18 -23.27 -51.84
CA LEU G 139 27.90 -23.54 -50.61
C LEU G 139 28.21 -22.25 -49.86
N GLN G 140 28.57 -21.18 -50.57
CA GLN G 140 28.85 -19.89 -49.96
C GLN G 140 27.61 -19.36 -49.24
N SER G 141 26.40 -19.51 -49.82
CA SER G 141 25.17 -19.03 -49.18
C SER G 141 24.83 -19.82 -47.92
N ILE G 142 25.05 -21.15 -47.94
CA ILE G 142 24.75 -22.00 -46.79
C ILE G 142 25.74 -21.66 -45.67
N ASN G 143 27.03 -21.60 -46.01
CA ASN G 143 28.08 -21.33 -45.04
C ASN G 143 28.00 -19.94 -44.43
N GLU G 144 27.72 -18.91 -45.25
CA GLU G 144 27.60 -17.54 -44.73
C GLU G 144 26.38 -17.40 -43.83
N TRP G 145 25.28 -18.10 -44.14
CA TRP G 145 24.08 -18.06 -43.30
C TRP G 145 24.39 -18.71 -41.93
N ALA G 146 25.09 -19.85 -41.93
CA ALA G 146 25.45 -20.52 -40.68
C ALA G 146 26.43 -19.67 -39.89
N ALA G 147 27.39 -19.02 -40.57
CA ALA G 147 28.36 -18.16 -39.92
C ALA G 147 27.67 -16.97 -39.28
N GLN G 148 26.70 -16.30 -39.96
CA GLN G 148 26.00 -15.17 -39.33
C GLN G 148 25.08 -15.64 -38.19
N THR G 149 24.48 -16.82 -38.31
CA THR G 149 23.61 -17.38 -37.27
C THR G 149 24.40 -17.58 -35.97
N THR G 150 25.66 -18.02 -36.08
CA THR G 150 26.54 -18.31 -34.95
C THR G 150 27.63 -17.24 -34.73
N ASP G 151 27.56 -16.07 -35.44
CA ASP G 151 28.53 -14.97 -35.37
C ASP G 151 29.99 -15.42 -35.54
N GLY G 152 30.23 -16.27 -36.54
CA GLY G 152 31.54 -16.76 -36.90
C GLY G 152 32.02 -17.99 -36.18
N LYS G 153 31.29 -18.46 -35.15
CA LYS G 153 31.72 -19.65 -34.41
C LYS G 153 31.64 -20.93 -35.23
N LEU G 154 30.72 -21.00 -36.17
CA LEU G 154 30.57 -22.12 -37.09
C LEU G 154 30.73 -21.51 -38.50
N PRO G 155 31.98 -21.29 -38.99
CA PRO G 155 32.14 -20.61 -40.29
C PRO G 155 31.83 -21.44 -41.52
N GLU G 156 31.61 -22.75 -41.37
CA GLU G 156 31.36 -23.64 -42.50
C GLU G 156 30.51 -24.83 -42.08
N VAL G 157 29.43 -25.10 -42.81
CA VAL G 157 28.56 -26.24 -42.57
C VAL G 157 29.14 -27.42 -43.38
N THR G 158 29.32 -27.26 -44.69
CA THR G 158 29.81 -28.34 -45.53
C THR G 158 30.68 -27.83 -46.67
N LYS G 159 31.56 -28.72 -47.16
CA LYS G 159 32.43 -28.43 -48.29
C LYS G 159 31.84 -28.95 -49.62
N ASP G 160 30.73 -29.74 -49.59
CA ASP G 160 30.10 -30.27 -50.80
C ASP G 160 28.65 -30.69 -50.54
N VAL G 161 27.73 -30.42 -51.50
CA VAL G 161 26.32 -30.82 -51.45
C VAL G 161 26.15 -32.02 -52.41
N GLU G 162 26.00 -33.23 -51.87
CA GLU G 162 25.86 -34.45 -52.68
C GLU G 162 24.57 -34.51 -53.51
N ARG G 163 23.40 -34.31 -52.87
CA ARG G 163 22.09 -34.37 -53.53
C ARG G 163 21.56 -32.95 -53.77
N THR G 164 21.57 -32.52 -55.05
CA THR G 164 21.22 -31.18 -55.49
C THR G 164 19.83 -31.05 -56.16
N ASP G 165 18.95 -32.06 -56.06
CA ASP G 165 17.64 -32.00 -56.71
C ASP G 165 16.45 -32.03 -55.73
N GLY G 166 16.69 -31.65 -54.48
CA GLY G 166 15.66 -31.61 -53.47
C GLY G 166 15.87 -30.52 -52.45
N ALA G 167 15.02 -30.51 -51.42
CA ALA G 167 15.06 -29.52 -50.36
C ALA G 167 16.20 -29.86 -49.38
N LEU G 168 16.87 -28.82 -48.88
CA LEU G 168 18.00 -28.92 -47.96
C LEU G 168 17.57 -28.25 -46.67
N LEU G 169 17.50 -28.99 -45.56
CA LEU G 169 17.18 -28.40 -44.27
C LEU G 169 18.52 -28.24 -43.52
N VAL G 170 18.84 -27.00 -43.08
CA VAL G 170 20.10 -26.72 -42.40
C VAL G 170 19.79 -26.16 -41.03
N ASN G 171 20.39 -26.76 -39.99
CA ASN G 171 20.30 -26.29 -38.61
C ASN G 171 21.71 -25.90 -38.22
N ALA G 172 21.93 -24.64 -37.85
CA ALA G 172 23.24 -24.13 -37.45
C ALA G 172 23.12 -23.73 -35.98
N MET G 173 24.04 -24.21 -35.15
CA MET G 173 23.99 -23.97 -33.71
C MET G 173 25.36 -23.61 -33.12
N PHE G 174 25.31 -22.82 -32.04
CA PHE G 174 26.46 -22.51 -31.21
C PHE G 174 26.00 -22.73 -29.79
N PHE G 175 26.69 -23.61 -29.07
CA PHE G 175 26.38 -23.84 -27.68
C PHE G 175 27.66 -23.75 -26.86
N LYS G 176 27.63 -22.95 -25.79
CA LYS G 176 28.76 -22.75 -24.92
C LYS G 176 28.26 -23.00 -23.51
N PRO G 177 28.48 -24.19 -22.90
CA PRO G 177 28.00 -24.37 -21.52
C PRO G 177 28.63 -23.35 -20.54
N HIS G 178 27.78 -22.61 -19.82
CA HIS G 178 28.20 -21.60 -18.86
C HIS G 178 28.10 -22.30 -17.51
N TRP G 179 29.24 -22.60 -16.89
CA TRP G 179 29.25 -23.38 -15.65
C TRP G 179 28.61 -22.67 -14.49
N ASP G 180 27.96 -23.42 -13.59
CA ASP G 180 27.39 -22.83 -12.38
C ASP G 180 28.54 -22.28 -11.49
N GLU G 181 29.72 -22.89 -11.53
CA GLU G 181 30.89 -22.43 -10.82
C GLU G 181 32.00 -22.38 -11.86
N LYS G 182 32.42 -21.19 -12.21
CA LYS G 182 33.43 -20.95 -13.24
C LYS G 182 34.79 -21.60 -12.95
N PHE G 183 35.57 -21.83 -14.02
CA PHE G 183 36.96 -22.22 -13.91
C PHE G 183 37.69 -20.86 -13.90
N HIS G 184 38.83 -20.80 -13.22
CA HIS G 184 39.64 -19.58 -13.19
C HIS G 184 40.27 -19.45 -14.59
N HIS G 185 40.21 -18.25 -15.20
CA HIS G 185 40.70 -18.02 -16.57
C HIS G 185 42.19 -18.30 -16.74
N LYS G 186 42.99 -18.28 -15.67
CA LYS G 186 44.42 -18.58 -15.75
C LYS G 186 44.74 -20.06 -15.45
N MET G 187 43.74 -20.89 -15.12
CA MET G 187 43.96 -22.29 -14.80
C MET G 187 43.86 -23.11 -16.06
N VAL G 188 44.72 -22.76 -17.03
CA VAL G 188 44.79 -23.37 -18.34
C VAL G 188 46.26 -23.61 -18.68
N ASP G 189 46.54 -24.70 -19.39
CA ASP G 189 47.90 -25.02 -19.80
C ASP G 189 47.90 -26.02 -20.97
N ASN G 190 49.07 -26.26 -21.57
CA ASN G 190 49.18 -27.19 -22.68
C ASN G 190 49.33 -28.61 -22.15
N ARG G 191 48.51 -29.53 -22.70
CA ARG G 191 48.53 -30.94 -22.35
C ARG G 191 48.31 -31.75 -23.63
N GLY G 192 48.63 -33.04 -23.55
CA GLY G 192 48.38 -33.95 -24.65
C GLY G 192 47.01 -34.59 -24.47
N PHE G 193 46.29 -34.81 -25.57
CA PHE G 193 45.03 -35.52 -25.56
C PHE G 193 45.26 -36.75 -26.43
N MET G 194 45.07 -37.93 -25.87
CA MET G 194 45.26 -39.17 -26.60
C MET G 194 44.01 -39.53 -27.35
N VAL G 195 43.99 -39.27 -28.66
CA VAL G 195 42.87 -39.63 -29.53
C VAL G 195 42.81 -41.18 -29.56
N THR G 196 43.99 -41.83 -29.74
CA THR G 196 44.16 -43.27 -29.66
C THR G 196 45.40 -43.52 -28.75
N ARG G 197 45.71 -44.79 -28.47
CA ARG G 197 46.86 -45.17 -27.65
C ARG G 197 48.19 -44.77 -28.33
N SER G 198 48.20 -44.53 -29.67
CA SER G 198 49.41 -44.15 -30.42
C SER G 198 49.31 -42.76 -31.09
N TYR G 199 48.23 -41.99 -30.86
CA TYR G 199 48.10 -40.68 -31.46
C TYR G 199 47.67 -39.63 -30.43
N THR G 200 48.52 -38.63 -30.19
CA THR G 200 48.28 -37.58 -29.23
C THR G 200 48.28 -36.24 -29.93
N VAL G 201 47.29 -35.38 -29.63
CA VAL G 201 47.25 -34.02 -30.15
C VAL G 201 47.46 -33.03 -28.99
N GLY G 202 48.06 -31.89 -29.30
CA GLY G 202 48.30 -30.86 -28.32
C GLY G 202 47.05 -30.02 -28.14
N VAL G 203 46.57 -29.92 -26.88
CA VAL G 203 45.38 -29.15 -26.52
C VAL G 203 45.69 -28.22 -25.34
N THR G 204 44.83 -27.24 -25.13
CA THR G 204 44.86 -26.41 -23.94
C THR G 204 43.83 -27.10 -23.02
N MET G 205 44.19 -27.35 -21.76
CA MET G 205 43.25 -27.92 -20.82
C MET G 205 42.97 -26.93 -19.73
N MET G 206 41.74 -26.97 -19.22
CA MET G 206 41.30 -26.10 -18.13
C MET G 206 41.05 -26.97 -16.90
N HIS G 207 41.39 -26.46 -15.71
CA HIS G 207 41.36 -27.26 -14.49
C HIS G 207 40.65 -26.56 -13.35
N ARG G 208 39.85 -27.31 -12.56
CA ARG G 208 39.22 -26.78 -11.36
C ARG G 208 38.84 -27.92 -10.39
N THR G 209 38.74 -27.60 -9.10
CA THR G 209 38.30 -28.55 -8.07
C THR G 209 37.03 -27.99 -7.46
N GLY G 210 36.02 -28.82 -7.29
CA GLY G 210 34.78 -28.44 -6.63
C GLY G 210 34.01 -29.67 -6.20
N LEU G 211 32.78 -29.47 -5.75
CA LEU G 211 31.91 -30.59 -5.35
C LEU G 211 31.01 -30.92 -6.55
N TYR G 212 31.03 -32.16 -7.02
CA TYR G 212 30.25 -32.60 -8.16
C TYR G 212 29.75 -33.98 -7.93
N ASN G 213 28.60 -34.32 -8.54
CA ASN G 213 28.04 -35.67 -8.51
C ASN G 213 28.98 -36.54 -9.32
N TYR G 214 29.40 -37.68 -8.74
CA TYR G 214 30.43 -38.51 -9.32
C TYR G 214 30.18 -39.99 -9.02
N TYR G 215 30.57 -40.86 -9.96
CA TYR G 215 30.52 -42.29 -9.79
C TYR G 215 31.67 -42.91 -10.56
N ASP G 216 32.40 -43.84 -9.92
CA ASP G 216 33.46 -44.58 -10.56
C ASP G 216 32.97 -46.02 -10.65
N ASP G 217 32.61 -46.47 -11.87
CA ASP G 217 32.10 -47.82 -12.09
C ASP G 217 33.29 -48.78 -12.23
N GLU G 218 33.59 -49.52 -11.17
CA GLU G 218 34.70 -50.48 -11.18
C GLU G 218 34.42 -51.68 -12.09
N LYS G 219 33.16 -52.12 -12.19
CA LYS G 219 32.77 -53.25 -13.03
C LYS G 219 32.90 -52.91 -14.51
N GLU G 220 32.25 -51.82 -14.97
CA GLU G 220 32.28 -51.42 -16.38
C GLU G 220 33.48 -50.51 -16.74
N LYS G 221 34.36 -50.17 -15.77
CA LYS G 221 35.58 -49.42 -15.99
C LYS G 221 35.39 -48.05 -16.66
N LEU G 222 34.70 -47.15 -15.96
CA LEU G 222 34.50 -45.77 -16.43
C LEU G 222 34.23 -44.83 -15.26
N GLN G 223 34.44 -43.53 -15.49
CA GLN G 223 34.10 -42.48 -14.54
C GLN G 223 32.91 -41.68 -15.10
N ILE G 224 32.06 -41.16 -14.21
CA ILE G 224 30.91 -40.34 -14.60
C ILE G 224 30.93 -39.15 -13.66
N VAL G 225 30.84 -37.95 -14.23
CA VAL G 225 30.82 -36.71 -13.44
C VAL G 225 29.72 -35.81 -14.03
N GLU G 226 29.01 -35.09 -13.15
CA GLU G 226 27.96 -34.18 -13.55
C GLU G 226 28.39 -32.77 -13.16
N MET G 227 28.41 -31.87 -14.14
CA MET G 227 28.81 -30.48 -13.97
C MET G 227 27.60 -29.59 -14.14
N PRO G 228 27.03 -29.02 -13.06
CA PRO G 228 25.89 -28.11 -13.26
C PRO G 228 26.23 -26.89 -14.09
N LEU G 229 25.27 -26.44 -14.91
CA LEU G 229 25.38 -25.23 -15.71
C LEU G 229 24.64 -24.10 -14.97
N ALA G 230 24.76 -22.85 -15.45
CA ALA G 230 24.23 -21.63 -14.84
C ALA G 230 22.88 -21.80 -14.14
N HIS G 231 22.85 -21.43 -12.83
CA HIS G 231 21.68 -21.48 -11.97
C HIS G 231 21.09 -22.89 -11.78
N LYS G 232 21.91 -23.93 -12.02
CA LYS G 232 21.51 -25.34 -11.89
C LYS G 232 20.26 -25.70 -12.69
N LEU G 233 19.98 -24.97 -13.79
CA LEU G 233 18.82 -25.27 -14.64
C LEU G 233 19.10 -26.45 -15.60
N SER G 234 20.37 -26.77 -15.82
CA SER G 234 20.79 -27.93 -16.61
C SER G 234 22.17 -28.40 -16.07
N SER G 235 22.63 -29.55 -16.52
CA SER G 235 23.95 -30.03 -16.14
C SER G 235 24.53 -30.84 -17.28
N LEU G 236 25.86 -30.85 -17.37
CA LEU G 236 26.62 -31.57 -18.39
C LEU G 236 27.22 -32.84 -17.72
N ILE G 237 26.90 -34.03 -18.23
CA ILE G 237 27.35 -35.31 -17.71
C ILE G 237 28.41 -35.88 -18.65
N ILE G 238 29.58 -36.29 -18.12
CA ILE G 238 30.67 -36.87 -18.93
C ILE G 238 30.87 -38.31 -18.48
N LEU G 239 30.97 -39.24 -19.44
CA LEU G 239 31.21 -40.67 -19.22
C LEU G 239 32.50 -40.97 -19.95
N MET G 240 33.54 -41.30 -19.21
CA MET G 240 34.86 -41.54 -19.80
C MET G 240 35.42 -42.90 -19.37
N PRO G 241 35.84 -43.79 -20.30
CA PRO G 241 36.40 -45.08 -19.85
C PRO G 241 37.70 -44.91 -19.08
N HIS G 242 38.03 -45.90 -18.23
CA HIS G 242 39.27 -45.88 -17.45
C HIS G 242 40.48 -45.90 -18.38
N HIS G 243 40.43 -46.70 -19.44
CA HIS G 243 41.53 -46.83 -20.39
C HIS G 243 41.32 -45.99 -21.64
N VAL G 244 42.44 -45.69 -22.34
CA VAL G 244 42.41 -45.00 -23.61
C VAL G 244 41.98 -46.10 -24.59
N GLU G 245 40.74 -46.06 -25.06
CA GLU G 245 40.21 -47.12 -25.90
C GLU G 245 39.11 -46.60 -26.83
N PRO G 246 38.72 -47.33 -27.92
CA PRO G 246 37.58 -46.86 -28.72
C PRO G 246 36.31 -46.86 -27.87
N LEU G 247 35.42 -45.89 -28.13
CA LEU G 247 34.20 -45.75 -27.34
C LEU G 247 33.14 -46.81 -27.62
N GLU G 248 33.33 -47.68 -28.62
CA GLU G 248 32.39 -48.76 -28.98
C GLU G 248 31.90 -49.57 -27.76
N ARG G 249 32.81 -50.02 -26.89
CA ARG G 249 32.45 -50.80 -25.71
C ARG G 249 31.50 -50.03 -24.79
N LEU G 250 31.84 -48.79 -24.44
CA LEU G 250 31.00 -47.99 -23.57
C LEU G 250 29.67 -47.57 -24.24
N GLU G 251 29.68 -47.40 -25.58
CA GLU G 251 28.48 -47.05 -26.33
C GLU G 251 27.43 -48.17 -26.30
N LYS G 252 27.87 -49.44 -26.17
CA LYS G 252 26.93 -50.58 -26.03
C LYS G 252 26.15 -50.45 -24.71
N LEU G 253 26.79 -49.93 -23.65
CA LEU G 253 26.16 -49.72 -22.34
C LEU G 253 25.29 -48.45 -22.31
N LEU G 254 25.48 -47.52 -23.25
CA LEU G 254 24.75 -46.26 -23.27
C LEU G 254 23.28 -46.43 -23.68
N THR G 255 22.44 -46.75 -22.69
CA THR G 255 20.98 -46.89 -22.86
C THR G 255 20.28 -45.93 -21.86
N LYS G 256 18.99 -45.67 -22.07
CA LYS G 256 18.21 -44.83 -21.15
C LYS G 256 18.15 -45.47 -19.76
N GLU G 257 18.07 -46.81 -19.69
CA GLU G 257 17.99 -47.57 -18.43
C GLU G 257 19.32 -47.53 -17.67
N GLN G 258 20.45 -47.79 -18.37
CA GLN G 258 21.78 -47.77 -17.73
C GLN G 258 22.16 -46.37 -17.26
N LEU G 259 21.78 -45.33 -18.03
CA LEU G 259 22.05 -43.96 -17.64
C LEU G 259 21.31 -43.61 -16.34
N LYS G 260 20.08 -44.10 -16.18
CA LYS G 260 19.29 -43.89 -14.96
C LYS G 260 19.96 -44.61 -13.76
N ILE G 261 20.50 -45.83 -13.98
CA ILE G 261 21.23 -46.57 -12.93
C ILE G 261 22.48 -45.80 -12.52
N TRP G 262 23.30 -45.39 -13.51
CA TRP G 262 24.53 -44.63 -13.26
C TRP G 262 24.26 -43.32 -12.54
N MET G 263 23.21 -42.58 -12.94
CA MET G 263 22.88 -41.32 -12.29
C MET G 263 22.37 -41.52 -10.87
N GLY G 264 21.70 -42.64 -10.58
CA GLY G 264 21.28 -42.96 -9.24
C GLY G 264 22.43 -43.28 -8.31
N LYS G 265 23.55 -43.82 -8.82
CA LYS G 265 24.74 -44.17 -8.02
C LYS G 265 25.70 -42.99 -7.79
N MET G 266 25.47 -41.83 -8.43
CA MET G 266 26.34 -40.68 -8.26
C MET G 266 26.18 -40.07 -6.89
N GLN G 267 27.30 -39.63 -6.32
CA GLN G 267 27.34 -38.97 -5.02
C GLN G 267 28.13 -37.69 -5.16
N LYS G 268 27.75 -36.65 -4.43
CA LYS G 268 28.44 -35.37 -4.47
C LYS G 268 29.75 -35.50 -3.71
N LYS G 269 30.88 -35.43 -4.44
CA LYS G 269 32.23 -35.57 -3.88
C LYS G 269 33.13 -34.46 -4.40
N ALA G 270 34.29 -34.25 -3.77
CA ALA G 270 35.27 -33.28 -4.26
C ALA G 270 35.95 -33.94 -5.48
N VAL G 271 35.92 -33.27 -6.65
CA VAL G 271 36.51 -33.79 -7.88
C VAL G 271 37.36 -32.69 -8.51
N ALA G 272 38.59 -33.05 -8.94
CA ALA G 272 39.50 -32.19 -9.68
C ALA G 272 39.26 -32.55 -11.16
N ILE G 273 38.54 -31.68 -11.87
CA ILE G 273 38.17 -31.88 -13.26
C ILE G 273 39.15 -31.13 -14.20
N SER G 274 39.64 -31.81 -15.24
CA SER G 274 40.46 -31.20 -16.29
C SER G 274 39.77 -31.52 -17.60
N LEU G 275 39.45 -30.48 -18.41
CA LEU G 275 38.78 -30.68 -19.69
C LEU G 275 39.53 -30.00 -20.83
N PRO G 276 39.53 -30.54 -22.07
CA PRO G 276 40.11 -29.75 -23.18
C PRO G 276 39.31 -28.46 -23.41
N LYS G 277 39.99 -27.35 -23.59
CA LYS G 277 39.38 -26.04 -23.81
C LYS G 277 39.42 -25.74 -25.32
N GLY G 278 38.29 -25.30 -25.89
CA GLY G 278 38.21 -24.97 -27.30
C GLY G 278 36.85 -25.22 -27.94
N VAL G 279 36.71 -24.81 -29.21
CA VAL G 279 35.49 -25.00 -29.99
C VAL G 279 35.59 -26.28 -30.78
N VAL G 280 34.54 -27.11 -30.74
CA VAL G 280 34.46 -28.34 -31.48
C VAL G 280 33.37 -28.08 -32.53
N GLU G 281 33.71 -28.20 -33.81
CA GLU G 281 32.77 -27.95 -34.90
C GLU G 281 32.41 -29.26 -35.54
N VAL G 282 31.12 -29.66 -35.52
CA VAL G 282 30.69 -30.93 -36.10
C VAL G 282 29.50 -30.71 -37.00
N THR G 283 29.55 -31.25 -38.23
CA THR G 283 28.42 -31.25 -39.14
C THR G 283 28.02 -32.67 -39.44
N HIS G 284 26.74 -32.98 -39.28
CA HIS G 284 26.20 -34.29 -39.61
C HIS G 284 25.10 -34.12 -40.65
N ASP G 285 25.05 -34.97 -41.67
CA ASP G 285 23.92 -34.98 -42.61
C ASP G 285 23.09 -36.16 -42.08
N LEU G 286 21.98 -35.86 -41.42
CA LEU G 286 21.15 -36.89 -40.80
C LEU G 286 20.21 -37.60 -41.77
N GLN G 287 20.09 -37.16 -43.02
CA GLN G 287 19.17 -37.74 -44.00
C GLN G 287 19.26 -39.28 -44.12
N LYS G 288 20.47 -39.83 -44.30
CA LYS G 288 20.63 -41.29 -44.41
C LYS G 288 20.25 -42.05 -43.14
N HIS G 289 20.46 -41.46 -41.96
CA HIS G 289 20.14 -42.13 -40.70
C HIS G 289 18.65 -42.01 -40.36
N LEU G 290 17.97 -40.94 -40.81
CA LEU G 290 16.53 -40.77 -40.55
C LEU G 290 15.72 -41.83 -41.31
N ALA G 291 16.21 -42.27 -42.50
CA ALA G 291 15.56 -43.34 -43.26
C ALA G 291 15.59 -44.64 -42.42
N GLY G 292 16.73 -44.93 -41.79
CA GLY G 292 16.90 -46.09 -40.92
C GLY G 292 16.01 -46.11 -39.70
N LEU G 293 15.43 -44.96 -39.32
CA LEU G 293 14.53 -44.84 -38.18
C LEU G 293 13.04 -44.81 -38.57
N GLY G 294 12.71 -44.88 -39.87
CA GLY G 294 11.32 -44.87 -40.34
C GLY G 294 10.91 -43.77 -41.29
N LEU G 295 11.79 -42.77 -41.56
CA LEU G 295 11.46 -41.69 -42.51
C LEU G 295 12.00 -42.09 -43.89
N THR G 296 11.33 -43.07 -44.51
CA THR G 296 11.75 -43.64 -45.79
C THR G 296 11.15 -42.94 -47.01
N GLU G 297 9.92 -42.42 -46.90
CA GLU G 297 9.24 -41.77 -48.03
C GLU G 297 9.81 -40.37 -48.33
N ALA G 298 9.92 -39.51 -47.30
CA ALA G 298 10.40 -38.13 -47.45
C ALA G 298 11.77 -38.01 -48.15
N ILE G 299 12.67 -38.95 -47.91
CA ILE G 299 14.03 -38.91 -48.45
C ILE G 299 14.18 -39.53 -49.86
N ASP G 300 13.08 -40.02 -50.47
CA ASP G 300 13.14 -40.66 -51.79
C ASP G 300 12.46 -39.76 -52.83
N LYS G 301 13.20 -39.42 -53.91
CA LYS G 301 12.71 -38.56 -54.99
C LYS G 301 11.43 -39.09 -55.67
N ASN G 302 11.28 -40.41 -55.78
CA ASN G 302 10.11 -41.04 -56.39
C ASN G 302 8.98 -41.39 -55.41
N LYS G 303 9.15 -41.15 -54.09
CA LYS G 303 8.08 -41.46 -53.12
C LYS G 303 7.61 -40.28 -52.28
N ALA G 304 8.47 -39.26 -52.09
CA ALA G 304 8.14 -38.12 -51.24
C ALA G 304 6.94 -37.31 -51.71
N ASP G 305 6.12 -36.87 -50.75
CA ASP G 305 4.98 -36.01 -50.98
C ASP G 305 5.14 -34.80 -50.07
N LEU G 306 5.92 -33.81 -50.53
CA LEU G 306 6.12 -32.54 -49.83
C LEU G 306 5.34 -31.45 -50.58
N SER G 307 4.07 -31.74 -50.93
CA SER G 307 3.22 -30.82 -51.68
C SER G 307 2.67 -29.66 -50.84
N ARG G 308 2.46 -29.84 -49.51
CA ARG G 308 2.04 -28.75 -48.63
C ARG G 308 3.17 -27.71 -48.43
N MET G 309 4.44 -28.11 -48.69
CA MET G 309 5.62 -27.25 -48.57
C MET G 309 5.72 -26.29 -49.76
N SER G 310 5.39 -26.74 -50.99
CA SER G 310 5.50 -25.91 -52.18
C SER G 310 4.44 -26.17 -53.27
N GLY G 311 4.20 -27.44 -53.58
CA GLY G 311 3.34 -27.88 -54.67
C GLY G 311 4.14 -28.47 -55.82
N LYS G 312 5.50 -28.33 -55.80
CA LYS G 312 6.42 -28.87 -56.81
C LYS G 312 6.38 -30.39 -56.78
N LYS G 313 6.26 -31.01 -57.96
CA LYS G 313 6.23 -32.46 -58.06
C LYS G 313 7.63 -33.05 -57.83
N ASP G 314 7.69 -34.28 -57.30
CA ASP G 314 8.93 -35.03 -57.01
C ASP G 314 9.93 -34.30 -56.07
N LEU G 315 9.53 -33.19 -55.38
CA LEU G 315 10.37 -32.52 -54.39
C LEU G 315 10.53 -33.47 -53.21
N TYR G 316 11.76 -33.60 -52.70
CA TYR G 316 12.06 -34.52 -51.61
C TYR G 316 13.12 -33.96 -50.67
N LEU G 317 13.25 -34.53 -49.47
CA LEU G 317 14.24 -34.10 -48.50
C LEU G 317 15.62 -34.68 -48.86
N ALA G 318 16.44 -33.86 -49.51
CA ALA G 318 17.78 -34.26 -49.96
C ALA G 318 18.80 -34.29 -48.80
N SER G 319 18.74 -33.35 -47.85
CA SER G 319 19.67 -33.32 -46.73
C SER G 319 19.06 -32.69 -45.49
N VAL G 320 19.55 -33.12 -44.32
CA VAL G 320 19.19 -32.55 -43.02
C VAL G 320 20.54 -32.30 -42.33
N PHE G 321 21.14 -31.12 -42.55
CA PHE G 321 22.41 -30.79 -41.92
C PHE G 321 22.18 -30.34 -40.49
N HIS G 322 22.89 -30.95 -39.56
CA HIS G 322 22.83 -30.66 -38.15
C HIS G 322 24.26 -30.24 -37.80
N ALA G 323 24.52 -28.92 -37.82
CA ALA G 323 25.84 -28.35 -37.64
C ALA G 323 25.93 -27.56 -36.34
N THR G 324 26.95 -27.86 -35.51
CA THR G 324 27.12 -27.25 -34.20
C THR G 324 28.57 -26.85 -33.91
N ALA G 325 28.74 -25.70 -33.26
CA ALA G 325 30.01 -25.25 -32.71
C ALA G 325 29.76 -25.35 -31.19
N PHE G 326 30.40 -26.30 -30.52
CA PHE G 326 30.25 -26.50 -29.08
C PHE G 326 31.54 -25.98 -28.44
N GLU G 327 31.44 -24.94 -27.61
CA GLU G 327 32.62 -24.35 -27.01
C GLU G 327 32.81 -24.72 -25.55
N TRP G 328 33.96 -25.34 -25.25
CA TRP G 328 34.39 -25.66 -23.90
C TRP G 328 35.27 -24.48 -23.49
N ASP G 329 34.83 -23.71 -22.50
CA ASP G 329 35.57 -22.53 -22.05
C ASP G 329 35.50 -22.47 -20.52
N THR G 330 36.31 -21.58 -19.91
CA THR G 330 36.38 -21.48 -18.46
C THR G 330 35.22 -20.72 -17.85
N GLU G 331 34.57 -19.84 -18.61
CA GLU G 331 33.58 -18.93 -18.08
C GLU G 331 32.32 -19.59 -17.51
N GLY G 332 31.84 -18.97 -16.45
CA GLY G 332 30.69 -19.40 -15.69
C GLY G 332 30.36 -18.39 -14.61
N ASN G 333 29.47 -18.75 -13.68
CA ASN G 333 29.12 -17.82 -12.60
C ASN G 333 30.19 -17.77 -11.53
N PRO G 334 30.41 -16.62 -10.87
CA PRO G 334 31.36 -16.61 -9.75
C PRO G 334 30.79 -17.34 -8.53
N PHE G 335 31.64 -17.63 -7.55
CA PHE G 335 31.21 -18.35 -6.35
C PHE G 335 32.03 -17.90 -5.14
N ASP G 336 31.47 -18.07 -3.93
CA ASP G 336 32.18 -17.71 -2.71
C ASP G 336 33.21 -18.79 -2.42
N GLN G 337 34.50 -18.42 -2.48
CA GLN G 337 35.59 -19.36 -2.22
C GLN G 337 35.63 -19.76 -0.72
N ASP G 338 35.31 -18.80 0.17
CA ASP G 338 35.32 -19.02 1.63
C ASP G 338 34.33 -20.12 2.09
N ILE G 339 33.19 -20.29 1.38
CA ILE G 339 32.19 -21.29 1.76
C ILE G 339 32.75 -22.73 1.77
N TYR G 340 33.46 -23.14 0.72
CA TYR G 340 33.94 -24.50 0.56
C TYR G 340 34.84 -25.09 1.71
N GLY G 341 35.51 -24.27 2.53
CA GLY G 341 36.33 -24.75 3.65
C GLY G 341 37.13 -26.02 3.42
N ARG G 342 38.43 -25.88 3.06
CA ARG G 342 39.34 -26.99 2.69
C ARG G 342 39.46 -28.16 3.68
N GLU G 343 38.83 -29.30 3.34
CA GLU G 343 38.94 -30.55 4.11
C GLU G 343 38.72 -31.75 3.15
N GLU G 344 37.50 -31.91 2.60
CA GLU G 344 37.20 -32.93 1.59
C GLU G 344 37.91 -32.55 0.27
N LEU G 345 37.94 -31.21 -0.06
CA LEU G 345 38.62 -30.71 -1.26
C LEU G 345 40.13 -30.89 -1.24
N ARG G 346 40.73 -31.28 -0.08
CA ARG G 346 42.16 -31.52 0.04
C ARG G 346 42.59 -32.80 -0.70
N SER G 347 41.73 -33.84 -0.77
CA SER G 347 42.06 -35.08 -1.48
C SER G 347 40.93 -35.43 -2.48
N PRO G 348 40.77 -34.64 -3.56
CA PRO G 348 39.66 -34.91 -4.49
C PRO G 348 39.86 -36.12 -5.40
N LYS G 349 38.76 -36.60 -5.98
CA LYS G 349 38.79 -37.63 -7.01
C LYS G 349 39.34 -36.92 -8.27
N LEU G 350 40.10 -37.62 -9.11
CA LEU G 350 40.72 -37.01 -10.29
C LEU G 350 39.96 -37.44 -11.54
N PHE G 351 39.34 -36.47 -12.26
CA PHE G 351 38.63 -36.73 -13.53
C PHE G 351 39.44 -35.97 -14.60
N TYR G 352 40.36 -36.68 -15.25
CA TYR G 352 41.27 -36.06 -16.21
C TYR G 352 40.88 -36.45 -17.65
N ALA G 353 40.12 -35.57 -18.34
CA ALA G 353 39.60 -35.89 -19.67
C ALA G 353 40.62 -35.70 -20.80
N ASP G 354 41.65 -36.57 -20.82
CA ASP G 354 42.71 -36.53 -21.83
C ASP G 354 42.55 -37.64 -22.89
N HIS G 355 41.36 -38.22 -23.04
CA HIS G 355 41.12 -39.26 -24.03
C HIS G 355 39.62 -39.30 -24.36
N PRO G 356 39.18 -39.93 -25.48
CA PRO G 356 37.76 -39.83 -25.86
C PRO G 356 36.73 -40.12 -24.77
N PHE G 357 35.67 -39.30 -24.74
CA PHE G 357 34.60 -39.43 -23.77
C PHE G 357 33.25 -39.11 -24.41
N ILE G 358 32.17 -39.56 -23.78
CA ILE G 358 30.79 -39.30 -24.20
C ILE G 358 30.25 -38.21 -23.25
N PHE G 359 29.40 -37.32 -23.76
CA PHE G 359 28.80 -36.29 -22.92
C PHE G 359 27.34 -36.04 -23.29
N LEU G 360 26.58 -35.55 -22.31
CA LEU G 360 25.16 -35.24 -22.43
C LEU G 360 24.92 -33.92 -21.70
N VAL G 361 23.95 -33.12 -22.17
CA VAL G 361 23.51 -31.92 -21.46
C VAL G 361 22.03 -32.23 -21.15
N ARG G 362 21.65 -32.24 -19.86
CA ARG G 362 20.30 -32.61 -19.43
C ARG G 362 19.62 -31.44 -18.69
N ASP G 363 18.33 -31.20 -18.97
CA ASP G 363 17.54 -30.18 -18.28
C ASP G 363 17.27 -30.69 -16.88
N THR G 364 17.55 -29.90 -15.85
CA THR G 364 17.37 -30.33 -14.47
C THR G 364 15.89 -30.53 -14.10
N GLN G 365 15.04 -29.56 -14.42
CA GLN G 365 13.62 -29.63 -14.07
C GLN G 365 12.88 -30.80 -14.76
N SER G 366 12.97 -30.90 -16.09
CA SER G 366 12.26 -31.92 -16.86
C SER G 366 13.03 -33.23 -17.09
N GLY G 367 14.35 -33.20 -16.97
CA GLY G 367 15.18 -34.38 -17.25
C GLY G 367 15.36 -34.63 -18.74
N SER G 368 14.90 -33.72 -19.62
CA SER G 368 15.02 -33.91 -21.07
C SER G 368 16.42 -33.59 -21.56
N LEU G 369 16.81 -34.20 -22.65
CA LEU G 369 18.16 -34.12 -23.15
C LEU G 369 18.35 -32.98 -24.16
N LEU G 370 19.18 -31.98 -23.82
CA LEU G 370 19.48 -30.83 -24.67
C LEU G 370 20.48 -31.22 -25.74
N PHE G 371 21.52 -32.01 -25.35
CA PHE G 371 22.57 -32.46 -26.26
C PHE G 371 23.08 -33.83 -25.88
N ILE G 372 23.60 -34.55 -26.88
CA ILE G 372 24.28 -35.82 -26.73
C ILE G 372 25.43 -35.81 -27.74
N GLY G 373 26.59 -36.29 -27.35
CA GLY G 373 27.73 -36.33 -28.24
C GLY G 373 28.93 -37.04 -27.66
N ARG G 374 30.04 -36.96 -28.39
CA ARG G 374 31.29 -37.52 -27.94
C ARG G 374 32.45 -36.70 -28.47
N LEU G 375 33.52 -36.57 -27.67
CA LEU G 375 34.70 -35.88 -28.11
C LEU G 375 35.77 -36.92 -28.35
N VAL G 376 36.12 -37.12 -29.62
CA VAL G 376 37.12 -38.09 -30.05
C VAL G 376 38.40 -37.34 -30.49
N ARG G 377 38.22 -36.32 -31.34
CA ARG G 377 39.33 -35.54 -31.89
C ARG G 377 39.12 -34.07 -31.56
N PRO G 378 39.82 -33.49 -30.55
CA PRO G 378 39.70 -32.04 -30.34
C PRO G 378 40.37 -31.26 -31.48
N LYS G 379 40.03 -29.97 -31.59
CA LYS G 379 40.64 -29.09 -32.58
C LYS G 379 42.06 -28.79 -32.04
N GLY G 380 43.09 -29.30 -32.72
CA GLY G 380 44.46 -29.13 -32.25
C GLY G 380 45.52 -29.76 -33.12
N ASP G 381 46.79 -29.57 -32.71
CA ASP G 381 47.99 -30.02 -33.42
C ASP G 381 48.45 -31.49 -33.18
N LYS G 382 48.50 -32.31 -34.24
CA LYS G 382 48.97 -33.70 -34.21
C LYS G 382 50.45 -33.80 -33.80
N MET G 383 50.74 -34.42 -32.65
CA MET G 383 52.12 -34.51 -32.15
C MET G 383 52.95 -35.61 -32.82
N ARG G 384 54.13 -35.21 -33.35
CA ARG G 384 55.12 -36.06 -34.03
C ARG G 384 56.52 -35.55 -33.65
N ASP G 385 57.53 -36.43 -33.62
CA ASP G 385 58.90 -36.04 -33.30
C ASP G 385 59.45 -35.05 -34.34
N GLU G 386 60.11 -33.96 -33.88
CA GLU G 386 60.68 -32.94 -34.77
C GLU G 386 62.10 -33.33 -35.18
#